data_3L70
#
_entry.id   3L70
#
_cell.length_a   169.614
_cell.length_b   181.993
_cell.length_c   240.540
_cell.angle_alpha   90.00
_cell.angle_beta   90.00
_cell.angle_gamma   90.00
#
_symmetry.space_group_name_H-M   'P 21 21 21'
#
loop_
_entity.id
_entity.type
_entity.pdbx_description
1 polymer 'Mitochondrial ubiquinol-cytochrome-c reductase complex core protein i'
2 polymer 'Mitochondrial ubiquinol-cytochrome-c reductase complex core protein 2'
3 polymer 'Cytochrome b'
4 polymer 'Mitochondrial cytochrome c1, heme protein'
5 polymer 'Cytochrome b-c1 complex subunit Rieske, mitochondrial'
6 polymer 'Mitochondrial ubiquinol-cytochrome c reductase 14 kda protein'
7 polymer 'Mitochondrial ubiquinol-cytochrome c reductase ubiquinone-binding protein qp-c'
8 polymer 'Mitochondrial ubiquinol-cytochrome c reductase 11 kda protein, complex iii subunit viii'
9 polymer 'Cytochrome b-c1 complex subunit Rieske, mitochondrial'
10 polymer 'Mitochondrial ubiquinol-cytochrome c reductase 7.2 kda protein'
11 non-polymer 1,2-dioleoyl-sn-glycero-3-phosphoethanolamine
12 non-polymer 'PROTOPORPHYRIN IX CONTAINING FE'
13 non-polymer 'methyl (2E)-(methoxyimino)(2-{[({(1Z)-1-[3-(trifluoromethyl)phenyl]ethylidene}amino)oxy]methyl}phenyl)ethanoate'
14 non-polymer 'Coenzyme Q10, (2Z,6E,10Z,14E,18E,22E,26Z)-isomer'
15 non-polymer CARDIOLIPIN
16 non-polymer GLYCEROL
17 non-polymer 'HEME C'
18 non-polymer 'octyl beta-D-glucopyranoside'
19 non-polymer 'FE2/S2 (INORGANIC) CLUSTER'
20 water water
#
loop_
_entity_poly.entity_id
_entity_poly.type
_entity_poly.pdbx_seq_one_letter_code
_entity_poly.pdbx_strand_id
1 'polypeptide(L)'
;AATYAQTLQNIPETNVTTLDNGLRVASEESSQPTCTVGVWIGAGSRYENEKNNGAGYFVEHLAFKGTKKRPCAAFEKEVE
SMGAHFNGYTSREQTAFYIKALSKDMPKVVELLADVVQNCALEESQIEKERGVILQELKEMDNDMTNVTFDYLHATAFQG
TALARTVEGTTENIKHLTRADLASYIDTHFKAPRMVLAAAGGISHKELVDAARQHFSGVSFTYKEDAVPILPRCRFTGSE
IRARDDALPVAHVALAVEGPGWADPDNVVLHVANAIIGRYDRTFGGGKHLSSRLAALAVEHKLCHSFQTFNTSYSDTGLF
GFHFVADPLSIDDMMFCAQGEWMRLCTSTTESEVKRAKNHLRSAMVAQLDGTTPVCETIGSHLLNYGRRISLEEWDSRIS
AVDARMVRDVCSKYIYDKCPALAAVGPIEQLLDYNRIRSGMYWIRF
;
A,N
2 'polypeptide(L)'
;SLKVAPKVAVSAAAERVKLCPGAEDLEITKLPNGLIIASLENFSPASRIGVFIKAGSRYETTANLGTAHLLRLASPLTTK
GASSFRITRGIEAVGGSLSVYSTREKMTYCVECLRDHVDTVMEYLLNVTTAPEFRPWEVTDLQPQLKVDKAVAFQSPQVG
VLENLHAAAYKTALANPLYCPDYRIGKITSEQLHHFVQNNFTSARMALVGIGVKHSDLKQVAEQFLNIRSGAGTSSAKAT
YWGGEIREQNGHSLVHAAVVTEGAAVGSAEANAFSVLQHVLGAGPLIKRGSSVTSKLYQGVAKATTQPFDASAFNVNYSD
SGLFGFYTISQAAHAGEVIRAAMNQLKAAAQGGVTEEDVTKAKNQLKATYLMSVETAQGLLNEIGSEALLSGTHTAPSVV
AQKIDSVTSADVVNAAKKFVSGKKSMAASGDLGSTPFLDEL
;
B,O
3 'polypeptide(L)'
;MAPNIRKSHPLLKMINNSLIDLPAPSNISAWWNFGSLLAVCLMTQILTGLLLAMHYTADTSLAFSSVAHTCRNVQYGWLI
RNLHANGASFFFICIFLHIGRGLYYGSYLYKETWNTGVILLLTLMATAFVGYVLPWGQMSFWGATVITNLFSAIPYIGHT
LVEWAWGGFSVDNPTLTRFFALHFLLPFAIAGITIIHLTFLHESGSNNPLGISSDSDKIPFHPYYSFKDILGLTLMLTPF
LTLALFSPNLLGDPENFTPANPLVTPPHIKPEWYFLFAYAILRSIPNKLGGVLALAASVLILFLIPFLHKSKQRTMTFRP
LSQTLFWLLVANLLILTWIGSQPVEHPFIIIGQMASLSYFTILLILFPTIGTLENKMLNY
;
C,P
4 'polypeptide(L)'
;GELELHPPAFPWSHGGPLSALDHSSVRRGFQVYKQVCSACHSMDYVAFRNLIGVTHTEAEAKALAEEVEVQDGPDENGEL
FMRPGKISDYFPKPYPNPEAARAANNGALPPDLSYIVNARHGGEDYVFSLLTGYCDPPAGVVVREGLHYNPYFPGQAIGM
APPIYNEILEYDDGTPATMSQIAKDVCTFLRWAAEPEHDQRKRMGLKMLLISALLTSLLYYMKRHKWSVLKSRKMAYRPP
K
;
D,Q
5 'polypeptide(L)'
;VHNDVTVPDFSAYRREDVMDATTSSQTSSEDRKGFSYLVTATACVATAYAAKNVVTQFISSLSASADVLALSKIEIKLSD
IPEGKNVAFKWRGKPLFVRHRTQAEINQEAEVDVSKLRDPQHDLDRVKKPEWVILVGVCTHLGCVPIANSGDFGGYYCPC
HGSHYDASGRIRKGPAPYNLEVPTYQFVGDDLVVVG
;
E,R
6 'polypeptide(L)'
;AARATVAGGGRLMDRIRKWYYNAAGFNKYGLMRDDTLYEDDDVKEALKRLPEDLYNERMFRIKRALDLSLKHRILPKEQW
VKYEEDKPYLEPYLKEVIRERLEREAWNKK
;
F,S
7 'polypeptide(L)'
;GIHFGNLARVRHIITYSLSPFEQRAIPNIFSDALPNVWRRFSSQVFKVAPPFLGAYLLYSWGTQEFERLKRKNPADYEND
Q
;
G,T
8 'polypeptide(L)' LRGSGEEEEEELVDPLTTIREHCEQTEKCVKARERLELCDARVSSRSHTEEQCTEELFDFLHARDHCVAHKLFNKLK H,U
9 'polypeptide(L)'
;(UNK)(UNK)(UNK)(UNK)(UNK)(UNK)(UNK)(UNK)(UNK)(UNK)(UNK)(UNK)(UNK)(UNK)(UNK)RPLLC
RESMSGRSARRDLVAGISLNAPASVRY
;
I,V
10 'polypeptide(L)' ALLRQAYSALFRRTSTFALTVVLGAVLFERAFDQGADAIFEHLNEGKLWKHIKHKYEASEE J,W
#
# COMPACT_ATOMS: atom_id res chain seq x y z
N ALA A 1 -40.56 -45.20 -20.37
CA ALA A 1 -41.54 -46.15 -19.75
C ALA A 1 -42.53 -45.39 -18.86
N ALA A 2 -42.51 -45.73 -17.57
CA ALA A 2 -43.38 -45.08 -16.59
C ALA A 2 -42.78 -43.72 -16.21
N THR A 3 -43.65 -42.72 -16.01
CA THR A 3 -43.17 -41.39 -15.65
C THR A 3 -42.90 -41.27 -14.15
N TYR A 4 -42.21 -40.20 -13.78
CA TYR A 4 -41.88 -39.91 -12.39
C TYR A 4 -43.20 -39.71 -11.66
N ALA A 5 -44.14 -39.06 -12.32
CA ALA A 5 -45.44 -38.80 -11.75
C ALA A 5 -46.13 -40.10 -11.30
N GLN A 6 -46.14 -41.08 -12.19
CA GLN A 6 -46.77 -42.38 -11.92
C GLN A 6 -46.01 -43.22 -10.89
N THR A 7 -44.70 -43.39 -11.09
CA THR A 7 -43.90 -44.17 -10.15
C THR A 7 -44.16 -43.69 -8.74
N LEU A 8 -44.48 -42.42 -8.58
CA LEU A 8 -44.76 -41.85 -7.27
C LEU A 8 -46.08 -42.37 -6.73
N GLN A 9 -47.08 -42.46 -7.60
CA GLN A 9 -48.39 -42.95 -7.19
C GLN A 9 -48.37 -44.43 -6.84
N ASN A 10 -47.71 -45.23 -7.67
CA ASN A 10 -47.64 -46.67 -7.42
C ASN A 10 -46.83 -47.08 -6.20
N ILE A 11 -46.50 -46.12 -5.34
CA ILE A 11 -45.73 -46.46 -4.16
C ILE A 11 -46.66 -46.98 -3.07
N PRO A 12 -46.39 -48.20 -2.57
CA PRO A 12 -47.22 -48.80 -1.53
C PRO A 12 -47.48 -47.82 -0.39
N GLU A 13 -48.73 -47.75 0.05
CA GLU A 13 -49.10 -46.85 1.12
C GLU A 13 -48.53 -47.25 2.47
N THR A 14 -48.46 -46.28 3.37
CA THR A 14 -47.95 -46.53 4.70
C THR A 14 -49.14 -46.78 5.62
N ASN A 15 -49.18 -47.98 6.18
CA ASN A 15 -50.27 -48.37 7.06
C ASN A 15 -49.98 -48.00 8.48
N VAL A 16 -50.97 -47.42 9.14
CA VAL A 16 -50.82 -47.03 10.53
C VAL A 16 -52.05 -47.45 11.31
N THR A 17 -51.82 -48.08 12.46
CA THR A 17 -52.90 -48.50 13.33
C THR A 17 -52.45 -48.27 14.77
N THR A 18 -53.30 -47.62 15.55
CA THR A 18 -52.98 -47.34 16.94
C THR A 18 -53.50 -48.47 17.83
N LEU A 19 -52.77 -48.80 18.89
CA LEU A 19 -53.24 -49.83 19.79
C LEU A 19 -54.12 -49.19 20.86
N ASP A 20 -54.38 -49.91 21.93
CA ASP A 20 -55.22 -49.39 23.01
C ASP A 20 -54.41 -48.71 24.10
N ASN A 21 -53.12 -48.99 24.13
CA ASN A 21 -52.25 -48.38 25.13
C ASN A 21 -51.67 -47.07 24.58
N GLY A 22 -52.04 -46.76 23.34
CA GLY A 22 -51.60 -45.53 22.70
C GLY A 22 -50.51 -45.67 21.64
N LEU A 23 -49.84 -46.80 21.62
CA LEU A 23 -48.77 -47.03 20.65
C LEU A 23 -49.28 -47.06 19.22
N ARG A 24 -48.49 -46.52 18.30
CA ARG A 24 -48.87 -46.52 16.88
C ARG A 24 -47.96 -47.44 16.10
N VAL A 25 -48.55 -48.22 15.21
CA VAL A 25 -47.78 -49.14 14.40
C VAL A 25 -47.94 -48.77 12.94
N ALA A 26 -46.80 -48.58 12.27
CA ALA A 26 -46.81 -48.19 10.86
C ALA A 26 -45.73 -48.93 10.09
N SER A 27 -45.97 -49.06 8.79
CA SER A 27 -45.04 -49.77 7.93
C SER A 27 -45.34 -49.58 6.46
N GLU A 28 -44.32 -49.84 5.64
CA GLU A 28 -44.45 -49.76 4.21
C GLU A 28 -43.90 -51.08 3.72
N GLU A 29 -44.81 -51.91 3.20
CA GLU A 29 -44.47 -53.22 2.71
C GLU A 29 -43.93 -53.20 1.31
N SER A 30 -42.75 -53.79 1.14
CA SER A 30 -42.08 -53.88 -0.14
C SER A 30 -41.91 -55.36 -0.41
N SER A 31 -41.35 -55.68 -1.56
CA SER A 31 -41.14 -57.06 -1.92
C SER A 31 -39.76 -57.52 -1.48
N GLN A 32 -39.20 -56.88 -0.45
CA GLN A 32 -37.86 -57.25 -0.01
C GLN A 32 -37.71 -58.27 1.11
N PRO A 33 -36.82 -59.25 0.89
CA PRO A 33 -36.47 -60.37 1.77
C PRO A 33 -35.88 -59.93 3.08
N THR A 34 -35.34 -58.73 3.06
CA THR A 34 -34.71 -58.14 4.23
C THR A 34 -35.59 -56.97 4.67
N CYS A 35 -35.54 -56.63 5.95
CA CYS A 35 -36.36 -55.51 6.44
C CYS A 35 -35.71 -54.72 7.59
N THR A 36 -36.42 -53.69 8.03
CA THR A 36 -35.97 -52.87 9.14
C THR A 36 -37.18 -52.50 9.98
N VAL A 37 -37.10 -52.79 11.28
CA VAL A 37 -38.19 -52.43 12.17
C VAL A 37 -37.55 -51.87 13.44
N GLY A 38 -38.21 -50.89 14.02
CA GLY A 38 -37.70 -50.29 15.23
C GLY A 38 -38.72 -49.33 15.79
N VAL A 39 -38.43 -48.85 17.00
CA VAL A 39 -39.29 -47.91 17.69
C VAL A 39 -38.65 -46.50 17.75
N TRP A 40 -39.42 -45.50 17.33
CA TRP A 40 -38.98 -44.11 17.33
C TRP A 40 -39.70 -43.42 18.48
N ILE A 41 -38.91 -42.98 19.47
CA ILE A 41 -39.46 -42.35 20.65
C ILE A 41 -39.31 -40.83 20.70
N GLY A 42 -40.40 -40.17 21.07
CA GLY A 42 -40.39 -38.73 21.21
C GLY A 42 -39.79 -38.38 22.57
N ALA A 43 -38.49 -38.59 22.69
CA ALA A 43 -37.74 -38.29 23.92
C ALA A 43 -36.33 -37.87 23.51
N GLY A 44 -35.63 -37.18 24.42
CA GLY A 44 -34.29 -36.73 24.12
C GLY A 44 -33.84 -35.67 25.09
N SER A 45 -32.61 -35.19 24.94
CA SER A 45 -32.05 -34.20 25.86
C SER A 45 -32.96 -33.01 26.12
N ARG A 46 -33.83 -32.67 25.17
CA ARG A 46 -34.72 -31.54 25.42
C ARG A 46 -35.68 -31.88 26.55
N TYR A 47 -35.98 -33.17 26.71
CA TYR A 47 -36.87 -33.60 27.75
C TYR A 47 -36.12 -33.73 29.07
N GLU A 48 -34.81 -33.70 29.01
CA GLU A 48 -34.05 -33.83 30.24
C GLU A 48 -34.10 -32.49 30.94
N ASN A 49 -33.65 -32.48 32.20
CA ASN A 49 -33.60 -31.26 32.99
C ASN A 49 -32.14 -31.05 33.33
N GLU A 50 -31.85 -30.05 34.13
CA GLU A 50 -30.48 -29.75 34.50
C GLU A 50 -29.77 -30.89 35.26
N LYS A 51 -30.53 -31.72 35.96
CA LYS A 51 -29.92 -32.79 36.72
C LYS A 51 -29.81 -34.14 36.04
N ASN A 52 -30.68 -34.44 35.09
CA ASN A 52 -30.60 -35.72 34.41
C ASN A 52 -30.09 -35.62 32.97
N ASN A 53 -29.65 -34.41 32.57
CA ASN A 53 -29.11 -34.18 31.24
C ASN A 53 -28.06 -35.26 30.94
N GLY A 54 -28.28 -36.00 29.85
CA GLY A 54 -27.35 -37.05 29.50
C GLY A 54 -27.86 -38.45 29.83
N ALA A 55 -28.97 -38.52 30.57
CA ALA A 55 -29.57 -39.79 30.95
C ALA A 55 -30.01 -40.56 29.70
N GLY A 56 -30.81 -39.90 28.86
CA GLY A 56 -31.26 -40.55 27.64
C GLY A 56 -30.12 -41.11 26.81
N TYR A 57 -28.94 -40.50 26.94
CA TYR A 57 -27.75 -40.95 26.19
C TYR A 57 -27.12 -42.10 26.95
N PHE A 58 -27.16 -42.03 28.28
CA PHE A 58 -26.61 -43.06 29.14
C PHE A 58 -27.48 -44.31 28.92
N VAL A 59 -28.77 -44.09 28.76
CA VAL A 59 -29.73 -45.16 28.52
C VAL A 59 -29.52 -45.77 27.14
N GLU A 60 -28.95 -44.99 26.23
CA GLU A 60 -28.70 -45.49 24.89
C GLU A 60 -27.56 -46.49 24.97
N HIS A 61 -26.64 -46.25 25.91
CA HIS A 61 -25.48 -47.13 26.09
C HIS A 61 -25.81 -48.47 26.75
N LEU A 62 -26.91 -48.52 27.49
CA LEU A 62 -27.29 -49.74 28.17
C LEU A 62 -28.37 -50.47 27.39
N ALA A 63 -29.12 -49.71 26.61
CA ALA A 63 -30.19 -50.24 25.80
C ALA A 63 -29.85 -51.61 25.19
N PHE A 64 -28.58 -51.80 24.85
CA PHE A 64 -28.17 -53.05 24.22
C PHE A 64 -27.43 -54.03 25.11
N LYS A 65 -27.01 -53.61 26.29
CA LYS A 65 -26.26 -54.50 27.19
C LYS A 65 -27.14 -55.49 27.96
N GLY A 66 -28.23 -55.92 27.32
CA GLY A 66 -29.12 -56.89 27.94
C GLY A 66 -30.34 -56.41 28.72
N THR A 67 -31.38 -57.23 28.68
CA THR A 67 -32.63 -56.97 29.38
C THR A 67 -32.75 -57.96 30.53
N LYS A 68 -33.85 -57.90 31.26
CA LYS A 68 -34.06 -58.80 32.38
C LYS A 68 -34.39 -60.20 31.93
N LYS A 69 -35.15 -60.32 30.85
CA LYS A 69 -35.51 -61.63 30.34
C LYS A 69 -34.27 -62.37 29.82
N ARG A 70 -33.28 -61.64 29.34
CA ARG A 70 -32.06 -62.27 28.80
C ARG A 70 -30.83 -61.36 28.91
N PRO A 71 -29.94 -61.65 29.87
CA PRO A 71 -28.71 -60.90 30.14
C PRO A 71 -27.82 -60.61 28.93
N CYS A 72 -26.80 -59.78 29.16
CA CYS A 72 -25.85 -59.33 28.15
C CYS A 72 -25.48 -60.37 27.10
N ALA A 73 -24.59 -61.29 27.48
CA ALA A 73 -24.12 -62.36 26.61
C ALA A 73 -25.20 -62.99 25.73
N ALA A 74 -26.31 -63.36 26.36
CA ALA A 74 -27.43 -64.00 25.67
C ALA A 74 -28.04 -63.10 24.63
N PHE A 75 -28.36 -61.88 25.04
CA PHE A 75 -28.98 -60.93 24.14
C PHE A 75 -28.16 -60.72 22.86
N GLU A 76 -26.88 -60.43 23.04
CA GLU A 76 -26.01 -60.20 21.89
C GLU A 76 -25.95 -61.42 20.98
N LYS A 77 -25.67 -62.57 21.60
CA LYS A 77 -25.58 -63.83 20.89
C LYS A 77 -26.84 -64.14 20.12
N GLU A 78 -27.98 -63.83 20.70
CA GLU A 78 -29.24 -64.09 20.02
C GLU A 78 -29.43 -63.22 18.78
N VAL A 79 -29.03 -61.95 18.86
CA VAL A 79 -29.18 -61.03 17.73
C VAL A 79 -28.14 -61.31 16.66
N GLU A 80 -26.89 -61.44 17.10
CA GLU A 80 -25.80 -61.73 16.18
C GLU A 80 -26.10 -62.97 15.36
N SER A 81 -26.38 -64.06 16.06
CA SER A 81 -26.65 -65.36 15.42
C SER A 81 -27.77 -65.42 14.40
N MET A 82 -28.61 -64.39 14.31
CA MET A 82 -29.67 -64.42 13.32
C MET A 82 -29.34 -63.44 12.20
N GLY A 83 -28.10 -62.97 12.21
CA GLY A 83 -27.62 -62.03 11.21
C GLY A 83 -28.27 -60.67 11.26
N ALA A 84 -28.89 -60.36 12.40
CA ALA A 84 -29.57 -59.08 12.57
C ALA A 84 -28.63 -57.97 13.05
N HIS A 85 -28.89 -56.75 12.58
CA HIS A 85 -28.09 -55.59 12.98
C HIS A 85 -28.89 -54.72 13.94
N PHE A 86 -28.36 -54.51 15.14
CA PHE A 86 -29.04 -53.67 16.11
C PHE A 86 -28.34 -52.32 16.25
N ASN A 87 -29.11 -51.27 16.01
CA ASN A 87 -28.58 -49.92 16.08
C ASN A 87 -29.65 -48.93 16.55
N GLY A 88 -29.21 -47.71 16.82
CA GLY A 88 -30.13 -46.69 17.28
C GLY A 88 -29.41 -45.40 17.65
N TYR A 89 -30.18 -44.39 18.03
CA TYR A 89 -29.58 -43.13 18.40
C TYR A 89 -30.47 -42.33 19.32
N THR A 90 -30.01 -41.15 19.67
CA THR A 90 -30.77 -40.27 20.54
C THR A 90 -30.33 -38.84 20.24
N SER A 91 -31.29 -37.98 19.97
CA SER A 91 -31.05 -36.58 19.66
C SER A 91 -31.72 -35.68 20.70
N ARG A 92 -31.91 -34.41 20.36
CA ARG A 92 -32.53 -33.47 21.28
C ARG A 92 -34.02 -33.72 21.51
N GLU A 93 -34.73 -34.07 20.45
CA GLU A 93 -36.17 -34.34 20.55
C GLU A 93 -36.60 -35.71 20.05
N GLN A 94 -35.67 -36.58 19.69
CA GLN A 94 -36.08 -37.87 19.16
C GLN A 94 -35.08 -38.97 19.40
N THR A 95 -35.56 -40.12 19.87
CA THR A 95 -34.70 -41.27 20.12
C THR A 95 -35.17 -42.46 19.28
N ALA A 96 -34.27 -43.42 19.04
CA ALA A 96 -34.64 -44.58 18.26
C ALA A 96 -33.74 -45.81 18.45
N PHE A 97 -34.36 -46.97 18.28
CA PHE A 97 -33.69 -48.25 18.38
C PHE A 97 -34.36 -49.03 17.26
N TYR A 98 -33.57 -49.51 16.31
CA TYR A 98 -34.14 -50.25 15.20
C TYR A 98 -33.26 -51.43 14.82
N ILE A 99 -33.85 -52.40 14.12
CA ILE A 99 -33.11 -53.58 13.72
C ILE A 99 -33.24 -53.91 12.24
N LYS A 100 -32.14 -54.39 11.69
CA LYS A 100 -32.08 -54.80 10.29
C LYS A 100 -31.91 -56.30 10.28
N ALA A 101 -32.93 -57.00 9.78
CA ALA A 101 -32.92 -58.46 9.68
C ALA A 101 -33.75 -58.90 8.51
N LEU A 102 -33.94 -60.22 8.40
CA LEU A 102 -34.73 -60.82 7.33
C LEU A 102 -36.20 -60.66 7.72
N SER A 103 -37.06 -60.40 6.73
CA SER A 103 -38.49 -60.24 6.98
C SER A 103 -39.02 -61.43 7.77
N LYS A 104 -38.45 -62.60 7.48
CA LYS A 104 -38.80 -63.84 8.15
C LYS A 104 -38.78 -63.69 9.67
N ASP A 105 -37.79 -62.97 10.19
CA ASP A 105 -37.66 -62.79 11.64
C ASP A 105 -38.43 -61.60 12.20
N MET A 106 -39.14 -60.89 11.33
CA MET A 106 -39.91 -59.72 11.75
C MET A 106 -40.55 -59.85 13.13
N PRO A 107 -41.31 -60.92 13.36
CA PRO A 107 -41.93 -61.07 14.69
C PRO A 107 -40.97 -61.24 15.87
N LYS A 108 -39.94 -62.07 15.71
CA LYS A 108 -38.97 -62.24 16.80
C LYS A 108 -38.29 -60.91 17.05
N VAL A 109 -38.09 -60.15 15.97
CA VAL A 109 -37.46 -58.85 16.09
C VAL A 109 -38.32 -58.00 17.02
N VAL A 110 -39.58 -57.81 16.63
CA VAL A 110 -40.52 -57.02 17.42
C VAL A 110 -40.49 -57.39 18.89
N GLU A 111 -40.27 -58.67 19.18
CA GLU A 111 -40.21 -59.11 20.58
C GLU A 111 -38.94 -58.58 21.22
N LEU A 112 -37.86 -58.61 20.45
CA LEU A 112 -36.59 -58.10 20.94
C LEU A 112 -36.71 -56.60 21.24
N LEU A 113 -37.25 -55.85 20.28
CA LEU A 113 -37.43 -54.41 20.45
C LEU A 113 -38.16 -54.15 21.75
N ALA A 114 -39.41 -54.59 21.80
CA ALA A 114 -40.23 -54.41 23.00
C ALA A 114 -39.49 -54.80 24.28
N ASP A 115 -38.62 -55.78 24.20
CA ASP A 115 -37.91 -56.20 25.39
C ASP A 115 -36.87 -55.15 25.78
N VAL A 116 -36.27 -54.51 24.78
CA VAL A 116 -35.25 -53.49 25.00
C VAL A 116 -35.78 -52.21 25.64
N VAL A 117 -36.83 -51.64 25.04
CA VAL A 117 -37.42 -50.40 25.53
C VAL A 117 -38.18 -50.59 26.84
N GLN A 118 -38.80 -51.76 27.02
CA GLN A 118 -39.56 -52.03 28.22
C GLN A 118 -38.77 -52.69 29.35
N ASN A 119 -37.81 -53.55 29.01
CA ASN A 119 -37.07 -54.26 30.04
C ASN A 119 -35.57 -54.09 30.19
N CYS A 120 -35.05 -52.90 29.90
CA CYS A 120 -33.62 -52.70 30.05
C CYS A 120 -33.14 -53.17 31.42
N ALA A 121 -32.12 -54.03 31.42
CA ALA A 121 -31.57 -54.58 32.66
C ALA A 121 -31.01 -53.55 33.62
N LEU A 122 -30.35 -52.53 33.08
CA LEU A 122 -29.76 -51.48 33.90
C LEU A 122 -28.90 -52.11 35.00
N GLU A 123 -28.05 -53.05 34.60
CA GLU A 123 -27.18 -53.73 35.55
C GLU A 123 -26.22 -52.75 36.24
N GLU A 124 -26.27 -52.71 37.57
CA GLU A 124 -25.42 -51.82 38.35
C GLU A 124 -23.95 -51.84 37.95
N SER A 125 -23.43 -53.02 37.62
CA SER A 125 -22.03 -53.14 37.24
C SER A 125 -21.79 -52.55 35.86
N GLN A 126 -22.77 -52.70 34.98
CA GLN A 126 -22.68 -52.20 33.61
C GLN A 126 -22.61 -50.67 33.61
N ILE A 127 -23.50 -50.07 34.37
CA ILE A 127 -23.54 -48.62 34.45
C ILE A 127 -22.17 -48.04 34.78
N GLU A 128 -21.46 -48.60 35.74
CA GLU A 128 -20.14 -48.06 36.07
C GLU A 128 -19.17 -48.21 34.91
N LYS A 129 -19.45 -49.13 34.00
CA LYS A 129 -18.56 -49.35 32.86
C LYS A 129 -18.87 -48.40 31.71
N GLU A 130 -20.15 -48.17 31.44
CA GLU A 130 -20.54 -47.26 30.37
C GLU A 130 -20.22 -45.83 30.78
N ARG A 131 -20.02 -45.63 32.08
CA ARG A 131 -19.69 -44.35 32.65
C ARG A 131 -18.34 -43.92 32.10
N GLY A 132 -17.38 -44.82 32.19
CA GLY A 132 -16.05 -44.54 31.70
C GLY A 132 -16.05 -44.40 30.19
N VAL A 133 -16.87 -45.23 29.53
CA VAL A 133 -16.97 -45.21 28.07
C VAL A 133 -17.51 -43.89 27.55
N ILE A 134 -18.65 -43.47 28.10
CA ILE A 134 -19.25 -42.21 27.70
C ILE A 134 -18.24 -41.09 27.94
N LEU A 135 -17.55 -41.13 29.07
CA LEU A 135 -16.55 -40.09 29.35
C LEU A 135 -15.47 -40.06 28.26
N GLN A 136 -15.19 -41.21 27.65
CA GLN A 136 -14.21 -41.29 26.57
C GLN A 136 -14.81 -40.73 25.30
N GLU A 137 -16.06 -41.06 25.03
CA GLU A 137 -16.68 -40.56 23.82
C GLU A 137 -16.78 -39.03 23.85
N LEU A 138 -16.80 -38.46 25.06
CA LEU A 138 -16.89 -37.03 25.18
C LEU A 138 -15.58 -36.42 24.70
N LYS A 139 -14.45 -36.95 25.17
CA LYS A 139 -13.14 -36.45 24.77
C LYS A 139 -12.93 -36.63 23.27
N GLU A 140 -13.47 -37.71 22.71
CA GLU A 140 -13.34 -37.94 21.28
C GLU A 140 -14.16 -36.90 20.54
N MET A 141 -15.44 -36.79 20.88
CA MET A 141 -16.34 -35.85 20.21
C MET A 141 -15.88 -34.40 20.38
N ASP A 142 -15.09 -34.17 21.42
CA ASP A 142 -14.60 -32.85 21.69
C ASP A 142 -13.62 -32.44 20.61
N ASN A 143 -13.13 -33.40 19.85
CA ASN A 143 -12.21 -33.09 18.79
C ASN A 143 -12.87 -33.04 17.42
N ASP A 144 -14.20 -33.04 17.39
CA ASP A 144 -14.91 -32.95 16.12
C ASP A 144 -15.52 -31.55 16.02
N MET A 145 -14.71 -30.59 15.58
CA MET A 145 -15.10 -29.19 15.45
C MET A 145 -16.52 -28.95 14.95
N THR A 146 -16.93 -29.72 13.95
CA THR A 146 -18.26 -29.56 13.38
C THR A 146 -19.35 -29.74 14.42
N ASN A 147 -19.20 -30.74 15.28
CA ASN A 147 -20.19 -30.95 16.32
C ASN A 147 -19.97 -30.00 17.47
N VAL A 148 -18.72 -29.70 17.78
CA VAL A 148 -18.48 -28.75 18.85
C VAL A 148 -19.18 -27.45 18.47
N THR A 149 -19.15 -27.13 17.18
CA THR A 149 -19.75 -25.90 16.72
C THR A 149 -21.28 -25.89 16.70
N PHE A 150 -21.89 -27.01 16.33
CA PHE A 150 -23.35 -27.06 16.35
C PHE A 150 -23.87 -27.05 17.77
N ASP A 151 -23.10 -27.65 18.69
CA ASP A 151 -23.49 -27.66 20.11
C ASP A 151 -23.49 -26.21 20.59
N TYR A 152 -22.40 -25.51 20.30
CA TYR A 152 -22.29 -24.12 20.68
C TYR A 152 -23.41 -23.33 20.04
N LEU A 153 -23.71 -23.62 18.77
CA LEU A 153 -24.79 -22.90 18.09
C LEU A 153 -26.08 -23.03 18.89
N HIS A 154 -26.37 -24.22 19.38
CA HIS A 154 -27.57 -24.45 20.18
C HIS A 154 -27.43 -23.78 21.54
N ALA A 155 -26.27 -23.99 22.16
CA ALA A 155 -25.99 -23.41 23.46
C ALA A 155 -26.29 -21.92 23.50
N THR A 156 -26.02 -21.20 22.40
CA THR A 156 -26.28 -19.77 22.44
C THR A 156 -27.60 -19.37 21.80
N ALA A 157 -27.94 -20.01 20.68
CA ALA A 157 -29.18 -19.68 20.01
C ALA A 157 -30.38 -19.92 20.93
N PHE A 158 -30.27 -20.94 21.78
CA PHE A 158 -31.35 -21.29 22.69
C PHE A 158 -30.89 -21.20 24.13
N GLN A 159 -29.95 -20.29 24.39
CA GLN A 159 -29.41 -20.08 25.74
C GLN A 159 -30.49 -19.97 26.79
N GLY A 160 -30.23 -20.63 27.91
CA GLY A 160 -31.17 -20.60 29.03
C GLY A 160 -32.40 -21.45 28.84
N THR A 161 -32.37 -22.40 27.92
CA THR A 161 -33.52 -23.27 27.70
C THR A 161 -33.07 -24.71 27.59
N ALA A 162 -34.03 -25.61 27.38
CA ALA A 162 -33.72 -27.03 27.26
C ALA A 162 -32.95 -27.32 25.97
N LEU A 163 -33.34 -26.68 24.86
CA LEU A 163 -32.64 -26.91 23.60
C LEU A 163 -31.19 -26.44 23.63
N ALA A 164 -30.80 -25.75 24.70
CA ALA A 164 -29.43 -25.26 24.83
C ALA A 164 -28.46 -26.36 25.23
N ARG A 165 -28.98 -27.51 25.64
CA ARG A 165 -28.12 -28.59 26.09
C ARG A 165 -27.71 -29.57 25.01
N THR A 166 -26.57 -30.23 25.24
CA THR A 166 -26.04 -31.23 24.33
C THR A 166 -26.74 -32.56 24.62
N VAL A 167 -26.76 -33.46 23.65
CA VAL A 167 -27.41 -34.74 23.83
C VAL A 167 -26.66 -35.66 24.79
N GLU A 168 -25.34 -35.63 24.73
CA GLU A 168 -24.56 -36.50 25.61
C GLU A 168 -24.58 -36.04 27.06
N GLY A 169 -24.88 -34.78 27.30
CA GLY A 169 -24.90 -34.32 28.69
C GLY A 169 -23.58 -33.76 29.20
N THR A 170 -23.55 -33.45 30.48
CA THR A 170 -22.38 -32.86 31.13
C THR A 170 -21.43 -33.88 31.73
N THR A 171 -20.24 -33.43 32.10
CA THR A 171 -19.28 -34.31 32.72
C THR A 171 -19.79 -34.68 34.10
N GLU A 172 -20.38 -33.70 34.78
CA GLU A 172 -20.92 -33.94 36.09
C GLU A 172 -22.07 -34.93 36.06
N ASN A 173 -23.07 -34.64 35.25
CA ASN A 173 -24.21 -35.54 35.15
C ASN A 173 -23.79 -36.99 34.86
N ILE A 174 -22.74 -37.16 34.07
CA ILE A 174 -22.31 -38.50 33.71
C ILE A 174 -21.51 -39.17 34.80
N LYS A 175 -20.80 -38.36 35.58
CA LYS A 175 -20.02 -38.92 36.67
C LYS A 175 -20.91 -39.32 37.85
N HIS A 176 -22.12 -38.79 37.89
CA HIS A 176 -23.01 -39.06 39.00
C HIS A 176 -24.38 -39.66 38.73
N LEU A 177 -24.83 -39.69 37.47
CA LEU A 177 -26.15 -40.26 37.20
C LEU A 177 -26.29 -41.62 37.87
N THR A 178 -27.49 -41.91 38.37
CA THR A 178 -27.75 -43.14 39.08
C THR A 178 -28.67 -44.15 38.40
N ARG A 179 -28.55 -45.40 38.86
CA ARG A 179 -29.36 -46.49 38.34
C ARG A 179 -30.81 -46.00 38.38
N ALA A 180 -31.13 -45.25 39.41
CA ALA A 180 -32.48 -44.72 39.60
C ALA A 180 -32.87 -43.75 38.50
N ASP A 181 -32.01 -42.75 38.28
CA ASP A 181 -32.27 -41.73 37.28
C ASP A 181 -32.46 -42.33 35.90
N LEU A 182 -31.66 -43.35 35.59
CA LEU A 182 -31.77 -44.02 34.30
C LEU A 182 -33.10 -44.78 34.24
N ALA A 183 -33.44 -45.42 35.36
CA ALA A 183 -34.69 -46.15 35.44
C ALA A 183 -35.82 -45.14 35.30
N SER A 184 -35.74 -44.09 36.11
CA SER A 184 -36.72 -43.03 36.12
C SER A 184 -36.95 -42.47 34.73
N TYR A 185 -35.86 -42.21 34.01
CA TYR A 185 -35.93 -41.66 32.66
C TYR A 185 -36.72 -42.59 31.78
N ILE A 186 -36.34 -43.87 31.79
CA ILE A 186 -37.02 -44.88 30.97
C ILE A 186 -38.50 -44.98 31.31
N ASP A 187 -38.78 -45.11 32.61
CA ASP A 187 -40.17 -45.22 33.10
C ASP A 187 -40.97 -43.95 32.90
N THR A 188 -40.27 -42.82 32.77
CA THR A 188 -40.90 -41.53 32.57
C THR A 188 -41.12 -41.22 31.10
N HIS A 189 -40.19 -41.65 30.26
CA HIS A 189 -40.29 -41.32 28.84
C HIS A 189 -40.64 -42.36 27.82
N PHE A 190 -40.12 -43.58 27.98
CA PHE A 190 -40.44 -44.64 27.00
C PHE A 190 -41.84 -45.19 27.26
N LYS A 191 -42.84 -44.53 26.69
CA LYS A 191 -44.22 -44.95 26.89
C LYS A 191 -45.00 -44.98 25.57
N ALA A 192 -45.83 -46.01 25.42
CA ALA A 192 -46.64 -46.25 24.22
C ALA A 192 -47.17 -45.03 23.45
N PRO A 193 -47.90 -44.13 24.11
CA PRO A 193 -48.44 -42.96 23.39
C PRO A 193 -47.36 -42.06 22.77
N ARG A 194 -46.14 -42.18 23.29
CA ARG A 194 -45.01 -41.39 22.81
C ARG A 194 -44.07 -42.19 21.90
N MET A 195 -44.43 -43.44 21.62
CA MET A 195 -43.61 -44.31 20.76
C MET A 195 -44.31 -44.71 19.48
N VAL A 196 -43.53 -45.15 18.51
CA VAL A 196 -44.06 -45.58 17.23
C VAL A 196 -43.22 -46.74 16.74
N LEU A 197 -43.88 -47.86 16.47
CA LEU A 197 -43.20 -49.04 15.96
C LEU A 197 -43.36 -48.92 14.45
N ALA A 198 -42.24 -48.67 13.77
CA ALA A 198 -42.26 -48.53 12.32
C ALA A 198 -41.50 -49.66 11.71
N ALA A 199 -41.92 -50.06 10.51
CA ALA A 199 -41.25 -51.14 9.83
C ALA A 199 -41.31 -50.96 8.33
N ALA A 200 -40.23 -51.39 7.67
CA ALA A 200 -40.15 -51.31 6.22
C ALA A 200 -39.43 -52.52 5.64
N GLY A 201 -39.90 -52.97 4.49
CA GLY A 201 -39.33 -54.13 3.82
C GLY A 201 -40.47 -55.07 3.44
N GLY A 202 -40.21 -56.37 3.44
CA GLY A 202 -41.24 -57.33 3.10
C GLY A 202 -41.95 -57.76 4.38
N ILE A 203 -42.94 -56.97 4.79
CA ILE A 203 -43.66 -57.30 6.01
C ILE A 203 -45.14 -56.99 5.94
N SER A 204 -45.94 -57.87 6.52
CA SER A 204 -47.38 -57.71 6.56
C SER A 204 -47.76 -56.82 7.73
N HIS A 205 -48.34 -55.67 7.41
CA HIS A 205 -48.75 -54.73 8.45
C HIS A 205 -49.44 -55.48 9.58
N LYS A 206 -50.36 -56.36 9.18
CA LYS A 206 -51.14 -57.18 10.10
C LYS A 206 -50.27 -58.07 10.97
N GLU A 207 -49.34 -58.79 10.36
CA GLU A 207 -48.47 -59.66 11.14
C GLU A 207 -47.70 -58.81 12.14
N LEU A 208 -47.38 -57.60 11.70
CA LEU A 208 -46.64 -56.66 12.54
C LEU A 208 -47.45 -56.27 13.76
N VAL A 209 -48.60 -55.64 13.53
CA VAL A 209 -49.48 -55.21 14.60
C VAL A 209 -49.89 -56.37 15.51
N ASP A 210 -50.03 -57.56 14.95
CA ASP A 210 -50.41 -58.73 15.75
C ASP A 210 -49.29 -59.00 16.74
N ALA A 211 -48.07 -59.05 16.21
CA ALA A 211 -46.90 -59.29 17.04
C ALA A 211 -46.73 -58.11 17.99
N ALA A 212 -47.32 -56.98 17.62
CA ALA A 212 -47.25 -55.77 18.42
C ALA A 212 -48.11 -55.86 19.67
N ARG A 213 -49.40 -56.15 19.47
CA ARG A 213 -50.33 -56.29 20.58
C ARG A 213 -49.77 -57.27 21.59
N GLN A 214 -49.12 -58.28 21.08
CA GLN A 214 -48.55 -59.34 21.90
C GLN A 214 -47.40 -58.93 22.82
N HIS A 215 -46.49 -58.08 22.33
CA HIS A 215 -45.36 -57.68 23.16
C HIS A 215 -45.37 -56.28 23.75
N PHE A 216 -46.23 -55.41 23.23
CA PHE A 216 -46.36 -54.06 23.76
C PHE A 216 -47.67 -54.08 24.56
N SER A 217 -47.55 -54.48 25.81
CA SER A 217 -48.69 -54.62 26.71
C SER A 217 -49.05 -53.41 27.57
N GLY A 218 -48.21 -53.14 28.57
CA GLY A 218 -48.41 -52.03 29.48
C GLY A 218 -49.56 -51.09 29.17
N VAL A 219 -50.75 -51.43 29.61
CA VAL A 219 -51.92 -50.58 29.36
C VAL A 219 -52.10 -49.61 30.54
N SER A 220 -52.25 -48.33 30.19
CA SER A 220 -52.40 -47.26 31.15
C SER A 220 -53.74 -47.20 31.91
N PHE A 221 -53.70 -46.73 33.15
CA PHE A 221 -54.88 -46.61 33.99
C PHE A 221 -55.41 -45.19 34.06
N THR A 222 -54.54 -44.27 34.47
CA THR A 222 -54.88 -42.87 34.60
C THR A 222 -54.83 -42.12 33.26
N TYR A 223 -55.46 -40.95 33.22
CA TYR A 223 -55.50 -40.11 32.01
C TYR A 223 -54.10 -39.51 31.78
N LYS A 224 -53.37 -39.33 32.88
CA LYS A 224 -52.03 -38.77 32.81
C LYS A 224 -51.13 -39.63 31.96
N GLU A 225 -51.21 -40.94 32.16
CA GLU A 225 -50.36 -41.87 31.42
C GLU A 225 -50.47 -41.86 29.91
N ASP A 226 -51.64 -41.59 29.33
CA ASP A 226 -51.71 -41.59 27.87
C ASP A 226 -51.88 -40.21 27.21
N ALA A 227 -51.47 -39.19 27.95
CA ALA A 227 -51.49 -37.82 27.46
C ALA A 227 -50.04 -37.47 27.08
N VAL A 228 -49.82 -37.02 25.85
CA VAL A 228 -48.50 -36.66 25.37
C VAL A 228 -48.19 -35.22 25.82
N PRO A 229 -47.23 -35.06 26.75
CA PRO A 229 -46.79 -33.79 27.33
C PRO A 229 -46.26 -32.73 26.35
N ILE A 230 -46.75 -31.50 26.51
CA ILE A 230 -46.33 -30.38 25.68
C ILE A 230 -45.14 -29.72 26.39
N LEU A 231 -44.02 -29.61 25.67
CA LEU A 231 -42.82 -29.01 26.23
C LEU A 231 -42.84 -27.48 26.31
N PRO A 232 -42.23 -26.93 27.36
CA PRO A 232 -42.19 -25.48 27.49
C PRO A 232 -41.36 -24.92 26.32
N ARG A 233 -41.86 -23.87 25.69
CA ARG A 233 -41.19 -23.29 24.54
C ARG A 233 -39.77 -22.75 24.80
N CYS A 234 -38.89 -22.94 23.81
CA CYS A 234 -37.51 -22.47 23.93
C CYS A 234 -37.32 -21.12 23.22
N ARG A 235 -36.88 -20.13 23.99
CA ARG A 235 -36.67 -18.80 23.45
C ARG A 235 -35.37 -18.70 22.68
N PHE A 236 -35.47 -18.13 21.49
CA PHE A 236 -34.32 -17.95 20.62
C PHE A 236 -33.62 -16.63 20.93
N THR A 237 -32.31 -16.60 20.77
CA THR A 237 -31.58 -15.36 21.01
C THR A 237 -30.54 -15.04 19.96
N GLY A 238 -30.66 -13.84 19.37
CA GLY A 238 -29.66 -13.41 18.41
C GLY A 238 -28.44 -13.15 19.29
N SER A 239 -27.36 -13.89 19.05
CA SER A 239 -26.17 -13.73 19.86
C SER A 239 -25.05 -14.57 19.29
N GLU A 240 -23.87 -14.46 19.90
CA GLU A 240 -22.73 -15.21 19.42
C GLU A 240 -21.90 -15.76 20.56
N ILE A 241 -21.16 -16.82 20.23
CA ILE A 241 -20.24 -17.45 21.15
C ILE A 241 -18.99 -17.67 20.30
N ARG A 242 -17.85 -17.18 20.79
CA ARG A 242 -16.60 -17.31 20.07
C ARG A 242 -15.61 -18.07 20.89
N ALA A 243 -15.27 -19.28 20.45
CA ALA A 243 -14.32 -20.11 21.16
C ALA A 243 -13.08 -20.05 20.28
N ARG A 244 -12.08 -19.34 20.75
CA ARG A 244 -10.88 -19.17 19.98
C ARG A 244 -9.68 -19.98 20.39
N ASP A 245 -9.10 -20.64 19.39
CA ASP A 245 -7.91 -21.43 19.60
C ASP A 245 -7.08 -21.31 18.34
N ASP A 246 -6.16 -20.36 18.32
CA ASP A 246 -5.37 -20.17 17.14
C ASP A 246 -4.55 -21.41 16.80
N ALA A 247 -4.41 -22.30 17.78
CA ALA A 247 -3.62 -23.51 17.56
C ALA A 247 -4.33 -24.48 16.61
N LEU A 248 -5.65 -24.33 16.46
CA LEU A 248 -6.41 -25.19 15.55
C LEU A 248 -6.08 -24.76 14.13
N PRO A 249 -5.92 -25.75 13.22
CA PRO A 249 -5.59 -25.56 11.80
C PRO A 249 -6.59 -24.80 10.97
N VAL A 250 -7.87 -25.05 11.18
CA VAL A 250 -8.90 -24.33 10.41
C VAL A 250 -10.04 -23.91 11.33
N ALA A 251 -10.75 -22.86 10.93
CA ALA A 251 -11.85 -22.38 11.74
C ALA A 251 -13.23 -22.88 11.24
N HIS A 252 -14.15 -23.03 12.19
CA HIS A 252 -15.51 -23.43 11.87
C HIS A 252 -16.41 -22.29 12.29
N VAL A 253 -17.39 -21.99 11.46
CA VAL A 253 -18.32 -20.92 11.73
C VAL A 253 -19.72 -21.37 11.32
N ALA A 254 -20.71 -21.08 12.16
CA ALA A 254 -22.10 -21.45 11.88
C ALA A 254 -22.93 -20.24 12.23
N LEU A 255 -23.85 -19.91 11.33
CA LEU A 255 -24.74 -18.78 11.52
C LEU A 255 -26.16 -19.25 11.25
N ALA A 256 -27.12 -18.83 12.06
CA ALA A 256 -28.50 -19.26 11.84
C ALA A 256 -29.55 -18.39 12.48
N VAL A 257 -30.73 -18.37 11.87
CA VAL A 257 -31.86 -17.61 12.41
C VAL A 257 -32.87 -18.65 12.83
N GLU A 258 -33.87 -18.25 13.60
CA GLU A 258 -34.88 -19.20 14.07
C GLU A 258 -35.83 -19.71 12.98
N GLY A 259 -35.97 -21.04 12.93
CA GLY A 259 -36.83 -21.72 11.97
C GLY A 259 -38.24 -21.91 12.53
N PRO A 260 -39.22 -22.19 11.67
CA PRO A 260 -40.61 -22.38 12.10
C PRO A 260 -41.01 -23.65 12.87
N GLY A 261 -40.30 -24.76 12.67
CA GLY A 261 -40.71 -25.97 13.38
C GLY A 261 -41.50 -26.92 12.48
N TRP A 262 -41.26 -28.21 12.63
CA TRP A 262 -41.87 -29.28 11.83
C TRP A 262 -43.18 -29.00 11.12
N ALA A 263 -44.20 -28.73 11.89
CA ALA A 263 -45.53 -28.48 11.35
C ALA A 263 -45.67 -27.48 10.19
N ASP A 264 -44.94 -26.37 10.24
CA ASP A 264 -45.08 -25.33 9.22
C ASP A 264 -44.68 -25.71 7.80
N PRO A 265 -45.55 -25.38 6.81
CA PRO A 265 -45.37 -25.64 5.39
C PRO A 265 -44.17 -24.90 4.79
N ASP A 266 -43.93 -23.69 5.30
CA ASP A 266 -42.81 -22.90 4.80
C ASP A 266 -41.53 -23.71 4.76
N ASN A 267 -41.40 -24.68 5.66
CA ASN A 267 -40.21 -25.51 5.67
C ASN A 267 -39.93 -26.08 4.29
N VAL A 268 -40.99 -26.26 3.49
CA VAL A 268 -40.80 -26.79 2.15
C VAL A 268 -40.04 -25.73 1.33
N VAL A 269 -40.44 -24.47 1.48
CA VAL A 269 -39.78 -23.38 0.77
C VAL A 269 -38.35 -23.20 1.28
N LEU A 270 -38.17 -23.21 2.61
CA LEU A 270 -36.83 -23.04 3.17
C LEU A 270 -35.89 -24.08 2.58
N HIS A 271 -36.33 -25.34 2.54
CA HIS A 271 -35.49 -26.40 1.95
C HIS A 271 -35.17 -26.13 0.49
N VAL A 272 -36.14 -25.58 -0.23
CA VAL A 272 -35.94 -25.24 -1.64
C VAL A 272 -34.84 -24.20 -1.68
N ALA A 273 -34.98 -23.20 -0.79
CA ALA A 273 -34.03 -22.11 -0.66
C ALA A 273 -32.64 -22.65 -0.37
N ASN A 274 -32.53 -23.56 0.58
CA ASN A 274 -31.22 -24.12 0.89
C ASN A 274 -30.62 -24.83 -0.31
N ALA A 275 -31.47 -25.39 -1.17
CA ALA A 275 -30.99 -26.09 -2.35
C ALA A 275 -30.33 -25.11 -3.34
N ILE A 276 -30.84 -23.88 -3.41
CA ILE A 276 -30.26 -22.89 -4.30
C ILE A 276 -28.80 -22.59 -3.90
N ILE A 277 -28.58 -22.36 -2.61
CA ILE A 277 -27.24 -22.10 -2.10
C ILE A 277 -26.49 -23.43 -2.05
N GLY A 278 -27.15 -24.47 -1.56
CA GLY A 278 -26.52 -25.78 -1.52
C GLY A 278 -25.32 -26.02 -0.64
N ARG A 279 -24.34 -26.75 -1.16
CA ARG A 279 -23.15 -27.04 -0.40
C ARG A 279 -21.93 -27.26 -1.26
N TYR A 280 -20.78 -27.40 -0.60
CA TYR A 280 -19.53 -27.55 -1.30
C TYR A 280 -18.47 -28.19 -0.42
N ASP A 281 -17.40 -28.64 -1.05
CA ASP A 281 -16.29 -29.25 -0.37
C ASP A 281 -15.23 -29.41 -1.45
N ARG A 282 -13.96 -29.22 -1.08
CA ARG A 282 -12.84 -29.29 -2.04
C ARG A 282 -12.74 -30.52 -2.93
N THR A 283 -13.67 -31.46 -2.85
CA THR A 283 -13.57 -32.62 -3.71
C THR A 283 -14.70 -32.65 -4.74
N PHE A 284 -15.51 -31.61 -4.76
CA PHE A 284 -16.57 -31.55 -5.74
C PHE A 284 -15.87 -31.29 -7.07
N GLY A 285 -15.92 -32.26 -7.97
CA GLY A 285 -15.26 -32.10 -9.26
C GLY A 285 -15.79 -30.97 -10.10
N GLY A 286 -17.07 -30.69 -9.93
CA GLY A 286 -17.70 -29.63 -10.69
C GLY A 286 -16.93 -28.33 -10.65
N GLY A 287 -16.20 -28.12 -9.54
CA GLY A 287 -15.39 -26.92 -9.36
C GLY A 287 -16.04 -25.59 -9.67
N LYS A 288 -15.30 -24.77 -10.40
CA LYS A 288 -15.75 -23.44 -10.77
C LYS A 288 -17.02 -23.36 -11.63
N HIS A 289 -17.54 -24.49 -12.06
CA HIS A 289 -18.74 -24.46 -12.90
C HIS A 289 -20.01 -24.86 -12.17
N LEU A 290 -19.90 -25.09 -10.87
CA LEU A 290 -21.04 -25.46 -10.05
C LEU A 290 -22.09 -24.36 -10.14
N SER A 291 -23.35 -24.77 -10.14
CA SER A 291 -24.46 -23.82 -10.26
C SER A 291 -24.60 -22.91 -9.04
N SER A 292 -24.23 -23.43 -7.86
CA SER A 292 -24.30 -22.66 -6.61
C SER A 292 -23.30 -21.52 -6.66
N ARG A 293 -23.83 -20.30 -6.64
CA ARG A 293 -22.98 -19.12 -6.68
C ARG A 293 -21.94 -19.14 -5.56
N LEU A 294 -22.38 -19.44 -4.34
CA LEU A 294 -21.47 -19.47 -3.22
C LEU A 294 -20.38 -20.49 -3.46
N ALA A 295 -20.75 -21.62 -4.07
CA ALA A 295 -19.77 -22.67 -4.37
C ALA A 295 -18.75 -22.16 -5.39
N ALA A 296 -19.25 -21.46 -6.41
CA ALA A 296 -18.39 -20.90 -7.45
C ALA A 296 -17.37 -19.96 -6.81
N LEU A 297 -17.87 -18.97 -6.09
CA LEU A 297 -17.01 -18.00 -5.43
C LEU A 297 -16.01 -18.72 -4.54
N ALA A 298 -16.50 -19.70 -3.81
CA ALA A 298 -15.62 -20.46 -2.93
C ALA A 298 -14.46 -21.02 -3.75
N VAL A 299 -14.75 -21.55 -4.93
CA VAL A 299 -13.72 -22.10 -5.79
C VAL A 299 -12.80 -21.00 -6.37
N GLU A 300 -13.41 -20.00 -7.01
CA GLU A 300 -12.70 -18.88 -7.62
C GLU A 300 -11.79 -18.15 -6.65
N HIS A 301 -12.21 -18.02 -5.40
CA HIS A 301 -11.40 -17.29 -4.44
C HIS A 301 -10.84 -18.11 -3.31
N LYS A 302 -10.89 -19.45 -3.44
CA LYS A 302 -10.40 -20.33 -2.38
C LYS A 302 -10.94 -19.86 -1.02
N LEU A 303 -12.26 -19.66 -0.95
CA LEU A 303 -12.89 -19.16 0.24
C LEU A 303 -13.05 -20.09 1.42
N CYS A 304 -13.03 -21.41 1.19
CA CYS A 304 -13.21 -22.35 2.29
C CYS A 304 -12.95 -23.77 1.90
N HIS A 305 -12.80 -24.64 2.90
CA HIS A 305 -12.61 -26.06 2.65
C HIS A 305 -13.97 -26.71 2.37
N SER A 306 -15.03 -26.14 2.94
CA SER A 306 -16.38 -26.66 2.75
C SER A 306 -17.45 -25.77 3.39
N PHE A 307 -18.69 -25.98 2.99
CA PHE A 307 -19.79 -25.24 3.59
C PHE A 307 -21.07 -26.01 3.35
N GLN A 308 -22.07 -25.80 4.22
CA GLN A 308 -23.34 -26.49 4.12
C GLN A 308 -24.44 -25.63 4.66
N THR A 309 -25.61 -25.75 4.05
CA THR A 309 -26.78 -25.02 4.48
C THR A 309 -27.59 -26.07 5.24
N PHE A 310 -28.50 -25.63 6.11
CA PHE A 310 -29.30 -26.59 6.85
C PHE A 310 -30.57 -25.97 7.34
N ASN A 311 -31.57 -26.80 7.55
CA ASN A 311 -32.85 -26.34 8.06
C ASN A 311 -33.28 -27.37 9.08
N THR A 312 -32.63 -27.32 10.22
CA THR A 312 -32.94 -28.22 11.30
C THR A 312 -34.25 -27.85 11.98
N SER A 313 -35.20 -28.79 11.98
CA SER A 313 -36.50 -28.58 12.57
C SER A 313 -36.68 -29.25 13.91
N TYR A 314 -37.61 -28.71 14.67
CA TYR A 314 -37.98 -29.21 15.99
C TYR A 314 -39.50 -28.98 16.08
N SER A 315 -40.12 -29.53 17.11
CA SER A 315 -41.55 -29.37 17.28
C SER A 315 -42.09 -27.94 17.16
N ASP A 316 -41.60 -27.06 18.04
CA ASP A 316 -42.03 -25.67 18.12
C ASP A 316 -41.02 -24.63 17.59
N THR A 317 -39.91 -25.09 17.03
CA THR A 317 -38.90 -24.14 16.57
C THR A 317 -37.90 -24.83 15.64
N GLY A 318 -36.74 -24.21 15.44
CA GLY A 318 -35.71 -24.78 14.59
C GLY A 318 -34.57 -23.82 14.31
N LEU A 319 -33.58 -24.29 13.54
CA LEU A 319 -32.46 -23.44 13.17
C LEU A 319 -32.24 -23.45 11.67
N PHE A 320 -32.24 -22.28 11.06
CA PHE A 320 -32.03 -22.16 9.62
C PHE A 320 -30.73 -21.38 9.47
N GLY A 321 -29.72 -22.02 8.91
CA GLY A 321 -28.45 -21.33 8.73
C GLY A 321 -27.45 -22.03 7.84
N PHE A 322 -26.17 -21.81 8.12
CA PHE A 322 -25.11 -22.40 7.35
C PHE A 322 -23.84 -22.49 8.20
N HIS A 323 -22.97 -23.41 7.81
CA HIS A 323 -21.72 -23.66 8.50
C HIS A 323 -20.62 -23.84 7.47
N PHE A 324 -19.45 -23.26 7.73
CA PHE A 324 -18.36 -23.43 6.80
C PHE A 324 -17.08 -23.64 7.57
N VAL A 325 -16.09 -24.20 6.87
CA VAL A 325 -14.77 -24.47 7.42
C VAL A 325 -13.81 -23.72 6.50
N ALA A 326 -13.01 -22.83 7.06
CA ALA A 326 -12.10 -22.06 6.22
C ALA A 326 -10.80 -21.82 6.91
N ASP A 327 -9.81 -21.39 6.15
CA ASP A 327 -8.50 -21.07 6.71
C ASP A 327 -8.65 -19.74 7.42
N PRO A 328 -7.88 -19.55 8.50
CA PRO A 328 -7.92 -18.31 9.27
C PRO A 328 -7.99 -17.05 8.43
N LEU A 329 -7.25 -16.97 7.33
CA LEU A 329 -7.29 -15.76 6.52
C LEU A 329 -8.34 -15.62 5.43
N SER A 330 -9.32 -16.52 5.37
CA SER A 330 -10.34 -16.35 4.35
C SER A 330 -11.73 -16.31 4.98
N ILE A 331 -11.79 -16.40 6.30
CA ILE A 331 -13.06 -16.38 7.01
C ILE A 331 -13.90 -15.19 6.62
N ASP A 332 -13.28 -14.02 6.67
CA ASP A 332 -14.03 -12.82 6.38
C ASP A 332 -14.68 -12.76 5.01
N ASP A 333 -13.93 -13.11 3.98
CA ASP A 333 -14.51 -13.09 2.65
C ASP A 333 -15.60 -14.15 2.50
N MET A 334 -15.40 -15.32 3.10
CA MET A 334 -16.40 -16.39 3.02
C MET A 334 -17.72 -15.89 3.61
N MET A 335 -17.65 -15.39 4.83
CA MET A 335 -18.83 -14.89 5.53
C MET A 335 -19.53 -13.83 4.70
N PHE A 336 -18.73 -12.95 4.12
CA PHE A 336 -19.23 -11.86 3.29
C PHE A 336 -20.10 -12.39 2.15
N CYS A 337 -19.54 -13.31 1.37
CA CYS A 337 -20.26 -13.91 0.24
C CYS A 337 -21.46 -14.71 0.74
N ALA A 338 -21.27 -15.51 1.78
CA ALA A 338 -22.35 -16.30 2.31
C ALA A 338 -23.54 -15.42 2.66
N GLN A 339 -23.36 -14.46 3.57
CA GLN A 339 -24.48 -13.60 3.94
C GLN A 339 -25.01 -12.94 2.69
N GLY A 340 -24.10 -12.68 1.77
CA GLY A 340 -24.49 -12.05 0.53
C GLY A 340 -25.53 -12.90 -0.18
N GLU A 341 -25.27 -14.21 -0.26
CA GLU A 341 -26.19 -15.12 -0.92
C GLU A 341 -27.55 -15.18 -0.22
N TRP A 342 -27.57 -15.02 1.08
CA TRP A 342 -28.83 -15.02 1.81
C TRP A 342 -29.64 -13.81 1.38
N MET A 343 -28.96 -12.68 1.23
CA MET A 343 -29.65 -11.47 0.81
C MET A 343 -30.17 -11.62 -0.61
N ARG A 344 -29.46 -12.38 -1.43
CA ARG A 344 -29.92 -12.60 -2.81
C ARG A 344 -31.21 -13.41 -2.74
N LEU A 345 -31.26 -14.37 -1.81
CA LEU A 345 -32.44 -15.19 -1.62
C LEU A 345 -33.68 -14.34 -1.35
N CYS A 346 -33.57 -13.38 -0.45
CA CYS A 346 -34.68 -12.54 -0.08
C CYS A 346 -35.08 -11.52 -1.12
N THR A 347 -34.11 -11.07 -1.92
CA THR A 347 -34.41 -10.01 -2.86
C THR A 347 -34.39 -10.27 -4.35
N SER A 348 -33.64 -11.26 -4.81
CA SER A 348 -33.56 -11.45 -6.24
C SER A 348 -33.45 -12.88 -6.75
N THR A 349 -34.24 -13.78 -6.18
CA THR A 349 -34.19 -15.16 -6.62
C THR A 349 -34.83 -15.25 -8.01
N THR A 350 -34.31 -16.15 -8.82
CA THR A 350 -34.79 -16.34 -10.20
C THR A 350 -35.57 -17.62 -10.35
N GLU A 351 -36.50 -17.65 -11.30
CA GLU A 351 -37.28 -18.84 -11.53
C GLU A 351 -36.32 -19.97 -11.94
N SER A 352 -35.26 -19.63 -12.67
CA SER A 352 -34.29 -20.63 -13.09
C SER A 352 -33.67 -21.32 -11.87
N GLU A 353 -33.30 -20.51 -10.88
CA GLU A 353 -32.70 -21.02 -9.66
C GLU A 353 -33.65 -21.94 -8.91
N VAL A 354 -34.89 -21.49 -8.69
CA VAL A 354 -35.86 -22.31 -7.97
C VAL A 354 -36.18 -23.55 -8.77
N LYS A 355 -36.28 -23.39 -10.08
CA LYS A 355 -36.59 -24.52 -10.96
C LYS A 355 -35.57 -25.62 -10.71
N ARG A 356 -34.30 -25.24 -10.71
CA ARG A 356 -33.24 -26.20 -10.46
C ARG A 356 -33.24 -26.65 -9.00
N ALA A 357 -33.45 -25.71 -8.09
CA ALA A 357 -33.47 -26.01 -6.66
C ALA A 357 -34.49 -27.11 -6.35
N LYS A 358 -35.64 -27.04 -7.01
CA LYS A 358 -36.71 -28.01 -6.80
C LYS A 358 -36.25 -29.39 -7.23
N ASN A 359 -35.69 -29.49 -8.44
CA ASN A 359 -35.24 -30.79 -8.91
C ASN A 359 -34.22 -31.40 -7.97
N HIS A 360 -33.34 -30.57 -7.44
CA HIS A 360 -32.34 -31.06 -6.50
C HIS A 360 -33.05 -31.56 -5.26
N LEU A 361 -34.07 -30.80 -4.83
CA LEU A 361 -34.82 -31.16 -3.62
C LEU A 361 -35.58 -32.46 -3.83
N ARG A 362 -36.20 -32.61 -5.00
CA ARG A 362 -36.95 -33.85 -5.30
C ARG A 362 -36.01 -35.04 -5.18
N SER A 363 -34.88 -34.98 -5.88
CA SER A 363 -33.91 -36.06 -5.84
C SER A 363 -33.50 -36.34 -4.39
N ALA A 364 -33.34 -35.29 -3.61
CA ALA A 364 -32.94 -35.45 -2.23
C ALA A 364 -33.96 -36.22 -1.40
N MET A 365 -35.23 -35.88 -1.54
CA MET A 365 -36.28 -36.55 -0.77
C MET A 365 -36.37 -38.00 -1.17
N VAL A 366 -36.25 -38.26 -2.47
CA VAL A 366 -36.30 -39.61 -2.99
C VAL A 366 -35.12 -40.36 -2.39
N ALA A 367 -33.94 -39.77 -2.50
CA ALA A 367 -32.73 -40.38 -1.96
C ALA A 367 -32.81 -40.67 -0.46
N GLN A 368 -33.77 -40.07 0.23
CA GLN A 368 -33.92 -40.30 1.67
C GLN A 368 -34.73 -41.57 1.95
N LEU A 369 -35.20 -42.21 0.90
CA LEU A 369 -35.98 -43.43 1.03
C LEU A 369 -35.30 -44.48 0.18
N ASP A 370 -33.99 -44.57 0.34
CA ASP A 370 -33.19 -45.51 -0.40
C ASP A 370 -32.74 -46.65 0.50
N GLY A 371 -33.66 -47.55 0.80
CA GLY A 371 -33.34 -48.68 1.65
C GLY A 371 -34.41 -48.85 2.70
N THR A 372 -34.37 -49.94 3.45
CA THR A 372 -35.39 -50.15 4.47
C THR A 372 -35.14 -49.29 5.69
N THR A 373 -33.90 -49.25 6.15
CA THR A 373 -33.57 -48.43 7.31
C THR A 373 -34.02 -46.99 7.07
N PRO A 374 -33.61 -46.39 5.94
CA PRO A 374 -34.03 -45.01 5.71
C PRO A 374 -35.55 -44.81 5.54
N VAL A 375 -36.25 -45.80 5.00
CA VAL A 375 -37.69 -45.64 4.84
C VAL A 375 -38.31 -45.73 6.20
N CYS A 376 -37.76 -46.60 7.02
CA CYS A 376 -38.27 -46.79 8.37
C CYS A 376 -38.06 -45.52 9.19
N GLU A 377 -36.87 -44.92 9.05
CA GLU A 377 -36.52 -43.67 9.76
C GLU A 377 -37.53 -42.59 9.42
N THR A 378 -37.92 -42.51 8.15
CA THR A 378 -38.89 -41.54 7.68
C THR A 378 -40.26 -41.75 8.34
N ILE A 379 -40.73 -42.99 8.33
CA ILE A 379 -42.02 -43.29 8.92
C ILE A 379 -42.02 -42.94 10.41
N GLY A 380 -41.05 -43.48 11.15
CA GLY A 380 -40.96 -43.17 12.57
C GLY A 380 -40.98 -41.67 12.85
N SER A 381 -40.21 -40.92 12.06
CA SER A 381 -40.12 -39.48 12.20
C SER A 381 -41.40 -38.78 11.80
N HIS A 382 -41.87 -39.00 10.58
CA HIS A 382 -43.10 -38.35 10.16
C HIS A 382 -44.22 -38.51 11.19
N LEU A 383 -44.48 -39.73 11.62
CA LEU A 383 -45.55 -39.94 12.59
C LEU A 383 -45.34 -39.12 13.82
N LEU A 384 -44.18 -39.29 14.43
CA LEU A 384 -43.82 -38.57 15.63
C LEU A 384 -43.87 -37.03 15.45
N ASN A 385 -43.55 -36.53 14.25
CA ASN A 385 -43.56 -35.08 14.03
C ASN A 385 -44.75 -34.48 13.31
N TYR A 386 -45.30 -35.18 12.31
CA TYR A 386 -46.44 -34.68 11.55
C TYR A 386 -47.71 -35.42 11.98
N GLY A 387 -47.54 -36.50 12.75
CA GLY A 387 -48.68 -37.28 13.20
C GLY A 387 -49.27 -38.11 12.07
N ARG A 388 -48.44 -38.37 11.07
CA ARG A 388 -48.86 -39.12 9.91
C ARG A 388 -47.72 -39.18 8.92
N ARG A 389 -47.93 -39.89 7.82
CA ARG A 389 -46.92 -40.03 6.80
C ARG A 389 -47.22 -39.10 5.66
N ILE A 390 -46.18 -38.48 5.13
CA ILE A 390 -46.31 -37.60 3.99
C ILE A 390 -45.59 -38.35 2.86
N SER A 391 -46.36 -38.76 1.86
CA SER A 391 -45.82 -39.51 0.73
C SER A 391 -45.02 -38.61 -0.19
N LEU A 392 -44.07 -39.19 -0.90
CA LEU A 392 -43.29 -38.42 -1.84
C LEU A 392 -44.25 -37.72 -2.80
N GLU A 393 -45.35 -38.39 -3.13
CA GLU A 393 -46.32 -37.80 -4.03
C GLU A 393 -46.84 -36.48 -3.48
N GLU A 394 -46.97 -36.38 -2.16
CA GLU A 394 -47.44 -35.13 -1.57
C GLU A 394 -46.30 -34.11 -1.59
N TRP A 395 -45.16 -34.49 -1.01
CA TRP A 395 -43.98 -33.65 -0.98
C TRP A 395 -43.77 -33.00 -2.35
N ASP A 396 -43.79 -33.81 -3.40
CA ASP A 396 -43.59 -33.32 -4.75
C ASP A 396 -44.64 -32.27 -5.12
N SER A 397 -45.87 -32.49 -4.68
CA SER A 397 -46.93 -31.55 -4.97
C SER A 397 -46.58 -30.19 -4.40
N ARG A 398 -46.18 -30.20 -3.13
CA ARG A 398 -45.80 -28.99 -2.39
C ARG A 398 -44.57 -28.36 -3.01
N ILE A 399 -43.54 -29.19 -3.24
CA ILE A 399 -42.31 -28.71 -3.84
C ILE A 399 -42.54 -28.05 -5.20
N SER A 400 -43.51 -28.55 -5.96
CA SER A 400 -43.79 -28.00 -7.28
C SER A 400 -44.54 -26.70 -7.27
N ALA A 401 -45.17 -26.38 -6.15
CA ALA A 401 -45.94 -25.14 -6.02
C ALA A 401 -45.05 -23.93 -5.68
N VAL A 402 -43.78 -24.20 -5.35
CA VAL A 402 -42.83 -23.16 -5.01
C VAL A 402 -42.31 -22.45 -6.25
N ASP A 403 -42.20 -21.13 -6.17
CA ASP A 403 -41.71 -20.32 -7.28
C ASP A 403 -40.81 -19.22 -6.73
N ALA A 404 -40.16 -18.49 -7.62
CA ALA A 404 -39.28 -17.41 -7.20
C ALA A 404 -39.95 -16.54 -6.15
N ARG A 405 -41.03 -15.91 -6.55
CA ARG A 405 -41.80 -15.02 -5.69
C ARG A 405 -42.01 -15.59 -4.28
N MET A 406 -42.24 -16.91 -4.19
CA MET A 406 -42.48 -17.53 -2.90
C MET A 406 -41.22 -17.68 -2.08
N VAL A 407 -40.12 -18.02 -2.73
CA VAL A 407 -38.87 -18.17 -2.02
C VAL A 407 -38.48 -16.84 -1.41
N ARG A 408 -38.64 -15.78 -2.19
CA ARG A 408 -38.28 -14.46 -1.72
C ARG A 408 -39.11 -14.07 -0.50
N ASP A 409 -40.42 -14.28 -0.56
CA ASP A 409 -41.24 -13.90 0.58
C ASP A 409 -40.91 -14.72 1.83
N VAL A 410 -40.78 -16.03 1.67
CA VAL A 410 -40.49 -16.88 2.83
C VAL A 410 -39.14 -16.50 3.45
N CYS A 411 -38.11 -16.43 2.62
CA CYS A 411 -36.78 -16.07 3.10
C CYS A 411 -36.76 -14.69 3.79
N SER A 412 -37.36 -13.70 3.16
CA SER A 412 -37.41 -12.38 3.75
C SER A 412 -38.03 -12.52 5.12
N LYS A 413 -39.08 -13.34 5.21
CA LYS A 413 -39.81 -13.56 6.44
C LYS A 413 -39.01 -14.19 7.56
N TYR A 414 -37.97 -14.94 7.24
CA TYR A 414 -37.18 -15.58 8.29
C TYR A 414 -35.76 -15.05 8.43
N ILE A 415 -35.25 -14.46 7.35
CA ILE A 415 -33.88 -13.98 7.38
C ILE A 415 -33.67 -12.47 7.43
N TYR A 416 -34.30 -11.76 6.50
CA TYR A 416 -34.12 -10.33 6.42
C TYR A 416 -34.25 -9.54 7.72
N ASP A 417 -33.18 -8.80 8.02
CA ASP A 417 -33.08 -7.98 9.21
C ASP A 417 -33.39 -8.71 10.51
N LYS A 418 -32.82 -9.89 10.69
CA LYS A 418 -33.04 -10.66 11.90
C LYS A 418 -31.74 -10.76 12.66
N CYS A 419 -31.82 -10.89 13.97
CA CYS A 419 -30.59 -11.03 14.72
C CYS A 419 -30.26 -12.52 14.72
N PRO A 420 -29.12 -12.87 14.11
CA PRO A 420 -28.73 -14.28 14.06
C PRO A 420 -27.97 -14.83 15.26
N ALA A 421 -27.76 -16.13 15.24
CA ALA A 421 -27.05 -16.80 16.28
C ALA A 421 -25.75 -17.20 15.61
N LEU A 422 -24.64 -16.90 16.27
CA LEU A 422 -23.35 -17.18 15.71
C LEU A 422 -22.46 -18.00 16.61
N ALA A 423 -21.81 -19.01 16.03
CA ALA A 423 -20.89 -19.84 16.79
C ALA A 423 -19.63 -19.95 15.95
N ALA A 424 -18.50 -19.62 16.55
CA ALA A 424 -17.23 -19.67 15.85
C ALA A 424 -16.23 -20.34 16.74
N VAL A 425 -15.52 -21.31 16.16
CA VAL A 425 -14.51 -22.06 16.87
C VAL A 425 -13.24 -22.14 16.03
N GLY A 426 -12.09 -22.04 16.70
CA GLY A 426 -10.81 -22.08 16.03
C GLY A 426 -10.12 -20.73 15.94
N PRO A 427 -9.22 -20.58 14.96
CA PRO A 427 -8.44 -19.35 14.68
C PRO A 427 -9.36 -18.37 13.99
N ILE A 428 -10.27 -17.80 14.75
CA ILE A 428 -11.28 -16.90 14.23
C ILE A 428 -11.05 -15.38 14.30
N GLU A 429 -9.82 -14.95 14.58
CA GLU A 429 -9.55 -13.52 14.67
C GLU A 429 -10.01 -12.67 13.49
N GLN A 430 -9.96 -13.22 12.27
CA GLN A 430 -10.35 -12.43 11.10
C GLN A 430 -11.85 -12.28 10.90
N LEU A 431 -12.64 -13.12 11.57
CA LEU A 431 -14.11 -13.03 11.46
C LEU A 431 -14.39 -12.07 12.55
N LEU A 432 -15.25 -11.08 12.38
CA LEU A 432 -15.45 -10.28 13.56
C LEU A 432 -16.59 -9.31 13.64
N ASP A 433 -16.95 -9.06 14.90
CA ASP A 433 -17.99 -8.15 15.29
C ASP A 433 -19.39 -8.57 14.87
N TYR A 434 -20.18 -8.89 15.89
CA TYR A 434 -21.55 -9.28 15.73
C TYR A 434 -22.23 -8.19 14.95
N ASN A 435 -21.96 -6.93 15.34
CA ASN A 435 -22.55 -5.78 14.67
C ASN A 435 -22.37 -5.83 13.18
N ARG A 436 -21.13 -6.04 12.76
CA ARG A 436 -20.85 -6.09 11.34
C ARG A 436 -21.66 -7.20 10.68
N ILE A 437 -21.72 -8.36 11.34
CA ILE A 437 -22.49 -9.48 10.83
C ILE A 437 -23.98 -9.12 10.76
N ARG A 438 -24.49 -8.49 11.82
CA ARG A 438 -25.89 -8.11 11.88
C ARG A 438 -26.27 -7.20 10.71
N SER A 439 -25.30 -6.42 10.26
CA SER A 439 -25.57 -5.53 9.13
C SER A 439 -25.60 -6.31 7.83
N GLY A 440 -25.00 -7.49 7.84
CA GLY A 440 -25.01 -8.32 6.65
C GLY A 440 -26.37 -8.96 6.50
N MET A 441 -27.25 -8.66 7.44
CA MET A 441 -28.58 -9.21 7.42
C MET A 441 -29.60 -8.32 6.72
N TYR A 442 -29.13 -7.32 5.98
CA TYR A 442 -30.07 -6.49 5.24
C TYR A 442 -29.44 -5.71 4.10
N TRP A 443 -30.28 -5.38 3.13
CA TRP A 443 -29.91 -4.69 1.89
C TRP A 443 -29.08 -5.66 1.06
N ILE A 444 -29.75 -6.30 0.10
CA ILE A 444 -29.17 -7.27 -0.83
C ILE A 444 -27.67 -7.09 -1.08
N GLY B 22 -46.31 -53.85 -10.94
CA GLY B 22 -44.87 -53.73 -11.30
C GLY B 22 -43.94 -54.47 -10.35
N ALA B 23 -43.25 -55.48 -10.89
CA ALA B 23 -42.31 -56.28 -10.11
C ALA B 23 -42.02 -57.55 -10.91
N GLU B 24 -40.93 -57.53 -11.68
CA GLU B 24 -40.58 -58.68 -12.51
C GLU B 24 -39.38 -58.47 -13.45
N ASP B 25 -38.66 -59.57 -13.68
CA ASP B 25 -37.50 -59.65 -14.58
C ASP B 25 -36.16 -59.00 -14.23
N LEU B 26 -35.32 -58.92 -15.25
CA LEU B 26 -33.99 -58.34 -15.23
C LEU B 26 -33.33 -58.82 -16.53
N GLU B 27 -33.72 -58.23 -17.65
CA GLU B 27 -33.17 -58.60 -18.95
C GLU B 27 -31.68 -58.28 -19.05
N ILE B 28 -31.02 -58.79 -20.07
CA ILE B 28 -29.59 -58.56 -20.21
C ILE B 28 -29.04 -59.00 -21.57
N THR B 29 -29.08 -58.10 -22.55
CA THR B 29 -28.58 -58.37 -23.91
C THR B 29 -27.04 -58.38 -23.94
N LYS B 30 -26.48 -58.68 -25.10
CA LYS B 30 -25.02 -58.69 -25.24
C LYS B 30 -24.58 -58.38 -26.66
N LEU B 31 -24.90 -57.16 -27.10
CA LEU B 31 -24.56 -56.65 -28.42
C LEU B 31 -23.42 -57.32 -29.18
N PRO B 32 -23.38 -57.10 -30.52
CA PRO B 32 -22.36 -57.66 -31.42
C PRO B 32 -20.91 -57.56 -30.93
N ASN B 33 -20.46 -56.35 -30.60
CA ASN B 33 -19.09 -56.09 -30.16
C ASN B 33 -18.66 -56.61 -28.78
N GLY B 34 -19.57 -57.25 -28.05
CA GLY B 34 -19.23 -57.77 -26.74
C GLY B 34 -19.65 -56.85 -25.60
N LEU B 35 -20.36 -55.77 -25.94
CA LEU B 35 -20.85 -54.80 -24.98
C LEU B 35 -22.11 -55.30 -24.27
N ILE B 36 -21.98 -55.65 -23.00
CA ILE B 36 -23.10 -56.16 -22.23
C ILE B 36 -24.02 -55.09 -21.65
N ILE B 37 -25.32 -55.31 -21.78
CA ILE B 37 -26.34 -54.38 -21.30
C ILE B 37 -27.28 -55.05 -20.30
N ALA B 38 -27.18 -54.66 -19.02
CA ALA B 38 -28.05 -55.20 -17.97
C ALA B 38 -29.16 -54.20 -17.74
N SER B 39 -30.29 -54.64 -17.19
CA SER B 39 -31.40 -53.73 -16.97
C SER B 39 -32.49 -54.28 -16.06
N LEU B 40 -33.02 -53.41 -15.20
CA LEU B 40 -34.08 -53.81 -14.30
C LEU B 40 -34.98 -52.62 -13.99
N GLU B 41 -36.27 -52.78 -14.23
CA GLU B 41 -37.24 -51.74 -13.98
C GLU B 41 -37.92 -51.99 -12.64
N ASN B 42 -37.59 -51.20 -11.62
CA ASN B 42 -38.22 -51.37 -10.32
C ASN B 42 -39.19 -50.24 -10.07
N PHE B 43 -39.54 -49.54 -11.14
CA PHE B 43 -40.48 -48.42 -11.07
C PHE B 43 -40.18 -47.38 -9.99
N SER B 44 -38.91 -47.27 -9.61
CA SER B 44 -38.53 -46.29 -8.61
C SER B 44 -38.68 -44.91 -9.23
N PRO B 45 -39.00 -43.90 -8.40
CA PRO B 45 -39.17 -42.54 -8.94
C PRO B 45 -37.85 -42.01 -9.51
N ALA B 46 -36.75 -42.69 -9.18
CA ALA B 46 -35.44 -42.29 -9.66
C ALA B 46 -34.71 -43.41 -10.38
N SER B 47 -33.90 -43.02 -11.35
CA SER B 47 -33.13 -43.96 -12.13
C SER B 47 -31.66 -43.85 -11.72
N ARG B 48 -30.85 -44.80 -12.18
CA ARG B 48 -29.43 -44.81 -11.90
C ARG B 48 -28.75 -45.68 -12.95
N ILE B 49 -28.21 -45.05 -13.98
CA ILE B 49 -27.52 -45.74 -15.06
C ILE B 49 -26.02 -45.73 -14.83
N GLY B 50 -25.33 -46.79 -15.25
CA GLY B 50 -23.89 -46.83 -15.03
C GLY B 50 -23.06 -47.62 -16.04
N VAL B 51 -21.84 -47.16 -16.28
CA VAL B 51 -20.94 -47.82 -17.21
C VAL B 51 -19.83 -48.50 -16.42
N PHE B 52 -19.90 -49.81 -16.30
CA PHE B 52 -18.87 -50.57 -15.59
C PHE B 52 -17.76 -50.91 -16.58
N ILE B 53 -16.52 -50.85 -16.13
CA ILE B 53 -15.41 -51.10 -17.02
C ILE B 53 -14.28 -51.85 -16.33
N LYS B 54 -13.60 -52.71 -17.09
CA LYS B 54 -12.48 -53.44 -16.54
C LYS B 54 -11.29 -52.53 -16.78
N ALA B 55 -10.91 -51.77 -15.76
CA ALA B 55 -9.79 -50.84 -15.85
C ALA B 55 -9.40 -50.36 -14.45
N GLY B 56 -8.15 -49.96 -14.28
CA GLY B 56 -7.73 -49.50 -12.98
C GLY B 56 -6.23 -49.51 -12.84
N SER B 57 -5.74 -49.07 -11.69
CA SER B 57 -4.31 -49.02 -11.44
C SER B 57 -3.62 -50.37 -11.72
N ARG B 58 -4.43 -51.40 -11.97
CA ARG B 58 -3.91 -52.74 -12.25
C ARG B 58 -3.20 -52.80 -13.60
N TYR B 59 -3.71 -52.06 -14.57
CA TYR B 59 -3.15 -52.03 -15.92
C TYR B 59 -2.09 -50.95 -16.07
N GLU B 60 -1.70 -50.34 -14.97
CA GLU B 60 -0.69 -49.30 -15.01
C GLU B 60 0.69 -49.93 -15.00
N THR B 61 1.63 -49.24 -15.60
CA THR B 61 3.01 -49.68 -15.65
C THR B 61 3.81 -48.62 -14.95
N THR B 62 5.01 -48.98 -14.51
CA THR B 62 5.88 -48.02 -13.84
C THR B 62 5.91 -46.71 -14.62
N ALA B 63 5.66 -46.82 -15.93
CA ALA B 63 5.68 -45.67 -16.81
C ALA B 63 4.48 -44.73 -16.76
N ASN B 64 3.29 -45.26 -16.45
CA ASN B 64 2.11 -44.39 -16.41
C ASN B 64 1.33 -44.41 -15.10
N LEU B 65 2.01 -44.77 -14.02
CA LEU B 65 1.40 -44.83 -12.69
C LEU B 65 0.54 -43.60 -12.37
N GLY B 66 -0.59 -43.84 -11.72
CA GLY B 66 -1.45 -42.75 -11.34
C GLY B 66 -2.43 -42.26 -12.39
N THR B 67 -2.17 -42.62 -13.65
CA THR B 67 -3.04 -42.20 -14.74
C THR B 67 -4.50 -42.61 -14.53
N ALA B 68 -4.71 -43.76 -13.89
CA ALA B 68 -6.07 -44.23 -13.62
C ALA B 68 -6.72 -43.29 -12.62
N HIS B 69 -5.96 -42.94 -11.59
CA HIS B 69 -6.44 -42.02 -10.56
C HIS B 69 -6.81 -40.68 -11.19
N LEU B 70 -5.90 -40.10 -11.95
CA LEU B 70 -6.17 -38.82 -12.59
C LEU B 70 -7.39 -38.90 -13.51
N LEU B 71 -7.57 -40.05 -14.15
CA LEU B 71 -8.69 -40.24 -15.06
C LEU B 71 -9.98 -40.16 -14.25
N ARG B 72 -9.92 -40.71 -13.05
CA ARG B 72 -11.06 -40.73 -12.14
C ARG B 72 -11.49 -39.28 -11.83
N LEU B 73 -10.52 -38.42 -11.55
CA LEU B 73 -10.80 -37.03 -11.23
C LEU B 73 -11.09 -36.21 -12.47
N ALA B 74 -10.80 -36.79 -13.63
CA ALA B 74 -11.01 -36.08 -14.89
C ALA B 74 -12.42 -36.18 -15.49
N SER B 75 -13.32 -36.91 -14.85
CA SER B 75 -14.67 -37.05 -15.38
C SER B 75 -15.36 -35.76 -15.80
N PRO B 76 -15.11 -34.65 -15.08
CA PRO B 76 -15.77 -33.39 -15.45
C PRO B 76 -15.12 -32.52 -16.53
N LEU B 77 -13.99 -32.98 -17.08
CA LEU B 77 -13.29 -32.22 -18.14
C LEU B 77 -14.03 -32.24 -19.47
N THR B 78 -13.81 -31.22 -20.30
CA THR B 78 -14.53 -31.14 -21.58
C THR B 78 -14.38 -32.40 -22.43
N THR B 79 -15.46 -32.70 -23.15
CA THR B 79 -15.55 -33.84 -24.03
C THR B 79 -15.86 -33.34 -25.43
N LYS B 80 -15.86 -34.24 -26.40
CA LYS B 80 -16.15 -33.86 -27.78
C LYS B 80 -17.59 -33.38 -27.99
N GLY B 81 -18.53 -33.91 -27.21
CA GLY B 81 -19.91 -33.51 -27.36
C GLY B 81 -20.39 -32.45 -26.36
N ALA B 82 -19.81 -32.43 -25.18
CA ALA B 82 -20.19 -31.47 -24.16
C ALA B 82 -18.97 -30.84 -23.54
N SER B 83 -19.12 -29.59 -23.08
CA SER B 83 -18.03 -28.86 -22.45
C SER B 83 -18.06 -29.04 -20.94
N SER B 84 -16.91 -28.83 -20.33
CA SER B 84 -16.73 -28.94 -18.87
C SER B 84 -17.85 -28.17 -18.17
N PHE B 85 -18.15 -27.00 -18.72
CA PHE B 85 -19.21 -26.15 -18.20
C PHE B 85 -20.59 -26.79 -18.33
N ARG B 86 -20.92 -27.29 -19.52
CA ARG B 86 -22.24 -27.89 -19.75
C ARG B 86 -22.40 -29.20 -19.00
N ILE B 87 -21.34 -29.97 -18.91
CA ILE B 87 -21.43 -31.23 -18.19
C ILE B 87 -21.95 -30.97 -16.77
N THR B 88 -21.33 -30.05 -16.06
CA THR B 88 -21.77 -29.76 -14.69
C THR B 88 -23.10 -29.00 -14.62
N ARG B 89 -23.20 -27.88 -15.31
CA ARG B 89 -24.45 -27.14 -15.27
C ARG B 89 -25.58 -28.01 -15.78
N GLY B 90 -25.32 -28.74 -16.87
CA GLY B 90 -26.33 -29.60 -17.46
C GLY B 90 -26.89 -30.64 -16.49
N ILE B 91 -26.01 -31.42 -15.88
CA ILE B 91 -26.45 -32.43 -14.93
C ILE B 91 -27.21 -31.80 -13.75
N GLU B 92 -26.63 -30.73 -13.18
CA GLU B 92 -27.22 -30.03 -12.04
C GLU B 92 -28.55 -29.39 -12.30
N ALA B 93 -28.81 -29.04 -13.56
CA ALA B 93 -30.07 -28.41 -13.95
C ALA B 93 -31.26 -29.30 -13.66
N VAL B 94 -31.04 -30.61 -13.69
CA VAL B 94 -32.11 -31.58 -13.47
C VAL B 94 -31.91 -32.36 -12.18
N GLY B 95 -31.25 -31.72 -11.22
CA GLY B 95 -31.00 -32.35 -9.93
C GLY B 95 -30.31 -33.69 -10.03
N GLY B 96 -29.50 -33.87 -11.06
CA GLY B 96 -28.82 -35.14 -11.22
C GLY B 96 -27.46 -35.17 -10.53
N SER B 97 -26.74 -36.28 -10.68
CA SER B 97 -25.42 -36.42 -10.10
C SER B 97 -24.58 -37.27 -11.03
N LEU B 98 -23.26 -37.12 -10.94
CA LEU B 98 -22.35 -37.88 -11.77
C LEU B 98 -21.13 -38.21 -10.94
N SER B 99 -20.77 -39.48 -10.87
CA SER B 99 -19.62 -39.90 -10.06
C SER B 99 -18.86 -41.09 -10.64
N VAL B 100 -17.63 -41.28 -10.19
CA VAL B 100 -16.81 -42.36 -10.67
C VAL B 100 -16.24 -43.13 -9.49
N TYR B 101 -16.65 -44.38 -9.30
CA TYR B 101 -16.12 -45.19 -8.21
C TYR B 101 -15.18 -46.19 -8.87
N SER B 102 -14.13 -46.59 -8.18
CA SER B 102 -13.21 -47.53 -8.80
C SER B 102 -12.35 -48.31 -7.82
N THR B 103 -11.94 -49.51 -8.26
CA THR B 103 -11.10 -50.40 -7.48
C THR B 103 -9.82 -50.53 -8.28
N ARG B 104 -8.94 -51.45 -7.88
CA ARG B 104 -7.71 -51.61 -8.63
C ARG B 104 -7.96 -52.21 -10.01
N GLU B 105 -9.17 -52.72 -10.24
CA GLU B 105 -9.45 -53.34 -11.53
C GLU B 105 -10.80 -53.11 -12.16
N LYS B 106 -11.60 -52.21 -11.61
CA LYS B 106 -12.90 -51.92 -12.20
C LYS B 106 -13.22 -50.45 -11.96
N MET B 107 -13.77 -49.80 -12.98
CA MET B 107 -14.13 -48.39 -12.86
C MET B 107 -15.57 -48.23 -13.23
N THR B 108 -16.35 -47.60 -12.36
CA THR B 108 -17.76 -47.41 -12.67
C THR B 108 -18.08 -45.92 -12.79
N TYR B 109 -18.70 -45.56 -13.90
CA TYR B 109 -19.12 -44.19 -14.13
C TYR B 109 -20.62 -44.21 -14.08
N CYS B 110 -21.24 -43.62 -13.06
CA CYS B 110 -22.69 -43.64 -13.02
C CYS B 110 -23.32 -42.29 -12.75
N VAL B 111 -24.59 -42.18 -13.11
CA VAL B 111 -25.34 -40.95 -12.94
C VAL B 111 -26.69 -41.31 -12.38
N GLU B 112 -27.24 -40.42 -11.56
CA GLU B 112 -28.56 -40.63 -10.97
C GLU B 112 -29.42 -39.43 -11.30
N CYS B 113 -30.73 -39.60 -11.22
CA CYS B 113 -31.68 -38.54 -11.50
C CYS B 113 -33.08 -39.11 -11.51
N LEU B 114 -34.05 -38.21 -11.57
CA LEU B 114 -35.44 -38.62 -11.62
C LEU B 114 -35.69 -39.24 -12.99
N ARG B 115 -36.61 -40.20 -13.05
CA ARG B 115 -36.94 -40.91 -14.28
C ARG B 115 -37.08 -40.03 -15.52
N ASP B 116 -37.71 -38.87 -15.35
CA ASP B 116 -37.93 -37.97 -16.48
C ASP B 116 -36.71 -37.28 -17.07
N HIS B 117 -35.55 -37.47 -16.47
CA HIS B 117 -34.36 -36.80 -16.99
C HIS B 117 -33.28 -37.73 -17.48
N VAL B 118 -33.52 -39.03 -17.40
CA VAL B 118 -32.54 -40.01 -17.84
C VAL B 118 -31.91 -39.65 -19.20
N ASP B 119 -32.76 -39.37 -20.18
CA ASP B 119 -32.27 -39.03 -21.51
C ASP B 119 -31.29 -37.86 -21.51
N THR B 120 -31.53 -36.89 -20.63
CA THR B 120 -30.67 -35.71 -20.52
C THR B 120 -29.33 -36.04 -19.87
N VAL B 121 -29.40 -36.69 -18.72
CA VAL B 121 -28.23 -37.08 -17.96
C VAL B 121 -27.38 -38.09 -18.72
N MET B 122 -28.03 -38.86 -19.59
CA MET B 122 -27.36 -39.89 -20.35
C MET B 122 -26.30 -39.34 -21.31
N GLU B 123 -26.63 -38.22 -21.93
CA GLU B 123 -25.72 -37.59 -22.88
C GLU B 123 -24.36 -37.37 -22.27
N TYR B 124 -24.33 -36.85 -21.05
CA TYR B 124 -23.05 -36.56 -20.41
C TYR B 124 -22.33 -37.85 -20.00
N LEU B 125 -23.08 -38.83 -19.52
CA LEU B 125 -22.45 -40.10 -19.14
C LEU B 125 -21.78 -40.69 -20.37
N LEU B 126 -22.52 -40.67 -21.47
CA LEU B 126 -22.05 -41.20 -22.74
C LEU B 126 -20.77 -40.47 -23.15
N ASN B 127 -20.86 -39.14 -23.19
CA ASN B 127 -19.74 -38.28 -23.57
C ASN B 127 -18.48 -38.47 -22.70
N VAL B 128 -18.65 -38.43 -21.38
CA VAL B 128 -17.51 -38.59 -20.49
C VAL B 128 -16.68 -39.86 -20.70
N THR B 129 -17.36 -41.00 -20.77
CA THR B 129 -16.71 -42.31 -20.93
C THR B 129 -16.23 -42.68 -22.34
N THR B 130 -16.84 -42.12 -23.37
CA THR B 130 -16.45 -42.47 -24.73
C THR B 130 -15.86 -41.35 -25.58
N ALA B 131 -15.96 -40.10 -25.15
CA ALA B 131 -15.44 -38.99 -25.94
C ALA B 131 -14.62 -37.91 -25.23
N PRO B 132 -13.80 -38.29 -24.23
CA PRO B 132 -13.01 -37.25 -23.55
C PRO B 132 -12.00 -36.59 -24.49
N GLU B 133 -11.67 -35.33 -24.21
CA GLU B 133 -10.71 -34.59 -25.02
C GLU B 133 -9.38 -34.41 -24.29
N PHE B 134 -9.40 -34.51 -22.96
CA PHE B 134 -8.20 -34.35 -22.15
C PHE B 134 -7.32 -33.22 -22.66
N ARG B 135 -7.92 -32.06 -22.86
CA ARG B 135 -7.20 -30.88 -23.31
C ARG B 135 -6.08 -30.66 -22.33
N PRO B 136 -4.85 -30.44 -22.83
CA PRO B 136 -3.64 -30.21 -22.03
C PRO B 136 -3.82 -29.23 -20.87
N TRP B 137 -4.33 -28.04 -21.15
CA TRP B 137 -4.51 -27.08 -20.09
C TRP B 137 -5.45 -27.60 -19.00
N GLU B 138 -6.66 -28.03 -19.37
CA GLU B 138 -7.60 -28.56 -18.37
C GLU B 138 -6.90 -29.62 -17.53
N VAL B 139 -6.16 -30.49 -18.20
CA VAL B 139 -5.45 -31.57 -17.53
C VAL B 139 -4.35 -31.04 -16.64
N THR B 140 -3.69 -29.96 -17.05
CA THR B 140 -2.63 -29.41 -16.24
C THR B 140 -3.18 -28.77 -14.97
N ASP B 141 -4.30 -28.06 -15.08
CA ASP B 141 -4.90 -27.43 -13.92
C ASP B 141 -5.51 -28.43 -12.95
N LEU B 142 -5.89 -29.59 -13.46
CA LEU B 142 -6.50 -30.63 -12.65
C LEU B 142 -5.53 -31.40 -11.77
N GLN B 143 -4.36 -31.70 -12.30
CA GLN B 143 -3.39 -32.49 -11.55
C GLN B 143 -3.09 -32.14 -10.10
N PRO B 144 -3.02 -30.84 -9.77
CA PRO B 144 -2.73 -30.58 -8.35
C PRO B 144 -3.85 -31.13 -7.45
N GLN B 145 -4.98 -31.47 -8.07
CA GLN B 145 -6.10 -32.02 -7.32
C GLN B 145 -5.77 -33.42 -6.79
N LEU B 146 -4.86 -34.11 -7.45
CA LEU B 146 -4.48 -35.43 -7.01
C LEU B 146 -3.91 -35.34 -5.62
N LYS B 147 -3.20 -34.25 -5.36
CA LYS B 147 -2.55 -34.01 -4.07
C LYS B 147 -3.60 -33.84 -2.98
N VAL B 148 -4.66 -33.10 -3.29
CA VAL B 148 -5.77 -32.84 -2.39
C VAL B 148 -6.55 -34.11 -2.12
N ASP B 149 -7.14 -34.63 -3.19
CA ASP B 149 -7.95 -35.85 -3.17
C ASP B 149 -7.29 -36.96 -2.33
N LYS B 150 -6.01 -37.16 -2.59
CA LYS B 150 -5.23 -38.16 -1.90
C LYS B 150 -5.01 -37.77 -0.43
N ALA B 151 -4.93 -36.48 -0.15
CA ALA B 151 -4.73 -36.02 1.22
C ALA B 151 -5.93 -36.34 2.12
N VAL B 152 -7.15 -36.15 1.63
CA VAL B 152 -8.30 -36.45 2.47
C VAL B 152 -8.49 -37.96 2.65
N ALA B 153 -8.26 -38.72 1.59
CA ALA B 153 -8.40 -40.18 1.66
C ALA B 153 -7.48 -40.74 2.74
N PHE B 154 -6.23 -40.30 2.73
CA PHE B 154 -5.25 -40.79 3.69
C PHE B 154 -5.47 -40.34 5.13
N GLN B 155 -6.60 -39.67 5.37
CA GLN B 155 -6.87 -39.24 6.73
C GLN B 155 -7.27 -40.48 7.53
N SER B 156 -7.63 -41.52 6.81
CA SER B 156 -8.03 -42.77 7.42
C SER B 156 -6.79 -43.67 7.39
N PRO B 157 -6.20 -43.97 8.55
CA PRO B 157 -5.01 -44.82 8.53
C PRO B 157 -5.35 -46.08 7.75
N GLN B 158 -6.61 -46.49 7.92
CA GLN B 158 -7.20 -47.63 7.26
C GLN B 158 -6.68 -47.69 5.79
N VAL B 159 -6.69 -46.57 5.08
CA VAL B 159 -6.25 -46.54 3.67
C VAL B 159 -4.74 -46.70 3.41
N GLY B 160 -3.92 -46.12 4.27
CA GLY B 160 -2.48 -46.23 4.09
C GLY B 160 -1.97 -47.66 4.11
N VAL B 161 -2.42 -48.45 5.08
CA VAL B 161 -1.95 -49.82 5.18
C VAL B 161 -2.44 -50.70 4.03
N LEU B 162 -3.65 -50.46 3.54
CA LEU B 162 -4.13 -51.27 2.43
C LEU B 162 -3.27 -51.03 1.19
N GLU B 163 -2.86 -49.78 0.98
CA GLU B 163 -2.00 -49.47 -0.16
C GLU B 163 -0.74 -50.30 0.00
N ASN B 164 -0.09 -50.17 1.15
CA ASN B 164 1.13 -50.92 1.41
C ASN B 164 0.92 -52.42 1.43
N LEU B 165 -0.27 -52.86 1.81
CA LEU B 165 -0.55 -54.28 1.85
C LEU B 165 -0.40 -54.79 0.45
N HIS B 166 -1.21 -54.27 -0.46
CA HIS B 166 -1.14 -54.70 -1.86
C HIS B 166 0.28 -54.59 -2.44
N ALA B 167 1.09 -53.66 -1.92
CA ALA B 167 2.44 -53.52 -2.42
C ALA B 167 3.36 -54.56 -1.79
N ALA B 168 2.95 -55.16 -0.69
CA ALA B 168 3.77 -56.17 -0.05
C ALA B 168 3.28 -57.55 -0.47
N ALA B 169 2.00 -57.65 -0.78
CA ALA B 169 1.43 -58.92 -1.18
C ALA B 169 1.75 -59.23 -2.62
N TYR B 170 2.05 -58.22 -3.42
CA TYR B 170 2.34 -58.48 -4.82
C TYR B 170 3.63 -57.87 -5.36
N LYS B 171 3.98 -58.29 -6.58
CA LYS B 171 5.17 -57.81 -7.27
C LYS B 171 4.72 -56.94 -8.44
N THR B 172 3.46 -57.11 -8.84
CA THR B 172 2.90 -56.35 -9.97
C THR B 172 1.39 -56.17 -9.95
N ALA B 173 0.88 -55.62 -11.05
CA ALA B 173 -0.55 -55.38 -11.25
C ALA B 173 -1.30 -54.86 -10.03
N LEU B 174 -1.69 -55.78 -9.16
CA LEU B 174 -2.42 -55.42 -7.95
C LEU B 174 -1.54 -54.65 -6.99
N ALA B 175 -0.23 -54.86 -7.06
CA ALA B 175 0.70 -54.15 -6.17
C ALA B 175 0.60 -52.65 -6.41
N ASN B 176 0.08 -52.28 -7.58
CA ASN B 176 -0.08 -50.88 -7.93
C ASN B 176 -1.09 -50.18 -7.05
N PRO B 177 -0.69 -49.03 -6.47
CA PRO B 177 -1.49 -48.18 -5.58
C PRO B 177 -2.74 -47.63 -6.26
N LEU B 178 -3.77 -47.39 -5.45
CA LEU B 178 -5.04 -46.89 -5.96
C LEU B 178 -5.04 -45.37 -6.05
N TYR B 179 -4.03 -44.73 -5.45
CA TYR B 179 -3.91 -43.29 -5.49
C TYR B 179 -2.58 -42.89 -6.08
N CYS B 180 -2.65 -42.03 -7.08
CA CYS B 180 -1.46 -41.57 -7.77
C CYS B 180 -0.30 -41.30 -6.81
N PRO B 181 0.84 -41.96 -7.02
CA PRO B 181 1.99 -41.71 -6.13
C PRO B 181 2.42 -40.26 -6.25
N ASP B 182 3.02 -39.75 -5.19
CA ASP B 182 3.46 -38.36 -5.15
C ASP B 182 4.32 -37.89 -6.32
N TYR B 183 5.48 -38.52 -6.48
CA TYR B 183 6.43 -38.16 -7.54
C TYR B 183 5.77 -38.00 -8.91
N ARG B 184 4.62 -38.64 -9.13
CA ARG B 184 3.98 -38.50 -10.42
C ARG B 184 2.92 -37.42 -10.56
N ILE B 185 2.57 -36.76 -9.46
CA ILE B 185 1.58 -35.69 -9.53
C ILE B 185 2.13 -34.61 -10.45
N GLY B 186 1.35 -34.23 -11.45
CA GLY B 186 1.78 -33.21 -12.37
C GLY B 186 2.55 -33.75 -13.57
N LYS B 187 2.94 -35.02 -13.54
CA LYS B 187 3.69 -35.61 -14.65
C LYS B 187 2.88 -36.48 -15.61
N ILE B 188 1.62 -36.73 -15.26
CA ILE B 188 0.76 -37.52 -16.12
C ILE B 188 0.51 -36.65 -17.35
N THR B 189 0.25 -37.28 -18.50
CA THR B 189 0.02 -36.51 -19.73
C THR B 189 -1.30 -36.80 -20.39
N SER B 190 -1.73 -35.89 -21.28
CA SER B 190 -2.96 -36.08 -22.01
C SER B 190 -2.82 -37.34 -22.86
N GLU B 191 -1.58 -37.64 -23.24
CA GLU B 191 -1.29 -38.82 -24.03
C GLU B 191 -1.74 -40.02 -23.21
N GLN B 192 -1.03 -40.22 -22.10
CA GLN B 192 -1.30 -41.33 -21.20
C GLN B 192 -2.78 -41.51 -20.88
N LEU B 193 -3.50 -40.41 -20.71
CA LEU B 193 -4.92 -40.52 -20.41
C LEU B 193 -5.62 -41.07 -21.65
N HIS B 194 -5.35 -40.48 -22.80
CA HIS B 194 -5.95 -40.96 -24.04
C HIS B 194 -5.60 -42.42 -24.26
N HIS B 195 -4.31 -42.73 -24.22
CA HIS B 195 -3.85 -44.09 -24.41
C HIS B 195 -4.47 -45.05 -23.40
N PHE B 196 -4.58 -44.62 -22.15
CA PHE B 196 -5.15 -45.50 -21.15
C PHE B 196 -6.60 -45.78 -21.50
N VAL B 197 -7.31 -44.75 -21.95
CA VAL B 197 -8.72 -44.91 -22.30
C VAL B 197 -8.91 -45.74 -23.58
N GLN B 198 -8.09 -45.48 -24.59
CA GLN B 198 -8.19 -46.17 -25.86
C GLN B 198 -7.88 -47.67 -25.72
N ASN B 199 -7.01 -48.02 -24.78
CA ASN B 199 -6.61 -49.41 -24.59
C ASN B 199 -7.38 -50.16 -23.51
N ASN B 200 -8.34 -49.52 -22.85
CA ASN B 200 -9.07 -50.20 -21.78
C ASN B 200 -10.57 -50.03 -21.83
N PHE B 201 -11.03 -48.87 -22.26
CA PHE B 201 -12.46 -48.62 -22.33
C PHE B 201 -12.96 -49.13 -23.68
N THR B 202 -12.95 -50.45 -23.84
CA THR B 202 -13.37 -51.10 -25.07
C THR B 202 -14.64 -51.93 -24.83
N SER B 203 -15.56 -51.88 -25.78
CA SER B 203 -16.85 -52.58 -25.70
C SER B 203 -16.82 -53.98 -25.10
N ALA B 204 -15.72 -54.69 -25.23
CA ALA B 204 -15.63 -56.04 -24.69
C ALA B 204 -15.24 -56.02 -23.21
N ARG B 205 -14.95 -54.84 -22.70
CA ARG B 205 -14.55 -54.69 -21.31
C ARG B 205 -15.55 -53.83 -20.56
N MET B 206 -16.56 -53.34 -21.28
CA MET B 206 -17.59 -52.47 -20.71
C MET B 206 -19.00 -53.06 -20.66
N ALA B 207 -19.75 -52.64 -19.65
CA ALA B 207 -21.13 -53.08 -19.45
C ALA B 207 -21.97 -51.84 -19.14
N LEU B 208 -23.11 -51.71 -19.80
CA LEU B 208 -23.99 -50.57 -19.57
C LEU B 208 -25.18 -50.99 -18.73
N VAL B 209 -25.01 -51.04 -17.41
CA VAL B 209 -26.08 -51.45 -16.50
C VAL B 209 -27.04 -50.29 -16.30
N GLY B 210 -28.21 -50.54 -15.72
CA GLY B 210 -29.14 -49.45 -15.52
C GLY B 210 -30.45 -49.73 -14.80
N ILE B 211 -30.51 -49.41 -13.51
CA ILE B 211 -31.71 -49.59 -12.72
C ILE B 211 -32.69 -48.47 -13.00
N GLY B 212 -33.98 -48.75 -12.85
CA GLY B 212 -35.00 -47.73 -13.10
C GLY B 212 -35.30 -47.40 -14.55
N VAL B 213 -35.01 -48.33 -15.45
CA VAL B 213 -35.26 -48.10 -16.87
C VAL B 213 -35.69 -49.37 -17.62
N LYS B 214 -36.32 -49.18 -18.77
CA LYS B 214 -36.79 -50.29 -19.61
C LYS B 214 -35.62 -50.76 -20.50
N HIS B 215 -35.40 -52.08 -20.53
CA HIS B 215 -34.30 -52.64 -21.31
C HIS B 215 -34.16 -52.19 -22.77
N SER B 216 -35.29 -52.03 -23.47
CA SER B 216 -35.25 -51.60 -24.86
C SER B 216 -34.58 -50.24 -24.99
N ASP B 217 -34.95 -49.32 -24.10
CA ASP B 217 -34.42 -47.96 -24.08
C ASP B 217 -32.91 -47.95 -23.82
N LEU B 218 -32.50 -48.63 -22.75
CA LEU B 218 -31.09 -48.69 -22.39
C LEU B 218 -30.27 -49.33 -23.51
N LYS B 219 -30.90 -50.23 -24.25
CA LYS B 219 -30.23 -50.92 -25.35
C LYS B 219 -30.10 -50.03 -26.59
N GLN B 220 -31.18 -49.34 -26.96
CA GLN B 220 -31.15 -48.45 -28.11
C GLN B 220 -30.08 -47.39 -27.94
N VAL B 221 -29.80 -47.07 -26.68
CA VAL B 221 -28.79 -46.08 -26.35
C VAL B 221 -27.43 -46.70 -26.64
N ALA B 222 -27.12 -47.79 -25.94
CA ALA B 222 -25.85 -48.50 -26.09
C ALA B 222 -25.45 -48.69 -27.54
N GLU B 223 -26.44 -48.83 -28.42
CA GLU B 223 -26.22 -49.03 -29.84
C GLU B 223 -25.79 -47.78 -30.59
N GLN B 224 -26.77 -47.02 -31.05
CA GLN B 224 -26.50 -45.81 -31.82
C GLN B 224 -25.48 -44.82 -31.25
N PHE B 225 -25.10 -44.97 -29.99
CA PHE B 225 -24.15 -44.01 -29.43
C PHE B 225 -22.82 -44.49 -28.91
N LEU B 226 -22.77 -45.64 -28.26
CA LEU B 226 -21.47 -46.10 -27.77
C LEU B 226 -20.55 -46.43 -28.95
N ASN B 227 -19.71 -45.45 -29.31
CA ASN B 227 -18.78 -45.57 -30.43
C ASN B 227 -17.57 -46.47 -30.19
N ILE B 228 -16.58 -46.02 -29.40
CA ILE B 228 -15.37 -46.81 -29.13
C ILE B 228 -15.75 -48.30 -29.06
N ARG B 229 -15.76 -48.91 -30.24
CA ARG B 229 -16.15 -50.31 -30.40
C ARG B 229 -15.21 -51.35 -29.85
N SER B 230 -15.49 -52.58 -30.27
CA SER B 230 -14.77 -53.80 -29.91
C SER B 230 -13.30 -53.68 -29.54
N GLY B 231 -12.81 -54.74 -28.90
CA GLY B 231 -11.43 -54.78 -28.48
C GLY B 231 -11.36 -55.34 -27.08
N ALA B 232 -10.14 -55.55 -26.61
CA ALA B 232 -9.88 -56.05 -25.28
C ALA B 232 -8.60 -55.34 -24.86
N GLY B 233 -8.01 -54.61 -25.81
CA GLY B 233 -6.79 -53.85 -25.59
C GLY B 233 -5.83 -54.42 -24.56
N THR B 234 -5.05 -53.53 -23.97
CA THR B 234 -4.06 -53.89 -22.95
C THR B 234 -4.58 -54.96 -21.98
N SER B 235 -3.79 -56.00 -21.78
CA SER B 235 -4.15 -57.06 -20.86
C SER B 235 -3.23 -56.93 -19.66
N SER B 236 -3.81 -56.99 -18.46
CA SER B 236 -3.01 -56.86 -17.25
C SER B 236 -2.09 -58.05 -17.04
N ALA B 237 -0.88 -57.80 -16.57
CA ALA B 237 0.06 -58.88 -16.30
C ALA B 237 -0.51 -59.72 -15.18
N LYS B 238 -0.18 -61.01 -15.16
CA LYS B 238 -0.66 -61.88 -14.09
C LYS B 238 -0.29 -61.29 -12.75
N ALA B 239 -1.09 -61.57 -11.74
CA ALA B 239 -0.83 -61.07 -10.41
C ALA B 239 0.13 -62.00 -9.68
N THR B 240 1.42 -61.69 -9.76
CA THR B 240 2.43 -62.50 -9.07
C THR B 240 2.29 -62.22 -7.58
N TYR B 241 2.58 -63.22 -6.74
CA TYR B 241 2.50 -63.02 -5.30
C TYR B 241 3.90 -62.88 -4.71
N TRP B 242 4.12 -61.79 -3.99
CA TRP B 242 5.43 -61.56 -3.39
C TRP B 242 5.51 -62.09 -1.97
N GLY B 243 4.66 -61.56 -1.09
CA GLY B 243 4.68 -61.99 0.30
C GLY B 243 5.71 -61.18 1.06
N GLY B 244 5.59 -59.86 0.95
CA GLY B 244 6.52 -58.98 1.63
C GLY B 244 5.94 -58.40 2.90
N GLU B 245 6.74 -57.58 3.56
CA GLU B 245 6.33 -56.96 4.79
C GLU B 245 6.78 -55.50 4.78
N ILE B 246 5.81 -54.60 4.69
CA ILE B 246 6.09 -53.17 4.68
C ILE B 246 5.65 -52.52 5.99
N ARG B 247 6.59 -51.96 6.73
CA ARG B 247 6.25 -51.33 8.00
C ARG B 247 6.37 -49.81 7.90
N GLU B 248 5.54 -49.08 8.63
CA GLU B 248 5.61 -47.61 8.61
C GLU B 248 5.60 -46.96 9.99
N GLN B 249 6.78 -46.61 10.49
CA GLN B 249 6.88 -45.98 11.79
C GLN B 249 6.49 -44.52 11.63
N ASN B 250 5.37 -44.12 12.24
CA ASN B 250 4.92 -42.75 12.10
C ASN B 250 4.44 -42.12 13.41
N GLY B 251 4.64 -42.82 14.52
CA GLY B 251 4.23 -42.27 15.81
C GLY B 251 2.83 -42.50 16.35
N HIS B 252 1.82 -42.54 15.48
CA HIS B 252 0.43 -42.76 15.90
C HIS B 252 0.26 -43.65 17.13
N SER B 253 -0.52 -43.18 18.11
CA SER B 253 -0.75 -43.96 19.32
C SER B 253 -1.42 -45.29 18.97
N LEU B 254 -2.09 -45.32 17.81
CA LEU B 254 -2.75 -46.54 17.36
C LEU B 254 -1.98 -47.18 16.20
N VAL B 255 -1.82 -48.50 16.30
CA VAL B 255 -1.13 -49.29 15.27
C VAL B 255 -2.15 -50.06 14.46
N HIS B 256 -2.11 -49.93 13.14
CA HIS B 256 -3.02 -50.67 12.26
C HIS B 256 -2.16 -51.74 11.58
N ALA B 257 -2.54 -53.00 11.75
CA ALA B 257 -1.78 -54.08 11.14
C ALA B 257 -2.69 -55.02 10.37
N ALA B 258 -2.18 -55.52 9.26
CA ALA B 258 -2.95 -56.44 8.43
C ALA B 258 -2.03 -57.54 7.93
N VAL B 259 -2.38 -58.78 8.27
CA VAL B 259 -1.61 -59.94 7.85
C VAL B 259 -2.48 -60.80 6.98
N VAL B 260 -2.03 -61.07 5.76
CA VAL B 260 -2.79 -61.89 4.86
C VAL B 260 -1.99 -62.95 4.12
N THR B 261 -2.70 -63.68 3.26
CA THR B 261 -2.13 -64.75 2.46
C THR B 261 -2.93 -64.78 1.17
N GLU B 262 -2.38 -65.39 0.13
CA GLU B 262 -3.10 -65.47 -1.12
C GLU B 262 -4.40 -66.25 -0.86
N GLY B 263 -5.52 -65.67 -1.28
CA GLY B 263 -6.80 -66.33 -1.06
C GLY B 263 -7.53 -66.62 -2.36
N ALA B 264 -8.84 -66.72 -2.27
CA ALA B 264 -9.65 -67.04 -3.44
C ALA B 264 -9.81 -65.88 -4.40
N ALA B 265 -10.11 -66.23 -5.65
CA ALA B 265 -10.32 -65.24 -6.68
C ALA B 265 -11.82 -65.13 -6.89
N VAL B 266 -12.24 -64.13 -7.66
CA VAL B 266 -13.66 -63.92 -7.91
C VAL B 266 -14.21 -65.18 -8.55
N GLY B 267 -15.45 -65.52 -8.24
CA GLY B 267 -16.07 -66.70 -8.81
C GLY B 267 -15.28 -67.99 -8.61
N SER B 268 -14.36 -67.99 -7.65
CA SER B 268 -13.57 -69.17 -7.36
C SER B 268 -14.40 -70.06 -6.45
N ALA B 269 -14.18 -71.37 -6.56
CA ALA B 269 -14.93 -72.32 -5.75
C ALA B 269 -14.55 -72.13 -4.28
N GLU B 270 -13.25 -71.93 -4.06
CA GLU B 270 -12.72 -71.74 -2.72
C GLU B 270 -13.19 -70.40 -2.11
N ALA B 271 -13.76 -69.54 -2.95
CA ALA B 271 -14.25 -68.23 -2.53
C ALA B 271 -15.26 -68.36 -1.41
N ASN B 272 -16.45 -68.82 -1.75
CA ASN B 272 -17.53 -69.02 -0.80
C ASN B 272 -17.00 -69.56 0.52
N ALA B 273 -15.98 -70.42 0.47
CA ALA B 273 -15.38 -70.98 1.67
C ALA B 273 -14.78 -69.90 2.58
N PHE B 274 -13.94 -69.05 2.00
CA PHE B 274 -13.31 -67.96 2.75
C PHE B 274 -14.33 -66.97 3.28
N SER B 275 -15.27 -66.57 2.43
CA SER B 275 -16.30 -65.64 2.82
C SER B 275 -16.98 -66.12 4.09
N VAL B 276 -17.13 -67.43 4.24
CA VAL B 276 -17.76 -68.01 5.43
C VAL B 276 -16.78 -68.03 6.58
N LEU B 277 -15.54 -68.44 6.33
CA LEU B 277 -14.55 -68.45 7.40
C LEU B 277 -14.40 -67.02 7.91
N GLN B 278 -14.73 -66.08 7.04
CA GLN B 278 -14.66 -64.67 7.38
C GLN B 278 -15.62 -64.39 8.52
N HIS B 279 -16.91 -64.63 8.27
CA HIS B 279 -17.92 -64.40 9.28
C HIS B 279 -17.68 -65.23 10.54
N VAL B 280 -17.16 -66.43 10.37
CA VAL B 280 -16.88 -67.29 11.51
C VAL B 280 -15.85 -66.60 12.42
N LEU B 281 -14.82 -66.05 11.79
CA LEU B 281 -13.76 -65.35 12.50
C LEU B 281 -14.28 -64.00 12.98
N GLY B 282 -15.23 -63.47 12.24
CA GLY B 282 -15.82 -62.19 12.58
C GLY B 282 -15.43 -61.06 11.63
N ALA B 283 -16.42 -60.45 10.99
CA ALA B 283 -16.13 -59.36 10.08
C ALA B 283 -17.12 -58.21 10.24
N GLY B 284 -16.88 -57.35 11.23
CA GLY B 284 -17.76 -56.22 11.45
C GLY B 284 -18.83 -56.44 12.50
N PRO B 285 -19.02 -55.48 13.42
CA PRO B 285 -20.02 -55.59 14.48
C PRO B 285 -21.46 -55.42 14.00
N LEU B 286 -22.40 -56.07 14.68
CA LEU B 286 -23.81 -56.02 14.31
C LEU B 286 -24.61 -55.29 15.36
N ILE B 287 -23.99 -55.06 16.52
CA ILE B 287 -24.65 -54.37 17.63
C ILE B 287 -23.86 -53.12 18.05
N LYS B 288 -24.49 -51.96 17.94
CA LYS B 288 -23.88 -50.69 18.29
C LYS B 288 -23.19 -50.72 19.67
N ARG B 289 -21.91 -50.37 19.70
CA ARG B 289 -21.12 -50.35 20.93
C ARG B 289 -21.14 -51.71 21.61
N GLY B 290 -21.63 -52.70 20.89
CA GLY B 290 -21.70 -54.02 21.47
C GLY B 290 -20.46 -54.84 21.26
N SER B 291 -20.32 -55.89 22.07
CA SER B 291 -19.21 -56.81 21.96
C SER B 291 -19.66 -57.84 20.93
N SER B 292 -18.71 -58.45 20.22
CA SER B 292 -19.08 -59.45 19.23
C SER B 292 -18.72 -60.83 19.75
N VAL B 293 -19.71 -61.58 20.20
CA VAL B 293 -19.47 -62.92 20.73
C VAL B 293 -19.33 -63.94 19.61
N THR B 294 -20.15 -63.76 18.57
CA THR B 294 -20.15 -64.61 17.38
C THR B 294 -18.87 -64.44 16.56
N SER B 295 -17.98 -63.57 17.05
CA SER B 295 -16.70 -63.32 16.37
C SER B 295 -15.61 -63.99 17.19
N LYS B 296 -15.09 -65.10 16.66
CA LYS B 296 -14.05 -65.83 17.35
C LYS B 296 -12.82 -64.98 17.46
N LEU B 297 -12.51 -64.29 16.36
CA LEU B 297 -11.34 -63.44 16.30
C LEU B 297 -11.41 -62.32 17.33
N TYR B 298 -12.52 -61.59 17.31
CA TYR B 298 -12.73 -60.49 18.25
C TYR B 298 -12.60 -61.05 19.68
N GLN B 299 -13.46 -62.02 19.98
CA GLN B 299 -13.47 -62.67 21.28
C GLN B 299 -12.10 -63.13 21.72
N GLY B 300 -11.34 -63.71 20.78
CA GLY B 300 -10.02 -64.19 21.12
C GLY B 300 -9.14 -63.05 21.58
N VAL B 301 -9.07 -62.01 20.75
CA VAL B 301 -8.24 -60.86 21.07
C VAL B 301 -8.69 -60.21 22.36
N ALA B 302 -10.00 -60.17 22.56
CA ALA B 302 -10.57 -59.60 23.77
C ALA B 302 -9.95 -60.24 25.00
N LYS B 303 -9.86 -61.56 25.01
CA LYS B 303 -9.29 -62.27 26.15
C LYS B 303 -7.80 -62.00 26.29
N ALA B 304 -7.16 -61.53 25.22
CA ALA B 304 -5.71 -61.27 25.23
C ALA B 304 -5.32 -59.89 25.73
N THR B 305 -5.92 -58.86 25.16
CA THR B 305 -5.62 -57.49 25.57
C THR B 305 -6.66 -56.99 26.56
N THR B 306 -6.41 -55.83 27.15
CA THR B 306 -7.34 -55.24 28.12
C THR B 306 -7.87 -53.90 27.64
N GLN B 307 -7.03 -53.18 26.89
CA GLN B 307 -7.37 -51.87 26.38
C GLN B 307 -8.16 -51.95 25.08
N PRO B 308 -8.73 -50.81 24.65
CA PRO B 308 -9.52 -50.71 23.43
C PRO B 308 -8.75 -51.21 22.21
N PHE B 309 -9.49 -51.74 21.25
CA PHE B 309 -8.91 -52.30 20.04
C PHE B 309 -10.02 -52.73 19.11
N ASP B 310 -9.63 -53.32 18.00
CA ASP B 310 -10.57 -53.87 17.04
C ASP B 310 -9.82 -54.89 16.21
N ALA B 311 -10.56 -55.86 15.69
CA ALA B 311 -9.97 -56.92 14.86
C ALA B 311 -11.03 -57.52 13.98
N SER B 312 -10.71 -57.76 12.72
CA SER B 312 -11.67 -58.33 11.79
C SER B 312 -11.06 -59.28 10.79
N ALA B 313 -11.93 -60.02 10.12
CA ALA B 313 -11.49 -60.94 9.11
C ALA B 313 -11.40 -60.10 7.85
N PHE B 314 -10.23 -60.11 7.22
CA PHE B 314 -10.01 -59.37 5.99
C PHE B 314 -10.15 -60.34 4.79
N ASN B 315 -10.87 -59.91 3.76
CA ASN B 315 -11.05 -60.78 2.61
C ASN B 315 -11.36 -60.07 1.31
N VAL B 316 -10.43 -60.17 0.36
CA VAL B 316 -10.60 -59.54 -0.95
C VAL B 316 -10.49 -60.58 -2.05
N ASN B 317 -11.41 -60.50 -3.00
CA ASN B 317 -11.41 -61.43 -4.12
C ASN B 317 -11.23 -60.70 -5.44
N TYR B 318 -10.08 -60.89 -6.08
CA TYR B 318 -9.78 -60.24 -7.36
C TYR B 318 -9.90 -61.24 -8.51
N SER B 319 -9.97 -60.71 -9.73
CA SER B 319 -10.08 -61.51 -10.95
C SER B 319 -9.14 -62.71 -10.96
N ASP B 320 -7.84 -62.47 -10.85
CA ASP B 320 -6.88 -63.58 -10.88
C ASP B 320 -6.15 -63.82 -9.56
N SER B 321 -6.76 -63.43 -8.45
CA SER B 321 -6.14 -63.62 -7.16
C SER B 321 -7.02 -63.08 -6.05
N GLY B 322 -6.54 -63.20 -4.82
CA GLY B 322 -7.30 -62.71 -3.69
C GLY B 322 -6.45 -62.65 -2.45
N LEU B 323 -6.93 -61.96 -1.42
CA LEU B 323 -6.17 -61.85 -0.18
C LEU B 323 -7.08 -62.19 0.98
N PHE B 324 -6.53 -62.87 1.98
CA PHE B 324 -7.28 -63.25 3.16
C PHE B 324 -6.42 -63.22 4.41
N GLY B 325 -7.03 -62.80 5.51
CA GLY B 325 -6.32 -62.73 6.77
C GLY B 325 -7.11 -61.88 7.74
N PHE B 326 -6.41 -61.18 8.61
CA PHE B 326 -7.07 -60.34 9.57
C PHE B 326 -6.49 -58.93 9.59
N TYR B 327 -7.25 -57.99 10.14
CA TYR B 327 -6.81 -56.59 10.25
C TYR B 327 -6.99 -56.17 11.71
N THR B 328 -5.96 -55.60 12.32
CA THR B 328 -6.11 -55.18 13.71
C THR B 328 -5.70 -53.75 14.02
N ILE B 329 -6.48 -53.09 14.86
CA ILE B 329 -6.19 -51.73 15.31
C ILE B 329 -6.05 -51.84 16.82
N SER B 330 -4.92 -51.41 17.36
CA SER B 330 -4.73 -51.51 18.80
C SER B 330 -3.75 -50.48 19.34
N GLN B 331 -3.74 -50.29 20.65
CA GLN B 331 -2.79 -49.34 21.22
C GLN B 331 -1.44 -49.91 20.91
N ALA B 332 -0.47 -49.04 20.66
CA ALA B 332 0.88 -49.49 20.33
C ALA B 332 1.39 -50.58 21.26
N ALA B 333 1.63 -50.24 22.52
CA ALA B 333 2.16 -51.20 23.47
C ALA B 333 1.49 -52.57 23.49
N HIS B 334 0.26 -52.66 22.99
CA HIS B 334 -0.47 -53.92 22.98
C HIS B 334 -0.65 -54.57 21.62
N ALA B 335 0.03 -54.05 20.61
CA ALA B 335 -0.10 -54.62 19.27
C ALA B 335 0.45 -56.04 19.29
N GLY B 336 1.51 -56.25 20.07
CA GLY B 336 2.11 -57.56 20.17
C GLY B 336 1.07 -58.57 20.55
N GLU B 337 0.57 -58.43 21.77
CA GLU B 337 -0.44 -59.36 22.27
C GLU B 337 -1.66 -59.42 21.36
N VAL B 338 -2.07 -58.30 20.81
CA VAL B 338 -3.25 -58.31 19.96
C VAL B 338 -3.08 -59.08 18.65
N ILE B 339 -1.93 -58.96 18.02
CA ILE B 339 -1.70 -59.65 16.75
C ILE B 339 -1.53 -61.17 16.98
N ARG B 340 -0.75 -61.53 17.99
CA ARG B 340 -0.53 -62.94 18.31
C ARG B 340 -1.90 -63.56 18.46
N ALA B 341 -2.70 -62.97 19.33
CA ALA B 341 -4.04 -63.44 19.62
C ALA B 341 -4.82 -63.70 18.34
N ALA B 342 -4.81 -62.73 17.42
CA ALA B 342 -5.53 -62.88 16.15
C ALA B 342 -5.01 -64.09 15.37
N MET B 343 -3.72 -64.38 15.54
CA MET B 343 -3.08 -65.53 14.88
C MET B 343 -3.52 -66.83 15.53
N ASN B 344 -3.27 -66.96 16.83
CA ASN B 344 -3.64 -68.16 17.55
C ASN B 344 -5.06 -68.54 17.21
N GLN B 345 -5.91 -67.53 17.05
CA GLN B 345 -7.31 -67.77 16.73
C GLN B 345 -7.51 -68.27 15.31
N LEU B 346 -6.53 -68.04 14.45
CA LEU B 346 -6.62 -68.51 13.07
C LEU B 346 -6.13 -69.96 13.00
N LYS B 347 -5.06 -70.23 13.73
CA LYS B 347 -4.51 -71.58 13.78
C LYS B 347 -5.54 -72.46 14.48
N ALA B 348 -6.00 -72.03 15.64
CA ALA B 348 -6.99 -72.76 16.41
C ALA B 348 -8.20 -73.13 15.56
N ALA B 349 -8.42 -72.37 14.50
CA ALA B 349 -9.54 -72.63 13.60
C ALA B 349 -9.16 -73.61 12.50
N ALA B 350 -7.88 -73.59 12.13
CA ALA B 350 -7.38 -74.47 11.08
C ALA B 350 -7.24 -75.89 11.63
N GLN B 351 -7.24 -76.00 12.95
CA GLN B 351 -7.12 -77.30 13.59
C GLN B 351 -8.49 -77.78 14.06
N GLY B 352 -9.49 -77.65 13.19
CA GLY B 352 -10.84 -78.09 13.53
C GLY B 352 -11.53 -77.36 14.66
N GLY B 353 -11.11 -76.13 14.95
CA GLY B 353 -11.72 -75.36 16.01
C GLY B 353 -12.96 -74.64 15.50
N VAL B 354 -13.72 -75.32 14.64
CA VAL B 354 -14.92 -74.76 14.06
C VAL B 354 -16.15 -75.67 14.24
N THR B 355 -17.08 -75.23 15.08
CA THR B 355 -18.31 -75.97 15.34
C THR B 355 -19.18 -76.01 14.09
N GLU B 356 -20.03 -77.02 14.00
CA GLU B 356 -20.92 -77.17 12.86
C GLU B 356 -21.94 -76.03 12.92
N GLU B 357 -22.11 -75.48 14.11
CA GLU B 357 -23.04 -74.38 14.33
C GLU B 357 -22.42 -73.06 13.89
N ASP B 358 -21.14 -72.88 14.19
CA ASP B 358 -20.45 -71.66 13.81
C ASP B 358 -20.65 -71.51 12.32
N VAL B 359 -20.49 -72.61 11.61
CA VAL B 359 -20.66 -72.62 10.16
C VAL B 359 -22.10 -72.27 9.79
N THR B 360 -23.03 -72.61 10.66
CA THR B 360 -24.44 -72.32 10.41
C THR B 360 -24.70 -70.83 10.62
N LYS B 361 -24.27 -70.30 11.77
CA LYS B 361 -24.46 -68.90 12.07
C LYS B 361 -23.90 -68.05 10.95
N ALA B 362 -22.60 -68.22 10.69
CA ALA B 362 -21.91 -67.48 9.63
C ALA B 362 -22.77 -67.44 8.37
N LYS B 363 -23.02 -68.62 7.81
CA LYS B 363 -23.82 -68.75 6.61
C LYS B 363 -25.03 -67.81 6.60
N ASN B 364 -25.62 -67.59 7.76
CA ASN B 364 -26.78 -66.71 7.83
C ASN B 364 -26.33 -65.25 7.75
N GLN B 365 -25.38 -64.89 8.62
CA GLN B 365 -24.87 -63.52 8.65
C GLN B 365 -24.45 -63.11 7.25
N LEU B 366 -23.87 -64.05 6.51
CA LEU B 366 -23.41 -63.81 5.16
C LEU B 366 -24.57 -63.60 4.19
N LYS B 367 -25.61 -64.42 4.31
CA LYS B 367 -26.79 -64.31 3.44
C LYS B 367 -27.54 -63.01 3.76
N ALA B 368 -27.62 -62.71 5.05
CA ALA B 368 -28.29 -61.51 5.50
C ALA B 368 -27.51 -60.31 4.98
N THR B 369 -26.23 -60.25 5.34
CA THR B 369 -25.37 -59.17 4.90
C THR B 369 -25.52 -58.97 3.38
N TYR B 370 -25.47 -60.06 2.64
CA TYR B 370 -25.60 -59.99 1.19
C TYR B 370 -26.94 -59.34 0.81
N LEU B 371 -28.02 -59.86 1.36
CA LEU B 371 -29.35 -59.36 1.07
C LEU B 371 -29.63 -57.91 1.47
N MET B 372 -29.01 -57.46 2.56
CA MET B 372 -29.20 -56.09 3.02
C MET B 372 -28.40 -55.18 2.08
N SER B 373 -27.22 -55.65 1.69
CA SER B 373 -26.34 -54.91 0.80
C SER B 373 -26.85 -54.81 -0.61
N VAL B 374 -28.15 -54.61 -0.77
CA VAL B 374 -28.75 -54.49 -2.09
C VAL B 374 -30.04 -53.66 -2.02
N GLU B 375 -30.33 -53.13 -0.84
CA GLU B 375 -31.52 -52.30 -0.62
C GLU B 375 -31.22 -50.90 -1.18
N THR B 376 -29.92 -50.61 -1.27
CA THR B 376 -29.38 -49.34 -1.78
C THR B 376 -29.43 -49.31 -3.30
N ALA B 377 -29.93 -48.23 -3.88
CA ALA B 377 -29.97 -48.10 -5.33
C ALA B 377 -28.55 -48.40 -5.82
N GLN B 378 -27.59 -47.83 -5.13
CA GLN B 378 -26.18 -48.00 -5.44
C GLN B 378 -25.77 -49.46 -5.26
N GLY B 379 -26.16 -50.03 -4.12
CA GLY B 379 -25.82 -51.41 -3.82
C GLY B 379 -26.31 -52.41 -4.86
N LEU B 380 -27.54 -52.20 -5.32
CA LEU B 380 -28.17 -53.05 -6.32
C LEU B 380 -27.46 -52.93 -7.66
N LEU B 381 -27.35 -51.70 -8.16
CA LEU B 381 -26.68 -51.46 -9.44
C LEU B 381 -25.30 -52.09 -9.46
N ASN B 382 -24.60 -51.94 -8.34
CA ASN B 382 -23.27 -52.50 -8.24
C ASN B 382 -23.31 -54.01 -8.40
N GLU B 383 -24.16 -54.66 -7.61
CA GLU B 383 -24.31 -56.12 -7.68
C GLU B 383 -24.61 -56.58 -9.11
N ILE B 384 -25.68 -56.03 -9.70
CA ILE B 384 -26.05 -56.36 -11.06
C ILE B 384 -24.88 -56.18 -12.03
N GLY B 385 -24.43 -54.94 -12.18
CA GLY B 385 -23.33 -54.65 -13.09
C GLY B 385 -22.04 -55.43 -12.92
N SER B 386 -21.72 -55.80 -11.69
CA SER B 386 -20.50 -56.55 -11.44
C SER B 386 -20.52 -57.89 -12.16
N GLU B 387 -21.69 -58.53 -12.13
CA GLU B 387 -21.87 -59.82 -12.80
C GLU B 387 -21.84 -59.61 -14.30
N ALA B 388 -22.76 -58.78 -14.78
CA ALA B 388 -22.86 -58.48 -16.20
C ALA B 388 -21.52 -58.10 -16.86
N LEU B 389 -20.48 -57.88 -16.05
CA LEU B 389 -19.17 -57.50 -16.59
C LEU B 389 -18.16 -58.64 -16.53
N LEU B 390 -18.04 -59.26 -15.36
CA LEU B 390 -17.14 -60.39 -15.16
C LEU B 390 -17.89 -61.71 -15.31
N SER B 391 -18.89 -61.72 -16.18
CA SER B 391 -19.70 -62.91 -16.42
C SER B 391 -20.60 -62.72 -17.64
N GLY B 392 -21.68 -62.00 -17.47
CA GLY B 392 -22.60 -61.76 -18.55
C GLY B 392 -23.94 -62.35 -18.18
N THR B 393 -24.07 -62.71 -16.91
CA THR B 393 -25.29 -63.33 -16.42
C THR B 393 -25.64 -62.84 -15.01
N HIS B 394 -26.86 -63.16 -14.58
CA HIS B 394 -27.32 -62.78 -13.25
C HIS B 394 -27.70 -63.99 -12.39
N THR B 395 -26.75 -64.42 -11.56
CA THR B 395 -26.96 -65.54 -10.66
C THR B 395 -28.14 -65.18 -9.74
N ALA B 396 -29.23 -65.92 -9.84
CA ALA B 396 -30.40 -65.66 -9.00
C ALA B 396 -30.02 -65.68 -7.51
N PRO B 397 -30.72 -64.91 -6.68
CA PRO B 397 -30.43 -64.86 -5.24
C PRO B 397 -30.52 -66.22 -4.55
N SER B 398 -31.46 -67.04 -5.01
CA SER B 398 -31.63 -68.37 -4.42
C SER B 398 -30.41 -69.23 -4.76
N VAL B 399 -29.84 -68.99 -5.93
CA VAL B 399 -28.67 -69.72 -6.39
C VAL B 399 -27.46 -69.35 -5.53
N VAL B 400 -27.24 -68.05 -5.34
CA VAL B 400 -26.12 -67.60 -4.53
C VAL B 400 -26.27 -68.14 -3.12
N ALA B 401 -27.52 -68.29 -2.70
CA ALA B 401 -27.82 -68.83 -1.38
C ALA B 401 -27.43 -70.30 -1.39
N GLN B 402 -27.89 -71.01 -2.42
CA GLN B 402 -27.59 -72.43 -2.57
C GLN B 402 -26.09 -72.69 -2.53
N LYS B 403 -25.33 -71.78 -3.15
CA LYS B 403 -23.87 -71.89 -3.21
C LYS B 403 -23.22 -71.62 -1.87
N ILE B 404 -23.79 -70.68 -1.11
CA ILE B 404 -23.21 -70.33 0.18
C ILE B 404 -23.34 -71.45 1.23
N ASP B 405 -24.56 -71.82 1.61
CA ASP B 405 -24.72 -72.87 2.62
C ASP B 405 -24.12 -74.21 2.19
N SER B 406 -23.93 -74.39 0.90
CA SER B 406 -23.35 -75.63 0.39
C SER B 406 -21.84 -75.63 0.65
N VAL B 407 -21.46 -75.17 1.84
CA VAL B 407 -20.06 -75.11 2.23
C VAL B 407 -19.88 -75.91 3.50
N THR B 408 -19.15 -77.01 3.39
CA THR B 408 -18.92 -77.89 4.53
C THR B 408 -18.11 -77.26 5.64
N SER B 409 -18.21 -77.88 6.81
CA SER B 409 -17.48 -77.44 7.97
C SER B 409 -16.00 -77.68 7.69
N ALA B 410 -15.73 -78.61 6.79
CA ALA B 410 -14.37 -78.94 6.42
C ALA B 410 -13.78 -77.85 5.53
N ASP B 411 -14.55 -77.41 4.55
CA ASP B 411 -14.11 -76.35 3.65
C ASP B 411 -13.54 -75.19 4.46
N VAL B 412 -14.30 -74.81 5.48
CA VAL B 412 -13.93 -73.72 6.37
C VAL B 412 -12.62 -74.01 7.09
N VAL B 413 -12.48 -75.20 7.67
CA VAL B 413 -11.26 -75.55 8.38
C VAL B 413 -10.08 -75.60 7.42
N ASN B 414 -10.36 -75.88 6.14
CA ASN B 414 -9.31 -75.94 5.13
C ASN B 414 -8.85 -74.53 4.79
N ALA B 415 -9.81 -73.64 4.53
CA ALA B 415 -9.49 -72.26 4.23
C ALA B 415 -8.52 -71.79 5.29
N ALA B 416 -8.89 -72.00 6.55
CA ALA B 416 -8.04 -71.60 7.67
C ALA B 416 -6.65 -72.21 7.55
N LYS B 417 -6.58 -73.48 7.17
CA LYS B 417 -5.30 -74.15 6.99
C LYS B 417 -4.47 -73.40 5.95
N LYS B 418 -5.08 -73.17 4.79
CA LYS B 418 -4.41 -72.48 3.69
C LYS B 418 -3.71 -71.22 4.18
N PHE B 419 -4.29 -70.58 5.18
CA PHE B 419 -3.73 -69.36 5.74
C PHE B 419 -2.51 -69.65 6.62
N VAL B 420 -2.68 -70.57 7.56
CA VAL B 420 -1.59 -70.92 8.47
C VAL B 420 -0.36 -71.45 7.76
N SER B 421 -0.59 -72.04 6.59
CA SER B 421 0.49 -72.62 5.81
C SER B 421 1.07 -71.68 4.74
N GLY B 422 0.20 -70.99 4.00
CA GLY B 422 0.65 -70.08 2.96
C GLY B 422 1.69 -69.05 3.39
N LYS B 423 2.33 -68.42 2.39
CA LYS B 423 3.35 -67.42 2.67
C LYS B 423 2.62 -66.12 2.96
N LYS B 424 2.85 -65.56 4.15
CA LYS B 424 2.17 -64.34 4.55
C LYS B 424 2.89 -63.07 4.16
N SER B 425 2.11 -62.01 4.00
CA SER B 425 2.62 -60.69 3.69
C SER B 425 1.95 -59.79 4.73
N MET B 426 2.72 -58.88 5.33
CA MET B 426 2.17 -58.01 6.37
C MET B 426 2.41 -56.50 6.13
N ALA B 427 1.41 -55.71 6.49
CA ALA B 427 1.49 -54.27 6.34
C ALA B 427 1.00 -53.62 7.63
N ALA B 428 1.87 -52.85 8.28
CA ALA B 428 1.48 -52.18 9.53
C ALA B 428 1.96 -50.72 9.54
N SER B 429 1.31 -49.89 10.36
CA SER B 429 1.68 -48.48 10.49
C SER B 429 1.25 -47.85 11.81
N GLY B 430 2.19 -47.15 12.45
CA GLY B 430 1.92 -46.51 13.72
C GLY B 430 3.20 -46.51 14.53
N ASP B 431 3.09 -46.55 15.85
CA ASP B 431 4.31 -46.59 16.66
C ASP B 431 4.59 -48.08 16.83
N LEU B 432 5.15 -48.67 15.77
CA LEU B 432 5.46 -50.08 15.69
C LEU B 432 6.52 -50.58 16.68
N GLY B 433 6.91 -49.73 17.62
CA GLY B 433 7.92 -50.13 18.59
C GLY B 433 7.71 -51.48 19.28
N SER B 434 6.47 -51.94 19.38
CA SER B 434 6.17 -53.20 20.04
C SER B 434 5.39 -54.12 19.13
N THR B 435 5.40 -53.80 17.84
CA THR B 435 4.68 -54.61 16.85
C THR B 435 5.62 -55.68 16.29
N PRO B 436 5.18 -56.93 16.29
CA PRO B 436 5.99 -58.04 15.78
C PRO B 436 6.18 -58.07 14.25
N PHE B 437 7.26 -58.72 13.84
CA PHE B 437 7.59 -58.87 12.42
C PHE B 437 6.98 -60.16 11.89
N LEU B 438 6.66 -60.17 10.61
CA LEU B 438 6.06 -61.33 9.99
C LEU B 438 6.73 -62.66 10.41
N ASP B 439 8.04 -62.65 10.59
CA ASP B 439 8.74 -63.88 10.98
C ASP B 439 8.66 -64.21 12.47
N GLU B 440 7.92 -63.42 13.24
CA GLU B 440 7.81 -63.68 14.68
C GLU B 440 6.42 -64.18 15.05
N LEU B 441 5.58 -64.38 14.04
CA LEU B 441 4.22 -64.86 14.28
C LEU B 441 4.13 -66.37 14.08
N MET C 1 -11.03 -9.78 -9.32
CA MET C 1 -9.91 -9.55 -8.36
C MET C 1 -10.23 -10.17 -6.99
N ALA C 2 -10.96 -9.44 -6.17
CA ALA C 2 -11.35 -9.91 -4.83
C ALA C 2 -12.88 -9.89 -4.70
N PRO C 3 -13.43 -10.71 -3.78
CA PRO C 3 -14.88 -10.73 -3.61
C PRO C 3 -15.55 -9.34 -3.54
N ASN C 4 -15.45 -8.65 -2.41
CA ASN C 4 -16.07 -7.32 -2.30
C ASN C 4 -15.21 -6.19 -2.85
N ILE C 5 -15.87 -5.28 -3.56
CA ILE C 5 -15.24 -4.13 -4.20
C ILE C 5 -14.69 -3.10 -3.22
N ARG C 6 -14.88 -3.36 -1.92
CA ARG C 6 -14.39 -2.45 -0.89
C ARG C 6 -12.88 -2.67 -0.65
N LYS C 7 -12.41 -3.88 -0.98
CA LYS C 7 -11.01 -4.25 -0.80
C LYS C 7 -10.16 -4.20 -2.08
N SER C 8 -10.76 -4.58 -3.22
CA SER C 8 -10.06 -4.58 -4.49
C SER C 8 -9.78 -3.17 -5.07
N HIS C 9 -10.83 -2.35 -5.20
CA HIS C 9 -10.74 -0.97 -5.73
C HIS C 9 -9.56 -0.19 -5.13
N PRO C 10 -8.71 0.44 -5.97
CA PRO C 10 -7.55 1.20 -5.50
C PRO C 10 -7.83 2.40 -4.58
N LEU C 11 -9.08 2.88 -4.56
CA LEU C 11 -9.46 4.00 -3.70
C LEU C 11 -10.32 3.57 -2.50
N LEU C 12 -11.43 2.87 -2.76
CA LEU C 12 -12.30 2.40 -1.68
C LEU C 12 -11.45 1.61 -0.70
N LYS C 13 -10.51 0.85 -1.24
CA LYS C 13 -9.60 0.05 -0.43
C LYS C 13 -8.96 0.98 0.61
N MET C 14 -8.58 2.18 0.17
CA MET C 14 -7.95 3.15 1.06
C MET C 14 -8.94 3.63 2.10
N ILE C 15 -10.17 3.91 1.66
CA ILE C 15 -11.22 4.37 2.55
C ILE C 15 -11.57 3.28 3.56
N ASN C 16 -11.51 2.03 3.12
CA ASN C 16 -11.82 0.90 3.97
C ASN C 16 -10.72 0.60 4.99
N ASN C 17 -9.46 0.68 4.57
CA ASN C 17 -8.37 0.38 5.49
C ASN C 17 -8.05 1.50 6.48
N SER C 18 -8.85 2.56 6.48
CA SER C 18 -8.61 3.67 7.39
C SER C 18 -9.88 4.21 8.05
N LEU C 19 -11.03 3.69 7.66
CA LEU C 19 -12.29 4.17 8.22
C LEU C 19 -13.40 3.14 8.34
N ILE C 20 -13.09 1.87 8.09
CA ILE C 20 -14.15 0.88 8.16
C ILE C 20 -13.68 -0.45 8.72
N ASP C 21 -12.73 -1.08 8.05
CA ASP C 21 -12.21 -2.36 8.51
C ASP C 21 -10.93 -2.16 9.31
N LEU C 22 -10.61 -0.90 9.57
CA LEU C 22 -9.42 -0.52 10.33
C LEU C 22 -9.48 -1.03 11.76
N PRO C 23 -8.55 -1.89 12.15
CA PRO C 23 -8.50 -2.44 13.51
C PRO C 23 -8.21 -1.38 14.58
N ALA C 24 -9.15 -1.20 15.51
CA ALA C 24 -8.98 -0.23 16.58
C ALA C 24 -9.08 -0.92 17.93
N PRO C 25 -8.30 -0.45 18.91
CA PRO C 25 -8.34 -1.06 20.25
C PRO C 25 -9.77 -0.96 20.75
N SER C 26 -10.22 -1.96 21.50
CA SER C 26 -11.59 -1.94 22.00
C SER C 26 -11.78 -0.98 23.15
N ASN C 27 -10.69 -0.59 23.80
CA ASN C 27 -10.82 0.26 24.98
C ASN C 27 -10.39 1.70 24.88
N ILE C 28 -10.23 2.25 23.69
CA ILE C 28 -9.83 3.64 23.65
C ILE C 28 -11.00 4.52 24.11
N SER C 29 -10.66 5.51 24.94
CA SER C 29 -11.63 6.42 25.54
C SER C 29 -11.97 7.66 24.71
N ALA C 30 -12.69 8.57 25.36
CA ALA C 30 -13.09 9.81 24.75
C ALA C 30 -11.87 10.64 24.38
N TRP C 31 -10.75 10.42 25.06
CA TRP C 31 -9.56 11.18 24.75
C TRP C 31 -9.06 10.92 23.34
N TRP C 32 -9.46 9.80 22.75
CA TRP C 32 -9.05 9.46 21.39
C TRP C 32 -10.01 10.08 20.36
N ASN C 33 -10.98 10.83 20.85
CA ASN C 33 -11.95 11.46 19.97
C ASN C 33 -11.45 12.75 19.38
N PHE C 34 -10.33 13.24 19.87
CA PHE C 34 -9.86 14.52 19.38
C PHE C 34 -9.21 14.53 18.00
N GLY C 35 -8.66 13.39 17.57
CA GLY C 35 -8.07 13.32 16.26
C GLY C 35 -9.13 13.63 15.19
N SER C 36 -10.22 12.88 15.24
CA SER C 36 -11.29 13.11 14.29
C SER C 36 -11.85 14.52 14.37
N LEU C 37 -11.99 15.06 15.58
CA LEU C 37 -12.49 16.42 15.72
C LEU C 37 -11.51 17.38 15.07
N LEU C 38 -10.22 17.12 15.25
CA LEU C 38 -9.24 18.00 14.64
C LEU C 38 -9.41 18.01 13.13
N ALA C 39 -9.60 16.84 12.55
CA ALA C 39 -9.77 16.73 11.10
C ALA C 39 -11.01 17.47 10.66
N VAL C 40 -12.13 17.23 11.33
CA VAL C 40 -13.38 17.90 10.98
C VAL C 40 -13.22 19.40 11.17
N CYS C 41 -12.54 19.74 12.24
CA CYS C 41 -12.29 21.13 12.55
C CYS C 41 -11.56 21.75 11.36
N LEU C 42 -10.53 21.07 10.90
CA LEU C 42 -9.77 21.55 9.77
C LEU C 42 -10.58 21.71 8.50
N MET C 43 -11.48 20.78 8.22
CA MET C 43 -12.29 20.88 7.01
C MET C 43 -13.20 22.08 7.11
N THR C 44 -13.70 22.32 8.31
CA THR C 44 -14.59 23.44 8.57
C THR C 44 -13.90 24.80 8.45
N GLN C 45 -12.69 24.92 8.99
CA GLN C 45 -11.98 26.17 8.89
C GLN C 45 -11.76 26.49 7.42
N ILE C 46 -11.31 25.48 6.68
CA ILE C 46 -11.06 25.64 5.24
C ILE C 46 -12.32 26.06 4.51
N LEU C 47 -13.44 25.44 4.85
CA LEU C 47 -14.68 25.78 4.20
C LEU C 47 -15.10 27.20 4.51
N THR C 48 -15.26 27.54 5.79
CA THR C 48 -15.67 28.90 6.14
C THR C 48 -14.61 29.91 5.68
N GLY C 49 -13.35 29.48 5.69
CA GLY C 49 -12.28 30.34 5.25
C GLY C 49 -12.50 30.79 3.81
N LEU C 50 -12.74 29.82 2.92
CA LEU C 50 -12.96 30.11 1.51
C LEU C 50 -14.14 31.04 1.32
N LEU C 51 -15.22 30.76 2.05
CA LEU C 51 -16.38 31.61 1.95
C LEU C 51 -16.03 33.04 2.35
N LEU C 52 -15.20 33.22 3.38
CA LEU C 52 -14.82 34.58 3.77
C LEU C 52 -13.90 35.20 2.74
N ALA C 53 -12.94 34.41 2.26
CA ALA C 53 -11.98 34.84 1.26
C ALA C 53 -12.65 35.42 0.02
N MET C 54 -13.82 34.89 -0.34
CA MET C 54 -14.53 35.36 -1.51
C MET C 54 -15.14 36.75 -1.39
N HIS C 55 -14.97 37.37 -0.22
CA HIS C 55 -15.50 38.71 -0.01
C HIS C 55 -14.48 39.62 0.65
N TYR C 56 -13.26 39.13 0.80
CA TYR C 56 -12.21 39.88 1.44
C TYR C 56 -11.36 40.64 0.44
N THR C 57 -10.69 41.68 0.90
CA THR C 57 -9.80 42.45 0.05
C THR C 57 -8.52 42.72 0.82
N ALA C 58 -7.43 42.10 0.38
CA ALA C 58 -6.16 42.28 1.05
C ALA C 58 -5.49 43.60 0.68
N ASP C 59 -5.92 44.66 1.34
CA ASP C 59 -5.34 45.97 1.14
C ASP C 59 -5.58 46.72 2.42
N THR C 60 -4.55 47.40 2.90
CA THR C 60 -4.69 48.15 4.15
C THR C 60 -5.88 49.11 4.11
N SER C 61 -6.16 49.67 2.95
CA SER C 61 -7.27 50.62 2.84
C SER C 61 -8.66 49.99 2.70
N LEU C 62 -8.75 48.67 2.56
CA LEU C 62 -10.04 48.05 2.39
C LEU C 62 -10.28 46.81 3.27
N ALA C 63 -9.21 46.25 3.83
CA ALA C 63 -9.33 45.06 4.67
C ALA C 63 -10.40 45.15 5.76
N PHE C 64 -10.23 46.11 6.66
CA PHE C 64 -11.15 46.28 7.76
C PHE C 64 -12.57 46.35 7.25
N SER C 65 -12.83 47.24 6.32
CA SER C 65 -14.19 47.37 5.82
C SER C 65 -14.67 46.19 4.98
N SER C 66 -13.77 45.44 4.35
CA SER C 66 -14.22 44.28 3.56
C SER C 66 -14.80 43.23 4.54
N VAL C 67 -14.16 43.09 5.68
CA VAL C 67 -14.64 42.17 6.70
C VAL C 67 -15.99 42.72 7.22
N ALA C 68 -16.08 44.03 7.40
CA ALA C 68 -17.33 44.65 7.87
C ALA C 68 -18.42 44.50 6.81
N HIS C 69 -18.06 44.66 5.54
CA HIS C 69 -19.01 44.51 4.47
C HIS C 69 -19.51 43.07 4.50
N THR C 70 -18.59 42.12 4.69
CA THR C 70 -19.00 40.73 4.76
C THR C 70 -20.02 40.53 5.86
N CYS C 71 -19.71 40.96 7.08
CA CYS C 71 -20.62 40.80 8.22
C CYS C 71 -21.92 41.57 8.09
N ARG C 72 -21.89 42.70 7.42
CA ARG C 72 -23.10 43.49 7.28
C ARG C 72 -23.92 43.26 6.00
N ASN C 73 -23.29 42.89 4.89
CA ASN C 73 -24.03 42.70 3.64
C ASN C 73 -24.17 41.31 3.09
N VAL C 74 -23.14 40.50 3.21
CA VAL C 74 -23.19 39.15 2.69
C VAL C 74 -24.23 38.32 3.43
N GLN C 75 -25.01 37.54 2.69
CA GLN C 75 -26.03 36.70 3.31
C GLN C 75 -25.29 35.78 4.27
N TYR C 76 -25.64 35.85 5.55
CA TYR C 76 -25.00 35.02 6.57
C TYR C 76 -23.49 35.23 6.70
N GLY C 77 -23.01 36.33 6.15
CA GLY C 77 -21.59 36.60 6.26
C GLY C 77 -21.21 36.72 7.72
N TRP C 78 -22.09 37.32 8.51
CA TRP C 78 -21.84 37.48 9.92
C TRP C 78 -21.70 36.13 10.62
N LEU C 79 -22.45 35.14 10.15
CA LEU C 79 -22.41 33.82 10.73
C LEU C 79 -21.14 33.10 10.34
N ILE C 80 -20.79 33.19 9.07
CA ILE C 80 -19.60 32.54 8.60
C ILE C 80 -18.39 33.15 9.34
N ARG C 81 -18.34 34.48 9.41
CA ARG C 81 -17.24 35.15 10.11
C ARG C 81 -17.17 34.62 11.53
N ASN C 82 -18.30 34.58 12.23
CA ASN C 82 -18.27 34.07 13.60
C ASN C 82 -17.70 32.64 13.64
N LEU C 83 -18.27 31.74 12.85
CA LEU C 83 -17.81 30.36 12.84
C LEU C 83 -16.33 30.22 12.54
N HIS C 84 -15.80 31.07 11.65
CA HIS C 84 -14.39 30.99 11.32
C HIS C 84 -13.53 31.46 12.49
N ALA C 85 -13.83 32.63 13.05
CA ALA C 85 -13.03 33.16 14.15
C ALA C 85 -13.12 32.25 15.37
N ASN C 86 -14.32 31.84 15.73
CA ASN C 86 -14.47 30.97 16.88
C ASN C 86 -13.97 29.56 16.61
N GLY C 87 -14.08 29.12 15.34
CA GLY C 87 -13.60 27.79 14.99
C GLY C 87 -12.10 27.65 15.23
N ALA C 88 -11.37 28.76 15.11
CA ALA C 88 -9.94 28.72 15.36
C ALA C 88 -9.72 28.30 16.80
N SER C 89 -10.57 28.78 17.71
CA SER C 89 -10.44 28.39 19.12
C SER C 89 -10.83 26.94 19.34
N PHE C 90 -11.85 26.48 18.65
CA PHE C 90 -12.28 25.10 18.81
C PHE C 90 -11.10 24.26 18.37
N PHE C 91 -10.43 24.75 17.32
CA PHE C 91 -9.30 24.03 16.78
C PHE C 91 -8.23 23.87 17.85
N PHE C 92 -7.80 24.98 18.47
CA PHE C 92 -6.77 24.89 19.51
C PHE C 92 -7.18 24.12 20.78
N ILE C 93 -8.41 24.29 21.24
CA ILE C 93 -8.84 23.55 22.42
C ILE C 93 -8.64 22.09 22.07
N CYS C 94 -9.12 21.69 20.90
CA CYS C 94 -8.97 20.31 20.48
C CYS C 94 -7.52 19.89 20.34
N ILE C 95 -6.70 20.75 19.76
CA ILE C 95 -5.33 20.34 19.60
C ILE C 95 -4.62 20.18 20.94
N PHE C 96 -4.99 21.01 21.92
CA PHE C 96 -4.31 20.89 23.21
C PHE C 96 -4.76 19.64 23.98
N LEU C 97 -6.03 19.25 23.84
CA LEU C 97 -6.47 18.04 24.51
C LEU C 97 -5.82 16.84 23.79
N HIS C 98 -5.69 16.92 22.46
CA HIS C 98 -5.08 15.86 21.64
C HIS C 98 -3.66 15.63 22.17
N ILE C 99 -2.91 16.72 22.30
CA ILE C 99 -1.54 16.61 22.79
C ILE C 99 -1.50 16.07 24.23
N GLY C 100 -2.34 16.64 25.08
CA GLY C 100 -2.38 16.19 26.46
C GLY C 100 -2.53 14.71 26.54
N ARG C 101 -3.53 14.20 25.84
CA ARG C 101 -3.81 12.78 25.78
C ARG C 101 -2.51 12.08 25.43
N GLY C 102 -1.84 12.59 24.41
CA GLY C 102 -0.60 11.96 24.00
C GLY C 102 0.49 11.89 25.04
N LEU C 103 0.64 12.97 25.81
CA LEU C 103 1.65 13.00 26.85
C LEU C 103 1.31 12.02 27.94
N TYR C 104 0.07 12.05 28.41
CA TYR C 104 -0.41 11.19 29.47
C TYR C 104 -0.37 9.71 29.13
N TYR C 105 -0.62 9.37 27.86
CA TYR C 105 -0.65 7.96 27.45
C TYR C 105 0.55 7.44 26.68
N GLY C 106 1.57 8.27 26.55
CA GLY C 106 2.78 7.85 25.88
C GLY C 106 2.63 7.62 24.41
N SER C 107 1.67 8.30 23.80
CA SER C 107 1.46 8.17 22.38
C SER C 107 2.71 8.63 21.64
N TYR C 108 3.48 9.50 22.29
CA TYR C 108 4.68 10.04 21.70
C TYR C 108 5.70 8.96 21.41
N LEU C 109 5.51 7.77 21.97
CA LEU C 109 6.44 6.70 21.70
C LEU C 109 6.35 6.28 20.25
N TYR C 110 5.28 6.72 19.58
CA TYR C 110 5.09 6.49 18.15
C TYR C 110 5.79 7.72 17.56
N LYS C 111 7.11 7.76 17.71
CA LYS C 111 7.92 8.88 17.25
C LYS C 111 7.54 9.69 16.00
N GLU C 112 7.32 9.02 14.87
CA GLU C 112 7.00 9.76 13.65
C GLU C 112 5.60 10.35 13.67
N THR C 113 4.65 9.60 14.23
CA THR C 113 3.31 10.13 14.30
C THR C 113 3.41 11.37 15.16
N TRP C 114 4.22 11.30 16.22
CA TRP C 114 4.41 12.43 17.13
C TRP C 114 5.08 13.63 16.46
N ASN C 115 6.24 13.43 15.83
CA ASN C 115 6.91 14.55 15.20
C ASN C 115 6.07 15.24 14.13
N THR C 116 5.36 14.48 13.30
CA THR C 116 4.52 15.14 12.31
C THR C 116 3.49 15.96 13.09
N GLY C 117 3.07 15.42 14.24
CA GLY C 117 2.11 16.12 15.07
C GLY C 117 2.68 17.48 15.48
N VAL C 118 3.91 17.48 15.98
CA VAL C 118 4.49 18.75 16.39
C VAL C 118 4.48 19.69 15.19
N ILE C 119 4.78 19.17 14.01
CA ILE C 119 4.77 20.02 12.83
C ILE C 119 3.35 20.56 12.54
N LEU C 120 2.33 19.75 12.77
CA LEU C 120 0.97 20.21 12.54
C LEU C 120 0.65 21.41 13.42
N LEU C 121 1.05 21.30 14.70
CA LEU C 121 0.86 22.37 15.69
C LEU C 121 1.54 23.67 15.24
N LEU C 122 2.82 23.57 14.90
CA LEU C 122 3.54 24.73 14.44
C LEU C 122 2.84 25.37 13.23
N THR C 123 2.48 24.55 12.24
CA THR C 123 1.83 25.08 11.06
C THR C 123 0.51 25.72 11.44
N LEU C 124 -0.23 25.11 12.36
CA LEU C 124 -1.51 25.67 12.80
C LEU C 124 -1.35 27.05 13.44
N MET C 125 -0.26 27.22 14.19
CA MET C 125 0.00 28.48 14.86
C MET C 125 0.35 29.54 13.85
N ALA C 126 1.22 29.21 12.92
CA ALA C 126 1.57 30.17 11.90
C ALA C 126 0.26 30.57 11.17
N THR C 127 -0.55 29.58 10.81
CA THR C 127 -1.79 29.88 10.11
C THR C 127 -2.64 30.91 10.87
N ALA C 128 -2.88 30.64 12.16
CA ALA C 128 -3.71 31.56 12.94
C ALA C 128 -3.04 32.92 13.11
N PHE C 129 -1.72 32.95 13.16
CA PHE C 129 -1.04 34.22 13.32
C PHE C 129 -1.28 35.11 12.12
N VAL C 130 -1.04 34.58 10.92
CA VAL C 130 -1.25 35.37 9.71
C VAL C 130 -2.74 35.64 9.51
N GLY C 131 -3.57 34.68 9.88
CA GLY C 131 -4.99 34.91 9.74
C GLY C 131 -5.43 36.12 10.55
N TYR C 132 -5.01 36.16 11.82
CA TYR C 132 -5.39 37.23 12.72
C TYR C 132 -5.10 38.62 12.17
N VAL C 133 -4.07 38.74 11.37
CA VAL C 133 -3.72 40.05 10.84
C VAL C 133 -4.70 40.56 9.78
N LEU C 134 -5.32 39.66 9.05
CA LEU C 134 -6.20 40.07 7.98
C LEU C 134 -7.30 41.11 8.21
N PRO C 135 -8.01 41.07 9.36
CA PRO C 135 -9.03 42.10 9.52
C PRO C 135 -8.45 43.49 9.67
N TRP C 136 -7.15 43.54 9.93
CA TRP C 136 -6.45 44.82 10.03
C TRP C 136 -7.05 45.79 11.08
N GLY C 137 -7.40 45.22 12.24
CA GLY C 137 -7.87 46.03 13.34
C GLY C 137 -6.62 46.43 14.14
N GLN C 138 -6.79 47.05 15.30
CA GLN C 138 -5.65 47.47 16.12
C GLN C 138 -4.80 46.32 16.63
N MET C 139 -5.43 45.28 17.15
CA MET C 139 -4.67 44.17 17.69
C MET C 139 -4.06 43.39 16.55
N SER C 140 -4.69 43.48 15.38
CA SER C 140 -4.17 42.78 14.19
C SER C 140 -2.81 43.37 13.90
N PHE C 141 -2.78 44.67 13.76
CA PHE C 141 -1.56 45.36 13.43
C PHE C 141 -0.48 45.29 14.51
N TRP C 142 -0.85 45.60 15.74
CA TRP C 142 0.14 45.60 16.81
C TRP C 142 0.67 44.22 17.19
N GLY C 143 -0.17 43.20 17.04
CA GLY C 143 0.29 41.87 17.35
C GLY C 143 1.31 41.49 16.28
N ALA C 144 1.00 41.86 15.03
CA ALA C 144 1.90 41.56 13.93
C ALA C 144 3.25 42.23 14.18
N THR C 145 3.18 43.50 14.60
CA THR C 145 4.37 44.30 14.89
C THR C 145 5.22 43.73 16.02
N VAL C 146 4.61 43.58 17.17
CA VAL C 146 5.31 43.04 18.33
C VAL C 146 6.07 41.75 18.04
N ILE C 147 5.37 40.76 17.48
CA ILE C 147 5.98 39.48 17.20
C ILE C 147 7.05 39.51 16.13
N THR C 148 6.76 40.12 14.98
CA THR C 148 7.76 40.19 13.91
C THR C 148 9.00 40.99 14.29
N ASN C 149 8.85 41.98 15.17
CA ASN C 149 10.01 42.75 15.58
C ASN C 149 10.97 41.90 16.41
N LEU C 150 10.48 40.79 16.93
CA LEU C 150 11.33 39.93 17.74
C LEU C 150 12.50 39.39 16.95
N PHE C 151 12.30 39.21 15.66
CA PHE C 151 13.37 38.65 14.87
C PHE C 151 14.50 39.59 14.55
N SER C 152 14.30 40.89 14.75
CA SER C 152 15.38 41.82 14.46
C SER C 152 16.42 41.64 15.56
N ALA C 153 16.08 40.82 16.54
CA ALA C 153 16.94 40.51 17.70
C ALA C 153 17.91 39.37 17.38
N ILE C 154 17.64 38.64 16.30
CA ILE C 154 18.52 37.56 15.91
C ILE C 154 19.80 38.21 15.40
N PRO C 155 20.95 37.67 15.78
CA PRO C 155 22.27 38.19 15.38
C PRO C 155 22.57 38.25 13.88
N TYR C 156 23.18 39.37 13.47
CA TYR C 156 23.59 39.56 12.08
C TYR C 156 22.51 39.49 11.00
N ILE C 157 21.84 38.34 10.89
CA ILE C 157 20.78 38.17 9.89
C ILE C 157 19.45 38.73 10.37
N GLY C 158 19.46 39.27 11.59
CA GLY C 158 18.24 39.81 12.16
C GLY C 158 17.47 40.80 11.32
N HIS C 159 17.93 42.04 11.34
CA HIS C 159 17.28 43.10 10.60
C HIS C 159 16.91 42.72 9.18
N THR C 160 17.73 41.91 8.55
CA THR C 160 17.45 41.47 7.19
C THR C 160 16.18 40.65 7.14
N LEU C 161 16.21 39.52 7.84
CA LEU C 161 15.08 38.62 7.90
C LEU C 161 13.75 39.36 8.12
N VAL C 162 13.76 40.33 9.03
CA VAL C 162 12.57 41.10 9.35
C VAL C 162 12.08 41.98 8.21
N GLU C 163 12.97 42.80 7.66
CA GLU C 163 12.58 43.70 6.57
C GLU C 163 12.24 42.90 5.33
N TRP C 164 12.65 41.65 5.32
CA TRP C 164 12.37 40.78 4.21
C TRP C 164 10.94 40.30 4.42
N ALA C 165 10.63 39.89 5.64
CA ALA C 165 9.30 39.42 5.99
C ALA C 165 8.22 40.47 5.79
N TRP C 166 8.50 41.70 6.20
CA TRP C 166 7.54 42.80 6.04
C TRP C 166 7.41 43.28 4.60
N GLY C 167 8.50 43.15 3.84
CA GLY C 167 8.50 43.61 2.47
C GLY C 167 8.62 45.14 2.48
N GLY C 168 9.25 45.66 3.53
CA GLY C 168 9.42 47.08 3.70
C GLY C 168 10.00 47.40 5.07
N PHE C 169 9.70 48.57 5.61
CA PHE C 169 10.28 48.95 6.88
C PHE C 169 9.38 48.82 8.09
N SER C 170 8.18 48.31 7.87
CA SER C 170 7.23 48.14 8.95
C SER C 170 6.10 47.30 8.42
N VAL C 171 5.22 46.87 9.32
CA VAL C 171 4.10 46.08 8.90
C VAL C 171 3.26 47.03 8.11
N ASP C 172 3.08 46.74 6.82
CA ASP C 172 2.29 47.61 5.97
C ASP C 172 1.63 46.78 4.86
N ASN C 173 1.02 47.43 3.88
CA ASN C 173 0.33 46.70 2.85
C ASN C 173 1.08 45.52 2.27
N PRO C 174 2.37 45.70 1.97
CA PRO C 174 3.05 44.53 1.41
C PRO C 174 3.04 43.32 2.33
N THR C 175 3.00 43.58 3.63
CA THR C 175 2.98 42.51 4.62
C THR C 175 1.59 41.85 4.60
N LEU C 176 0.57 42.68 4.55
CA LEU C 176 -0.77 42.20 4.54
C LEU C 176 -1.04 41.29 3.36
N THR C 177 -0.64 41.70 2.17
CA THR C 177 -0.94 40.86 1.02
C THR C 177 -0.21 39.53 1.03
N ARG C 178 1.02 39.51 1.54
CA ARG C 178 1.74 38.22 1.59
C ARG C 178 1.17 37.37 2.72
N PHE C 179 0.64 38.02 3.75
CA PHE C 179 0.06 37.26 4.86
C PHE C 179 -1.23 36.57 4.43
N PHE C 180 -1.98 37.22 3.55
CA PHE C 180 -3.22 36.63 3.03
C PHE C 180 -2.84 35.38 2.26
N ALA C 181 -1.87 35.51 1.35
CA ALA C 181 -1.43 34.37 0.56
C ALA C 181 -1.01 33.22 1.48
N LEU C 182 -0.23 33.52 2.51
CA LEU C 182 0.20 32.47 3.45
C LEU C 182 -0.97 31.86 4.18
N HIS C 183 -1.92 32.69 4.59
CA HIS C 183 -3.05 32.17 5.33
C HIS C 183 -3.87 31.27 4.45
N PHE C 184 -4.04 31.64 3.20
CA PHE C 184 -4.82 30.84 2.29
C PHE C 184 -4.09 29.49 2.09
N LEU C 185 -2.77 29.57 1.94
CA LEU C 185 -1.95 28.40 1.68
C LEU C 185 -1.71 27.37 2.77
N LEU C 186 -1.17 27.79 3.92
CA LEU C 186 -0.86 26.88 5.01
C LEU C 186 -1.92 25.84 5.38
N PRO C 187 -3.21 26.22 5.43
CA PRO C 187 -4.20 25.21 5.78
C PRO C 187 -4.10 23.97 4.88
N PHE C 188 -3.75 24.19 3.64
CA PHE C 188 -3.61 23.08 2.73
C PHE C 188 -2.39 22.24 3.09
N ALA C 189 -1.36 22.88 3.62
CA ALA C 189 -0.19 22.11 4.04
C ALA C 189 -0.62 21.28 5.27
N ILE C 190 -1.47 21.87 6.12
CA ILE C 190 -1.92 21.15 7.29
C ILE C 190 -2.67 19.90 6.85
N ALA C 191 -3.56 20.04 5.87
CA ALA C 191 -4.29 18.88 5.36
C ALA C 191 -3.29 17.85 4.83
N GLY C 192 -2.33 18.31 4.04
CA GLY C 192 -1.32 17.40 3.52
C GLY C 192 -0.61 16.65 4.65
N ILE C 193 0.04 17.38 5.52
CA ILE C 193 0.76 16.77 6.64
C ILE C 193 -0.15 15.89 7.49
N THR C 194 -1.42 16.25 7.63
CA THR C 194 -2.32 15.41 8.39
C THR C 194 -2.37 14.01 7.77
N ILE C 195 -2.27 13.90 6.46
CA ILE C 195 -2.33 12.60 5.81
C ILE C 195 -1.10 11.82 6.20
N ILE C 196 0.05 12.47 6.16
CA ILE C 196 1.31 11.81 6.55
C ILE C 196 1.18 11.35 8.03
N HIS C 197 0.60 12.22 8.87
CA HIS C 197 0.39 11.95 10.29
C HIS C 197 -0.32 10.61 10.43
N LEU C 198 -1.49 10.49 9.81
CA LEU C 198 -2.26 9.26 9.88
C LEU C 198 -1.57 8.07 9.21
N THR C 199 -0.73 8.34 8.21
CA THR C 199 -0.03 7.26 7.53
C THR C 199 0.97 6.60 8.46
N PHE C 200 1.75 7.40 9.16
CA PHE C 200 2.70 6.85 10.11
C PHE C 200 1.88 6.13 11.17
N LEU C 201 0.86 6.80 11.66
CA LEU C 201 0.02 6.22 12.69
C LEU C 201 -0.44 4.82 12.33
N HIS C 202 -0.96 4.63 11.13
CA HIS C 202 -1.45 3.31 10.72
C HIS C 202 -0.40 2.21 10.68
N GLU C 203 0.87 2.59 10.77
CA GLU C 203 1.94 1.58 10.79
C GLU C 203 1.79 0.75 12.06
N SER C 204 1.45 1.43 13.16
CA SER C 204 1.29 0.79 14.45
C SER C 204 -0.16 0.56 14.89
N GLY C 205 -1.03 1.51 14.54
CA GLY C 205 -2.42 1.43 14.94
C GLY C 205 -2.47 2.24 16.22
N SER C 206 -3.67 2.49 16.74
CA SER C 206 -3.81 3.28 17.96
C SER C 206 -3.25 2.63 19.22
N ASN C 207 -2.83 3.47 20.14
CA ASN C 207 -2.33 3.03 21.42
C ASN C 207 -3.64 2.98 22.23
N ASN C 208 -3.59 2.64 23.50
CA ASN C 208 -4.83 2.59 24.27
C ASN C 208 -4.57 3.02 25.73
N PRO C 209 -5.63 3.32 26.48
CA PRO C 209 -5.38 3.75 27.86
C PRO C 209 -4.65 2.85 28.87
N LEU C 210 -4.54 1.56 28.62
CA LEU C 210 -3.81 0.73 29.58
C LEU C 210 -2.37 0.58 29.14
N GLY C 211 -2.09 0.99 27.90
CA GLY C 211 -0.72 0.91 27.39
C GLY C 211 -0.14 -0.45 27.09
N ILE C 212 -1.00 -1.46 27.00
CA ILE C 212 -0.55 -2.80 26.71
C ILE C 212 -1.14 -3.20 25.35
N SER C 213 -0.54 -4.18 24.69
CA SER C 213 -1.01 -4.60 23.38
C SER C 213 -2.50 -4.87 23.30
N SER C 214 -3.17 -4.32 22.30
CA SER C 214 -4.59 -4.56 22.15
C SER C 214 -4.93 -5.52 21.00
N ASP C 215 -3.94 -6.28 20.54
CA ASP C 215 -4.10 -7.24 19.45
C ASP C 215 -5.08 -8.36 19.82
N SER C 216 -5.15 -8.61 21.12
CA SER C 216 -6.00 -9.62 21.68
C SER C 216 -7.45 -9.18 21.67
N ASP C 217 -7.68 -7.90 21.39
CA ASP C 217 -9.05 -7.39 21.40
C ASP C 217 -9.26 -6.16 20.53
N LYS C 218 -9.34 -6.36 19.22
CA LYS C 218 -9.56 -5.23 18.32
C LYS C 218 -10.92 -5.31 17.70
N ILE C 219 -11.48 -4.15 17.39
CA ILE C 219 -12.82 -4.06 16.79
C ILE C 219 -12.75 -3.13 15.58
N PRO C 220 -13.64 -3.33 14.60
CA PRO C 220 -13.60 -2.44 13.43
C PRO C 220 -13.96 -0.99 13.78
N PHE C 221 -13.25 -0.06 13.18
CA PHE C 221 -13.49 1.36 13.37
C PHE C 221 -14.96 1.66 13.24
N HIS C 222 -15.61 1.06 12.24
CA HIS C 222 -17.05 1.22 11.99
C HIS C 222 -17.80 -0.05 12.42
N PRO C 223 -18.92 0.10 13.15
CA PRO C 223 -19.60 1.31 13.61
C PRO C 223 -19.15 1.86 14.97
N TYR C 224 -18.37 1.08 15.70
CA TYR C 224 -17.93 1.50 17.02
C TYR C 224 -17.41 2.93 17.16
N TYR C 225 -16.34 3.26 16.44
CA TYR C 225 -15.79 4.59 16.53
C TYR C 225 -16.42 5.64 15.62
N SER C 226 -16.98 5.22 14.49
CA SER C 226 -17.62 6.21 13.64
C SER C 226 -18.77 6.77 14.49
N PHE C 227 -19.46 5.90 15.23
CA PHE C 227 -20.56 6.38 16.08
C PHE C 227 -20.03 7.16 17.27
N LYS C 228 -19.04 6.60 17.96
CA LYS C 228 -18.45 7.26 19.11
C LYS C 228 -17.94 8.65 18.69
N ASP C 229 -17.26 8.72 17.54
CA ASP C 229 -16.76 10.00 17.07
C ASP C 229 -17.85 11.01 16.67
N ILE C 230 -18.92 10.54 16.04
CA ILE C 230 -20.00 11.42 15.64
C ILE C 230 -20.64 11.98 16.88
N LEU C 231 -20.72 11.14 17.91
CA LEU C 231 -21.29 11.57 19.17
C LEU C 231 -20.38 12.63 19.77
N GLY C 232 -19.08 12.32 19.77
CA GLY C 232 -18.06 13.22 20.29
C GLY C 232 -18.14 14.56 19.58
N LEU C 233 -18.40 14.51 18.27
CA LEU C 233 -18.53 15.72 17.46
C LEU C 233 -19.67 16.60 17.97
N THR C 234 -20.88 16.05 18.11
CA THR C 234 -22.02 16.84 18.59
C THR C 234 -21.85 17.31 20.03
N LEU C 235 -21.20 16.50 20.86
CA LEU C 235 -20.98 16.92 22.23
C LEU C 235 -20.10 18.17 22.28
N MET C 236 -19.05 18.22 21.46
CA MET C 236 -18.20 19.40 21.47
C MET C 236 -18.86 20.56 20.73
N LEU C 237 -19.36 20.25 19.54
CA LEU C 237 -20.02 21.23 18.70
C LEU C 237 -21.10 22.08 19.40
N THR C 238 -21.73 21.54 20.46
CA THR C 238 -22.76 22.30 21.15
C THR C 238 -22.19 23.53 21.87
N PRO C 239 -21.21 23.35 22.78
CA PRO C 239 -20.64 24.52 23.45
C PRO C 239 -20.06 25.50 22.42
N PHE C 240 -19.44 24.96 21.38
CA PHE C 240 -18.87 25.81 20.32
C PHE C 240 -19.96 26.75 19.81
N LEU C 241 -21.04 26.18 19.28
CA LEU C 241 -22.13 26.99 18.75
C LEU C 241 -22.77 27.90 19.78
N THR C 242 -22.93 27.40 21.01
CA THR C 242 -23.52 28.19 22.09
C THR C 242 -22.73 29.50 22.28
N LEU C 243 -21.41 29.36 22.27
CA LEU C 243 -20.51 30.49 22.40
C LEU C 243 -20.62 31.40 21.17
N ALA C 244 -20.46 30.84 19.99
CA ALA C 244 -20.53 31.62 18.76
C ALA C 244 -21.88 32.29 18.51
N LEU C 245 -22.95 31.73 19.04
CA LEU C 245 -24.25 32.30 18.79
C LEU C 245 -24.78 33.16 19.93
N PHE C 246 -24.36 32.87 21.15
CA PHE C 246 -24.86 33.66 22.25
C PHE C 246 -23.84 34.64 22.81
N SER C 247 -22.56 34.35 22.64
CA SER C 247 -21.54 35.24 23.17
C SER C 247 -20.40 35.33 22.16
N PRO C 248 -20.71 35.78 20.95
CA PRO C 248 -19.81 35.93 19.80
C PRO C 248 -18.45 36.56 20.07
N ASN C 249 -18.43 37.61 20.89
CA ASN C 249 -17.18 38.31 21.17
C ASN C 249 -16.55 37.99 22.50
N LEU C 250 -17.01 36.94 23.16
CA LEU C 250 -16.45 36.58 24.45
C LEU C 250 -14.94 36.48 24.41
N LEU C 251 -14.41 35.80 23.41
CA LEU C 251 -12.97 35.60 23.32
C LEU C 251 -12.14 36.65 22.58
N GLY C 252 -12.80 37.56 21.87
CA GLY C 252 -12.04 38.55 21.13
C GLY C 252 -11.73 39.85 21.80
N ASP C 253 -10.73 40.54 21.28
CA ASP C 253 -10.34 41.82 21.86
C ASP C 253 -11.11 42.98 21.21
N PRO C 254 -11.78 43.80 22.04
CA PRO C 254 -12.54 44.93 21.53
C PRO C 254 -11.68 45.86 20.71
N GLU C 255 -10.40 45.86 21.03
CA GLU C 255 -9.41 46.69 20.37
C GLU C 255 -9.37 46.39 18.86
N ASN C 256 -9.85 45.21 18.47
CA ASN C 256 -9.85 44.87 17.05
C ASN C 256 -11.08 45.38 16.31
N PHE C 257 -11.94 46.11 17.00
CA PHE C 257 -13.09 46.72 16.35
C PHE C 257 -12.72 48.17 16.00
N THR C 258 -11.43 48.43 15.96
CA THR C 258 -10.92 49.75 15.67
C THR C 258 -9.90 49.56 14.58
N PRO C 259 -10.00 50.31 13.50
CA PRO C 259 -9.03 50.16 12.42
C PRO C 259 -7.58 50.37 12.90
N ALA C 260 -6.68 49.52 12.43
CA ALA C 260 -5.26 49.65 12.75
C ALA C 260 -4.82 51.10 12.59
N ASN C 261 -3.97 51.55 13.50
CA ASN C 261 -3.43 52.91 13.50
C ASN C 261 -1.99 52.79 14.02
N PRO C 262 -0.99 53.00 13.17
CA PRO C 262 0.40 52.90 13.59
C PRO C 262 0.82 54.01 14.55
N LEU C 263 -0.05 54.99 14.76
CA LEU C 263 0.26 56.11 15.62
C LEU C 263 -0.51 56.04 16.93
N VAL C 264 -0.83 54.84 17.37
CA VAL C 264 -1.52 54.69 18.63
C VAL C 264 -1.33 53.28 19.08
N THR C 265 -0.48 53.11 20.08
CA THR C 265 -0.19 51.81 20.63
C THR C 265 -1.23 51.40 21.66
N PRO C 266 -1.88 50.24 21.46
CA PRO C 266 -2.87 49.87 22.47
C PRO C 266 -2.13 49.64 23.82
N PRO C 267 -2.82 49.92 24.92
CA PRO C 267 -2.30 49.78 26.28
C PRO C 267 -1.85 48.36 26.59
N HIS C 268 -2.66 47.39 26.21
CA HIS C 268 -2.34 46.00 26.49
C HIS C 268 -2.38 45.13 25.26
N ILE C 269 -1.22 45.00 24.62
CA ILE C 269 -1.04 44.18 23.43
C ILE C 269 -0.90 42.73 23.89
N LYS C 270 -1.96 41.96 23.71
CA LYS C 270 -1.90 40.57 24.10
C LYS C 270 -2.64 39.71 23.05
N PRO C 271 -2.22 38.47 22.86
CA PRO C 271 -2.85 37.58 21.89
C PRO C 271 -4.13 36.91 22.29
N GLU C 272 -4.67 36.14 21.36
CA GLU C 272 -5.84 35.34 21.58
C GLU C 272 -5.43 34.35 22.68
N TRP C 273 -6.39 33.84 23.42
CA TRP C 273 -6.05 32.96 24.52
C TRP C 273 -5.07 31.83 24.22
N TYR C 274 -5.25 31.16 23.08
CA TYR C 274 -4.39 30.02 22.75
C TYR C 274 -2.90 30.31 22.55
N PHE C 275 -2.50 31.58 22.58
CA PHE C 275 -1.09 31.96 22.45
C PHE C 275 -0.55 32.53 23.76
N LEU C 276 -1.47 32.88 24.67
CA LEU C 276 -1.11 33.47 25.96
C LEU C 276 -0.01 32.71 26.70
N PHE C 277 -0.13 31.40 26.83
CA PHE C 277 0.89 30.66 27.54
C PHE C 277 2.28 30.96 26.99
N ALA C 278 2.40 31.03 25.66
CA ALA C 278 3.68 31.32 25.02
C ALA C 278 4.11 32.78 25.17
N TYR C 279 3.13 33.66 25.20
CA TYR C 279 3.40 35.07 25.34
C TYR C 279 3.99 35.29 26.75
N ALA C 280 3.49 34.53 27.73
CA ALA C 280 3.96 34.65 29.09
C ALA C 280 5.43 34.25 29.14
N ILE C 281 5.75 33.14 28.50
CA ILE C 281 7.12 32.69 28.52
C ILE C 281 7.97 33.69 27.78
N LEU C 282 7.45 34.26 26.71
CA LEU C 282 8.22 35.23 25.95
C LEU C 282 8.67 36.37 26.84
N ARG C 283 7.73 36.89 27.59
CA ARG C 283 7.97 38.01 28.47
C ARG C 283 8.65 37.67 29.78
N SER C 284 8.90 36.39 30.02
CA SER C 284 9.55 35.97 31.25
C SER C 284 11.04 36.26 31.21
N ILE C 285 11.61 36.28 30.01
CA ILE C 285 13.04 36.54 29.87
C ILE C 285 13.25 37.94 29.38
N PRO C 286 13.52 38.87 30.30
CA PRO C 286 13.75 40.27 29.87
C PRO C 286 15.11 40.27 29.12
N ASN C 287 15.04 40.36 27.80
CA ASN C 287 16.21 40.35 26.94
C ASN C 287 15.70 39.85 25.62
N LYS C 288 15.44 40.79 24.72
CA LYS C 288 14.89 40.43 23.42
C LYS C 288 15.31 39.07 22.89
N LEU C 289 16.61 38.79 22.82
CA LEU C 289 17.06 37.51 22.28
C LEU C 289 16.71 36.30 23.11
N GLY C 290 16.93 36.39 24.41
CA GLY C 290 16.63 35.28 25.28
C GLY C 290 15.16 34.92 25.27
N GLY C 291 14.30 35.93 25.27
CA GLY C 291 12.88 35.67 25.27
C GLY C 291 12.45 34.95 24.00
N VAL C 292 12.98 35.40 22.87
CA VAL C 292 12.65 34.78 21.61
C VAL C 292 13.05 33.32 21.67
N LEU C 293 14.23 33.01 22.17
CA LEU C 293 14.62 31.61 22.23
C LEU C 293 13.66 30.87 23.16
N ALA C 294 13.33 31.49 24.28
CA ALA C 294 12.44 30.86 25.24
C ALA C 294 11.09 30.52 24.57
N LEU C 295 10.59 31.46 23.77
CA LEU C 295 9.30 31.27 23.10
C LEU C 295 9.43 30.07 22.20
N ALA C 296 10.43 30.11 21.34
CA ALA C 296 10.73 29.04 20.42
C ALA C 296 10.80 27.72 21.17
N ALA C 297 11.59 27.70 22.23
CA ALA C 297 11.76 26.48 23.01
C ALA C 297 10.45 25.97 23.62
N SER C 298 9.57 26.89 24.00
CA SER C 298 8.30 26.49 24.61
C SER C 298 7.48 25.54 23.75
N VAL C 299 7.69 25.57 22.44
CA VAL C 299 6.94 24.67 21.60
C VAL C 299 7.87 23.61 21.01
N LEU C 300 9.06 24.00 20.62
CA LEU C 300 9.99 23.02 20.07
C LEU C 300 10.30 21.94 21.11
N ILE C 301 10.07 22.24 22.38
CA ILE C 301 10.37 21.31 23.47
C ILE C 301 9.64 19.98 23.21
N LEU C 302 8.51 20.05 22.50
CA LEU C 302 7.71 18.87 22.16
C LEU C 302 8.49 17.81 21.37
N PHE C 303 9.49 18.24 20.60
CA PHE C 303 10.29 17.30 19.84
C PHE C 303 11.20 16.43 20.74
N LEU C 304 11.37 16.81 22.01
CA LEU C 304 12.21 16.04 22.90
C LEU C 304 11.46 15.01 23.73
N ILE C 305 10.15 15.18 23.87
CA ILE C 305 9.37 14.27 24.68
C ILE C 305 9.63 12.80 24.46
N PRO C 306 9.74 12.36 23.19
CA PRO C 306 10.02 10.93 22.95
C PRO C 306 11.33 10.45 23.60
N PHE C 307 12.27 11.35 23.77
CA PHE C 307 13.56 10.97 24.35
C PHE C 307 13.64 11.14 25.86
N LEU C 308 12.54 11.54 26.50
CA LEU C 308 12.59 11.73 27.93
C LEU C 308 11.71 10.74 28.68
N HIS C 309 11.38 9.63 28.02
CA HIS C 309 10.55 8.59 28.59
C HIS C 309 11.45 7.59 29.30
N LYS C 310 11.27 7.46 30.61
CA LYS C 310 12.12 6.56 31.36
C LYS C 310 11.33 5.44 31.95
N SER C 311 10.02 5.63 32.05
CA SER C 311 9.18 4.59 32.64
C SER C 311 9.21 3.27 31.87
N LYS C 312 8.99 2.18 32.61
CA LYS C 312 8.98 0.86 32.02
C LYS C 312 7.59 0.57 31.44
N GLN C 313 6.64 1.43 31.81
CA GLN C 313 5.28 1.34 31.36
C GLN C 313 5.03 2.49 30.40
N ARG C 314 4.11 2.28 29.45
CA ARG C 314 3.81 3.31 28.45
C ARG C 314 2.98 4.50 28.92
N THR C 315 1.82 4.21 29.49
CA THR C 315 0.94 5.27 29.96
C THR C 315 1.22 5.71 31.39
N MET C 316 0.38 6.62 31.88
CA MET C 316 0.54 7.09 33.24
C MET C 316 -0.60 6.50 34.06
N THR C 317 -1.43 5.68 33.41
CA THR C 317 -2.56 5.08 34.10
C THR C 317 -2.16 4.45 35.41
N PHE C 318 -1.03 3.78 35.46
CA PHE C 318 -0.60 3.10 36.68
C PHE C 318 0.61 3.76 37.35
N ARG C 319 0.78 5.05 37.11
CA ARG C 319 1.90 5.82 37.67
C ARG C 319 1.37 7.07 38.39
N PRO C 320 0.88 6.90 39.62
CA PRO C 320 0.34 8.01 40.40
C PRO C 320 1.26 9.23 40.60
N LEU C 321 2.57 9.03 40.79
CA LEU C 321 3.44 10.19 40.95
C LEU C 321 3.45 11.01 39.66
N SER C 322 3.56 10.32 38.52
CA SER C 322 3.56 10.98 37.22
C SER C 322 2.22 11.66 36.98
N GLN C 323 1.14 11.03 37.42
CA GLN C 323 -0.17 11.63 37.26
C GLN C 323 -0.28 13.00 37.93
N THR C 324 0.22 13.14 39.15
CA THR C 324 0.12 14.44 39.78
C THR C 324 1.05 15.39 39.04
N LEU C 325 2.26 14.93 38.75
CA LEU C 325 3.17 15.79 38.01
C LEU C 325 2.46 16.29 36.75
N PHE C 326 1.76 15.39 36.08
CA PHE C 326 1.00 15.72 34.87
C PHE C 326 -0.02 16.84 35.13
N TRP C 327 -0.84 16.72 36.17
CA TRP C 327 -1.82 17.79 36.47
C TRP C 327 -1.16 19.07 37.01
N LEU C 328 0.03 18.93 37.58
CA LEU C 328 0.76 20.08 38.05
C LEU C 328 1.06 20.88 36.79
N LEU C 329 1.58 20.18 35.79
CA LEU C 329 1.92 20.80 34.51
C LEU C 329 0.70 21.45 33.86
N VAL C 330 -0.44 20.78 33.91
CA VAL C 330 -1.63 21.35 33.32
C VAL C 330 -1.92 22.68 34.03
N ALA C 331 -1.98 22.64 35.36
CA ALA C 331 -2.23 23.86 36.14
C ALA C 331 -1.16 24.90 35.81
N ASN C 332 0.08 24.45 35.63
CA ASN C 332 1.19 25.33 35.28
C ASN C 332 0.80 26.13 34.05
N LEU C 333 0.20 25.43 33.07
CA LEU C 333 -0.24 26.06 31.82
C LEU C 333 -1.39 27.07 31.99
N LEU C 334 -2.36 26.77 32.83
CA LEU C 334 -3.42 27.74 33.08
C LEU C 334 -2.77 28.99 33.66
N ILE C 335 -1.84 28.81 34.59
CA ILE C 335 -1.18 29.94 35.18
C ILE C 335 -0.46 30.77 34.13
N LEU C 336 0.28 30.13 33.23
CA LEU C 336 0.98 30.89 32.20
C LEU C 336 -0.03 31.62 31.30
N THR C 337 -1.14 30.96 31.01
CA THR C 337 -2.17 31.56 30.20
C THR C 337 -2.64 32.83 30.90
N TRP C 338 -2.90 32.71 32.19
CA TRP C 338 -3.33 33.83 33.00
C TRP C 338 -2.26 34.93 33.02
N ILE C 339 -1.00 34.56 33.26
CA ILE C 339 0.03 35.57 33.28
C ILE C 339 0.11 36.25 31.94
N GLY C 340 -0.08 35.47 30.87
CA GLY C 340 -0.03 36.02 29.52
C GLY C 340 -1.04 37.14 29.25
N SER C 341 -2.17 37.10 29.92
CA SER C 341 -3.19 38.13 29.76
C SER C 341 -3.01 39.34 30.69
N GLN C 342 -2.00 39.31 31.55
CA GLN C 342 -1.78 40.38 32.50
C GLN C 342 -0.68 41.34 32.10
N PRO C 343 -0.74 42.57 32.61
CA PRO C 343 0.30 43.54 32.27
C PRO C 343 1.59 43.07 32.91
N VAL C 344 2.71 43.59 32.42
CA VAL C 344 4.02 43.22 32.94
C VAL C 344 4.38 44.05 34.17
N GLU C 345 3.90 43.60 35.32
CA GLU C 345 4.11 44.28 36.58
C GLU C 345 4.11 43.31 37.75
N HIS C 346 4.53 43.79 38.91
CA HIS C 346 4.53 42.94 40.10
C HIS C 346 3.05 42.75 40.44
N PRO C 347 2.64 41.55 40.89
CA PRO C 347 3.41 40.34 41.13
C PRO C 347 3.42 39.40 39.92
N PHE C 348 2.74 39.81 38.84
CA PHE C 348 2.66 38.99 37.63
C PHE C 348 4.04 38.68 37.04
N ILE C 349 5.01 39.59 37.19
CA ILE C 349 6.34 39.35 36.66
C ILE C 349 7.05 38.18 37.32
N ILE C 350 7.12 38.20 38.65
CA ILE C 350 7.80 37.13 39.35
C ILE C 350 7.04 35.81 39.16
N ILE C 351 5.72 35.86 39.32
CA ILE C 351 4.90 34.66 39.12
C ILE C 351 5.18 34.09 37.72
N GLY C 352 5.27 34.98 36.73
CA GLY C 352 5.51 34.56 35.37
C GLY C 352 6.77 33.77 35.18
N GLN C 353 7.85 34.21 35.81
CA GLN C 353 9.10 33.49 35.66
C GLN C 353 9.06 32.16 36.40
N MET C 354 8.32 32.13 37.49
CA MET C 354 8.21 30.91 38.25
C MET C 354 7.55 29.89 37.35
N ALA C 355 6.42 30.28 36.76
CA ALA C 355 5.66 29.41 35.89
C ALA C 355 6.47 28.99 34.66
N SER C 356 7.21 29.92 34.07
CA SER C 356 8.01 29.57 32.91
C SER C 356 9.07 28.56 33.27
N LEU C 357 9.69 28.78 34.42
CA LEU C 357 10.74 27.92 34.89
C LEU C 357 10.23 26.53 35.22
N SER C 358 9.10 26.46 35.91
CA SER C 358 8.55 25.16 36.29
C SER C 358 8.09 24.39 35.07
N TYR C 359 7.65 25.12 34.06
CA TYR C 359 7.19 24.49 32.83
C TYR C 359 8.29 23.63 32.27
N PHE C 360 9.43 24.26 31.95
CA PHE C 360 10.56 23.54 31.39
C PHE C 360 11.13 22.48 32.33
N THR C 361 11.11 22.77 33.62
CA THR C 361 11.65 21.82 34.60
C THR C 361 10.86 20.53 34.61
N ILE C 362 9.54 20.65 34.65
CA ILE C 362 8.66 19.50 34.69
C ILE C 362 8.83 18.57 33.50
N LEU C 363 8.97 19.15 32.32
CA LEU C 363 9.15 18.33 31.13
C LEU C 363 10.57 17.85 30.95
N LEU C 364 11.55 18.68 31.28
CA LEU C 364 12.93 18.29 31.10
C LEU C 364 13.56 17.52 32.24
N ILE C 365 13.25 17.89 33.48
CA ILE C 365 13.88 17.22 34.60
C ILE C 365 13.01 16.30 35.43
N LEU C 366 11.87 16.81 35.89
CA LEU C 366 11.02 15.99 36.73
C LEU C 366 10.37 14.78 36.12
N PHE C 367 9.75 14.92 34.94
CA PHE C 367 9.11 13.76 34.35
C PHE C 367 10.07 12.59 34.16
N PRO C 368 11.20 12.84 33.52
CA PRO C 368 12.11 11.71 33.35
C PRO C 368 12.60 11.16 34.69
N THR C 369 12.84 12.05 35.64
CA THR C 369 13.31 11.65 36.96
C THR C 369 12.29 10.83 37.71
N ILE C 370 11.07 11.34 37.84
CA ILE C 370 10.05 10.62 38.55
C ILE C 370 9.81 9.25 37.90
N GLY C 371 9.94 9.19 36.57
CA GLY C 371 9.73 7.93 35.87
C GLY C 371 10.70 6.87 36.32
N THR C 372 11.97 7.26 36.41
CA THR C 372 13.02 6.37 36.87
C THR C 372 12.72 5.95 38.30
N LEU C 373 12.42 6.93 39.15
CA LEU C 373 12.10 6.67 40.54
C LEU C 373 10.99 5.62 40.66
N GLU C 374 9.95 5.78 39.85
CA GLU C 374 8.83 4.84 39.84
C GLU C 374 9.29 3.46 39.40
N ASN C 375 10.26 3.40 38.49
CA ASN C 375 10.70 2.10 38.07
C ASN C 375 11.26 1.34 39.26
N LYS C 376 11.95 2.04 40.16
CA LYS C 376 12.50 1.38 41.33
C LYS C 376 11.43 0.95 42.28
N MET C 377 10.41 1.77 42.46
CA MET C 377 9.32 1.40 43.35
C MET C 377 8.51 0.19 42.89
N LEU C 378 8.77 -0.28 41.68
CA LEU C 378 8.11 -1.48 41.16
C LEU C 378 9.13 -2.60 41.19
N ASN C 379 10.27 -2.32 41.78
CA ASN C 379 11.36 -3.27 41.88
C ASN C 379 11.83 -3.65 40.47
N TYR C 380 12.11 -2.62 39.68
CA TYR C 380 12.57 -2.74 38.30
C TYR C 380 13.84 -1.92 38.11
N GLY D 1 -2.83 56.14 39.29
CA GLY D 1 -2.43 56.12 37.86
C GLY D 1 -3.07 55.00 37.05
N GLU D 2 -3.15 53.82 37.65
CA GLU D 2 -3.74 52.63 37.00
C GLU D 2 -5.16 52.42 37.52
N LEU D 3 -5.68 53.43 38.23
CA LEU D 3 -7.03 53.38 38.78
C LEU D 3 -8.07 53.65 37.72
N GLU D 4 -9.18 52.93 37.80
CA GLU D 4 -10.26 53.12 36.86
C GLU D 4 -11.57 52.61 37.43
N LEU D 5 -12.63 53.33 37.14
CA LEU D 5 -13.94 52.93 37.63
C LEU D 5 -14.64 52.09 36.56
N HIS D 6 -15.02 50.87 36.93
CA HIS D 6 -15.71 49.98 36.01
C HIS D 6 -17.23 50.14 36.10
N PRO D 7 -17.89 50.31 34.95
CA PRO D 7 -19.34 50.49 34.97
C PRO D 7 -20.09 49.32 35.58
N PRO D 8 -21.35 49.53 35.93
CA PRO D 8 -22.14 48.47 36.52
C PRO D 8 -22.89 47.76 35.40
N ALA D 9 -23.53 46.65 35.71
CA ALA D 9 -24.26 45.93 34.68
C ALA D 9 -25.72 46.28 34.66
N PHE D 10 -26.13 47.10 33.70
CA PHE D 10 -27.55 47.43 33.64
C PHE D 10 -28.29 46.26 33.02
N PRO D 11 -29.55 46.08 33.36
CA PRO D 11 -30.35 44.99 32.83
C PRO D 11 -31.03 45.28 31.52
N TRP D 12 -30.26 45.41 30.44
CA TRP D 12 -30.85 45.70 29.13
C TRP D 12 -31.90 44.67 28.68
N SER D 13 -32.95 45.15 28.04
CA SER D 13 -34.01 44.25 27.56
C SER D 13 -33.49 43.28 26.47
N HIS D 14 -32.31 43.54 25.95
CA HIS D 14 -31.73 42.70 24.91
C HIS D 14 -30.52 41.93 25.44
N GLY D 15 -30.43 41.81 26.77
CA GLY D 15 -29.32 41.09 27.37
C GLY D 15 -29.48 39.58 27.46
N GLY D 16 -30.70 39.11 27.68
CA GLY D 16 -30.91 37.67 27.77
C GLY D 16 -30.49 37.01 26.48
N PRO D 17 -29.98 35.76 26.53
CA PRO D 17 -29.56 35.08 25.32
C PRO D 17 -30.69 34.93 24.33
N LEU D 18 -31.92 34.88 24.83
CA LEU D 18 -33.05 34.74 23.92
C LEU D 18 -33.83 36.04 23.75
N SER D 19 -33.30 37.14 24.25
CA SER D 19 -34.04 38.38 24.16
C SER D 19 -33.55 39.39 23.14
N ALA D 20 -34.42 39.64 22.18
CA ALA D 20 -34.13 40.58 21.10
C ALA D 20 -34.04 42.03 21.60
N LEU D 21 -33.72 42.93 20.69
CA LEU D 21 -33.62 44.35 21.01
C LEU D 21 -35.05 44.89 21.06
N ASP D 22 -35.27 45.93 21.87
CA ASP D 22 -36.59 46.54 21.90
C ASP D 22 -36.50 47.55 20.76
N HIS D 23 -37.15 47.22 19.65
CA HIS D 23 -37.09 48.07 18.48
C HIS D 23 -37.66 49.46 18.64
N SER D 24 -38.61 49.62 19.56
CA SER D 24 -39.14 50.95 19.82
C SER D 24 -38.00 51.80 20.43
N SER D 25 -37.21 51.17 21.30
CA SER D 25 -36.09 51.84 21.92
C SER D 25 -35.01 52.12 20.88
N VAL D 26 -34.79 51.18 19.96
CA VAL D 26 -33.78 51.42 18.94
C VAL D 26 -34.18 52.60 18.07
N ARG D 27 -35.48 52.71 17.77
CA ARG D 27 -35.98 53.82 16.94
C ARG D 27 -35.70 55.16 17.61
N ARG D 28 -36.00 55.27 18.90
CA ARG D 28 -35.71 56.52 19.61
C ARG D 28 -34.21 56.76 19.61
N GLY D 29 -33.44 55.70 19.82
CA GLY D 29 -32.00 55.83 19.83
C GLY D 29 -31.45 56.46 18.56
N PHE D 30 -32.07 56.10 17.45
CA PHE D 30 -31.67 56.60 16.14
C PHE D 30 -31.89 58.12 16.13
N GLN D 31 -33.01 58.53 16.71
CA GLN D 31 -33.34 59.95 16.74
C GLN D 31 -32.28 60.70 17.51
N VAL D 32 -31.89 60.15 18.65
CA VAL D 32 -30.87 60.80 19.44
C VAL D 32 -29.65 60.96 18.56
N TYR D 33 -29.14 59.86 18.02
CA TYR D 33 -27.97 59.93 17.16
C TYR D 33 -28.12 60.96 16.04
N LYS D 34 -29.22 60.85 15.31
CA LYS D 34 -29.46 61.74 14.18
C LYS D 34 -29.50 63.20 14.60
N GLN D 35 -30.18 63.51 15.70
CA GLN D 35 -30.30 64.89 16.14
C GLN D 35 -29.26 65.43 17.09
N VAL D 36 -28.48 64.55 17.73
CA VAL D 36 -27.46 64.97 18.69
C VAL D 36 -26.05 64.53 18.36
N CYS D 37 -25.82 63.23 18.40
CA CYS D 37 -24.50 62.69 18.16
C CYS D 37 -23.97 62.88 16.73
N SER D 38 -24.85 62.73 15.73
CA SER D 38 -24.39 62.85 14.36
C SER D 38 -23.77 64.21 14.04
N ALA D 39 -23.83 65.12 14.99
CA ALA D 39 -23.24 66.42 14.80
C ALA D 39 -21.73 66.29 14.82
N CYS D 40 -21.22 65.36 15.59
CA CYS D 40 -19.77 65.22 15.67
C CYS D 40 -19.32 63.80 15.44
N HIS D 41 -20.25 62.87 15.49
CA HIS D 41 -19.91 61.47 15.32
C HIS D 41 -20.40 60.86 14.04
N SER D 42 -19.49 60.24 13.31
CA SER D 42 -19.81 59.56 12.07
C SER D 42 -20.21 58.11 12.40
N MET D 43 -21.04 57.53 11.54
CA MET D 43 -21.46 56.15 11.69
C MET D 43 -21.37 55.56 10.29
N ASP D 44 -20.16 55.48 9.79
CA ASP D 44 -19.89 55.03 8.43
C ASP D 44 -20.46 53.74 7.91
N TYR D 45 -20.67 52.74 8.76
CA TYR D 45 -21.17 51.46 8.28
C TYR D 45 -22.67 51.25 8.20
N VAL D 46 -23.46 52.25 8.57
CA VAL D 46 -24.89 52.09 8.48
C VAL D 46 -25.47 53.00 7.40
N ALA D 47 -26.47 52.49 6.68
CA ALA D 47 -27.12 53.23 5.60
C ALA D 47 -28.59 53.38 5.93
N PHE D 48 -29.26 54.34 5.33
CA PHE D 48 -30.67 54.51 5.63
C PHE D 48 -31.51 53.28 5.35
N ARG D 49 -31.19 52.54 4.29
CA ARG D 49 -31.93 51.32 3.97
C ARG D 49 -31.93 50.33 5.12
N ASN D 50 -30.86 50.33 5.90
CA ASN D 50 -30.73 49.42 7.06
C ASN D 50 -31.84 49.63 8.09
N LEU D 51 -32.45 50.81 8.11
CA LEU D 51 -33.51 51.11 9.08
C LEU D 51 -34.82 50.44 8.72
N ILE D 52 -35.03 50.28 7.41
CA ILE D 52 -36.25 49.68 6.86
C ILE D 52 -36.52 48.30 7.41
N GLY D 53 -37.70 48.13 8.00
CA GLY D 53 -38.05 46.84 8.55
C GLY D 53 -37.45 46.58 9.92
N VAL D 54 -36.73 47.57 10.46
CA VAL D 54 -36.12 47.43 11.76
C VAL D 54 -36.70 48.44 12.73
N THR D 55 -36.66 49.71 12.33
CA THR D 55 -37.15 50.80 13.16
C THR D 55 -38.00 51.78 12.36
N HIS D 56 -37.88 51.73 11.04
CA HIS D 56 -38.62 52.63 10.19
C HIS D 56 -39.31 51.96 9.01
N THR D 57 -40.24 52.71 8.45
CA THR D 57 -41.00 52.31 7.29
C THR D 57 -40.15 52.63 6.09
N GLU D 58 -40.43 51.99 4.97
CA GLU D 58 -39.65 52.29 3.79
C GLU D 58 -39.88 53.76 3.39
N ALA D 59 -41.12 54.21 3.51
CA ALA D 59 -41.42 55.60 3.19
C ALA D 59 -40.63 56.51 4.14
N GLU D 60 -40.63 56.18 5.43
CA GLU D 60 -39.92 56.95 6.44
C GLU D 60 -38.44 57.04 6.14
N ALA D 61 -37.83 55.90 5.83
CA ALA D 61 -36.41 55.87 5.54
C ALA D 61 -36.06 56.68 4.30
N LYS D 62 -36.91 56.64 3.29
CA LYS D 62 -36.65 57.39 2.08
C LYS D 62 -36.67 58.89 2.36
N ALA D 63 -37.55 59.31 3.27
CA ALA D 63 -37.63 60.73 3.64
C ALA D 63 -36.40 61.15 4.47
N LEU D 64 -35.98 60.28 5.38
CA LEU D 64 -34.83 60.54 6.20
C LEU D 64 -33.59 60.74 5.35
N ALA D 65 -33.42 59.91 4.33
CA ALA D 65 -32.24 60.00 3.47
C ALA D 65 -32.26 61.25 2.60
N GLU D 66 -33.44 61.69 2.23
CA GLU D 66 -33.58 62.87 1.39
C GLU D 66 -33.29 64.17 2.13
N GLU D 67 -33.34 64.14 3.46
CA GLU D 67 -33.07 65.32 4.27
C GLU D 67 -31.61 65.66 4.12
N VAL D 68 -30.86 64.76 3.48
CA VAL D 68 -29.44 64.95 3.30
C VAL D 68 -29.01 65.18 1.86
N GLU D 69 -28.00 66.04 1.69
CA GLU D 69 -27.44 66.33 0.37
C GLU D 69 -26.14 65.56 0.31
N VAL D 70 -25.97 64.79 -0.75
CA VAL D 70 -24.73 64.03 -0.86
C VAL D 70 -23.98 64.50 -2.09
N GLN D 71 -22.67 64.31 -2.04
CA GLN D 71 -21.82 64.70 -3.15
C GLN D 71 -21.65 63.55 -4.11
N ASP D 72 -22.16 63.73 -5.32
CA ASP D 72 -22.06 62.71 -6.35
C ASP D 72 -21.18 63.28 -7.44
N GLY D 73 -21.07 62.55 -8.55
CA GLY D 73 -20.25 63.01 -9.67
C GLY D 73 -19.11 62.06 -9.98
N PRO D 74 -18.23 62.42 -10.91
CA PRO D 74 -18.28 63.66 -11.68
C PRO D 74 -19.40 63.66 -12.71
N ASP D 75 -19.74 64.85 -13.21
CA ASP D 75 -20.79 64.98 -14.22
C ASP D 75 -20.14 65.00 -15.60
N GLU D 76 -20.79 65.65 -16.56
CA GLU D 76 -20.26 65.75 -17.91
C GLU D 76 -18.89 66.41 -17.96
N ASN D 77 -18.78 67.57 -17.34
CA ASN D 77 -17.54 68.31 -17.36
C ASN D 77 -16.57 67.87 -16.28
N GLY D 78 -16.82 66.69 -15.72
CA GLY D 78 -15.94 66.18 -14.69
C GLY D 78 -16.04 66.99 -13.41
N GLU D 79 -17.26 67.43 -13.11
CA GLU D 79 -17.49 68.22 -11.92
C GLU D 79 -18.26 67.47 -10.84
N LEU D 80 -17.91 67.73 -9.58
CA LEU D 80 -18.62 67.11 -8.47
C LEU D 80 -19.90 67.92 -8.32
N PHE D 81 -20.90 67.37 -7.65
CA PHE D 81 -22.15 68.10 -7.49
C PHE D 81 -23.00 67.49 -6.39
N MET D 82 -23.99 68.25 -5.91
CA MET D 82 -24.85 67.76 -4.85
C MET D 82 -26.10 67.10 -5.41
N ARG D 83 -26.76 66.31 -4.59
CA ARG D 83 -27.99 65.64 -4.97
C ARG D 83 -28.68 65.18 -3.69
N PRO D 84 -30.00 64.98 -3.76
CA PRO D 84 -30.74 64.54 -2.57
C PRO D 84 -30.39 63.08 -2.31
N GLY D 85 -30.35 62.70 -1.03
CA GLY D 85 -29.99 61.33 -0.68
C GLY D 85 -30.98 60.24 -0.99
N LYS D 86 -30.46 59.02 -1.14
CA LYS D 86 -31.25 57.83 -1.42
C LYS D 86 -31.01 56.88 -0.26
N ILE D 87 -31.89 55.90 -0.08
CA ILE D 87 -31.73 54.96 1.01
C ILE D 87 -30.48 54.09 0.91
N SER D 88 -29.74 54.23 -0.19
CA SER D 88 -28.54 53.44 -0.37
C SER D 88 -27.32 54.22 0.13
N ASP D 89 -27.53 55.48 0.50
CA ASP D 89 -26.45 56.28 1.03
C ASP D 89 -26.22 55.92 2.48
N TYR D 90 -25.01 56.12 2.95
CA TYR D 90 -24.73 55.82 4.35
C TYR D 90 -24.91 57.11 5.13
N PHE D 91 -25.09 57.02 6.44
CA PHE D 91 -25.23 58.21 7.26
C PHE D 91 -24.08 59.13 6.92
N PRO D 92 -24.36 60.42 6.75
CA PRO D 92 -23.36 61.44 6.41
C PRO D 92 -22.27 61.70 7.43
N LYS D 93 -21.05 61.90 6.95
CA LYS D 93 -19.94 62.17 7.84
C LYS D 93 -19.98 63.63 8.25
N PRO D 94 -19.72 63.92 9.54
CA PRO D 94 -19.73 65.29 10.07
C PRO D 94 -18.53 66.07 9.54
N TYR D 95 -17.41 65.37 9.31
CA TYR D 95 -16.19 65.99 8.80
C TYR D 95 -15.52 65.20 7.68
N PRO D 96 -14.87 65.91 6.74
CA PRO D 96 -14.16 65.36 5.58
C PRO D 96 -13.10 64.33 5.95
N ASN D 97 -12.33 64.64 6.99
CA ASN D 97 -11.25 63.79 7.48
C ASN D 97 -11.01 64.03 8.96
N PRO D 98 -10.28 63.13 9.63
CA PRO D 98 -10.01 63.28 11.06
C PRO D 98 -9.37 64.62 11.46
N GLU D 99 -8.46 65.11 10.62
CA GLU D 99 -7.78 66.38 10.87
C GLU D 99 -8.80 67.50 11.07
N ALA D 100 -9.80 67.55 10.20
CA ALA D 100 -10.83 68.57 10.30
C ALA D 100 -11.69 68.35 11.54
N ALA D 101 -11.88 67.08 11.89
CA ALA D 101 -12.68 66.72 13.02
C ALA D 101 -12.05 67.22 14.31
N ARG D 102 -10.75 66.96 14.47
CA ARG D 102 -10.02 67.39 15.67
C ARG D 102 -10.02 68.89 15.66
N ALA D 103 -9.81 69.46 14.47
CA ALA D 103 -9.77 70.89 14.28
C ALA D 103 -10.99 71.56 14.90
N ALA D 104 -12.12 70.86 14.89
CA ALA D 104 -13.37 71.38 15.43
C ALA D 104 -13.74 70.84 16.81
N ASN D 105 -12.83 70.13 17.46
CA ASN D 105 -13.13 69.57 18.78
C ASN D 105 -11.95 69.69 19.70
N ASN D 106 -11.14 70.72 19.48
CA ASN D 106 -9.97 70.96 20.30
C ASN D 106 -8.96 69.87 20.19
N GLY D 107 -8.65 69.47 18.96
CA GLY D 107 -7.66 68.44 18.76
C GLY D 107 -8.09 67.08 19.20
N ALA D 108 -9.34 66.96 19.65
CA ALA D 108 -9.88 65.68 20.07
C ALA D 108 -10.61 65.08 18.86
N LEU D 109 -10.57 63.75 18.74
CA LEU D 109 -11.22 63.11 17.61
C LEU D 109 -12.42 62.28 18.00
N PRO D 110 -13.62 62.77 17.69
CA PRO D 110 -14.79 61.94 18.06
C PRO D 110 -14.80 60.75 17.10
N PRO D 111 -14.64 59.53 17.65
CA PRO D 111 -14.62 58.28 16.87
C PRO D 111 -15.95 57.86 16.20
N ASP D 112 -15.84 57.11 15.12
CA ASP D 112 -17.02 56.61 14.41
C ASP D 112 -17.72 55.71 15.42
N LEU D 113 -19.04 55.79 15.49
CA LEU D 113 -19.79 54.96 16.43
C LEU D 113 -20.36 53.66 15.91
N SER D 114 -20.07 53.32 14.66
CA SER D 114 -20.60 52.09 14.09
C SER D 114 -20.33 50.84 14.95
N TYR D 115 -19.14 50.74 15.51
CA TYR D 115 -18.82 49.57 16.35
C TYR D 115 -18.44 49.95 17.79
N ILE D 116 -18.74 51.19 18.19
CA ILE D 116 -18.33 51.63 19.50
C ILE D 116 -18.60 50.68 20.67
N VAL D 117 -19.80 50.12 20.78
CA VAL D 117 -20.11 49.25 21.90
C VAL D 117 -19.32 47.94 21.88
N ASN D 118 -18.56 47.70 20.82
CA ASN D 118 -17.77 46.47 20.77
C ASN D 118 -16.31 46.86 20.79
N ALA D 119 -16.05 48.14 20.60
CA ALA D 119 -14.68 48.62 20.60
C ALA D 119 -14.28 49.11 21.99
N ARG D 120 -15.19 48.94 22.94
CA ARG D 120 -14.98 49.37 24.30
C ARG D 120 -15.40 48.27 25.25
N HIS D 121 -14.58 48.03 26.28
CA HIS D 121 -14.93 47.03 27.27
C HIS D 121 -16.11 47.65 28.00
N GLY D 122 -17.10 46.84 28.33
CA GLY D 122 -18.26 47.35 29.02
C GLY D 122 -19.40 47.56 28.06
N GLY D 123 -19.08 47.70 26.78
CA GLY D 123 -20.13 47.90 25.81
C GLY D 123 -21.11 49.00 26.20
N GLU D 124 -22.42 48.74 26.03
CA GLU D 124 -23.42 49.73 26.36
C GLU D 124 -23.42 50.13 27.82
N ASP D 125 -23.02 49.24 28.71
CA ASP D 125 -22.97 49.61 30.12
C ASP D 125 -21.90 50.71 30.26
N TYR D 126 -20.85 50.63 29.46
CA TYR D 126 -19.80 51.64 29.52
C TYR D 126 -20.32 52.96 28.93
N VAL D 127 -20.81 52.90 27.70
CA VAL D 127 -21.30 54.10 27.04
C VAL D 127 -22.38 54.77 27.86
N PHE D 128 -23.20 53.98 28.52
CA PHE D 128 -24.27 54.57 29.32
C PHE D 128 -23.70 55.26 30.58
N SER D 129 -22.82 54.57 31.29
CA SER D 129 -22.20 55.13 32.48
C SER D 129 -21.51 56.43 32.16
N LEU D 130 -20.82 56.46 31.03
CA LEU D 130 -20.09 57.64 30.59
C LEU D 130 -21.00 58.83 30.34
N LEU D 131 -22.02 58.63 29.51
CA LEU D 131 -22.94 59.70 29.15
C LEU D 131 -23.60 60.31 30.37
N THR D 132 -24.01 59.46 31.31
CA THR D 132 -24.66 59.93 32.50
C THR D 132 -23.74 60.08 33.70
N GLY D 133 -22.42 59.98 33.49
CA GLY D 133 -21.51 60.05 34.63
C GLY D 133 -20.64 61.28 34.84
N TYR D 134 -20.86 62.34 34.08
CA TYR D 134 -20.05 63.53 34.26
C TYR D 134 -20.25 64.11 35.68
N CYS D 135 -19.17 64.63 36.26
CA CYS D 135 -19.22 65.20 37.59
C CYS D 135 -17.92 65.96 37.84
N ASP D 136 -17.87 66.68 38.95
CA ASP D 136 -16.68 67.46 39.28
C ASP D 136 -15.51 66.60 39.74
N PRO D 137 -14.30 67.01 39.35
CA PRO D 137 -13.13 66.22 39.75
C PRO D 137 -12.94 66.22 41.25
N PRO D 138 -12.46 65.10 41.79
CA PRO D 138 -12.23 65.02 43.25
C PRO D 138 -11.01 65.86 43.61
N ALA D 139 -10.86 66.14 44.89
CA ALA D 139 -9.75 66.95 45.38
C ALA D 139 -8.37 66.43 44.91
N GLY D 140 -7.49 67.36 44.58
CA GLY D 140 -6.16 67.00 44.13
C GLY D 140 -6.05 66.82 42.63
N VAL D 141 -7.20 66.75 41.97
CA VAL D 141 -7.23 66.54 40.53
C VAL D 141 -7.64 67.77 39.76
N VAL D 142 -6.85 68.11 38.75
CA VAL D 142 -7.16 69.26 37.92
C VAL D 142 -7.30 68.82 36.48
N VAL D 143 -8.40 69.20 35.85
CA VAL D 143 -8.66 68.87 34.46
C VAL D 143 -8.14 70.01 33.58
N ARG D 144 -7.22 69.72 32.66
CA ARG D 144 -6.69 70.80 31.81
C ARG D 144 -7.77 71.40 30.93
N GLU D 145 -7.68 72.71 30.70
CA GLU D 145 -8.66 73.42 29.89
C GLU D 145 -9.00 72.70 28.60
N GLY D 146 -10.30 72.59 28.33
CA GLY D 146 -10.75 71.93 27.11
C GLY D 146 -11.30 70.54 27.37
N LEU D 147 -10.85 69.94 28.47
CA LEU D 147 -11.28 68.61 28.84
C LEU D 147 -12.34 68.69 29.92
N HIS D 148 -13.15 67.64 30.03
CA HIS D 148 -14.22 67.58 31.01
C HIS D 148 -14.03 66.34 31.86
N TYR D 149 -14.30 66.45 33.14
CA TYR D 149 -14.10 65.31 33.99
C TYR D 149 -15.21 64.28 33.89
N ASN D 150 -14.78 63.03 33.76
CA ASN D 150 -15.70 61.93 33.71
C ASN D 150 -14.96 60.81 34.41
N PRO D 151 -15.55 60.28 35.47
CA PRO D 151 -14.86 59.20 36.19
C PRO D 151 -14.75 57.91 35.40
N TYR D 152 -15.69 57.68 34.50
CA TYR D 152 -15.68 56.47 33.69
C TYR D 152 -14.71 56.45 32.50
N PHE D 153 -14.16 57.59 32.13
CA PHE D 153 -13.24 57.65 31.02
C PHE D 153 -11.83 57.37 31.52
N PRO D 154 -11.07 56.56 30.79
CA PRO D 154 -9.72 56.34 31.32
C PRO D 154 -8.96 57.67 31.38
N GLY D 155 -8.31 57.91 32.53
CA GLY D 155 -7.57 59.14 32.73
C GLY D 155 -8.53 60.16 33.31
N GLN D 156 -9.82 59.85 33.20
CA GLN D 156 -10.92 60.68 33.71
C GLN D 156 -11.13 62.08 33.09
N ALA D 157 -10.29 62.47 32.15
CA ALA D 157 -10.43 63.78 31.49
C ALA D 157 -10.81 63.53 30.02
N ILE D 158 -12.10 63.64 29.71
CA ILE D 158 -12.55 63.38 28.36
C ILE D 158 -12.68 64.65 27.53
N GLY D 159 -12.50 64.52 26.22
CA GLY D 159 -12.60 65.66 25.34
C GLY D 159 -14.01 65.96 24.87
N MET D 160 -14.98 65.16 25.34
CA MET D 160 -16.38 65.36 24.97
C MET D 160 -17.19 66.02 26.11
N ALA D 161 -17.70 67.22 25.87
CA ALA D 161 -18.53 67.88 26.86
C ALA D 161 -19.79 67.05 26.98
N PRO D 162 -20.42 67.02 28.16
CA PRO D 162 -21.64 66.23 28.34
C PRO D 162 -22.57 66.53 27.16
N PRO D 163 -22.78 65.54 26.30
CA PRO D 163 -23.62 65.63 25.11
C PRO D 163 -25.10 65.71 25.31
N ILE D 164 -25.59 65.13 26.40
CA ILE D 164 -27.02 65.17 26.60
C ILE D 164 -27.51 65.65 27.96
N TYR D 165 -28.69 66.26 27.94
CA TYR D 165 -29.34 66.78 29.13
C TYR D 165 -30.85 66.65 28.93
N ASN D 166 -31.60 66.68 30.02
CA ASN D 166 -33.07 66.57 29.95
C ASN D 166 -33.69 67.48 28.91
N GLU D 167 -34.65 66.92 28.17
CA GLU D 167 -35.37 67.64 27.13
C GLU D 167 -34.48 68.25 26.06
N ILE D 168 -33.24 67.77 25.92
CA ILE D 168 -32.37 68.32 24.88
C ILE D 168 -33.03 68.07 23.52
N LEU D 169 -34.03 67.20 23.51
CA LEU D 169 -34.79 66.87 22.31
C LEU D 169 -36.14 66.36 22.75
N GLU D 170 -37.06 66.17 21.80
CA GLU D 170 -38.39 65.64 22.11
C GLU D 170 -38.62 64.38 21.30
N TYR D 171 -38.99 63.29 21.96
CA TYR D 171 -39.25 62.06 21.24
C TYR D 171 -40.60 62.18 20.56
N ASP D 172 -40.65 61.98 19.25
CA ASP D 172 -41.94 62.14 18.63
C ASP D 172 -42.90 61.00 18.92
N ASP D 173 -42.53 60.09 19.81
CA ASP D 173 -43.42 58.98 20.15
C ASP D 173 -44.04 59.31 21.49
N GLY D 174 -43.66 60.47 22.02
CA GLY D 174 -44.18 60.93 23.30
C GLY D 174 -43.54 60.36 24.54
N THR D 175 -42.30 59.90 24.46
CA THR D 175 -41.64 59.37 25.65
C THR D 175 -40.99 60.57 26.34
N PRO D 176 -41.01 60.58 27.68
CA PRO D 176 -40.40 61.68 28.46
C PRO D 176 -38.90 61.70 28.29
N ALA D 177 -38.40 62.66 27.53
CA ALA D 177 -36.98 62.78 27.26
C ALA D 177 -36.06 63.22 28.43
N THR D 178 -35.95 62.37 29.43
CA THR D 178 -35.07 62.65 30.55
C THR D 178 -33.68 62.28 30.06
N MET D 179 -32.63 62.74 30.76
CA MET D 179 -31.28 62.43 30.32
C MET D 179 -31.00 60.93 30.32
N SER D 180 -31.37 60.24 31.39
CA SER D 180 -31.08 58.82 31.43
C SER D 180 -31.92 58.04 30.42
N GLN D 181 -33.11 58.54 30.10
CA GLN D 181 -33.96 57.86 29.12
C GLN D 181 -33.27 57.93 27.73
N ILE D 182 -32.77 59.12 27.42
CA ILE D 182 -32.08 59.35 26.17
C ILE D 182 -30.88 58.41 26.06
N ALA D 183 -29.98 58.46 27.04
CA ALA D 183 -28.78 57.61 27.00
C ALA D 183 -29.15 56.16 26.80
N LYS D 184 -30.17 55.70 27.51
CA LYS D 184 -30.61 54.33 27.41
C LYS D 184 -30.99 54.03 25.96
N ASP D 185 -31.79 54.91 25.36
CA ASP D 185 -32.20 54.68 23.97
C ASP D 185 -31.03 54.70 22.98
N VAL D 186 -30.16 55.69 23.05
CA VAL D 186 -29.06 55.77 22.10
C VAL D 186 -28.10 54.58 22.26
N CYS D 187 -27.99 54.10 23.49
CA CYS D 187 -27.12 52.96 23.76
C CYS D 187 -27.73 51.73 23.13
N THR D 188 -29.05 51.57 23.24
CA THR D 188 -29.70 50.43 22.61
C THR D 188 -29.52 50.54 21.09
N PHE D 189 -29.65 51.75 20.57
CA PHE D 189 -29.45 51.96 19.14
C PHE D 189 -28.02 51.55 18.73
N LEU D 190 -27.04 51.96 19.54
CA LEU D 190 -25.65 51.65 19.27
C LEU D 190 -25.40 50.13 19.21
N ARG D 191 -26.10 49.41 20.06
CA ARG D 191 -25.98 47.95 20.09
C ARG D 191 -26.38 47.46 18.71
N TRP D 192 -27.54 47.91 18.23
CA TRP D 192 -28.03 47.51 16.93
C TRP D 192 -27.10 47.93 15.78
N ALA D 193 -26.52 49.13 15.85
CA ALA D 193 -25.62 49.56 14.79
C ALA D 193 -24.39 48.68 14.73
N ALA D 194 -23.97 48.16 15.87
CA ALA D 194 -22.77 47.33 15.92
C ALA D 194 -23.07 45.94 15.40
N GLU D 195 -24.29 45.46 15.64
CA GLU D 195 -24.64 44.13 15.16
C GLU D 195 -26.09 43.94 14.80
N PRO D 196 -26.44 44.37 13.60
CA PRO D 196 -27.80 44.26 13.06
C PRO D 196 -28.31 42.83 13.15
N GLU D 197 -27.40 41.88 13.06
CA GLU D 197 -27.80 40.48 13.11
C GLU D 197 -28.28 40.06 14.49
N HIS D 198 -28.03 40.88 15.50
CA HIS D 198 -28.42 40.55 16.87
C HIS D 198 -29.66 39.67 17.05
N ASP D 199 -30.83 40.11 16.58
CA ASP D 199 -32.05 39.31 16.73
C ASP D 199 -32.02 37.98 15.96
N GLN D 200 -31.61 38.02 14.71
CA GLN D 200 -31.54 36.79 13.95
C GLN D 200 -30.58 35.82 14.64
N ARG D 201 -29.47 36.35 15.14
CA ARG D 201 -28.47 35.52 15.81
C ARG D 201 -29.06 34.74 16.97
N LYS D 202 -29.86 35.41 17.79
CA LYS D 202 -30.44 34.74 18.93
C LYS D 202 -31.55 33.79 18.54
N ARG D 203 -32.33 34.16 17.54
CA ARG D 203 -33.40 33.28 17.10
C ARG D 203 -32.72 31.99 16.63
N MET D 204 -31.58 32.13 15.96
CA MET D 204 -30.84 30.98 15.50
C MET D 204 -30.32 30.19 16.69
N GLY D 205 -29.81 30.90 17.70
CA GLY D 205 -29.29 30.24 18.87
C GLY D 205 -30.33 29.33 19.48
N LEU D 206 -31.57 29.80 19.53
CA LEU D 206 -32.66 29.00 20.08
C LEU D 206 -32.78 27.71 19.28
N LYS D 207 -32.88 27.83 17.96
CA LYS D 207 -32.98 26.64 17.14
C LYS D 207 -31.79 25.69 17.31
N MET D 208 -30.59 26.25 17.41
CA MET D 208 -29.38 25.44 17.58
C MET D 208 -29.46 24.62 18.86
N LEU D 209 -29.97 25.21 19.94
CA LEU D 209 -30.10 24.48 21.20
C LEU D 209 -31.08 23.33 21.15
N LEU D 210 -32.31 23.59 20.71
CA LEU D 210 -33.30 22.52 20.62
C LEU D 210 -32.77 21.36 19.77
N ILE D 211 -32.33 21.65 18.55
CA ILE D 211 -31.83 20.60 17.68
C ILE D 211 -30.65 19.90 18.30
N SER D 212 -29.82 20.67 19.00
CA SER D 212 -28.64 20.13 19.66
C SER D 212 -29.04 19.19 20.77
N ALA D 213 -30.06 19.57 21.53
CA ALA D 213 -30.54 18.72 22.61
C ALA D 213 -31.11 17.43 22.02
N LEU D 214 -31.98 17.57 21.02
CA LEU D 214 -32.61 16.43 20.36
C LEU D 214 -31.59 15.47 19.71
N LEU D 215 -30.78 16.02 18.81
CA LEU D 215 -29.79 15.24 18.11
C LEU D 215 -28.76 14.58 19.01
N THR D 216 -28.34 15.26 20.07
CA THR D 216 -27.35 14.69 20.96
C THR D 216 -27.91 13.48 21.69
N SER D 217 -29.11 13.61 22.22
CA SER D 217 -29.74 12.48 22.92
C SER D 217 -29.84 11.31 21.94
N LEU D 218 -30.47 11.56 20.80
CA LEU D 218 -30.61 10.53 19.77
C LEU D 218 -29.29 9.82 19.50
N LEU D 219 -28.24 10.58 19.24
CA LEU D 219 -26.94 9.96 18.95
C LEU D 219 -26.36 9.22 20.14
N TYR D 220 -26.70 9.68 21.34
CA TYR D 220 -26.18 9.03 22.53
C TYR D 220 -26.76 7.62 22.61
N TYR D 221 -28.08 7.53 22.37
CA TYR D 221 -28.76 6.23 22.37
C TYR D 221 -28.13 5.29 21.34
N MET D 222 -27.93 5.79 20.13
CA MET D 222 -27.36 4.99 19.06
C MET D 222 -25.97 4.46 19.34
N LYS D 223 -25.15 5.30 19.97
CA LYS D 223 -23.79 4.92 20.31
C LYS D 223 -23.91 3.80 21.34
N ARG D 224 -24.77 4.02 22.32
CA ARG D 224 -24.98 3.06 23.39
C ARG D 224 -25.49 1.74 22.86
N HIS D 225 -26.47 1.82 21.97
CA HIS D 225 -27.09 0.67 21.33
C HIS D 225 -26.02 -0.21 20.71
N LYS D 226 -25.22 0.37 19.82
CA LYS D 226 -24.15 -0.38 19.15
C LYS D 226 -23.15 -0.95 20.13
N TRP D 227 -22.69 -0.12 21.07
CA TRP D 227 -21.71 -0.60 22.03
C TRP D 227 -22.24 -1.62 23.03
N SER D 228 -23.55 -1.69 23.22
CA SER D 228 -24.11 -2.66 24.16
C SER D 228 -23.49 -4.04 23.95
N VAL D 229 -23.24 -4.40 22.70
CA VAL D 229 -22.64 -5.69 22.38
C VAL D 229 -21.35 -5.92 23.13
N LEU D 230 -20.51 -4.89 23.20
CA LEU D 230 -19.23 -5.00 23.91
C LEU D 230 -19.42 -4.75 25.40
N LYS D 231 -20.29 -3.80 25.75
CA LYS D 231 -20.48 -3.49 27.14
C LYS D 231 -20.92 -4.68 27.98
N SER D 232 -21.89 -5.44 27.50
CA SER D 232 -22.41 -6.59 28.23
C SER D 232 -21.65 -7.90 27.94
N ARG D 233 -20.75 -7.86 26.97
CA ARG D 233 -19.97 -9.03 26.59
C ARG D 233 -19.30 -9.70 27.79
N LYS D 234 -19.32 -11.03 27.80
CA LYS D 234 -18.69 -11.82 28.86
C LYS D 234 -17.69 -12.79 28.23
N MET D 235 -16.60 -13.05 28.94
CA MET D 235 -15.58 -13.95 28.45
C MET D 235 -15.07 -14.88 29.56
N ALA D 236 -14.40 -15.96 29.16
CA ALA D 236 -13.86 -16.94 30.10
C ALA D 236 -12.63 -17.61 29.54
N TYR D 237 -11.73 -17.98 30.45
CA TYR D 237 -10.50 -18.65 30.09
C TYR D 237 -10.69 -20.14 30.38
N ARG D 238 -10.70 -20.95 29.32
CA ARG D 238 -10.91 -22.39 29.47
C ARG D 238 -9.77 -23.26 28.94
N PRO D 239 -8.63 -23.28 29.63
CA PRO D 239 -7.48 -24.10 29.18
C PRO D 239 -7.74 -25.59 29.34
N PRO D 240 -7.10 -26.43 28.51
CA PRO D 240 -7.28 -27.88 28.60
C PRO D 240 -6.89 -28.42 29.98
N LYS D 241 -6.24 -27.54 30.75
CA LYS D 241 -5.79 -27.80 32.12
C LYS D 241 -5.96 -29.23 32.70
N VAL E 1 -14.46 -30.61 28.52
CA VAL E 1 -15.04 -30.75 27.16
C VAL E 1 -16.09 -29.67 26.91
N HIS E 2 -16.38 -29.40 25.64
CA HIS E 2 -17.31 -28.35 25.28
C HIS E 2 -18.71 -28.59 25.82
N ASN E 3 -19.04 -29.82 26.13
CA ASN E 3 -20.37 -30.10 26.66
C ASN E 3 -20.54 -29.36 27.99
N ASP E 4 -19.45 -29.17 28.71
CA ASP E 4 -19.47 -28.48 29.99
C ASP E 4 -19.62 -26.95 29.88
N VAL E 5 -19.61 -26.41 28.66
CA VAL E 5 -19.70 -24.97 28.46
C VAL E 5 -21.14 -24.50 28.25
N THR E 6 -21.50 -23.41 28.93
CA THR E 6 -22.83 -22.82 28.81
C THR E 6 -22.76 -21.28 28.78
N VAL E 7 -23.77 -20.68 28.18
CA VAL E 7 -23.79 -19.24 28.06
C VAL E 7 -24.19 -18.62 29.37
N PRO E 8 -23.41 -17.63 29.84
CA PRO E 8 -23.76 -16.98 31.11
C PRO E 8 -25.14 -16.34 31.02
N ASP E 9 -25.69 -15.95 32.15
CA ASP E 9 -27.02 -15.34 32.17
C ASP E 9 -26.97 -13.85 31.87
N PHE E 10 -27.76 -13.41 30.89
CA PHE E 10 -27.79 -12.01 30.50
C PHE E 10 -29.02 -11.25 30.99
N SER E 11 -29.63 -11.75 32.06
CA SER E 11 -30.83 -11.14 32.60
C SER E 11 -30.60 -9.70 32.99
N ALA E 12 -29.39 -9.42 33.48
CA ALA E 12 -29.08 -8.07 33.90
C ALA E 12 -29.02 -7.10 32.74
N TYR E 13 -29.16 -7.59 31.50
CA TYR E 13 -29.09 -6.72 30.33
C TYR E 13 -30.21 -6.92 29.31
N ARG E 14 -30.83 -8.08 29.32
CA ARG E 14 -31.88 -8.32 28.35
C ARG E 14 -32.97 -7.28 28.47
N ARG E 15 -33.59 -6.98 27.34
CA ARG E 15 -34.70 -6.06 27.31
C ARG E 15 -35.86 -6.81 27.96
N GLU E 16 -36.83 -6.06 28.47
CA GLU E 16 -37.99 -6.62 29.15
C GLU E 16 -38.64 -7.80 28.44
N ASP E 17 -39.01 -7.62 27.17
CA ASP E 17 -39.70 -8.67 26.40
C ASP E 17 -39.02 -10.00 26.12
N VAL E 18 -37.70 -10.05 26.21
CA VAL E 18 -37.01 -11.29 25.95
C VAL E 18 -36.39 -11.81 27.26
N MET E 19 -36.87 -11.30 28.38
CA MET E 19 -36.39 -11.68 29.69
C MET E 19 -36.80 -13.11 30.07
N ASP E 20 -38.00 -13.51 29.65
CA ASP E 20 -38.53 -14.86 29.94
C ASP E 20 -38.14 -15.93 28.93
N ALA E 21 -37.42 -16.94 29.42
CA ALA E 21 -36.90 -18.03 28.59
C ALA E 21 -37.92 -18.98 27.99
N THR E 22 -39.19 -18.82 28.35
CA THR E 22 -40.21 -19.71 27.83
C THR E 22 -41.18 -19.02 26.88
N THR E 23 -40.83 -17.79 26.49
CA THR E 23 -41.65 -17.00 25.58
C THR E 23 -40.88 -16.82 24.27
N SER E 24 -41.60 -16.84 23.15
CA SER E 24 -40.95 -16.64 21.87
C SER E 24 -40.46 -15.20 21.87
N SER E 25 -39.26 -14.99 21.37
CA SER E 25 -38.71 -13.65 21.33
C SER E 25 -39.09 -12.97 20.03
N GLN E 26 -39.61 -13.73 19.08
CA GLN E 26 -40.01 -13.16 17.80
C GLN E 26 -41.20 -12.21 17.90
N THR E 27 -42.18 -12.56 18.72
CA THR E 27 -43.36 -11.72 18.85
C THR E 27 -43.06 -10.26 19.20
N SER E 28 -41.98 -10.03 19.94
CA SER E 28 -41.61 -8.66 20.30
C SER E 28 -40.47 -8.10 19.45
N SER E 29 -40.00 -8.88 18.48
CA SER E 29 -38.89 -8.43 17.66
C SER E 29 -39.18 -7.21 16.81
N GLU E 30 -40.37 -7.09 16.27
CA GLU E 30 -40.66 -5.92 15.45
C GLU E 30 -40.71 -4.69 16.35
N ASP E 31 -41.07 -4.91 17.61
CA ASP E 31 -41.14 -3.83 18.59
C ASP E 31 -39.75 -3.35 18.93
N ARG E 32 -38.88 -4.28 19.29
CA ARG E 32 -37.53 -3.93 19.64
C ARG E 32 -36.74 -3.27 18.49
N LYS E 33 -36.92 -3.74 17.26
CA LYS E 33 -36.22 -3.14 16.14
C LYS E 33 -36.91 -1.85 15.72
N GLY E 34 -38.22 -1.80 15.83
CA GLY E 34 -38.95 -0.61 15.45
C GLY E 34 -38.55 0.56 16.32
N PHE E 35 -38.37 0.30 17.61
CA PHE E 35 -37.98 1.39 18.49
C PHE E 35 -36.62 1.92 18.14
N SER E 36 -35.62 1.03 18.13
CA SER E 36 -34.25 1.44 17.82
C SER E 36 -34.12 2.11 16.48
N TYR E 37 -34.79 1.56 15.47
CA TYR E 37 -34.74 2.16 14.15
C TYR E 37 -35.48 3.49 14.15
N LEU E 38 -36.47 3.62 15.03
CA LEU E 38 -37.21 4.88 15.09
C LEU E 38 -36.27 5.99 15.60
N VAL E 39 -35.40 5.65 16.54
CA VAL E 39 -34.47 6.63 17.08
C VAL E 39 -33.55 7.04 15.94
N THR E 40 -33.02 6.04 15.24
CA THR E 40 -32.13 6.28 14.12
C THR E 40 -32.78 7.14 13.04
N ALA E 41 -33.96 6.76 12.57
CA ALA E 41 -34.62 7.55 11.56
C ALA E 41 -34.82 8.99 12.02
N THR E 42 -35.06 9.18 13.31
CA THR E 42 -35.26 10.52 13.83
C THR E 42 -33.95 11.28 13.77
N ALA E 43 -32.85 10.61 14.08
CA ALA E 43 -31.54 11.28 14.01
C ALA E 43 -31.33 11.80 12.60
N CYS E 44 -31.62 10.95 11.62
CA CYS E 44 -31.47 11.34 10.21
C CYS E 44 -32.33 12.55 9.86
N VAL E 45 -33.52 12.61 10.42
CA VAL E 45 -34.39 13.74 10.15
C VAL E 45 -33.79 14.99 10.80
N ALA E 46 -33.32 14.87 12.05
CA ALA E 46 -32.71 16.00 12.75
C ALA E 46 -31.49 16.47 11.99
N THR E 47 -30.69 15.51 11.54
CA THR E 47 -29.49 15.84 10.80
C THR E 47 -29.82 16.47 9.47
N ALA E 48 -30.79 15.90 8.77
CA ALA E 48 -31.18 16.42 7.45
C ALA E 48 -31.65 17.85 7.61
N TYR E 49 -32.30 18.13 8.72
CA TYR E 49 -32.78 19.48 8.97
C TYR E 49 -31.59 20.44 9.12
N ALA E 50 -30.62 20.04 9.93
CA ALA E 50 -29.44 20.86 10.19
C ALA E 50 -28.58 21.07 8.94
N ALA E 51 -28.35 20.00 8.18
CA ALA E 51 -27.54 20.10 6.98
C ALA E 51 -28.22 21.01 5.96
N LYS E 52 -29.50 20.77 5.71
CA LYS E 52 -30.21 21.56 4.74
C LYS E 52 -30.07 23.06 5.05
N ASN E 53 -30.17 23.43 6.32
CA ASN E 53 -30.04 24.84 6.68
C ASN E 53 -28.63 25.40 6.49
N VAL E 54 -27.65 24.71 7.05
CA VAL E 54 -26.27 25.14 6.91
C VAL E 54 -25.89 25.29 5.45
N VAL E 55 -26.28 24.32 4.63
CA VAL E 55 -25.96 24.39 3.20
C VAL E 55 -26.68 25.56 2.56
N THR E 56 -27.95 25.74 2.89
CA THR E 56 -28.70 26.85 2.33
C THR E 56 -27.97 28.16 2.65
N GLN E 57 -27.60 28.33 3.92
CA GLN E 57 -26.92 29.56 4.36
C GLN E 57 -25.60 29.79 3.62
N PHE E 58 -24.75 28.78 3.60
CA PHE E 58 -23.49 28.95 2.91
C PHE E 58 -23.72 29.20 1.44
N ILE E 59 -24.64 28.46 0.82
CA ILE E 59 -24.92 28.67 -0.61
C ILE E 59 -25.39 30.09 -0.88
N SER E 60 -26.35 30.57 -0.10
CA SER E 60 -26.83 31.91 -0.32
C SER E 60 -25.82 33.00 0.00
N SER E 61 -24.75 32.68 0.70
CA SER E 61 -23.73 33.68 1.00
C SER E 61 -23.06 34.08 -0.31
N LEU E 62 -23.28 33.29 -1.35
CA LEU E 62 -22.66 33.56 -2.65
C LEU E 62 -23.52 34.38 -3.60
N SER E 63 -24.77 34.61 -3.24
CA SER E 63 -25.62 35.40 -4.09
C SER E 63 -25.52 36.86 -3.67
N ALA E 64 -26.05 37.76 -4.50
CA ALA E 64 -26.00 39.20 -4.25
C ALA E 64 -26.17 39.64 -2.80
N SER E 65 -25.20 40.41 -2.31
CA SER E 65 -25.26 40.92 -0.96
C SER E 65 -26.11 42.20 -0.92
N ALA E 66 -26.48 42.59 0.29
CA ALA E 66 -27.34 43.74 0.52
C ALA E 66 -26.99 45.04 -0.20
N ASP E 67 -25.71 45.34 -0.27
CA ASP E 67 -25.31 46.59 -0.90
C ASP E 67 -25.61 46.52 -2.38
N VAL E 68 -25.42 45.33 -2.95
CA VAL E 68 -25.68 45.10 -4.36
C VAL E 68 -27.16 45.15 -4.64
N LEU E 69 -27.97 44.38 -3.90
CA LEU E 69 -29.41 44.41 -4.10
C LEU E 69 -29.93 45.84 -3.95
N ALA E 70 -29.27 46.65 -3.14
CA ALA E 70 -29.71 48.02 -2.93
C ALA E 70 -29.68 48.83 -4.22
N LEU E 71 -28.92 48.37 -5.20
CA LEU E 71 -28.82 49.07 -6.48
C LEU E 71 -29.49 48.25 -7.56
N SER E 72 -30.16 47.19 -7.14
CA SER E 72 -30.85 46.28 -8.03
C SER E 72 -31.83 46.99 -8.96
N LYS E 73 -32.71 47.79 -8.38
CA LYS E 73 -33.70 48.49 -9.18
C LYS E 73 -33.86 49.96 -8.85
N ILE E 74 -34.38 50.68 -9.84
CA ILE E 74 -34.62 52.10 -9.75
C ILE E 74 -36.09 52.41 -10.04
N GLU E 75 -36.64 53.37 -9.30
CA GLU E 75 -38.03 53.77 -9.48
C GLU E 75 -38.08 55.19 -10.05
N ILE E 76 -38.67 55.32 -11.23
CA ILE E 76 -38.78 56.60 -11.93
C ILE E 76 -40.19 57.15 -11.91
N LYS E 77 -40.32 58.46 -11.64
CA LYS E 77 -41.63 59.10 -11.60
C LYS E 77 -42.07 59.60 -12.98
N LEU E 78 -43.00 58.86 -13.59
CA LEU E 78 -43.56 59.19 -14.90
C LEU E 78 -44.10 60.61 -14.97
N SER E 79 -44.79 61.01 -13.91
CA SER E 79 -45.39 62.34 -13.81
C SER E 79 -44.40 63.43 -13.36
N ASP E 80 -43.36 63.62 -14.17
CA ASP E 80 -42.33 64.63 -13.93
C ASP E 80 -41.38 64.62 -15.12
N ILE E 81 -41.77 63.85 -16.13
CA ILE E 81 -41.00 63.73 -17.37
C ILE E 81 -41.76 64.44 -18.49
N PRO E 82 -41.34 65.67 -18.82
CA PRO E 82 -42.00 66.46 -19.88
C PRO E 82 -42.08 65.73 -21.22
N GLU E 83 -43.09 66.08 -22.02
CA GLU E 83 -43.31 65.47 -23.33
C GLU E 83 -42.20 65.69 -24.35
N GLY E 84 -41.98 64.69 -25.19
CA GLY E 84 -40.95 64.76 -26.23
C GLY E 84 -39.55 64.74 -25.68
N LYS E 85 -39.36 65.36 -24.52
CA LYS E 85 -38.05 65.44 -23.87
C LYS E 85 -37.61 64.13 -23.23
N ASN E 86 -36.47 63.63 -23.69
CA ASN E 86 -35.90 62.37 -23.21
C ASN E 86 -35.03 62.59 -21.97
N VAL E 87 -35.22 61.73 -20.97
CA VAL E 87 -34.46 61.80 -19.73
C VAL E 87 -33.73 60.47 -19.48
N ALA E 88 -32.47 60.55 -19.09
CA ALA E 88 -31.67 59.36 -18.85
C ALA E 88 -31.19 59.28 -17.40
N PHE E 89 -31.34 58.10 -16.80
CA PHE E 89 -30.94 57.86 -15.41
C PHE E 89 -29.92 56.73 -15.37
N LYS E 90 -29.23 56.61 -14.24
CA LYS E 90 -28.25 55.55 -14.08
C LYS E 90 -28.89 54.31 -13.46
N TRP E 91 -28.80 53.19 -14.17
CA TRP E 91 -29.36 51.93 -13.69
C TRP E 91 -28.39 50.81 -14.02
N ARG E 92 -27.86 50.16 -12.98
CA ARG E 92 -26.91 49.08 -13.14
C ARG E 92 -25.70 49.49 -13.96
N GLY E 93 -25.11 50.62 -13.57
CA GLY E 93 -23.92 51.13 -14.22
C GLY E 93 -24.06 51.59 -15.66
N LYS E 94 -25.18 51.26 -16.27
CA LYS E 94 -25.42 51.66 -17.64
C LYS E 94 -26.59 52.63 -17.72
N PRO E 95 -26.61 53.49 -18.75
CA PRO E 95 -27.67 54.48 -18.92
C PRO E 95 -29.05 53.85 -19.13
N LEU E 96 -30.07 54.49 -18.55
CA LEU E 96 -31.45 54.04 -18.67
C LEU E 96 -32.32 55.17 -19.26
N PHE E 97 -32.82 54.93 -20.47
CA PHE E 97 -33.64 55.93 -21.16
C PHE E 97 -35.14 55.84 -20.90
N VAL E 98 -35.72 56.99 -20.55
CA VAL E 98 -37.14 57.11 -20.28
C VAL E 98 -37.63 58.38 -20.98
N ARG E 99 -38.16 58.23 -22.19
CA ARG E 99 -38.65 59.37 -22.94
C ARG E 99 -40.17 59.47 -22.94
N HIS E 100 -40.67 60.71 -22.83
CA HIS E 100 -42.12 60.95 -22.83
C HIS E 100 -42.54 61.32 -24.25
N ARG E 101 -43.17 60.39 -24.95
CA ARG E 101 -43.61 60.65 -26.31
C ARG E 101 -44.74 61.68 -26.35
N THR E 102 -44.45 62.82 -26.97
CA THR E 102 -45.38 63.94 -27.11
C THR E 102 -46.71 63.58 -27.78
N GLN E 103 -46.71 63.64 -29.11
CA GLN E 103 -47.88 63.35 -29.92
C GLN E 103 -47.41 62.81 -31.26
N ALA E 104 -46.32 63.39 -31.78
CA ALA E 104 -45.75 62.99 -33.06
C ALA E 104 -44.65 61.93 -32.92
N GLU E 105 -44.88 60.96 -32.04
CA GLU E 105 -43.93 59.89 -31.81
C GLU E 105 -44.58 58.51 -31.96
N ILE E 106 -45.82 58.37 -31.49
CA ILE E 106 -46.54 57.11 -31.63
C ILE E 106 -47.13 57.13 -33.03
N ASN E 107 -46.72 58.14 -33.80
CA ASN E 107 -47.18 58.34 -35.17
C ASN E 107 -46.00 58.43 -36.14
N GLN E 108 -45.23 59.52 -36.01
CA GLN E 108 -44.07 59.74 -36.88
C GLN E 108 -43.10 58.56 -36.88
N GLU E 109 -42.91 57.96 -35.70
CA GLU E 109 -42.02 56.81 -35.56
C GLU E 109 -42.72 55.57 -34.98
N ALA E 110 -43.97 55.36 -35.39
CA ALA E 110 -44.76 54.22 -34.94
C ALA E 110 -45.69 53.78 -36.07
N GLU E 111 -45.49 54.35 -37.25
CA GLU E 111 -46.27 54.04 -38.43
C GLU E 111 -45.30 53.64 -39.55
N VAL E 112 -44.01 53.79 -39.26
CA VAL E 112 -42.96 53.46 -40.21
C VAL E 112 -43.25 52.15 -40.94
N ASP E 113 -42.89 52.09 -42.23
CA ASP E 113 -43.12 50.90 -43.04
C ASP E 113 -41.81 50.26 -43.50
N VAL E 114 -41.02 49.79 -42.53
CA VAL E 114 -39.75 49.14 -42.84
C VAL E 114 -40.04 47.64 -43.03
N SER E 115 -40.44 47.29 -44.25
CA SER E 115 -40.76 45.90 -44.59
C SER E 115 -39.92 44.89 -43.84
N LYS E 116 -38.69 44.68 -44.30
CA LYS E 116 -37.78 43.74 -43.68
C LYS E 116 -37.06 44.45 -42.52
N LEU E 117 -37.43 44.10 -41.29
CA LEU E 117 -36.82 44.70 -40.11
C LEU E 117 -35.67 43.81 -39.66
N ARG E 118 -34.59 44.43 -39.17
CA ARG E 118 -33.42 43.69 -38.72
C ARG E 118 -33.63 43.02 -37.37
N ASP E 119 -34.72 43.40 -36.70
CA ASP E 119 -35.07 42.85 -35.40
C ASP E 119 -36.61 42.86 -35.31
N PRO E 120 -37.24 41.69 -35.06
CA PRO E 120 -38.70 41.57 -34.96
C PRO E 120 -39.37 42.45 -33.88
N GLN E 121 -39.27 43.77 -34.05
CA GLN E 121 -39.83 44.74 -33.10
C GLN E 121 -41.31 45.06 -33.30
N HIS E 122 -42.14 44.42 -32.48
CA HIS E 122 -43.59 44.59 -32.50
C HIS E 122 -43.94 45.07 -31.09
N ASP E 123 -44.32 46.35 -30.95
CA ASP E 123 -44.65 46.90 -29.64
C ASP E 123 -45.65 46.08 -28.83
N LEU E 124 -46.56 45.37 -29.52
CA LEU E 124 -47.55 44.55 -28.84
C LEU E 124 -46.91 43.25 -28.33
N ASP E 125 -45.67 43.01 -28.76
CA ASP E 125 -44.93 41.83 -28.34
C ASP E 125 -44.35 42.06 -26.95
N ARG E 126 -43.55 43.11 -26.81
CA ARG E 126 -42.93 43.42 -25.52
C ARG E 126 -42.68 44.91 -25.25
N VAL E 127 -43.72 45.57 -24.72
CA VAL E 127 -43.67 46.99 -24.35
C VAL E 127 -44.80 47.21 -23.33
N LYS E 128 -45.53 48.32 -23.45
CA LYS E 128 -46.64 48.64 -22.54
C LYS E 128 -47.20 50.04 -22.78
N LYS E 129 -46.77 50.98 -21.94
CA LYS E 129 -47.21 52.38 -22.01
C LYS E 129 -47.13 53.04 -23.38
N PRO E 130 -48.01 54.02 -23.64
CA PRO E 130 -48.09 54.76 -24.91
C PRO E 130 -47.02 55.86 -25.01
N GLU E 131 -47.28 56.99 -24.37
CA GLU E 131 -46.33 58.11 -24.40
C GLU E 131 -45.07 57.76 -23.62
N TRP E 132 -44.93 56.50 -23.22
CA TRP E 132 -43.77 56.06 -22.44
C TRP E 132 -42.91 54.98 -23.10
N VAL E 133 -41.64 55.34 -23.32
CA VAL E 133 -40.66 54.44 -23.92
C VAL E 133 -39.46 54.34 -22.96
N ILE E 134 -39.18 53.13 -22.49
CA ILE E 134 -38.07 52.90 -21.57
C ILE E 134 -37.08 51.88 -22.14
N LEU E 135 -35.88 52.38 -22.45
CA LEU E 135 -34.83 51.55 -23.04
C LEU E 135 -33.54 51.52 -22.24
N VAL E 136 -32.68 50.56 -22.57
CA VAL E 136 -31.37 50.43 -21.94
C VAL E 136 -30.47 51.22 -22.87
N GLY E 137 -30.01 52.38 -22.42
CA GLY E 137 -29.15 53.22 -23.22
C GLY E 137 -27.83 52.65 -23.68
N VAL E 138 -27.87 51.47 -24.29
CA VAL E 138 -26.65 50.82 -24.78
C VAL E 138 -26.82 50.21 -26.16
N CYS E 139 -26.05 50.75 -27.11
CA CYS E 139 -26.06 50.28 -28.49
C CYS E 139 -25.66 48.80 -28.46
N THR E 140 -26.31 47.99 -29.29
CA THR E 140 -26.03 46.55 -29.34
C THR E 140 -24.88 46.18 -30.26
N HIS E 141 -24.11 47.19 -30.65
CA HIS E 141 -22.97 46.99 -31.52
C HIS E 141 -21.73 46.74 -30.67
N LEU E 142 -21.24 47.81 -30.02
CA LEU E 142 -20.07 47.72 -29.16
C LEU E 142 -20.26 48.42 -27.82
N GLY E 143 -21.44 48.28 -27.24
CA GLY E 143 -21.75 48.86 -25.94
C GLY E 143 -21.68 50.36 -25.73
N CYS E 144 -21.91 51.13 -26.79
CA CYS E 144 -21.88 52.58 -26.70
C CYS E 144 -23.27 53.09 -26.32
N VAL E 145 -23.32 54.33 -25.85
CA VAL E 145 -24.58 54.95 -25.43
C VAL E 145 -25.15 55.92 -26.46
N PRO E 146 -26.29 55.56 -27.10
CA PRO E 146 -26.92 56.42 -28.09
C PRO E 146 -27.31 57.77 -27.46
N ILE E 147 -27.47 58.81 -28.28
CA ILE E 147 -27.84 60.13 -27.78
C ILE E 147 -29.20 60.55 -28.32
N ALA E 148 -30.03 61.13 -27.45
CA ALA E 148 -31.39 61.56 -27.80
C ALA E 148 -31.50 62.93 -28.48
N ASN E 149 -30.47 63.76 -28.36
CA ASN E 149 -30.49 65.08 -28.97
C ASN E 149 -30.70 64.95 -30.48
N SER E 150 -29.81 64.22 -31.13
CA SER E 150 -29.88 64.02 -32.58
C SER E 150 -30.75 62.82 -32.95
N GLY E 151 -30.13 61.80 -33.54
CA GLY E 151 -30.88 60.63 -33.96
C GLY E 151 -31.47 60.91 -35.32
N ASP E 152 -30.85 60.35 -36.36
CA ASP E 152 -31.30 60.53 -37.74
C ASP E 152 -32.81 60.40 -37.89
N PHE E 153 -33.36 59.43 -37.16
CA PHE E 153 -34.78 59.15 -37.15
C PHE E 153 -35.38 59.75 -35.87
N GLY E 154 -34.91 60.95 -35.52
CA GLY E 154 -35.37 61.67 -34.34
C GLY E 154 -35.21 60.97 -33.01
N GLY E 155 -34.80 59.71 -33.04
CA GLY E 155 -34.62 58.96 -31.81
C GLY E 155 -33.29 59.19 -31.14
N TYR E 156 -32.40 58.19 -31.24
CA TYR E 156 -31.08 58.30 -30.63
C TYR E 156 -29.99 58.00 -31.64
N TYR E 157 -28.80 58.56 -31.39
CA TYR E 157 -27.65 58.38 -32.27
C TYR E 157 -26.41 57.93 -31.50
N CYS E 158 -25.82 56.80 -31.91
CA CYS E 158 -24.60 56.31 -31.26
C CYS E 158 -23.40 56.89 -31.99
N PRO E 159 -22.73 57.88 -31.37
CA PRO E 159 -21.56 58.53 -31.96
C PRO E 159 -20.32 57.66 -32.10
N CYS E 160 -20.49 56.35 -32.00
CA CYS E 160 -19.35 55.43 -32.13
C CYS E 160 -19.18 54.91 -33.55
N HIS E 161 -20.26 54.38 -34.14
CA HIS E 161 -20.19 53.87 -35.52
C HIS E 161 -21.48 54.15 -36.28
N GLY E 162 -22.17 55.23 -35.91
CA GLY E 162 -23.41 55.58 -36.57
C GLY E 162 -24.66 55.13 -35.84
N SER E 163 -25.02 53.86 -36.00
CA SER E 163 -26.21 53.27 -35.37
C SER E 163 -27.27 54.28 -34.98
N HIS E 164 -28.25 54.45 -35.87
CA HIS E 164 -29.34 55.38 -35.66
C HIS E 164 -30.54 54.60 -35.13
N TYR E 165 -31.16 55.10 -34.06
CA TYR E 165 -32.32 54.45 -33.47
C TYR E 165 -33.50 55.42 -33.50
N ASP E 166 -34.65 54.93 -33.93
CA ASP E 166 -35.84 55.78 -34.02
C ASP E 166 -36.32 56.22 -32.65
N ALA E 167 -37.53 56.77 -32.59
CA ALA E 167 -38.12 57.24 -31.35
C ALA E 167 -38.52 56.09 -30.44
N SER E 168 -38.64 54.90 -31.01
CA SER E 168 -39.00 53.70 -30.25
C SER E 168 -37.72 52.98 -29.84
N GLY E 169 -36.59 53.52 -30.30
CA GLY E 169 -35.30 52.93 -29.99
C GLY E 169 -35.03 51.68 -30.80
N ARG E 170 -35.20 51.77 -32.12
CA ARG E 170 -34.95 50.63 -32.99
C ARG E 170 -33.84 50.95 -33.97
N ILE E 171 -32.96 49.98 -34.19
CA ILE E 171 -31.85 50.16 -35.11
C ILE E 171 -32.35 50.41 -36.52
N ARG E 172 -31.98 51.56 -37.06
CA ARG E 172 -32.36 51.94 -38.42
C ARG E 172 -31.09 51.87 -39.26
N LYS E 173 -30.48 53.03 -39.46
CA LYS E 173 -29.25 53.14 -40.23
C LYS E 173 -28.09 52.93 -39.26
N GLY E 174 -27.33 51.85 -39.46
CA GLY E 174 -26.21 51.58 -38.58
C GLY E 174 -25.72 50.15 -38.61
N PRO E 175 -24.57 49.86 -37.96
CA PRO E 175 -23.97 48.52 -37.90
C PRO E 175 -24.55 47.60 -36.82
N ALA E 176 -24.90 48.18 -35.67
CA ALA E 176 -25.46 47.42 -34.55
C ALA E 176 -26.62 46.52 -34.98
N PRO E 177 -26.53 45.20 -34.68
CA PRO E 177 -27.58 44.25 -35.05
C PRO E 177 -28.96 44.49 -34.40
N TYR E 178 -29.13 44.08 -33.14
CA TYR E 178 -30.40 44.23 -32.44
C TYR E 178 -30.78 45.68 -32.14
N ASN E 179 -31.91 45.82 -31.43
CA ASN E 179 -32.41 47.13 -31.03
C ASN E 179 -32.08 47.31 -29.55
N LEU E 180 -31.90 48.55 -29.12
CA LEU E 180 -31.60 48.84 -27.73
C LEU E 180 -32.51 47.96 -26.86
N GLU E 181 -31.91 47.23 -25.92
CA GLU E 181 -32.67 46.34 -25.05
C GLU E 181 -33.69 47.03 -24.14
N VAL E 182 -34.82 46.37 -23.94
CA VAL E 182 -35.89 46.87 -23.08
C VAL E 182 -35.89 45.99 -21.84
N PRO E 183 -35.52 46.56 -20.68
CA PRO E 183 -35.44 45.88 -19.39
C PRO E 183 -36.79 45.70 -18.69
N THR E 184 -36.83 44.77 -17.73
CA THR E 184 -38.05 44.49 -16.97
C THR E 184 -38.52 45.75 -16.25
N TYR E 185 -39.83 45.82 -15.99
CA TYR E 185 -40.41 46.98 -15.32
C TYR E 185 -41.81 46.69 -14.78
N GLN E 186 -42.57 47.76 -14.47
CA GLN E 186 -43.92 47.62 -13.95
C GLN E 186 -44.45 48.97 -13.48
N PHE E 187 -45.78 49.09 -13.40
CA PHE E 187 -46.42 50.33 -12.96
C PHE E 187 -47.44 50.10 -11.86
N VAL E 188 -47.07 49.38 -10.81
CA VAL E 188 -48.01 49.13 -9.71
C VAL E 188 -48.40 50.46 -9.06
N GLY E 189 -47.90 51.54 -9.66
CA GLY E 189 -48.18 52.87 -9.20
C GLY E 189 -47.88 53.82 -10.34
N ASP E 190 -48.85 54.02 -11.24
CA ASP E 190 -48.69 54.90 -12.40
C ASP E 190 -47.70 56.05 -12.26
N ASP E 191 -47.98 56.97 -11.34
CA ASP E 191 -47.09 58.10 -11.11
C ASP E 191 -45.70 57.63 -10.64
N LEU E 192 -45.40 56.36 -10.95
CA LEU E 192 -44.14 55.71 -10.61
C LEU E 192 -43.94 54.40 -11.38
N VAL E 193 -42.70 54.17 -11.82
CA VAL E 193 -42.33 52.97 -12.55
C VAL E 193 -41.09 52.38 -11.86
N VAL E 194 -41.04 51.06 -11.74
CA VAL E 194 -39.91 50.41 -11.09
C VAL E 194 -39.18 49.41 -12.01
N VAL E 195 -38.14 49.92 -12.66
CA VAL E 195 -37.33 49.12 -13.56
C VAL E 195 -36.41 48.24 -12.73
N GLY E 196 -36.21 47.01 -13.18
CA GLY E 196 -35.35 46.11 -12.45
C GLY E 196 -36.14 45.18 -11.56
N GLY F 10 15.17 -0.87 57.78
CA GLY F 10 14.39 -2.04 58.38
C GLY F 10 13.46 -2.62 57.32
N ARG F 11 12.17 -2.36 57.43
CA ARG F 11 11.24 -2.83 56.41
C ARG F 11 10.71 -1.64 55.64
N LEU F 12 11.47 -0.55 55.61
CA LEU F 12 11.03 0.66 54.92
C LEU F 12 10.89 0.50 53.43
N MET F 13 11.91 -0.05 52.77
CA MET F 13 11.82 -0.26 51.33
C MET F 13 10.61 -1.13 51.00
N ASP F 14 10.33 -2.10 51.86
CA ASP F 14 9.21 -2.98 51.65
C ASP F 14 7.88 -2.26 51.87
N ARG F 15 7.84 -1.31 52.80
CA ARG F 15 6.61 -0.58 53.05
C ARG F 15 6.30 0.29 51.83
N ILE F 16 7.33 0.90 51.28
CA ILE F 16 7.16 1.79 50.14
C ILE F 16 6.67 1.06 48.92
N ARG F 17 7.36 -0.03 48.59
CA ARG F 17 7.01 -0.83 47.45
C ARG F 17 5.56 -1.26 47.49
N LYS F 18 5.22 -1.95 48.56
CA LYS F 18 3.88 -2.43 48.75
C LYS F 18 2.92 -1.25 48.62
N TRP F 19 3.36 -0.08 49.05
CA TRP F 19 2.51 1.10 48.96
C TRP F 19 2.32 1.53 47.51
N TYR F 20 3.44 1.64 46.79
CA TYR F 20 3.39 2.05 45.40
C TYR F 20 2.57 1.03 44.63
N TYR F 21 2.82 -0.24 44.91
CA TYR F 21 2.11 -1.30 44.24
C TYR F 21 0.61 -1.06 44.32
N ASN F 22 0.13 -0.66 45.47
CA ASN F 22 -1.29 -0.44 45.60
C ASN F 22 -1.72 0.88 45.01
N ALA F 23 -0.82 1.84 45.00
CA ALA F 23 -1.16 3.13 44.46
C ALA F 23 -1.28 2.98 42.94
N ALA F 24 -0.39 2.19 42.33
CA ALA F 24 -0.41 1.98 40.89
C ALA F 24 -1.78 1.47 40.48
N GLY F 25 -2.26 0.45 41.15
CA GLY F 25 -3.59 -0.06 40.85
C GLY F 25 -3.83 -1.01 39.69
N PHE F 26 -2.79 -1.54 39.05
CA PHE F 26 -3.07 -2.45 37.94
C PHE F 26 -3.62 -3.74 38.48
N ASN F 27 -3.37 -3.98 39.76
CA ASN F 27 -3.86 -5.19 40.40
C ASN F 27 -5.38 -5.20 40.43
N LYS F 28 -6.00 -4.03 40.24
CA LYS F 28 -7.46 -3.93 40.24
C LYS F 28 -8.03 -4.47 38.91
N TYR F 29 -7.16 -4.62 37.92
CA TYR F 29 -7.59 -5.14 36.63
C TYR F 29 -7.25 -6.62 36.58
N GLY F 30 -6.62 -7.11 37.65
CA GLY F 30 -6.20 -8.50 37.71
C GLY F 30 -4.91 -8.73 36.95
N LEU F 31 -4.12 -7.67 36.77
CA LEU F 31 -2.86 -7.75 36.03
C LEU F 31 -1.65 -7.91 36.93
N MET F 32 -0.61 -8.56 36.41
CA MET F 32 0.62 -8.77 37.13
C MET F 32 1.53 -7.62 36.75
N ARG F 33 2.44 -7.25 37.62
CA ARG F 33 3.32 -6.16 37.29
C ARG F 33 3.89 -6.34 35.87
N ASP F 34 4.40 -7.53 35.56
CA ASP F 34 4.99 -7.81 34.24
C ASP F 34 3.97 -7.72 33.09
N ASP F 35 2.69 -7.80 33.40
CA ASP F 35 1.68 -7.68 32.37
C ASP F 35 1.66 -6.25 31.85
N THR F 36 2.02 -5.32 32.73
CA THR F 36 1.98 -3.90 32.38
C THR F 36 3.20 -3.34 31.68
N LEU F 37 4.19 -4.16 31.39
CA LEU F 37 5.41 -3.65 30.72
C LEU F 37 5.20 -3.18 29.29
N TYR F 38 5.81 -2.04 28.96
CA TYR F 38 5.75 -1.51 27.60
C TYR F 38 6.56 -2.49 26.77
N GLU F 39 5.97 -2.97 25.67
CA GLU F 39 6.64 -3.94 24.82
C GLU F 39 7.68 -3.43 23.84
N ASP F 40 8.84 -3.06 24.36
CA ASP F 40 9.92 -2.61 23.50
C ASP F 40 10.55 -3.87 22.91
N ASP F 41 11.76 -3.78 22.37
CA ASP F 41 12.41 -4.95 21.77
C ASP F 41 12.75 -6.08 22.73
N ASP F 42 13.43 -5.75 23.82
CA ASP F 42 13.80 -6.75 24.82
C ASP F 42 12.56 -7.49 25.32
N VAL F 43 11.55 -6.73 25.72
CA VAL F 43 10.34 -7.33 26.21
C VAL F 43 9.70 -8.23 25.17
N LYS F 44 9.75 -7.82 23.90
CA LYS F 44 9.16 -8.64 22.85
C LYS F 44 9.87 -9.98 22.72
N GLU F 45 11.19 -9.96 22.81
CA GLU F 45 11.95 -11.19 22.73
C GLU F 45 11.61 -12.09 23.90
N ALA F 46 11.64 -11.53 25.12
CA ALA F 46 11.32 -12.30 26.32
C ALA F 46 9.96 -13.01 26.17
N LEU F 47 8.95 -12.27 25.74
CA LEU F 47 7.65 -12.87 25.56
C LEU F 47 7.70 -14.12 24.64
N LYS F 48 8.52 -14.08 23.60
CA LYS F 48 8.60 -15.23 22.70
C LYS F 48 9.18 -16.47 23.38
N ARG F 49 9.87 -16.25 24.49
CA ARG F 49 10.48 -17.35 25.22
C ARG F 49 9.61 -17.93 26.32
N LEU F 50 8.52 -17.25 26.65
CA LEU F 50 7.65 -17.76 27.69
C LEU F 50 7.05 -19.10 27.32
N PRO F 51 6.89 -20.00 28.31
CA PRO F 51 6.31 -21.31 28.02
C PRO F 51 4.88 -21.03 27.60
N GLU F 52 4.27 -21.93 26.83
CA GLU F 52 2.89 -21.77 26.36
C GLU F 52 1.87 -21.40 27.45
N ASP F 53 1.83 -22.15 28.54
CA ASP F 53 0.86 -21.86 29.59
C ASP F 53 0.96 -20.44 30.17
N LEU F 54 2.18 -19.99 30.47
CA LEU F 54 2.39 -18.66 31.03
C LEU F 54 1.96 -17.58 30.05
N TYR F 55 2.24 -17.83 28.77
CA TYR F 55 1.88 -16.93 27.68
C TYR F 55 0.36 -16.82 27.50
N ASN F 56 -0.36 -17.93 27.61
CA ASN F 56 -1.80 -17.84 27.45
C ASN F 56 -2.49 -17.19 28.63
N GLU F 57 -1.91 -17.38 29.82
CA GLU F 57 -2.45 -16.80 31.06
C GLU F 57 -2.28 -15.29 31.00
N ARG F 58 -1.14 -14.86 30.47
CA ARG F 58 -0.85 -13.45 30.34
C ARG F 58 -1.84 -12.86 29.34
N MET F 59 -2.04 -13.56 28.23
CA MET F 59 -2.93 -13.10 27.19
C MET F 59 -4.35 -12.93 27.72
N PHE F 60 -4.84 -13.90 28.50
CA PHE F 60 -6.19 -13.79 29.01
C PHE F 60 -6.31 -12.61 29.97
N ARG F 61 -5.31 -12.49 30.85
CA ARG F 61 -5.29 -11.41 31.83
C ARG F 61 -5.36 -10.08 31.12
N ILE F 62 -4.52 -9.94 30.11
CA ILE F 62 -4.52 -8.70 29.35
C ILE F 62 -5.84 -8.47 28.62
N LYS F 63 -6.35 -9.49 27.94
CA LYS F 63 -7.59 -9.29 27.22
C LYS F 63 -8.67 -8.88 28.22
N ARG F 64 -8.68 -9.55 29.36
CA ARG F 64 -9.65 -9.30 30.42
C ARG F 64 -9.56 -7.85 30.86
N ALA F 65 -8.34 -7.34 31.02
CA ALA F 65 -8.14 -5.94 31.45
C ALA F 65 -8.64 -4.95 30.39
N LEU F 66 -8.42 -5.25 29.12
CA LEU F 66 -8.91 -4.37 28.05
C LEU F 66 -10.42 -4.30 28.06
N ASP F 67 -11.05 -5.42 28.37
CA ASP F 67 -12.51 -5.47 28.39
C ASP F 67 -13.03 -4.66 29.59
N LEU F 68 -12.36 -4.76 30.74
CA LEU F 68 -12.76 -3.98 31.91
C LEU F 68 -12.57 -2.52 31.53
N SER F 69 -11.41 -2.20 30.97
CA SER F 69 -11.11 -0.84 30.57
C SER F 69 -12.17 -0.22 29.67
N LEU F 70 -12.68 -0.97 28.69
CA LEU F 70 -13.68 -0.40 27.79
C LEU F 70 -14.98 -0.24 28.54
N LYS F 71 -15.24 -1.13 29.50
CA LYS F 71 -16.46 -1.08 30.28
C LYS F 71 -16.42 -0.02 31.39
N HIS F 72 -15.23 0.46 31.72
CA HIS F 72 -15.08 1.44 32.78
C HIS F 72 -15.41 0.84 34.14
N ARG F 73 -14.97 -0.41 34.32
CA ARG F 73 -15.17 -1.16 35.55
C ARG F 73 -13.80 -1.71 35.97
N ILE F 74 -13.77 -2.40 37.10
CA ILE F 74 -12.57 -3.03 37.56
C ILE F 74 -13.04 -4.32 38.18
N LEU F 75 -12.11 -5.16 38.63
CA LEU F 75 -12.52 -6.41 39.24
C LEU F 75 -13.01 -6.16 40.66
N PRO F 76 -13.80 -7.10 41.22
CA PRO F 76 -14.29 -6.94 42.58
C PRO F 76 -13.06 -7.01 43.47
N LYS F 77 -13.07 -6.28 44.57
CA LYS F 77 -11.94 -6.25 45.48
C LYS F 77 -11.33 -7.64 45.81
N GLU F 78 -12.16 -8.68 45.84
CA GLU F 78 -11.69 -10.03 46.17
C GLU F 78 -10.70 -10.55 45.14
N GLN F 79 -10.93 -10.20 43.89
CA GLN F 79 -10.09 -10.68 42.80
C GLN F 79 -8.86 -9.87 42.50
N TRP F 80 -8.56 -8.87 43.32
CA TRP F 80 -7.37 -8.07 43.07
C TRP F 80 -6.10 -8.85 43.39
N VAL F 81 -5.08 -8.67 42.57
CA VAL F 81 -3.80 -9.34 42.78
C VAL F 81 -3.21 -8.72 44.04
N LYS F 82 -2.76 -9.55 44.96
CA LYS F 82 -2.17 -9.03 46.19
C LYS F 82 -0.67 -8.83 45.99
N TYR F 83 -0.12 -7.75 46.55
CA TYR F 83 1.29 -7.46 46.41
C TYR F 83 2.18 -8.69 46.48
N GLU F 84 2.07 -9.44 47.56
CA GLU F 84 2.93 -10.60 47.72
C GLU F 84 2.59 -11.82 46.87
N GLU F 85 1.47 -11.78 46.16
CA GLU F 85 1.15 -12.93 45.31
C GLU F 85 1.39 -12.63 43.83
N ASP F 86 1.98 -11.48 43.54
CA ASP F 86 2.25 -11.09 42.14
C ASP F 86 3.42 -11.88 41.61
N LYS F 87 3.18 -12.70 40.59
CA LYS F 87 4.24 -13.52 40.02
C LYS F 87 5.03 -12.79 38.93
N PRO F 88 6.32 -12.54 39.17
CA PRO F 88 7.23 -11.86 38.24
C PRO F 88 7.68 -12.84 37.15
N TYR F 89 6.70 -13.42 36.46
CA TYR F 89 6.92 -14.41 35.44
C TYR F 89 7.87 -14.08 34.31
N LEU F 90 7.98 -12.81 33.93
CA LEU F 90 8.85 -12.43 32.82
C LEU F 90 10.23 -11.92 33.22
N GLU F 91 10.32 -11.19 34.32
CA GLU F 91 11.58 -10.61 34.77
C GLU F 91 12.81 -11.53 34.56
N PRO F 92 12.65 -12.85 34.80
CA PRO F 92 13.79 -13.75 34.60
C PRO F 92 14.26 -13.81 33.16
N TYR F 93 13.32 -13.99 32.24
CA TYR F 93 13.63 -14.08 30.81
C TYR F 93 14.19 -12.77 30.33
N LEU F 94 13.51 -11.70 30.67
CA LEU F 94 13.91 -10.37 30.27
C LEU F 94 15.35 -10.05 30.69
N LYS F 95 15.72 -10.40 31.91
CA LYS F 95 17.09 -10.11 32.35
C LYS F 95 18.11 -10.86 31.51
N GLU F 96 17.77 -12.07 31.10
CA GLU F 96 18.64 -12.88 30.26
C GLU F 96 18.77 -12.26 28.86
N VAL F 97 17.63 -11.86 28.29
CA VAL F 97 17.62 -11.23 26.98
C VAL F 97 18.52 -10.01 26.98
N ILE F 98 18.46 -9.21 28.03
CA ILE F 98 19.28 -8.02 28.12
C ILE F 98 20.76 -8.35 28.32
N ARG F 99 21.02 -9.42 29.06
CA ARG F 99 22.39 -9.85 29.31
C ARG F 99 23.05 -10.23 27.99
N GLU F 100 22.30 -10.96 27.16
CA GLU F 100 22.77 -11.40 25.85
C GLU F 100 23.03 -10.19 24.94
N ARG F 101 22.09 -9.26 24.93
CA ARG F 101 22.22 -8.07 24.11
C ARG F 101 23.49 -7.32 24.48
N LEU F 102 23.68 -7.04 25.77
CA LEU F 102 24.86 -6.33 26.21
C LEU F 102 26.15 -7.08 25.87
N GLU F 103 26.10 -8.42 25.91
CA GLU F 103 27.28 -9.20 25.54
C GLU F 103 27.64 -8.90 24.07
N ARG F 104 26.66 -9.05 23.17
CA ARG F 104 26.86 -8.79 21.76
C ARG F 104 27.29 -7.35 21.51
N GLU F 105 26.63 -6.40 22.17
CA GLU F 105 26.99 -5.01 21.98
C GLU F 105 28.44 -4.80 22.38
N ALA F 106 28.80 -5.29 23.55
CA ALA F 106 30.17 -5.14 24.03
C ALA F 106 31.17 -5.80 23.07
N TRP F 107 30.83 -7.00 22.63
CA TRP F 107 31.68 -7.76 21.73
C TRP F 107 31.85 -7.12 20.36
N ASN F 108 30.80 -6.52 19.82
CA ASN F 108 30.89 -5.90 18.51
C ASN F 108 31.66 -4.59 18.50
N LYS F 109 32.01 -4.11 19.69
CA LYS F 109 32.80 -2.89 19.81
C LYS F 109 34.25 -3.30 19.79
N LYS F 110 34.57 -4.34 20.56
CA LYS F 110 35.94 -4.86 20.63
C LYS F 110 36.45 -5.21 19.24
N ILE G 2 -4.27 -5.83 5.06
CA ILE G 2 -4.68 -7.02 5.87
C ILE G 2 -4.15 -6.88 7.31
N HIS G 3 -5.01 -6.41 8.22
CA HIS G 3 -4.63 -6.26 9.63
C HIS G 3 -5.44 -7.14 10.58
N PHE G 4 -6.43 -7.85 10.04
CA PHE G 4 -7.24 -8.76 10.84
C PHE G 4 -6.91 -10.22 10.51
N GLY G 5 -6.22 -10.87 11.44
CA GLY G 5 -5.82 -12.25 11.25
C GLY G 5 -4.33 -12.46 11.48
N ASN G 6 -3.57 -11.37 11.58
CA ASN G 6 -2.13 -11.44 11.79
C ASN G 6 -1.71 -10.79 13.10
N LEU G 7 -2.68 -10.38 13.91
CA LEU G 7 -2.44 -9.69 15.17
C LEU G 7 -1.81 -10.44 16.34
N ALA G 8 -2.51 -11.43 16.91
CA ALA G 8 -1.96 -12.16 18.05
C ALA G 8 -2.26 -13.64 18.11
N ARG G 9 -1.35 -14.39 18.72
CA ARG G 9 -1.53 -15.82 18.91
C ARG G 9 -2.43 -15.86 20.14
N VAL G 10 -3.63 -16.41 20.02
CA VAL G 10 -4.54 -16.46 21.15
C VAL G 10 -5.17 -17.80 21.34
N ARG G 11 -5.15 -18.32 22.55
CA ARG G 11 -5.75 -19.62 22.79
C ARG G 11 -6.63 -19.78 24.03
N HIS G 12 -7.70 -20.55 23.86
CA HIS G 12 -8.61 -20.89 24.94
C HIS G 12 -9.46 -19.79 25.56
N ILE G 13 -9.84 -18.79 24.78
CA ILE G 13 -10.68 -17.76 25.35
C ILE G 13 -12.04 -17.81 24.68
N ILE G 14 -13.08 -17.86 25.50
CA ILE G 14 -14.43 -17.90 24.97
C ILE G 14 -15.09 -16.58 25.29
N THR G 15 -15.91 -16.06 24.38
CA THR G 15 -16.62 -14.83 24.66
C THR G 15 -18.08 -15.00 24.28
N TYR G 16 -18.95 -14.35 25.04
CA TYR G 16 -20.38 -14.42 24.80
C TYR G 16 -20.92 -13.01 24.67
N SER G 17 -21.70 -12.77 23.61
CA SER G 17 -22.27 -11.45 23.40
C SER G 17 -23.69 -11.57 22.84
N LEU G 18 -24.54 -10.58 23.13
CA LEU G 18 -25.92 -10.59 22.64
C LEU G 18 -26.10 -9.53 21.61
N SER G 19 -27.04 -9.76 20.70
CA SER G 19 -27.34 -8.76 19.69
C SER G 19 -27.73 -7.51 20.48
N PRO G 20 -27.66 -6.34 19.83
CA PRO G 20 -28.03 -5.10 20.51
C PRO G 20 -29.54 -5.01 20.68
N PHE G 21 -30.26 -5.78 19.87
CA PHE G 21 -31.71 -5.72 19.94
C PHE G 21 -32.32 -6.59 21.02
N GLU G 22 -31.50 -7.43 21.65
CA GLU G 22 -31.98 -8.30 22.70
C GLU G 22 -31.70 -7.62 24.05
N GLN G 23 -30.80 -6.64 24.06
CA GLN G 23 -30.45 -5.97 25.31
C GLN G 23 -30.75 -4.49 25.37
N ARG G 24 -30.60 -3.94 26.58
CA ARG G 24 -30.88 -2.53 26.85
C ARG G 24 -29.64 -1.67 26.62
N ALA G 25 -29.87 -0.50 26.03
CA ALA G 25 -28.81 0.45 25.71
C ALA G 25 -28.08 1.03 26.91
N ILE G 26 -28.84 1.41 27.93
CA ILE G 26 -28.27 1.98 29.14
C ILE G 26 -28.82 1.22 30.36
N PRO G 27 -28.32 0.00 30.60
CA PRO G 27 -28.79 -0.81 31.72
C PRO G 27 -28.24 -0.45 33.09
N ASN G 28 -29.02 -0.81 34.12
CA ASN G 28 -28.70 -0.64 35.54
C ASN G 28 -28.04 0.68 35.91
N ILE G 29 -28.66 1.79 35.53
CA ILE G 29 -28.07 3.10 35.83
C ILE G 29 -27.77 3.30 37.31
N PHE G 30 -28.72 2.90 38.16
CA PHE G 30 -28.53 3.08 39.58
C PHE G 30 -27.77 1.98 40.28
N SER G 31 -27.97 0.74 39.87
CA SER G 31 -27.27 -0.36 40.51
C SER G 31 -25.80 -0.52 40.12
N ASP G 32 -25.44 -0.04 38.94
CA ASP G 32 -24.07 -0.21 38.42
C ASP G 32 -23.40 1.07 37.91
N ALA G 33 -24.07 1.77 37.00
CA ALA G 33 -23.52 2.98 36.42
C ALA G 33 -23.03 4.01 37.43
N LEU G 34 -23.97 4.68 38.09
CA LEU G 34 -23.65 5.72 39.07
C LEU G 34 -22.63 5.31 40.11
N PRO G 35 -22.84 4.17 40.79
CA PRO G 35 -21.86 3.73 41.78
C PRO G 35 -20.46 3.85 41.19
N ASN G 36 -20.26 3.27 40.01
CA ASN G 36 -18.97 3.34 39.31
C ASN G 36 -18.54 4.75 38.96
N VAL G 37 -19.48 5.60 38.58
CA VAL G 37 -19.14 6.98 38.25
C VAL G 37 -18.52 7.57 39.49
N TRP G 38 -19.20 7.39 40.61
CA TRP G 38 -18.72 7.88 41.88
C TRP G 38 -17.37 7.26 42.14
N ARG G 39 -17.27 5.95 42.02
CA ARG G 39 -16.00 5.25 42.23
C ARG G 39 -14.86 5.91 41.43
N ARG G 40 -15.13 6.19 40.15
CA ARG G 40 -14.13 6.77 39.28
C ARG G 40 -13.73 8.17 39.72
N PHE G 41 -14.72 8.97 40.11
CA PHE G 41 -14.45 10.33 40.57
C PHE G 41 -13.60 10.29 41.81
N SER G 42 -14.01 9.47 42.76
CA SER G 42 -13.31 9.31 44.02
C SER G 42 -11.85 8.97 43.84
N SER G 43 -11.57 7.93 43.06
CA SER G 43 -10.19 7.48 42.86
C SER G 43 -9.27 8.51 42.21
N GLN G 44 -9.84 9.54 41.59
CA GLN G 44 -9.03 10.56 40.91
C GLN G 44 -8.93 11.94 41.55
N VAL G 45 -10.02 12.41 42.16
CA VAL G 45 -10.07 13.74 42.79
C VAL G 45 -8.85 14.24 43.53
N PHE G 46 -8.22 13.36 44.30
CA PHE G 46 -7.05 13.80 45.04
C PHE G 46 -5.78 13.88 44.22
N LYS G 47 -5.86 13.46 42.96
CA LYS G 47 -4.71 13.54 42.08
C LYS G 47 -4.87 14.76 41.19
N VAL G 48 -6.10 15.01 40.74
CA VAL G 48 -6.37 16.13 39.86
C VAL G 48 -6.61 17.45 40.58
N ALA G 49 -7.61 17.46 41.46
CA ALA G 49 -7.99 18.65 42.20
C ALA G 49 -6.87 19.50 42.81
N PRO G 50 -6.04 18.93 43.69
CA PRO G 50 -4.94 19.65 44.35
C PRO G 50 -4.24 20.75 43.56
N PRO G 51 -3.52 20.40 42.47
CA PRO G 51 -2.84 21.46 41.72
C PRO G 51 -3.80 22.52 41.14
N PHE G 52 -5.00 22.13 40.77
CA PHE G 52 -5.94 23.11 40.25
C PHE G 52 -6.34 24.04 41.37
N LEU G 53 -6.47 23.50 42.58
CA LEU G 53 -6.81 24.29 43.74
C LEU G 53 -5.66 25.24 44.02
N GLY G 54 -4.44 24.72 43.98
CA GLY G 54 -3.28 25.57 44.19
C GLY G 54 -3.24 26.69 43.16
N ALA G 55 -3.59 26.38 41.92
CA ALA G 55 -3.58 27.37 40.85
C ALA G 55 -4.52 28.50 41.22
N TYR G 56 -5.72 28.12 41.65
CA TYR G 56 -6.73 29.10 42.04
C TYR G 56 -6.22 30.04 43.11
N LEU G 57 -5.61 29.48 44.15
CA LEU G 57 -5.07 30.28 45.23
C LEU G 57 -4.11 31.28 44.64
N LEU G 58 -3.03 30.77 44.05
CA LEU G 58 -2.03 31.67 43.46
C LEU G 58 -2.69 32.78 42.61
N TYR G 59 -3.76 32.41 41.91
CA TYR G 59 -4.48 33.33 41.05
C TYR G 59 -5.10 34.43 41.91
N SER G 60 -5.88 34.01 42.91
CA SER G 60 -6.55 34.94 43.82
C SER G 60 -5.53 35.85 44.50
N TRP G 61 -4.50 35.26 45.09
CA TRP G 61 -3.50 36.07 45.73
C TRP G 61 -3.07 37.12 44.72
N GLY G 62 -2.32 36.72 43.71
CA GLY G 62 -1.85 37.65 42.70
C GLY G 62 -2.86 38.69 42.19
N THR G 63 -4.13 38.34 42.09
CA THR G 63 -5.08 39.31 41.59
C THR G 63 -5.31 40.36 42.68
N GLN G 64 -5.59 39.90 43.89
CA GLN G 64 -5.82 40.82 45.01
C GLN G 64 -4.58 41.65 45.36
N GLU G 65 -3.41 41.03 45.31
CA GLU G 65 -2.18 41.72 45.62
C GLU G 65 -1.91 42.84 44.63
N PHE G 66 -2.35 42.64 43.40
CA PHE G 66 -2.14 43.60 42.34
C PHE G 66 -3.04 44.82 42.50
N GLU G 67 -4.21 44.60 43.07
CA GLU G 67 -5.18 45.66 43.29
C GLU G 67 -4.81 46.45 44.53
N ARG G 68 -4.29 45.72 45.52
CA ARG G 68 -3.88 46.31 46.78
C ARG G 68 -2.76 47.30 46.51
N LEU G 69 -1.91 46.99 45.54
CA LEU G 69 -0.80 47.87 45.23
C LEU G 69 -1.24 49.11 44.45
N LYS G 70 -2.50 49.13 44.04
CA LYS G 70 -3.01 50.27 43.29
C LYS G 70 -3.59 51.30 44.27
N ARG G 71 -4.05 50.80 45.42
CA ARG G 71 -4.62 51.62 46.48
C ARG G 71 -3.51 52.52 47.05
N LYS G 72 -3.89 53.52 47.82
CA LYS G 72 -2.89 54.42 48.38
C LYS G 72 -2.62 54.12 49.83
N ASN G 73 -1.39 54.38 50.25
CA ASN G 73 -0.98 54.16 51.62
C ASN G 73 -1.00 55.51 52.34
N PRO G 74 -1.99 55.69 53.23
CA PRO G 74 -2.09 56.96 53.98
C PRO G 74 -0.81 57.42 54.62
N ALA G 75 0.11 56.47 54.82
CA ALA G 75 1.41 56.76 55.43
C ALA G 75 2.35 57.55 54.54
N ASP G 76 1.87 58.09 53.44
CA ASP G 76 2.74 58.87 52.56
C ASP G 76 2.29 60.31 52.57
N TYR G 77 1.16 60.55 53.24
CA TYR G 77 0.57 61.87 53.33
C TYR G 77 0.35 62.33 54.76
N GLU G 78 0.78 61.55 55.73
CA GLU G 78 0.58 61.92 57.14
C GLU G 78 1.32 63.18 57.59
N ASN G 79 2.20 63.72 56.78
CA ASN G 79 2.89 64.92 57.20
C ASN G 79 3.06 65.85 56.03
N ASP G 80 1.98 66.00 55.27
CA ASP G 80 1.97 66.83 54.08
C ASP G 80 1.32 68.19 54.30
N GLN G 81 0.85 68.45 55.52
CA GLN G 81 0.21 69.72 55.86
C GLN G 81 0.75 70.89 55.01
CA GLU H 8 -49.59 72.24 37.04
C GLU H 8 -48.86 71.08 37.72
N GLU H 9 -49.63 70.10 38.20
CA GLU H 9 -49.08 68.92 38.89
C GLU H 9 -48.36 67.96 37.94
N GLU H 10 -47.41 68.48 37.17
CA GLU H 10 -46.64 67.70 36.22
C GLU H 10 -45.31 68.41 35.95
N GLU H 11 -44.22 67.79 36.37
CA GLU H 11 -42.87 68.34 36.22
C GLU H 11 -41.90 67.25 35.74
N LEU H 12 -41.05 67.57 34.75
CA LEU H 12 -40.11 66.58 34.20
C LEU H 12 -38.93 66.25 35.10
N VAL H 13 -38.98 65.09 35.74
CA VAL H 13 -37.90 64.67 36.63
C VAL H 13 -37.23 63.41 36.12
N ASP H 14 -35.89 63.41 36.14
CA ASP H 14 -35.14 62.27 35.67
C ASP H 14 -35.06 61.21 36.76
N PRO H 15 -35.72 60.07 36.55
CA PRO H 15 -35.68 59.04 37.59
C PRO H 15 -34.26 58.75 38.06
N LEU H 16 -33.29 59.03 37.21
CA LEU H 16 -31.90 58.79 37.57
C LEU H 16 -31.54 59.56 38.84
N THR H 17 -31.75 60.88 38.81
CA THR H 17 -31.43 61.71 39.97
C THR H 17 -32.17 61.26 41.23
N THR H 18 -33.41 60.80 41.07
CA THR H 18 -34.21 60.33 42.19
C THR H 18 -33.60 59.09 42.81
N ILE H 19 -33.29 58.10 41.98
CA ILE H 19 -32.70 56.87 42.48
C ILE H 19 -31.30 57.08 43.04
N ARG H 20 -30.58 58.04 42.48
CA ARG H 20 -29.23 58.35 42.96
C ARG H 20 -29.33 58.76 44.43
N GLU H 21 -30.34 59.55 44.75
CA GLU H 21 -30.53 60.02 46.12
C GLU H 21 -30.88 58.85 47.03
N HIS H 22 -31.93 58.13 46.69
CA HIS H 22 -32.35 56.97 47.46
C HIS H 22 -31.17 56.03 47.73
N CYS H 23 -30.28 55.89 46.75
CA CYS H 23 -29.13 55.01 46.89
C CYS H 23 -28.03 55.57 47.75
N GLU H 24 -27.85 56.89 47.71
CA GLU H 24 -26.82 57.51 48.53
C GLU H 24 -27.17 57.39 50.01
N GLN H 25 -28.42 57.03 50.27
CA GLN H 25 -28.91 56.84 51.63
C GLN H 25 -28.88 55.35 51.89
N THR H 26 -27.72 54.76 51.65
CA THR H 26 -27.49 53.34 51.85
C THR H 26 -26.26 53.21 52.70
N GLU H 27 -26.28 52.22 53.58
CA GLU H 27 -25.16 51.98 54.46
C GLU H 27 -23.82 51.99 53.71
N LYS H 28 -23.74 51.28 52.58
CA LYS H 28 -22.49 51.20 51.80
C LYS H 28 -22.05 52.53 51.23
N CYS H 29 -22.98 53.31 50.69
CA CYS H 29 -22.66 54.63 50.15
C CYS H 29 -22.31 55.57 51.29
N VAL H 30 -23.22 55.68 52.24
CA VAL H 30 -23.01 56.53 53.39
C VAL H 30 -21.60 56.40 53.94
N LYS H 31 -21.11 55.16 53.99
CA LYS H 31 -19.78 54.93 54.51
C LYS H 31 -18.71 55.40 53.53
N ALA H 32 -18.89 55.07 52.26
CA ALA H 32 -17.95 55.44 51.21
C ALA H 32 -17.90 56.95 51.10
N ARG H 33 -19.10 57.53 51.10
CA ARG H 33 -19.29 58.97 51.02
C ARG H 33 -18.57 59.66 52.18
N GLU H 34 -18.56 58.99 53.32
CA GLU H 34 -17.92 59.50 54.52
C GLU H 34 -16.40 59.59 54.40
N ARG H 35 -15.78 58.52 53.87
CA ARG H 35 -14.32 58.50 53.72
C ARG H 35 -13.86 59.50 52.66
N LEU H 36 -14.73 59.76 51.70
CA LEU H 36 -14.44 60.72 50.64
C LEU H 36 -14.40 62.12 51.24
N GLU H 37 -15.44 62.48 51.97
CA GLU H 37 -15.47 63.80 52.59
C GLU H 37 -14.27 64.04 53.49
N LEU H 38 -13.78 62.98 54.14
CA LEU H 38 -12.62 63.14 54.98
C LEU H 38 -11.40 63.42 54.13
N CYS H 39 -11.22 62.63 53.07
CA CYS H 39 -10.09 62.84 52.18
C CYS H 39 -10.15 64.25 51.61
N ASP H 40 -11.33 64.59 51.09
CA ASP H 40 -11.54 65.90 50.50
C ASP H 40 -11.11 66.99 51.46
N ALA H 41 -11.53 66.85 52.71
CA ALA H 41 -11.21 67.80 53.74
C ALA H 41 -9.71 67.98 53.89
N ARG H 42 -8.99 66.90 54.18
CA ARG H 42 -7.56 67.05 54.38
C ARG H 42 -6.78 67.41 53.14
N VAL H 43 -7.23 66.96 51.99
CA VAL H 43 -6.50 67.28 50.79
C VAL H 43 -6.66 68.77 50.51
N SER H 44 -7.88 69.28 50.69
CA SER H 44 -8.18 70.70 50.46
C SER H 44 -7.49 71.63 51.44
N SER H 45 -7.25 71.15 52.65
CA SER H 45 -6.61 71.95 53.68
C SER H 45 -5.10 71.89 53.70
N ARG H 46 -4.48 71.44 52.60
CA ARG H 46 -3.02 71.36 52.57
C ARG H 46 -2.50 72.03 51.32
N SER H 47 -1.31 72.58 51.41
CA SER H 47 -0.74 73.26 50.27
C SER H 47 0.43 72.53 49.65
N HIS H 48 0.68 71.30 50.08
CA HIS H 48 1.81 70.56 49.53
C HIS H 48 1.60 69.04 49.49
N THR H 49 0.36 68.58 49.29
CA THR H 49 0.07 67.14 49.25
C THR H 49 -0.16 66.51 47.87
N GLU H 50 0.65 65.51 47.54
CA GLU H 50 0.51 64.80 46.28
C GLU H 50 -0.80 64.01 46.24
N GLU H 51 -1.39 63.83 47.41
CA GLU H 51 -2.62 63.07 47.58
C GLU H 51 -3.81 63.57 46.79
N GLN H 52 -4.67 62.64 46.36
CA GLN H 52 -5.88 62.94 45.58
C GLN H 52 -7.00 62.06 46.15
N CYS H 53 -8.26 62.39 45.87
CA CYS H 53 -9.35 61.59 46.41
C CYS H 53 -10.07 60.67 45.44
N THR H 54 -9.42 60.40 44.31
CA THR H 54 -9.96 59.54 43.26
C THR H 54 -10.44 58.21 43.84
N GLU H 55 -9.52 57.51 44.48
CA GLU H 55 -9.84 56.22 45.06
C GLU H 55 -11.13 56.28 45.89
N GLU H 56 -11.22 57.27 46.78
CA GLU H 56 -12.39 57.40 47.61
C GLU H 56 -13.63 57.72 46.78
N LEU H 57 -13.48 58.59 45.79
CA LEU H 57 -14.62 58.94 44.94
C LEU H 57 -15.06 57.70 44.13
N PHE H 58 -14.09 56.91 43.69
CA PHE H 58 -14.41 55.71 42.93
C PHE H 58 -15.17 54.71 43.79
N ASP H 59 -14.70 54.47 45.02
CA ASP H 59 -15.41 53.54 45.89
C ASP H 59 -16.86 54.01 46.06
N PHE H 60 -17.06 55.32 46.16
CA PHE H 60 -18.40 55.84 46.35
C PHE H 60 -19.25 55.64 45.12
N LEU H 61 -18.72 56.08 43.96
CA LEU H 61 -19.44 55.96 42.70
C LEU H 61 -19.75 54.50 42.36
N HIS H 62 -18.80 53.63 42.67
CA HIS H 62 -18.98 52.22 42.41
C HIS H 62 -20.16 51.68 43.19
N ALA H 63 -20.20 51.95 44.48
CA ALA H 63 -21.30 51.48 45.31
C ALA H 63 -22.63 52.13 44.90
N ARG H 64 -22.61 53.45 44.68
CA ARG H 64 -23.83 54.15 44.31
C ARG H 64 -24.35 53.68 42.98
N ASP H 65 -23.50 53.74 41.97
CA ASP H 65 -23.90 53.33 40.63
C ASP H 65 -24.29 51.87 40.54
N HIS H 66 -23.69 51.01 41.35
CA HIS H 66 -24.09 49.60 41.31
C HIS H 66 -25.53 49.50 41.79
N CYS H 67 -25.88 50.35 42.76
CA CYS H 67 -27.21 50.36 43.33
C CYS H 67 -28.20 50.90 42.29
N VAL H 68 -27.80 51.98 41.62
CA VAL H 68 -28.66 52.59 40.63
C VAL H 68 -29.03 51.63 39.51
N ALA H 69 -28.08 50.79 39.10
CA ALA H 69 -28.34 49.83 38.03
C ALA H 69 -29.54 48.91 38.33
N HIS H 70 -29.61 48.46 39.57
CA HIS H 70 -30.70 47.57 40.01
C HIS H 70 -32.10 48.12 39.84
N LYS H 71 -32.25 49.45 39.94
CA LYS H 71 -33.56 50.07 39.89
C LYS H 71 -33.88 51.02 38.74
N LEU H 72 -32.86 51.67 38.18
CA LEU H 72 -33.07 52.63 37.12
C LEU H 72 -33.90 52.22 35.91
N PHE H 73 -33.54 51.12 35.25
CA PHE H 73 -34.30 50.74 34.07
C PHE H 73 -35.75 50.40 34.31
N ASN H 74 -36.15 50.29 35.57
CA ASN H 74 -37.54 49.98 35.89
C ASN H 74 -38.39 51.19 35.62
N LYS H 75 -37.80 52.37 35.83
CA LYS H 75 -38.48 53.64 35.66
C LYS H 75 -38.21 54.32 34.33
N LEU H 76 -37.77 53.56 33.33
CA LEU H 76 -37.50 54.12 32.01
C LEU H 76 -38.27 53.32 30.97
N LYS H 77 -38.44 53.89 29.78
CA LYS H 77 -39.13 53.17 28.73
C LYS H 77 -38.11 52.52 27.78
N UNK I 1 -24.57 -36.89 -4.48
CA UNK I 1 -25.38 -35.65 -4.62
C UNK I 1 -26.51 -35.52 -3.59
N UNK I 2 -26.28 -36.05 -2.39
CA UNK I 2 -27.29 -35.98 -1.33
C UNK I 2 -26.80 -36.57 0.00
N UNK I 3 -25.51 -36.39 0.28
CA UNK I 3 -24.88 -36.88 1.50
C UNK I 3 -23.36 -36.92 1.32
N UNK I 4 -22.61 -36.70 2.39
CA UNK I 4 -21.17 -36.74 2.27
C UNK I 4 -20.36 -35.75 3.09
N UNK I 5 -20.42 -34.46 2.73
CA UNK I 5 -19.67 -33.43 3.43
C UNK I 5 -18.23 -33.88 3.64
N UNK I 6 -17.31 -33.43 2.79
CA UNK I 6 -15.92 -33.88 2.95
C UNK I 6 -15.00 -33.05 3.82
N UNK I 7 -14.16 -33.77 4.57
CA UNK I 7 -13.18 -33.20 5.48
C UNK I 7 -12.17 -32.25 4.81
N UNK I 8 -11.15 -31.80 5.57
CA UNK I 8 -10.08 -30.90 5.12
C UNK I 8 -8.69 -31.14 5.74
N UNK I 9 -7.69 -31.39 4.89
CA UNK I 9 -6.34 -31.65 5.37
C UNK I 9 -5.35 -30.57 4.98
N UNK I 10 -4.06 -30.89 5.13
CA UNK I 10 -2.99 -29.96 4.79
C UNK I 10 -2.30 -30.31 3.48
N UNK I 11 -1.34 -29.50 3.06
CA UNK I 11 -0.70 -29.80 1.79
C UNK I 11 0.80 -29.81 1.77
N UNK I 12 1.43 -29.08 2.69
CA UNK I 12 2.90 -29.04 2.72
C UNK I 12 3.45 -30.43 2.47
N UNK I 13 2.87 -31.38 3.19
CA UNK I 13 3.26 -32.78 3.09
C UNK I 13 2.36 -33.57 4.02
N UNK I 14 1.09 -33.16 4.05
CA UNK I 14 0.10 -33.80 4.91
C UNK I 14 -0.28 -32.92 6.08
N UNK I 15 -1.29 -33.34 6.84
CA UNK I 15 -1.74 -32.55 7.98
C UNK I 15 -1.37 -33.18 9.31
CA ARG I 16 -11.50 -37.03 15.26
C ARG I 16 -10.80 -38.33 15.64
N PRO I 17 -10.27 -38.41 16.87
CA PRO I 17 -9.57 -39.60 17.39
C PRO I 17 -10.46 -40.64 18.09
N LEU I 18 -10.09 -41.92 17.96
CA LEU I 18 -10.84 -43.01 18.57
C LEU I 18 -10.06 -43.56 19.77
N LEU I 19 -10.69 -43.52 20.95
CA LEU I 19 -10.05 -43.96 22.19
C LEU I 19 -10.57 -45.27 22.82
N CYS I 20 -11.88 -45.51 22.71
CA CYS I 20 -12.49 -46.72 23.28
C CYS I 20 -12.90 -47.78 22.24
N ARG I 21 -13.11 -49.01 22.69
CA ARG I 21 -13.50 -50.11 21.80
C ARG I 21 -14.81 -49.83 21.06
N GLU I 22 -15.69 -49.05 21.70
CA GLU I 22 -16.99 -48.71 21.13
C GLU I 22 -16.88 -47.85 19.85
N SER I 23 -15.88 -46.97 19.81
CA SER I 23 -15.67 -46.08 18.66
C SER I 23 -14.82 -46.68 17.54
N MET I 24 -13.90 -47.57 17.89
CA MET I 24 -13.04 -48.21 16.91
C MET I 24 -13.68 -49.39 16.18
N SER I 25 -14.59 -50.10 16.83
CA SER I 25 -15.25 -51.26 16.22
C SER I 25 -15.82 -51.01 14.82
N GLY I 26 -15.28 -51.74 13.84
CA GLY I 26 -15.72 -51.59 12.46
C GLY I 26 -14.69 -50.84 11.61
N ARG I 27 -13.68 -50.31 12.28
CA ARG I 27 -12.63 -49.55 11.63
C ARG I 27 -11.60 -50.46 10.94
N SER I 28 -11.59 -51.73 11.29
CA SER I 28 -10.66 -52.69 10.68
C SER I 28 -11.09 -52.95 9.25
N ALA I 29 -10.14 -53.10 8.33
CA ALA I 29 -10.48 -53.34 6.94
C ALA I 29 -11.34 -54.58 6.82
N ARG I 30 -12.50 -54.43 6.20
CA ARG I 30 -13.44 -55.54 6.02
C ARG I 30 -13.11 -56.33 4.74
N ARG I 31 -12.86 -55.60 3.66
CA ARG I 31 -12.54 -56.22 2.36
C ARG I 31 -11.63 -55.34 1.48
N ASP I 32 -11.98 -55.20 0.21
CA ASP I 32 -11.20 -54.41 -0.73
C ASP I 32 -11.31 -52.92 -0.50
N LEU I 33 -10.43 -52.15 -1.14
CA LEU I 33 -10.45 -50.70 -0.99
C LEU I 33 -10.99 -50.04 -2.26
N VAL I 34 -12.11 -49.33 -2.14
CA VAL I 34 -12.69 -48.63 -3.28
C VAL I 34 -12.34 -47.14 -3.15
N ALA I 35 -12.47 -46.41 -4.25
CA ALA I 35 -12.20 -45.00 -4.25
C ALA I 35 -13.27 -44.38 -5.13
N GLY I 36 -13.88 -43.31 -4.64
CA GLY I 36 -14.92 -42.67 -5.41
C GLY I 36 -14.71 -41.18 -5.51
N ILE I 37 -15.36 -40.59 -6.51
CA ILE I 37 -15.29 -39.17 -6.72
C ILE I 37 -16.54 -38.74 -7.46
N SER I 38 -17.07 -37.60 -7.08
CA SER I 38 -18.28 -37.11 -7.69
C SER I 38 -18.06 -35.72 -8.27
N LEU I 39 -19.05 -35.21 -8.98
CA LEU I 39 -18.96 -33.89 -9.56
C LEU I 39 -19.61 -32.87 -8.61
N ASN I 40 -20.57 -33.32 -7.80
CA ASN I 40 -21.25 -32.42 -6.85
C ASN I 40 -21.47 -33.06 -5.48
N ALA I 41 -20.60 -33.98 -5.12
CA ALA I 41 -20.72 -34.64 -3.84
C ALA I 41 -19.32 -34.97 -3.35
N PRO I 42 -19.19 -35.28 -2.05
CA PRO I 42 -17.91 -35.63 -1.40
C PRO I 42 -17.20 -36.85 -1.98
N ALA I 43 -15.88 -36.85 -1.80
CA ALA I 43 -15.04 -37.94 -2.26
C ALA I 43 -15.15 -39.05 -1.23
N SER I 44 -15.58 -40.22 -1.67
CA SER I 44 -15.73 -41.36 -0.78
C SER I 44 -14.52 -42.30 -0.79
N VAL I 45 -14.53 -43.23 0.16
CA VAL I 45 -13.47 -44.21 0.29
C VAL I 45 -13.93 -45.27 1.32
N ARG I 46 -13.76 -46.55 0.98
CA ARG I 46 -14.17 -47.65 1.87
C ARG I 46 -12.96 -48.40 2.41
N ALA J 1 -50.19 -1.64 17.69
CA ALA J 1 -48.78 -1.43 18.07
C ALA J 1 -48.10 -0.63 16.97
N LEU J 2 -47.86 0.65 17.25
CA LEU J 2 -47.23 1.52 16.27
C LEU J 2 -45.80 1.10 15.96
N LEU J 3 -45.07 0.71 17.00
CA LEU J 3 -43.69 0.31 16.82
C LEU J 3 -43.60 -0.76 15.79
N ARG J 4 -44.46 -1.77 15.88
CA ARG J 4 -44.42 -2.83 14.88
C ARG J 4 -44.88 -2.31 13.53
N GLN J 5 -45.93 -1.52 13.52
CA GLN J 5 -46.43 -0.99 12.25
C GLN J 5 -45.36 -0.16 11.60
N ALA J 6 -44.73 0.68 12.40
CA ALA J 6 -43.65 1.54 11.94
C ALA J 6 -42.55 0.66 11.33
N TYR J 7 -42.11 -0.31 12.10
CA TYR J 7 -41.08 -1.22 11.65
C TYR J 7 -41.45 -1.85 10.31
N SER J 8 -42.59 -2.49 10.23
CA SER J 8 -43.00 -3.14 9.00
C SER J 8 -43.16 -2.20 7.81
N ALA J 9 -43.90 -1.12 8.02
CA ALA J 9 -44.14 -0.16 6.95
C ALA J 9 -43.00 0.77 6.59
N LEU J 10 -42.27 1.28 7.60
CA LEU J 10 -41.23 2.26 7.35
C LEU J 10 -39.76 1.86 7.43
N PHE J 11 -39.39 1.22 8.53
CA PHE J 11 -38.00 0.88 8.77
C PHE J 11 -37.43 -0.42 8.21
N ARG J 12 -38.29 -1.34 7.78
CA ARG J 12 -37.79 -2.61 7.28
C ARG J 12 -37.06 -2.46 5.95
N ARG J 13 -37.77 -1.99 4.93
CA ARG J 13 -37.15 -1.81 3.63
C ARG J 13 -36.34 -0.51 3.57
N THR J 14 -35.04 -0.64 3.35
CA THR J 14 -34.14 0.50 3.26
C THR J 14 -34.68 1.63 2.38
N SER J 15 -35.48 1.27 1.38
CA SER J 15 -36.05 2.28 0.49
C SER J 15 -37.10 3.10 1.23
N THR J 16 -37.97 2.42 1.96
CA THR J 16 -39.00 3.11 2.71
C THR J 16 -38.39 3.86 3.89
N PHE J 17 -37.25 3.37 4.37
CA PHE J 17 -36.62 4.04 5.48
C PHE J 17 -36.18 5.43 5.01
N ALA J 18 -35.56 5.51 3.84
CA ALA J 18 -35.10 6.81 3.29
C ALA J 18 -36.27 7.71 3.02
N LEU J 19 -37.33 7.11 2.48
CA LEU J 19 -38.52 7.88 2.18
C LEU J 19 -39.05 8.50 3.47
N THR J 20 -39.02 7.72 4.55
CA THR J 20 -39.50 8.21 5.85
C THR J 20 -38.62 9.34 6.39
N VAL J 21 -37.33 9.29 6.10
CA VAL J 21 -36.43 10.34 6.54
C VAL J 21 -36.74 11.64 5.79
N VAL J 22 -36.82 11.56 4.47
CA VAL J 22 -37.11 12.72 3.65
C VAL J 22 -38.45 13.33 4.00
N LEU J 23 -39.52 12.55 3.87
CA LEU J 23 -40.83 13.07 4.18
C LEU J 23 -40.85 13.49 5.64
N GLY J 24 -40.05 12.82 6.45
CA GLY J 24 -40.00 13.14 7.88
C GLY J 24 -39.37 14.49 8.11
N ALA J 25 -38.33 14.76 7.34
CA ALA J 25 -37.62 16.02 7.44
C ALA J 25 -38.53 17.15 6.95
N VAL J 26 -39.16 16.98 5.80
CA VAL J 26 -40.04 18.02 5.29
C VAL J 26 -41.06 18.47 6.33
N LEU J 27 -41.68 17.51 7.00
CA LEU J 27 -42.69 17.83 8.00
C LEU J 27 -42.06 18.38 9.28
N PHE J 28 -40.88 17.87 9.62
CA PHE J 28 -40.20 18.35 10.82
C PHE J 28 -39.82 19.81 10.64
N GLU J 29 -39.33 20.18 9.46
CA GLU J 29 -38.93 21.56 9.25
C GLU J 29 -40.09 22.54 9.43
N ARG J 30 -41.15 22.30 8.68
CA ARG J 30 -42.35 23.12 8.74
C ARG J 30 -42.78 23.30 10.20
N ALA J 31 -42.92 22.20 10.91
CA ALA J 31 -43.33 22.26 12.31
C ALA J 31 -42.30 22.96 13.21
N PHE J 32 -41.07 22.44 13.20
CA PHE J 32 -40.02 22.98 14.05
C PHE J 32 -39.81 24.48 13.90
N ASP J 33 -39.81 24.98 12.67
CA ASP J 33 -39.60 26.42 12.49
C ASP J 33 -40.74 27.23 13.07
N GLN J 34 -41.96 26.86 12.72
CA GLN J 34 -43.13 27.56 13.22
C GLN J 34 -43.07 27.67 14.73
N GLY J 35 -42.77 26.55 15.38
CA GLY J 35 -42.68 26.56 16.83
C GLY J 35 -41.56 27.44 17.38
N ALA J 36 -40.37 27.34 16.80
CA ALA J 36 -39.25 28.13 17.26
C ALA J 36 -39.58 29.60 17.14
N ASP J 37 -39.97 30.02 15.94
CA ASP J 37 -40.32 31.41 15.72
C ASP J 37 -41.39 31.83 16.71
N ALA J 38 -42.40 30.99 16.88
CA ALA J 38 -43.49 31.26 17.81
C ALA J 38 -42.93 31.50 19.21
N ILE J 39 -42.04 30.63 19.65
CA ILE J 39 -41.45 30.75 20.97
C ILE J 39 -40.64 32.03 21.07
N PHE J 40 -39.82 32.29 20.05
CA PHE J 40 -38.99 33.46 20.09
C PHE J 40 -39.78 34.76 20.19
N GLU J 41 -40.84 34.88 19.40
CA GLU J 41 -41.63 36.09 19.42
C GLU J 41 -42.37 36.26 20.73
N HIS J 42 -42.90 35.18 21.28
CA HIS J 42 -43.62 35.28 22.53
C HIS J 42 -42.68 35.78 23.60
N LEU J 43 -41.46 35.29 23.59
CA LEU J 43 -40.49 35.72 24.58
C LEU J 43 -40.05 37.15 24.36
N ASN J 44 -40.49 37.75 23.26
CA ASN J 44 -40.13 39.12 22.93
C ASN J 44 -41.32 40.00 22.51
N GLU J 45 -42.41 39.89 23.26
CA GLU J 45 -43.61 40.65 22.96
C GLU J 45 -43.46 42.15 22.84
N GLY J 46 -43.93 42.70 21.74
CA GLY J 46 -43.87 44.13 21.55
C GLY J 46 -42.50 44.75 21.34
N LYS J 47 -41.49 43.93 21.11
CA LYS J 47 -40.15 44.45 20.91
C LYS J 47 -39.75 44.44 19.46
N LEU J 48 -40.33 43.51 18.71
CA LEU J 48 -40.01 43.36 17.29
C LEU J 48 -40.78 44.28 16.40
N TRP J 49 -40.21 44.59 15.25
CA TRP J 49 -40.84 45.48 14.29
C TRP J 49 -42.20 44.90 13.89
N LYS J 50 -42.26 43.60 13.85
CA LYS J 50 -43.50 42.92 13.53
C LYS J 50 -44.60 43.45 14.47
N HIS J 51 -44.20 43.76 15.71
CA HIS J 51 -45.10 44.22 16.75
C HIS J 51 -45.42 45.71 16.78
N ILE J 52 -44.43 46.56 16.50
CA ILE J 52 -44.68 47.99 16.53
C ILE J 52 -44.99 48.57 15.16
N LYS J 53 -44.74 47.78 14.13
CA LYS J 53 -44.97 48.20 12.76
C LYS J 53 -46.25 48.98 12.46
N HIS J 54 -47.36 48.59 13.06
CA HIS J 54 -48.62 49.27 12.79
C HIS J 54 -48.67 50.77 13.09
N LYS J 55 -47.86 51.21 14.04
CA LYS J 55 -47.84 52.62 14.41
C LYS J 55 -47.43 53.58 13.30
N TYR J 56 -46.68 53.08 12.31
CA TYR J 56 -46.20 53.93 11.24
C TYR J 56 -46.62 53.36 9.91
N GLU J 57 -47.12 52.14 9.97
CA GLU J 57 -47.58 51.39 8.80
C GLU J 57 -48.95 51.91 8.37
N ALA J 58 -48.95 52.97 7.55
CA ALA J 58 -50.19 53.57 7.03
C ALA J 58 -51.04 54.32 8.08
N SER J 59 -50.41 54.78 9.15
CA SER J 59 -51.14 55.51 10.20
C SER J 59 -50.39 56.77 10.65
N GLU J 60 -49.74 57.44 9.71
CA GLU J 60 -48.99 58.67 9.98
C GLU J 60 -48.91 59.55 8.73
N GLU J 61 -48.86 60.86 8.97
CA GLU J 61 -48.80 61.90 7.93
C GLU J 61 -49.91 61.77 6.88
N THR K 3 55.22 -23.83 19.82
CA THR K 3 54.53 -22.60 19.32
C THR K 3 54.41 -22.54 17.79
N TYR K 4 53.34 -21.90 17.34
CA TYR K 4 53.04 -21.72 15.94
C TYR K 4 54.24 -21.22 15.12
N ALA K 5 54.79 -20.08 15.55
CA ALA K 5 55.94 -19.48 14.88
C ALA K 5 57.02 -20.50 14.57
N GLN K 6 57.35 -21.32 15.56
CA GLN K 6 58.39 -22.33 15.42
C GLN K 6 57.98 -23.48 14.50
N THR K 7 56.80 -24.05 14.74
CA THR K 7 56.36 -25.15 13.90
C THR K 7 56.49 -24.77 12.44
N LEU K 8 56.30 -23.49 12.15
CA LEU K 8 56.41 -23.02 10.78
C LEU K 8 57.84 -23.13 10.27
N GLN K 9 58.80 -22.75 11.10
CA GLN K 9 60.21 -22.81 10.74
C GLN K 9 60.69 -24.23 10.53
N ASN K 10 60.36 -25.12 11.46
CA ASN K 10 60.78 -26.50 11.36
C ASN K 10 60.15 -27.29 10.22
N ILE K 11 59.53 -26.60 9.27
CA ILE K 11 58.93 -27.31 8.15
C ILE K 11 60.01 -27.61 7.11
N PRO K 12 60.17 -28.90 6.76
CA PRO K 12 61.19 -29.29 5.77
C PRO K 12 61.11 -28.43 4.50
N GLU K 13 62.27 -27.97 4.04
CA GLU K 13 62.31 -27.13 2.86
C GLU K 13 61.93 -27.87 1.58
N THR K 14 61.52 -27.10 0.58
CA THR K 14 61.15 -27.68 -0.70
C THR K 14 62.36 -27.63 -1.62
N ASN K 15 62.84 -28.79 -2.05
CA ASN K 15 64.02 -28.84 -2.91
C ASN K 15 63.63 -28.73 -4.38
N VAL K 16 64.37 -27.89 -5.09
CA VAL K 16 64.14 -27.70 -6.51
C VAL K 16 65.47 -27.73 -7.26
N THR K 17 65.53 -28.50 -8.33
CA THR K 17 66.73 -28.57 -9.14
C THR K 17 66.23 -28.66 -10.56
N THR K 18 66.99 -28.07 -11.48
CA THR K 18 66.58 -28.07 -12.87
C THR K 18 67.38 -29.01 -13.77
N LEU K 19 66.66 -29.82 -14.54
CA LEU K 19 67.30 -30.72 -15.47
C LEU K 19 67.68 -29.86 -16.66
N ASP K 20 68.84 -30.15 -17.23
CA ASP K 20 69.36 -29.40 -18.35
C ASP K 20 68.41 -29.31 -19.55
N ASN K 21 67.41 -30.18 -19.62
CA ASN K 21 66.47 -30.13 -20.72
C ASN K 21 65.38 -29.09 -20.47
N GLY K 22 65.41 -28.49 -19.28
CA GLY K 22 64.44 -27.47 -18.94
C GLY K 22 63.41 -27.80 -17.85
N LEU K 23 63.28 -29.09 -17.53
CA LEU K 23 62.34 -29.53 -16.51
C LEU K 23 62.83 -29.23 -15.10
N ARG K 24 61.89 -28.91 -14.21
CA ARG K 24 62.23 -28.60 -12.83
C ARG K 24 61.68 -29.69 -11.93
N VAL K 25 62.50 -30.14 -10.99
CA VAL K 25 62.06 -31.17 -10.07
C VAL K 25 62.04 -30.61 -8.67
N ALA K 26 60.89 -30.72 -8.00
CA ALA K 26 60.74 -30.22 -6.64
C ALA K 26 60.00 -31.18 -5.74
N SER K 27 60.26 -31.07 -4.45
CA SER K 27 59.62 -31.95 -3.50
C SER K 27 59.81 -31.51 -2.06
N GLU K 28 58.94 -32.01 -1.20
CA GLU K 28 59.01 -31.75 0.23
C GLU K 28 58.96 -33.13 0.86
N GLU K 29 60.06 -33.50 1.49
CA GLU K 29 60.18 -34.81 2.11
C GLU K 29 59.63 -34.84 3.51
N SER K 30 58.71 -35.77 3.73
CA SER K 30 58.09 -35.96 5.03
C SER K 30 58.45 -37.37 5.47
N SER K 31 58.01 -37.73 6.65
CA SER K 31 58.29 -39.06 7.18
C SER K 31 57.16 -40.01 6.82
N GLN K 32 56.41 -39.68 5.76
CA GLN K 32 55.29 -40.51 5.38
C GLN K 32 55.52 -41.65 4.40
N PRO K 33 55.02 -42.84 4.76
CA PRO K 33 55.09 -44.11 4.02
C PRO K 33 54.36 -44.05 2.69
N THR K 34 53.47 -43.09 2.58
CA THR K 34 52.70 -42.91 1.37
C THR K 34 53.12 -41.57 0.76
N CYS K 35 52.95 -41.40 -0.54
CA CYS K 35 53.35 -40.14 -1.18
C CYS K 35 52.53 -39.78 -2.42
N THR K 36 52.82 -38.59 -2.96
CA THR K 36 52.14 -38.08 -4.14
C THR K 36 53.17 -37.42 -5.04
N VAL K 37 53.23 -37.85 -6.30
CA VAL K 37 54.16 -37.26 -7.24
C VAL K 37 53.38 -37.10 -8.53
N GLY K 38 53.68 -36.02 -9.25
CA GLY K 38 53.00 -35.76 -10.51
C GLY K 38 53.64 -34.59 -11.21
N VAL K 39 53.21 -34.37 -12.45
CA VAL K 39 53.74 -33.27 -13.25
C VAL K 39 52.66 -32.20 -13.46
N TRP K 40 53.02 -30.97 -13.15
CA TRP K 40 52.13 -29.81 -13.31
C TRP K 40 52.57 -29.06 -14.56
N ILE K 41 51.68 -28.98 -15.54
CA ILE K 41 52.02 -28.33 -16.79
C ILE K 41 51.40 -26.97 -17.01
N GLY K 42 52.20 -26.03 -17.48
CA GLY K 42 51.71 -24.70 -17.77
C GLY K 42 51.01 -24.73 -19.12
N ALA K 43 49.86 -25.41 -19.19
CA ALA K 43 49.07 -25.50 -20.42
C ALA K 43 47.59 -25.56 -20.06
N GLY K 44 46.72 -25.20 -20.99
CA GLY K 44 45.30 -25.23 -20.74
C GLY K 44 44.51 -24.55 -21.86
N SER K 45 43.20 -24.40 -21.68
CA SER K 45 42.36 -23.80 -22.70
C SER K 45 42.79 -22.38 -23.11
N ARG K 46 43.53 -21.71 -22.23
CA ARG K 46 43.98 -20.35 -22.59
C ARG K 46 45.00 -20.46 -23.70
N TYR K 47 45.73 -21.57 -23.73
CA TYR K 47 46.73 -21.81 -24.75
C TYR K 47 46.08 -22.33 -26.03
N GLU K 48 44.84 -22.80 -25.94
CA GLU K 48 44.18 -23.30 -27.13
C GLU K 48 43.79 -22.11 -27.99
N ASN K 49 43.36 -22.40 -29.21
CA ASN K 49 42.94 -21.38 -30.14
C ASN K 49 41.49 -21.71 -30.47
N GLU K 50 40.89 -20.95 -31.36
CA GLU K 50 39.51 -21.16 -31.72
C GLU K 50 39.23 -22.53 -32.34
N LYS K 51 40.24 -23.13 -32.95
CA LYS K 51 40.03 -24.43 -33.59
C LYS K 51 40.38 -25.67 -32.77
N ASN K 52 41.28 -25.54 -31.79
CA ASN K 52 41.65 -26.69 -30.99
C ASN K 52 41.11 -26.61 -29.55
N ASN K 53 40.26 -25.62 -29.30
CA ASN K 53 39.64 -25.43 -27.98
C ASN K 53 39.04 -26.76 -27.55
N GLY K 54 39.49 -27.26 -26.41
CA GLY K 54 38.96 -28.52 -25.90
C GLY K 54 39.94 -29.67 -26.07
N ALA K 55 41.00 -29.42 -26.85
CA ALA K 55 42.03 -30.42 -27.10
C ALA K 55 42.66 -30.86 -25.80
N GLY K 56 43.17 -29.91 -25.03
CA GLY K 56 43.81 -30.23 -23.75
C GLY K 56 42.91 -31.07 -22.85
N TYR K 57 41.60 -30.89 -23.00
CA TYR K 57 40.63 -31.62 -22.19
C TYR K 57 40.43 -33.01 -22.78
N PHE K 58 40.46 -33.07 -24.12
CA PHE K 58 40.31 -34.33 -24.87
C PHE K 58 41.56 -35.16 -24.53
N VAL K 59 42.69 -34.47 -24.43
CA VAL K 59 43.96 -35.11 -24.10
C VAL K 59 43.94 -35.60 -22.66
N GLU K 60 43.11 -34.99 -21.83
CA GLU K 60 43.03 -35.40 -20.43
C GLU K 60 42.29 -36.73 -20.37
N HIS K 61 41.37 -36.92 -21.32
CA HIS K 61 40.59 -38.15 -21.37
C HIS K 61 41.36 -39.36 -21.87
N LEU K 62 42.41 -39.11 -22.64
CA LEU K 62 43.21 -40.19 -23.18
C LEU K 62 44.46 -40.43 -22.33
N ALA K 63 44.95 -39.38 -21.70
CA ALA K 63 46.14 -39.45 -20.87
C ALA K 63 46.27 -40.76 -20.10
N PHE K 64 45.14 -41.33 -19.70
CA PHE K 64 45.14 -42.57 -18.93
C PHE K 64 44.77 -43.84 -19.68
N LYS K 65 44.25 -43.71 -20.90
CA LYS K 65 43.85 -44.88 -21.67
C LYS K 65 45.02 -45.60 -22.35
N GLY K 66 46.18 -45.56 -21.70
CA GLY K 66 47.35 -46.25 -22.21
C GLY K 66 48.36 -45.47 -23.04
N THR K 67 49.60 -45.92 -22.97
CA THR K 67 50.70 -45.31 -23.71
C THR K 67 51.15 -46.32 -24.78
N LYS K 68 52.18 -45.96 -25.52
CA LYS K 68 52.70 -46.84 -26.56
C LYS K 68 53.48 -48.00 -25.95
N LYS K 69 54.24 -47.71 -24.90
CA LYS K 69 55.04 -48.74 -24.25
C LYS K 69 54.13 -49.79 -23.60
N ARG K 70 52.92 -49.40 -23.21
CA ARG K 70 51.98 -50.34 -22.59
C ARG K 70 50.52 -49.91 -22.76
N PRO K 71 49.79 -50.61 -23.64
CA PRO K 71 48.37 -50.35 -23.96
C PRO K 71 47.43 -50.25 -22.76
N CYS K 72 46.19 -49.85 -23.06
CA CYS K 72 45.12 -49.66 -22.06
C CYS K 72 45.12 -50.66 -20.90
N ALA K 73 44.60 -51.86 -21.17
CA ALA K 73 44.51 -52.91 -20.17
C ALA K 73 45.74 -53.04 -19.27
N ALA K 74 46.91 -53.08 -19.89
CA ALA K 74 48.16 -53.23 -19.16
C ALA K 74 48.43 -52.07 -18.22
N PHE K 75 48.32 -50.85 -18.76
CA PHE K 75 48.55 -49.64 -17.98
C PHE K 75 47.68 -49.59 -16.73
N GLU K 76 46.38 -49.75 -16.91
CA GLU K 76 45.47 -49.71 -15.78
C GLU K 76 45.84 -50.78 -14.78
N LYS K 77 45.97 -52.01 -15.27
CA LYS K 77 46.31 -53.14 -14.44
C LYS K 77 47.59 -52.93 -13.67
N GLU K 78 48.56 -52.24 -14.27
CA GLU K 78 49.82 -52.01 -13.58
C GLU K 78 49.72 -50.99 -12.45
N VAL K 79 48.88 -49.98 -12.65
CA VAL K 79 48.67 -48.95 -11.63
C VAL K 79 47.77 -49.47 -10.52
N GLU K 80 46.64 -50.04 -10.91
CA GLU K 80 45.71 -50.59 -9.95
C GLU K 80 46.42 -51.56 -9.00
N SER K 81 47.03 -52.60 -9.57
CA SER K 81 47.71 -53.63 -8.80
C SER K 81 48.80 -53.19 -7.82
N MET K 82 49.22 -51.93 -7.86
CA MET K 82 50.22 -51.49 -6.91
C MET K 82 49.57 -50.57 -5.88
N GLY K 83 48.23 -50.52 -5.95
CA GLY K 83 47.44 -49.72 -5.04
C GLY K 83 47.59 -48.23 -5.25
N ALA K 84 48.09 -47.84 -6.41
CA ALA K 84 48.29 -46.43 -6.71
C ALA K 84 47.06 -45.77 -7.31
N HIS K 85 46.88 -44.49 -6.99
CA HIS K 85 45.75 -43.73 -7.49
C HIS K 85 46.23 -42.75 -8.56
N PHE K 86 45.66 -42.86 -9.76
CA PHE K 86 46.05 -41.96 -10.83
C PHE K 86 44.96 -40.94 -11.12
N ASN K 87 45.31 -39.67 -10.95
CA ASN K 87 44.36 -38.58 -11.16
C ASN K 87 45.02 -37.35 -11.76
N GLY K 88 44.19 -36.42 -12.20
CA GLY K 88 44.68 -35.19 -12.78
C GLY K 88 43.56 -34.28 -13.29
N TYR K 89 43.93 -33.11 -13.78
CA TYR K 89 42.93 -32.17 -14.27
C TYR K 89 43.53 -31.21 -15.28
N THR K 90 42.69 -30.32 -15.75
CA THR K 90 43.13 -29.34 -16.72
C THR K 90 42.23 -28.11 -16.59
N SER K 91 42.85 -26.95 -16.40
CA SER K 91 42.12 -25.70 -16.24
C SER K 91 42.49 -24.75 -17.38
N ARG K 92 42.18 -23.47 -17.22
CA ARG K 92 42.48 -22.50 -18.26
C ARG K 92 43.96 -22.25 -18.49
N GLU K 93 44.74 -22.23 -17.40
CA GLU K 93 46.17 -21.98 -17.50
C GLU K 93 47.04 -23.04 -16.87
N GLN K 94 46.45 -24.12 -16.39
CA GLN K 94 47.25 -25.15 -15.72
C GLN K 94 46.67 -26.55 -15.86
N THR K 95 47.54 -27.52 -16.12
CA THR K 95 47.13 -28.92 -16.27
C THR K 95 47.98 -29.76 -15.32
N ALA K 96 47.46 -30.91 -14.91
CA ALA K 96 48.25 -31.77 -14.02
C ALA K 96 47.82 -33.24 -14.07
N PHE K 97 48.79 -34.12 -13.83
CA PHE K 97 48.56 -35.55 -13.76
C PHE K 97 49.45 -35.94 -12.60
N TYR K 98 48.87 -36.57 -11.59
CA TYR K 98 49.65 -36.95 -10.43
C TYR K 98 49.21 -38.30 -9.91
N ILE K 99 50.07 -38.91 -9.11
CA ILE K 99 49.79 -40.22 -8.56
C ILE K 99 50.02 -40.32 -7.05
N LYS K 100 49.14 -41.08 -6.41
CA LYS K 100 49.19 -41.33 -4.98
C LYS K 100 49.56 -42.79 -4.83
N ALA K 101 50.72 -43.04 -4.24
CA ALA K 101 51.19 -44.40 -4.01
C ALA K 101 52.12 -44.41 -2.80
N LEU K 102 52.70 -45.57 -2.52
CA LEU K 102 53.62 -45.72 -1.41
C LEU K 102 54.97 -45.13 -1.85
N SER K 103 55.68 -44.50 -0.91
CA SER K 103 56.97 -43.91 -1.22
C SER K 103 57.90 -44.92 -1.90
N LYS K 104 57.78 -46.18 -1.49
CA LYS K 104 58.54 -47.29 -2.04
C LYS K 104 58.47 -47.32 -3.57
N ASP K 105 57.30 -47.02 -4.14
CA ASP K 105 57.13 -47.05 -5.57
C ASP K 105 57.44 -45.73 -6.27
N MET K 106 57.93 -44.76 -5.51
CA MET K 106 58.24 -43.43 -6.06
C MET K 106 58.88 -43.48 -7.45
N PRO K 107 59.98 -44.25 -7.61
CA PRO K 107 60.64 -44.35 -8.92
C PRO K 107 59.79 -44.95 -10.05
N LYS K 108 59.12 -46.07 -9.78
CA LYS K 108 58.28 -46.68 -10.82
C LYS K 108 57.18 -45.69 -11.20
N VAL K 109 56.74 -44.92 -10.22
CA VAL K 109 55.70 -43.92 -10.46
C VAL K 109 56.23 -42.92 -11.49
N VAL K 110 57.37 -42.30 -11.17
CA VAL K 110 57.99 -41.31 -12.05
C VAL K 110 58.08 -41.82 -13.48
N GLU K 111 58.35 -43.11 -13.63
CA GLU K 111 58.45 -43.70 -14.95
C GLU K 111 57.07 -43.68 -15.60
N LEU K 112 56.05 -44.05 -14.82
CA LEU K 112 54.69 -44.05 -15.32
C LEU K 112 54.28 -42.67 -15.77
N LEU K 113 54.55 -41.68 -14.93
CA LEU K 113 54.21 -40.30 -15.24
C LEU K 113 54.80 -39.95 -16.60
N ALA K 114 56.14 -39.91 -16.64
CA ALA K 114 56.87 -39.59 -17.85
C ALA K 114 56.30 -40.33 -19.05
N ASP K 115 55.87 -41.57 -18.85
CA ASP K 115 55.34 -42.32 -19.95
C ASP K 115 54.01 -41.73 -20.43
N VAL K 116 53.22 -41.22 -19.50
CA VAL K 116 51.91 -40.65 -19.83
C VAL K 116 51.97 -39.34 -20.60
N VAL K 117 52.76 -38.39 -20.10
CA VAL K 117 52.91 -37.08 -20.74
C VAL K 117 53.71 -37.14 -22.04
N GLN K 118 54.67 -38.05 -22.10
CA GLN K 118 55.51 -38.19 -23.29
C GLN K 118 55.00 -39.18 -24.32
N ASN K 119 54.43 -40.30 -23.89
CA ASN K 119 53.99 -41.32 -24.83
C ASN K 119 52.51 -41.67 -24.95
N CYS K 120 51.63 -40.70 -24.78
CA CYS K 120 50.21 -41.03 -24.90
C CYS K 120 49.93 -41.78 -26.21
N ALA K 121 49.30 -42.95 -26.09
CA ALA K 121 48.98 -43.79 -27.25
C ALA K 121 48.11 -43.10 -28.29
N LEU K 122 47.12 -42.35 -27.84
CA LEU K 122 46.23 -41.66 -28.76
C LEU K 122 45.63 -42.64 -29.77
N GLU K 123 45.18 -43.78 -29.28
CA GLU K 123 44.58 -44.82 -30.11
C GLU K 123 43.35 -44.31 -30.87
N GLU K 124 43.41 -44.38 -32.19
CA GLU K 124 42.32 -43.92 -33.05
C GLU K 124 40.94 -44.40 -32.62
N SER K 125 40.85 -45.63 -32.16
CA SER K 125 39.56 -46.19 -31.73
C SER K 125 39.11 -45.57 -30.42
N GLN K 126 40.07 -45.28 -29.53
CA GLN K 126 39.78 -44.69 -28.22
C GLN K 126 39.20 -43.29 -28.37
N ILE K 127 39.84 -42.49 -29.22
CA ILE K 127 39.38 -41.13 -29.47
C ILE K 127 37.91 -41.06 -29.83
N GLU K 128 37.43 -41.96 -30.68
CA GLU K 128 36.02 -41.94 -31.06
C GLU K 128 35.12 -42.29 -29.89
N LYS K 129 35.68 -42.96 -28.90
CA LYS K 129 34.92 -43.35 -27.72
C LYS K 129 34.85 -42.21 -26.69
N GLU K 130 35.98 -41.56 -26.43
CA GLU K 130 36.04 -40.46 -25.48
C GLU K 130 35.28 -39.27 -26.05
N ARG K 131 35.02 -39.33 -27.35
CA ARG K 131 34.28 -38.29 -28.06
C ARG K 131 32.85 -38.28 -27.57
N GLY K 132 32.25 -39.46 -27.47
CA GLY K 132 30.89 -39.55 -27.00
C GLY K 132 30.81 -39.27 -25.50
N VAL K 133 31.84 -39.72 -24.77
CA VAL K 133 31.94 -39.53 -23.33
C VAL K 133 32.00 -38.05 -22.95
N ILE K 134 32.91 -37.32 -23.59
CA ILE K 134 33.06 -35.89 -23.33
C ILE K 134 31.74 -35.20 -23.68
N LEU K 135 31.13 -35.57 -24.80
CA LEU K 135 29.86 -34.95 -25.18
C LEU K 135 28.78 -35.12 -24.11
N GLN K 136 28.86 -36.19 -23.32
CA GLN K 136 27.89 -36.42 -22.26
C GLN K 136 28.26 -35.59 -21.04
N GLU K 137 29.55 -35.56 -20.72
CA GLU K 137 30.01 -34.79 -19.58
C GLU K 137 29.65 -33.32 -19.79
N LEU K 138 29.40 -32.93 -21.03
CA LEU K 138 29.04 -31.56 -21.32
C LEU K 138 27.60 -31.36 -20.91
N LYS K 139 26.74 -32.33 -21.26
CA LYS K 139 25.33 -32.25 -20.91
C LYS K 139 25.15 -32.35 -19.40
N GLU K 140 26.06 -33.06 -18.73
CA GLU K 140 25.98 -33.19 -17.28
C GLU K 140 26.38 -31.84 -16.68
N MET K 141 27.58 -31.38 -17.03
CA MET K 141 28.07 -30.11 -16.52
C MET K 141 27.15 -28.95 -16.85
N ASP K 142 26.34 -29.13 -17.87
CA ASP K 142 25.44 -28.07 -18.28
C ASP K 142 24.37 -27.86 -17.24
N ASN K 143 24.23 -28.84 -16.34
CA ASN K 143 23.23 -28.74 -15.31
C ASN K 143 23.79 -28.31 -13.98
N ASP K 144 25.05 -27.89 -13.97
CA ASP K 144 25.65 -27.41 -12.73
C ASP K 144 25.76 -25.88 -12.82
N MET K 145 24.66 -25.20 -12.48
CA MET K 145 24.56 -23.75 -12.52
C MET K 145 25.79 -22.99 -12.06
N THR K 146 26.44 -23.46 -11.00
CA THR K 146 27.61 -22.79 -10.48
C THR K 146 28.71 -22.68 -11.51
N ASN K 147 28.95 -23.77 -12.24
CA ASN K 147 29.98 -23.77 -13.27
C ASN K 147 29.47 -23.10 -14.57
N VAL K 148 28.18 -23.25 -14.87
CA VAL K 148 27.65 -22.58 -16.04
C VAL K 148 27.84 -21.08 -15.81
N THR K 149 27.72 -20.65 -14.56
CA THR K 149 27.85 -19.25 -14.21
C THR K 149 29.28 -18.72 -14.25
N PHE K 150 30.24 -19.47 -13.73
CA PHE K 150 31.63 -19.01 -13.81
C PHE K 150 32.16 -19.02 -15.25
N ASP K 151 31.64 -19.93 -16.08
CA ASP K 151 32.02 -19.99 -17.48
C ASP K 151 31.54 -18.70 -18.10
N TYR K 152 30.28 -18.39 -17.89
CA TYR K 152 29.70 -17.17 -18.41
C TYR K 152 30.44 -15.97 -17.88
N LEU K 153 30.83 -16.00 -16.61
CA LEU K 153 31.56 -14.88 -16.05
C LEU K 153 32.83 -14.64 -16.89
N HIS K 154 33.54 -15.71 -17.23
CA HIS K 154 34.75 -15.60 -18.03
C HIS K 154 34.39 -15.21 -19.45
N ALA K 155 33.36 -15.84 -19.98
CA ALA K 155 32.95 -15.56 -21.32
C ALA K 155 32.74 -14.07 -21.55
N THR K 156 32.26 -13.35 -20.55
CA THR K 156 32.01 -11.93 -20.75
C THR K 156 33.12 -11.06 -20.18
N ALA K 157 33.63 -11.44 -19.02
CA ALA K 157 34.67 -10.63 -18.40
C ALA K 157 35.85 -10.51 -19.33
N PHE K 158 36.14 -11.60 -20.03
CA PHE K 158 37.27 -11.64 -20.95
C PHE K 158 36.80 -11.87 -22.38
N GLN K 159 35.60 -11.39 -22.69
CA GLN K 159 35.04 -11.54 -24.02
C GLN K 159 36.05 -11.19 -25.09
N GLY K 160 36.02 -11.97 -26.17
CA GLY K 160 36.91 -11.74 -27.28
C GLY K 160 38.36 -12.09 -27.02
N THR K 161 38.64 -12.92 -26.02
CA THR K 161 40.02 -13.31 -25.76
C THR K 161 40.12 -14.80 -25.49
N ALA K 162 41.31 -15.26 -25.12
CA ALA K 162 41.52 -16.69 -24.85
C ALA K 162 40.82 -17.10 -23.56
N LEU K 163 40.99 -16.29 -22.51
CA LEU K 163 40.37 -16.59 -21.23
C LEU K 163 38.85 -16.66 -21.29
N ALA K 164 38.28 -16.21 -22.39
CA ALA K 164 36.82 -16.24 -22.55
C ALA K 164 36.30 -17.63 -22.84
N ARG K 165 37.21 -18.57 -23.10
CA ARG K 165 36.81 -19.94 -23.43
C ARG K 165 36.71 -20.91 -22.26
N THR K 166 35.84 -21.91 -22.41
CA THR K 166 35.65 -22.93 -21.38
C THR K 166 36.77 -23.95 -21.53
N VAL K 167 37.09 -24.66 -20.45
CA VAL K 167 38.13 -25.66 -20.47
C VAL K 167 37.76 -26.88 -21.32
N GLU K 168 36.50 -27.31 -21.24
CA GLU K 168 36.07 -28.48 -22.00
C GLU K 168 35.97 -28.23 -23.50
N GLY K 169 35.80 -26.98 -23.91
CA GLY K 169 35.71 -26.69 -25.33
C GLY K 169 34.29 -26.68 -25.86
N THR K 170 34.17 -26.50 -27.17
CA THR K 170 32.88 -26.43 -27.84
C THR K 170 32.34 -27.76 -28.28
N THR K 171 31.10 -27.79 -28.71
CA THR K 171 30.50 -29.01 -29.19
C THR K 171 31.11 -29.34 -30.55
N GLU K 172 31.39 -28.30 -31.32
CA GLU K 172 32.00 -28.51 -32.63
C GLU K 172 33.41 -29.04 -32.50
N ASN K 173 34.25 -28.32 -31.77
CA ASN K 173 35.62 -28.75 -31.58
C ASN K 173 35.72 -30.21 -31.12
N ILE K 174 34.79 -30.66 -30.30
CA ILE K 174 34.84 -32.03 -29.79
C ILE K 174 34.31 -33.05 -30.77
N LYS K 175 33.36 -32.65 -31.61
CA LYS K 175 32.81 -33.56 -32.60
C LYS K 175 33.79 -33.74 -33.76
N HIS K 176 34.76 -32.84 -33.88
CA HIS K 176 35.71 -32.90 -34.99
C HIS K 176 37.21 -32.95 -34.70
N LEU K 177 37.64 -32.70 -33.47
CA LEU K 177 39.07 -32.73 -33.16
C LEU K 177 39.67 -34.04 -33.67
N THR K 178 40.89 -33.94 -34.22
CA THR K 178 41.57 -35.10 -34.79
C THR K 178 42.76 -35.63 -34.03
N ARG K 179 43.06 -36.89 -34.31
CA ARG K 179 44.19 -37.60 -33.71
C ARG K 179 45.40 -36.66 -33.82
N ALA K 180 45.46 -35.95 -34.94
CA ALA K 180 46.54 -35.01 -35.22
C ALA K 180 46.57 -33.85 -34.23
N ASP K 181 45.43 -33.16 -34.12
CA ASP K 181 45.30 -32.01 -33.23
C ASP K 181 45.68 -32.37 -31.81
N LEU K 182 45.25 -33.55 -31.37
CA LEU K 182 45.56 -34.01 -30.02
C LEU K 182 47.05 -34.25 -29.91
N ALA K 183 47.62 -34.85 -30.95
CA ALA K 183 49.05 -35.13 -30.98
C ALA K 183 49.79 -33.80 -30.99
N SER K 184 49.35 -32.93 -31.90
CA SER K 184 49.94 -31.61 -32.04
C SER K 184 49.94 -30.86 -30.71
N TYR K 185 48.79 -30.87 -30.02
CA TYR K 185 48.65 -30.20 -28.73
C TYR K 185 49.72 -30.69 -27.76
N ILE K 186 49.80 -32.01 -27.61
CA ILE K 186 50.75 -32.63 -26.72
C ILE K 186 52.18 -32.29 -27.09
N ASP K 187 52.49 -32.41 -28.37
CA ASP K 187 53.83 -32.13 -28.87
C ASP K 187 54.14 -30.64 -28.82
N THR K 188 53.09 -29.82 -28.86
CA THR K 188 53.26 -28.38 -28.81
C THR K 188 53.34 -27.83 -27.39
N HIS K 189 52.62 -28.45 -26.46
CA HIS K 189 52.57 -27.96 -25.09
C HIS K 189 53.26 -28.74 -23.96
N PHE K 190 53.20 -30.06 -23.98
CA PHE K 190 53.84 -30.84 -22.91
C PHE K 190 55.33 -30.91 -23.13
N LYS K 191 56.06 -29.88 -22.69
CA LYS K 191 57.50 -29.82 -22.85
C LYS K 191 58.21 -29.43 -21.57
N ALA K 192 59.33 -30.11 -21.32
CA ALA K 192 60.16 -29.94 -20.13
C ALA K 192 60.25 -28.55 -19.48
N PRO K 193 60.61 -27.52 -20.24
CA PRO K 193 60.71 -26.18 -19.65
C PRO K 193 59.40 -25.63 -19.08
N ARG K 194 58.29 -26.14 -19.60
CA ARG K 194 56.95 -25.74 -19.17
C ARG K 194 56.32 -26.73 -18.18
N MET K 195 57.09 -27.71 -17.72
CA MET K 195 56.57 -28.71 -16.78
C MET K 195 57.36 -28.69 -15.48
N VAL K 196 56.76 -29.27 -14.45
CA VAL K 196 57.37 -29.38 -13.14
C VAL K 196 56.98 -30.72 -12.54
N LEU K 197 57.99 -31.49 -12.14
CA LEU K 197 57.76 -32.78 -11.50
C LEU K 197 57.85 -32.48 -10.00
N ALA K 198 56.70 -32.55 -9.35
CA ALA K 198 56.63 -32.28 -7.92
C ALA K 198 56.30 -33.56 -7.16
N ALA K 199 56.78 -33.62 -5.93
CA ALA K 199 56.53 -34.80 -5.13
C ALA K 199 56.52 -34.43 -3.67
N ALA K 200 55.64 -35.10 -2.91
CA ALA K 200 55.54 -34.87 -1.48
C ALA K 200 55.26 -36.20 -0.80
N GLY K 201 55.83 -36.36 0.39
CA GLY K 201 55.66 -37.59 1.14
C GLY K 201 57.03 -38.01 1.62
N GLY K 202 57.24 -39.31 1.79
CA GLY K 202 58.55 -39.78 2.23
C GLY K 202 59.42 -40.08 1.04
N ILE K 203 60.03 -39.06 0.45
CA ILE K 203 60.84 -39.28 -0.72
C ILE K 203 62.12 -38.46 -0.72
N SER K 204 63.19 -39.09 -1.18
CA SER K 204 64.49 -38.45 -1.28
C SER K 204 64.56 -37.62 -2.57
N HIS K 205 64.73 -36.31 -2.40
CA HIS K 205 64.82 -35.41 -3.54
C HIS K 205 65.75 -36.04 -4.58
N LYS K 206 66.85 -36.59 -4.09
CA LYS K 206 67.88 -37.25 -4.90
C LYS K 206 67.28 -38.35 -5.75
N GLU K 207 66.85 -39.43 -5.10
CA GLU K 207 66.28 -40.54 -5.82
C GLU K 207 65.22 -40.06 -6.80
N LEU K 208 64.56 -38.96 -6.47
CA LEU K 208 63.54 -38.40 -7.33
C LEU K 208 64.18 -37.88 -8.61
N VAL K 209 65.05 -36.88 -8.46
CA VAL K 209 65.74 -36.29 -9.61
C VAL K 209 66.52 -37.34 -10.41
N ASP K 210 67.11 -38.32 -9.73
CA ASP K 210 67.86 -39.37 -10.42
C ASP K 210 66.90 -40.11 -11.35
N ALA K 211 65.75 -40.51 -10.80
CA ALA K 211 64.75 -41.21 -11.57
C ALA K 211 64.21 -40.28 -12.65
N ALA K 212 64.38 -38.98 -12.40
CA ALA K 212 63.91 -37.94 -13.31
C ALA K 212 64.76 -37.88 -14.57
N ARG K 213 66.07 -37.72 -14.37
CA ARG K 213 67.01 -37.66 -15.49
C ARG K 213 66.85 -38.89 -16.37
N GLN K 214 66.55 -40.00 -15.72
CA GLN K 214 66.38 -41.27 -16.42
C GLN K 214 65.17 -41.37 -17.34
N HIS K 215 64.01 -40.84 -16.93
CA HIS K 215 62.82 -40.95 -17.78
C HIS K 215 62.40 -39.65 -18.45
N PHE K 216 63.01 -38.56 -18.00
CA PHE K 216 62.76 -37.23 -18.56
C PHE K 216 64.10 -36.80 -19.16
N SER K 217 64.47 -37.47 -20.24
CA SER K 217 65.74 -37.22 -20.93
C SER K 217 65.65 -36.19 -22.05
N GLY K 218 64.77 -36.44 -23.03
CA GLY K 218 64.58 -35.55 -24.16
C GLY K 218 65.18 -34.15 -23.98
N VAL K 219 66.32 -33.90 -24.63
CA VAL K 219 66.96 -32.60 -24.51
C VAL K 219 66.65 -31.69 -25.69
N SER K 220 66.90 -30.40 -25.48
CA SER K 220 66.65 -29.40 -26.49
C SER K 220 67.92 -28.97 -27.23
N PHE K 221 67.75 -28.63 -28.50
CA PHE K 221 68.85 -28.22 -29.36
C PHE K 221 68.88 -26.71 -29.57
N THR K 222 67.76 -26.18 -30.05
CA THR K 222 67.63 -24.76 -30.32
C THR K 222 67.31 -23.96 -29.06
N TYR K 223 67.48 -22.64 -29.15
CA TYR K 223 67.20 -21.75 -28.04
C TYR K 223 65.68 -21.64 -27.89
N LYS K 224 64.95 -21.82 -28.98
CA LYS K 224 63.50 -21.74 -28.94
C LYS K 224 62.90 -22.77 -28.00
N GLU K 225 63.41 -23.99 -28.06
CA GLU K 225 62.89 -25.07 -27.22
C GLU K 225 63.02 -24.81 -25.72
N ASP K 226 64.05 -24.06 -25.32
CA ASP K 226 64.27 -23.73 -23.92
C ASP K 226 63.48 -22.47 -23.56
N ALA K 227 62.67 -22.01 -24.50
CA ALA K 227 61.91 -20.78 -24.28
C ALA K 227 60.44 -20.98 -23.93
N VAL K 228 60.05 -20.42 -22.78
CA VAL K 228 58.68 -20.48 -22.30
C VAL K 228 57.92 -19.30 -22.92
N PRO K 229 56.98 -19.60 -23.83
CA PRO K 229 56.16 -18.61 -24.55
C PRO K 229 55.28 -17.70 -23.69
N ILE K 230 55.32 -16.39 -23.98
CA ILE K 230 54.52 -15.41 -23.27
C ILE K 230 53.21 -15.26 -24.02
N LEU K 231 52.10 -15.48 -23.31
CA LEU K 231 50.78 -15.39 -23.91
C LEU K 231 50.29 -13.98 -24.15
N PRO K 232 49.49 -13.79 -25.20
CA PRO K 232 48.96 -12.45 -25.50
C PRO K 232 47.96 -12.09 -24.38
N ARG K 233 48.14 -10.90 -23.80
CA ARG K 233 47.28 -10.46 -22.72
C ARG K 233 45.78 -10.43 -23.06
N CYS K 234 44.97 -10.78 -22.06
CA CYS K 234 43.51 -10.80 -22.22
C CYS K 234 42.87 -9.55 -21.63
N ARG K 235 42.12 -8.86 -22.46
CA ARG K 235 41.45 -7.62 -22.07
C ARG K 235 40.17 -7.85 -21.28
N PHE K 236 40.09 -7.18 -20.14
CA PHE K 236 38.92 -7.26 -19.26
C PHE K 236 37.83 -6.29 -19.71
N THR K 237 36.58 -6.69 -19.54
CA THR K 237 35.48 -5.82 -19.94
C THR K 237 34.34 -5.77 -18.92
N GLY K 238 34.04 -4.55 -18.45
CA GLY K 238 32.94 -4.40 -17.53
C GLY K 238 31.73 -4.66 -18.41
N SER K 239 30.98 -5.70 -18.08
CA SER K 239 29.82 -6.04 -18.88
C SER K 239 29.04 -7.11 -18.17
N GLU K 240 27.93 -7.52 -18.78
CA GLU K 240 27.09 -8.53 -18.19
C GLU K 240 26.48 -9.45 -19.23
N ILE K 241 26.20 -10.67 -18.80
CA ILE K 241 25.54 -11.66 -19.63
C ILE K 241 24.40 -12.20 -18.74
N ARG K 242 23.19 -12.16 -19.27
CA ARG K 242 22.03 -12.64 -18.53
C ARG K 242 21.38 -13.80 -19.24
N ALA K 243 21.50 -14.97 -18.64
CA ALA K 243 20.91 -16.18 -19.18
C ALA K 243 19.69 -16.42 -18.33
N ARG K 244 18.52 -16.13 -18.89
CA ARG K 244 17.30 -16.30 -18.12
C ARG K 244 16.44 -17.52 -18.41
N ASP K 245 16.10 -18.22 -17.34
CA ASP K 245 15.26 -19.40 -17.41
C ASP K 245 14.44 -19.40 -16.12
N ASP K 246 13.23 -18.89 -16.20
CA ASP K 246 12.38 -18.84 -15.02
C ASP K 246 12.01 -20.23 -14.55
N ALA K 247 12.14 -21.23 -15.43
CA ALA K 247 11.83 -22.60 -15.07
C ALA K 247 12.84 -23.13 -14.05
N LEU K 248 14.01 -22.50 -13.97
CA LEU K 248 15.01 -22.96 -12.99
C LEU K 248 14.54 -22.55 -11.59
N PRO K 249 14.73 -23.42 -10.60
CA PRO K 249 14.35 -23.20 -9.22
C PRO K 249 15.01 -22.03 -8.50
N VAL K 250 16.31 -21.86 -8.67
CA VAL K 250 17.00 -20.77 -8.02
C VAL K 250 17.96 -20.09 -8.98
N ALA K 251 18.26 -18.83 -8.72
CA ALA K 251 19.14 -18.10 -9.58
C ALA K 251 20.57 -18.03 -9.04
N HIS K 252 21.52 -17.96 -9.97
CA HIS K 252 22.94 -17.85 -9.65
C HIS K 252 23.40 -16.51 -10.20
N VAL K 253 24.22 -15.83 -9.42
CA VAL K 253 24.73 -14.53 -9.83
C VAL K 253 26.20 -14.47 -9.43
N ALA K 254 27.04 -13.94 -10.31
CA ALA K 254 28.46 -13.79 -10.03
C ALA K 254 28.85 -12.41 -10.53
N LEU K 255 29.63 -11.71 -9.71
CA LEU K 255 30.06 -10.37 -10.04
C LEU K 255 31.52 -10.28 -9.73
N ALA K 256 32.29 -9.64 -10.61
CA ALA K 256 33.72 -9.53 -10.35
C ALA K 256 34.41 -8.42 -11.11
N VAL K 257 35.50 -7.94 -10.54
CA VAL K 257 36.32 -6.91 -11.16
C VAL K 257 37.64 -7.60 -11.50
N GLU K 258 38.47 -6.96 -12.32
CA GLU K 258 39.74 -7.57 -12.70
C GLU K 258 40.79 -7.64 -11.58
N GLY K 259 41.38 -8.82 -11.39
CA GLY K 259 42.40 -9.04 -10.38
C GLY K 259 43.79 -8.82 -10.94
N PRO K 260 44.81 -8.64 -10.09
CA PRO K 260 46.19 -8.40 -10.52
C PRO K 260 47.01 -9.55 -11.14
N GLY K 261 46.71 -10.80 -10.80
CA GLY K 261 47.50 -11.88 -11.38
C GLY K 261 48.58 -12.37 -10.42
N TRP K 262 48.76 -13.68 -10.39
CA TRP K 262 49.71 -14.37 -9.51
C TRP K 262 50.82 -13.57 -8.86
N ALA K 263 51.71 -13.06 -9.68
CA ALA K 263 52.86 -12.33 -9.21
C ALA K 263 52.65 -11.23 -8.15
N ASP K 264 51.59 -10.44 -8.32
CA ASP K 264 51.33 -9.31 -7.41
C ASP K 264 51.07 -9.62 -5.94
N PRO K 265 51.78 -8.93 -5.03
CA PRO K 265 51.67 -9.08 -3.57
C PRO K 265 50.30 -8.71 -3.03
N ASP K 266 49.64 -7.76 -3.68
CA ASP K 266 48.31 -7.34 -3.25
C ASP K 266 47.37 -8.55 -3.10
N ASN K 267 47.64 -9.62 -3.85
CA ASN K 267 46.78 -10.80 -3.75
C ASN K 267 46.67 -11.27 -2.30
N VAL K 268 47.72 -11.01 -1.52
CA VAL K 268 47.69 -11.40 -0.12
C VAL K 268 46.60 -10.59 0.57
N VAL K 269 46.55 -9.29 0.29
CA VAL K 269 45.55 -8.39 0.88
C VAL K 269 44.16 -8.77 0.37
N LEU K 270 44.02 -8.96 -0.94
CA LEU K 270 42.73 -9.33 -1.49
C LEU K 270 42.16 -10.55 -0.79
N HIS K 271 42.99 -11.58 -0.61
CA HIS K 271 42.53 -12.78 0.08
C HIS K 271 42.13 -12.47 1.53
N VAL K 272 42.86 -11.57 2.19
CA VAL K 272 42.52 -11.18 3.55
C VAL K 272 41.14 -10.52 3.49
N ALA K 273 40.94 -9.70 2.47
CA ALA K 273 39.67 -9.02 2.26
C ALA K 273 38.53 -10.02 2.08
N ASN K 274 38.73 -11.01 1.22
CA ASN K 274 37.70 -12.00 1.02
C ASN K 274 37.36 -12.75 2.30
N ALA K 275 38.34 -12.89 3.18
CA ALA K 275 38.10 -13.60 4.43
C ALA K 275 37.16 -12.78 5.32
N ILE K 276 37.21 -11.46 5.22
CA ILE K 276 36.33 -10.62 6.01
C ILE K 276 34.87 -10.89 5.62
N ILE K 277 34.59 -10.87 4.33
CA ILE K 277 33.25 -11.15 3.84
C ILE K 277 33.00 -12.65 3.92
N GLY K 278 34.00 -13.44 3.59
CA GLY K 278 33.86 -14.89 3.65
C GLY K 278 32.79 -15.60 2.83
N ARG K 279 32.13 -16.57 3.45
CA ARG K 279 31.11 -17.32 2.75
C ARG K 279 30.00 -17.84 3.65
N TYR K 280 29.01 -18.46 3.04
CA TYR K 280 27.88 -18.95 3.78
C TYR K 280 27.08 -19.99 2.99
N ASP K 281 26.28 -20.74 3.71
CA ASP K 281 25.42 -21.74 3.13
C ASP K 281 24.43 -22.12 4.24
N ARG K 282 23.19 -22.39 3.86
CA ARG K 282 22.16 -22.74 4.83
C ARG K 282 22.47 -23.83 5.85
N THR K 283 23.68 -24.38 5.86
CA THR K 283 23.95 -25.43 6.84
C THR K 283 24.98 -24.97 7.86
N PHE K 284 25.38 -23.71 7.76
CA PHE K 284 26.34 -23.16 8.71
C PHE K 284 25.56 -23.00 10.00
N GLY K 285 25.93 -23.83 10.99
CA GLY K 285 25.26 -23.79 12.27
C GLY K 285 25.36 -22.46 12.97
N GLY K 286 26.46 -21.74 12.76
CA GLY K 286 26.66 -20.45 13.39
C GLY K 286 25.50 -19.50 13.15
N GLY K 287 24.79 -19.70 12.04
CA GLY K 287 23.63 -18.88 11.71
C GLY K 287 23.76 -17.38 11.91
N LYS K 288 22.76 -16.79 12.55
CA LYS K 288 22.73 -15.36 12.81
C LYS K 288 23.88 -14.78 13.65
N HIS K 289 24.74 -15.62 14.19
CA HIS K 289 25.84 -15.09 14.99
C HIS K 289 27.20 -15.09 14.27
N LEU K 290 27.19 -15.50 13.00
CA LEU K 290 28.41 -15.52 12.21
C LEU K 290 29.05 -14.14 12.19
N SER K 291 30.38 -14.10 12.18
CA SER K 291 31.10 -12.83 12.17
C SER K 291 30.92 -12.07 10.85
N SER K 292 30.78 -12.80 9.75
CA SER K 292 30.60 -12.19 8.45
C SER K 292 29.30 -11.45 8.39
N ARG K 293 29.38 -10.13 8.24
CA ARG K 293 28.17 -9.32 8.17
C ARG K 293 27.23 -9.79 7.07
N LEU K 294 27.77 -10.07 5.89
CA LEU K 294 26.92 -10.51 4.78
C LEU K 294 26.24 -11.82 5.14
N ALA K 295 26.95 -12.68 5.87
CA ALA K 295 26.39 -13.96 6.28
C ALA K 295 25.22 -13.72 7.25
N ALA K 296 25.42 -12.81 8.20
CA ALA K 296 24.40 -12.47 9.19
C ALA K 296 23.14 -11.98 8.50
N LEU K 297 23.27 -10.96 7.65
CA LEU K 297 22.14 -10.42 6.92
C LEU K 297 21.46 -11.54 6.15
N ALA K 298 22.25 -12.35 5.47
CA ALA K 298 21.72 -13.47 4.69
C ALA K 298 20.80 -14.31 5.59
N VAL K 299 21.28 -14.61 6.79
CA VAL K 299 20.51 -15.39 7.73
C VAL K 299 19.30 -14.63 8.24
N GLU K 300 19.54 -13.44 8.79
CA GLU K 300 18.46 -12.64 9.30
C GLU K 300 17.36 -12.46 8.25
N HIS K 301 17.72 -12.02 7.04
CA HIS K 301 16.72 -11.78 6.00
C HIS K 301 16.46 -12.87 4.99
N LYS K 302 17.04 -14.05 5.20
CA LYS K 302 16.86 -15.17 4.26
C LYS K 302 17.20 -14.67 2.85
N LEU K 303 18.38 -14.07 2.71
CA LEU K 303 18.82 -13.50 1.45
C LEU K 303 19.30 -14.46 0.38
N CYS K 304 19.75 -15.66 0.77
CA CYS K 304 20.25 -16.59 -0.23
C CYS K 304 20.50 -17.97 0.32
N HIS K 305 20.64 -18.95 -0.57
CA HIS K 305 20.93 -20.31 -0.16
C HIS K 305 22.42 -20.45 0.12
N SER K 306 23.24 -19.62 -0.53
CA SER K 306 24.69 -19.62 -0.33
C SER K 306 25.38 -18.51 -1.09
N PHE K 307 26.61 -18.22 -0.70
CA PHE K 307 27.41 -17.21 -1.38
C PHE K 307 28.87 -17.48 -1.06
N GLN K 308 29.74 -17.08 -2.00
CA GLN K 308 31.18 -17.26 -1.84
C GLN K 308 31.97 -16.11 -2.46
N THR K 309 33.10 -15.78 -1.84
CA THR K 309 33.95 -14.74 -2.36
C THR K 309 35.11 -15.50 -2.98
N PHE K 310 35.76 -14.91 -3.97
CA PHE K 310 36.86 -15.60 -4.60
C PHE K 310 37.85 -14.63 -5.20
N ASN K 311 39.10 -15.07 -5.27
CA ASN K 311 40.17 -14.28 -5.87
C ASN K 311 40.94 -15.20 -6.82
N THR K 312 40.32 -15.48 -7.96
CA THR K 312 40.93 -16.33 -8.96
C THR K 312 42.06 -15.63 -9.67
N SER K 313 43.25 -16.19 -9.57
CA SER K 313 44.43 -15.63 -10.21
C SER K 313 44.84 -16.34 -11.49
N TYR K 314 45.55 -15.59 -12.33
CA TYR K 314 46.10 -16.08 -13.59
C TYR K 314 47.44 -15.36 -13.72
N SER K 315 48.23 -15.76 -14.72
CA SER K 315 49.54 -15.17 -14.92
C SER K 315 49.58 -13.63 -14.94
N ASP K 316 48.83 -13.06 -15.89
CA ASP K 316 48.75 -11.61 -16.15
C ASP K 316 47.45 -10.93 -15.71
N THR K 317 46.53 -11.67 -15.11
CA THR K 317 45.25 -11.09 -14.71
C THR K 317 44.52 -11.94 -13.67
N GLY K 318 43.19 -11.80 -13.62
CA GLY K 318 42.40 -12.56 -12.67
C GLY K 318 41.01 -12.00 -12.43
N LEU K 319 40.23 -12.72 -11.61
CA LEU K 319 38.88 -12.29 -11.29
C LEU K 319 38.69 -12.21 -9.77
N PHE K 320 38.26 -11.04 -9.30
CA PHE K 320 38.01 -10.83 -7.88
C PHE K 320 36.51 -10.51 -7.78
N GLY K 321 35.76 -11.38 -7.12
CA GLY K 321 34.33 -11.14 -6.99
C GLY K 321 33.62 -12.04 -6.01
N PHE K 322 32.35 -12.29 -6.29
CA PHE K 322 31.53 -13.16 -5.46
C PHE K 322 30.40 -13.77 -6.27
N HIS K 323 29.88 -14.87 -5.76
CA HIS K 323 28.81 -15.61 -6.38
C HIS K 323 27.81 -16.05 -5.31
N PHE K 324 26.53 -15.95 -5.64
CA PHE K 324 25.51 -16.37 -4.70
C PHE K 324 24.37 -17.08 -5.41
N VAL K 325 23.64 -17.86 -4.64
CA VAL K 325 22.49 -18.63 -5.12
C VAL K 325 21.33 -18.17 -4.25
N ALA K 326 20.28 -17.65 -4.89
CA ALA K 326 19.14 -17.17 -4.12
C ALA K 326 17.83 -17.45 -4.83
N ASP K 327 16.73 -17.30 -4.09
CA ASP K 327 15.41 -17.50 -4.65
C ASP K 327 15.10 -16.28 -5.50
N PRO K 328 14.31 -16.48 -6.57
CA PRO K 328 13.94 -15.38 -7.47
C PRO K 328 13.60 -14.05 -6.80
N LEU K 329 12.88 -14.11 -5.68
CA LEU K 329 12.47 -12.88 -5.00
C LEU K 329 13.41 -12.28 -3.95
N SER K 330 14.63 -12.79 -3.81
CA SER K 330 15.55 -12.20 -2.85
C SER K 330 16.86 -11.77 -3.52
N ILE K 331 16.93 -11.93 -4.83
CA ILE K 331 18.15 -11.56 -5.57
C ILE K 331 18.52 -10.13 -5.33
N ASP K 332 17.56 -9.24 -5.53
CA ASP K 332 17.82 -7.82 -5.36
C ASP K 332 18.40 -7.40 -4.01
N ASP K 333 17.81 -7.89 -2.93
CA ASP K 333 18.32 -7.53 -1.61
C ASP K 333 19.71 -8.12 -1.37
N MET K 334 19.93 -9.36 -1.83
CA MET K 334 21.22 -10.02 -1.65
C MET K 334 22.31 -9.18 -2.31
N MET K 335 22.10 -8.89 -3.59
CA MET K 335 23.05 -8.12 -4.36
C MET K 335 23.32 -6.81 -3.62
N PHE K 336 22.24 -6.17 -3.17
CA PHE K 336 22.32 -4.90 -2.46
C PHE K 336 23.29 -4.99 -1.27
N CYS K 337 23.09 -5.96 -0.40
CA CYS K 337 23.96 -6.09 0.76
C CYS K 337 25.36 -6.48 0.35
N ALA K 338 25.46 -7.42 -0.59
CA ALA K 338 26.76 -7.86 -1.08
C ALA K 338 27.59 -6.67 -1.54
N GLN K 339 27.11 -5.94 -2.54
CA GLN K 339 27.87 -4.78 -3.02
C GLN K 339 28.13 -3.87 -1.85
N GLY K 340 27.17 -3.83 -0.93
CA GLY K 340 27.31 -2.98 0.23
C GLY K 340 28.56 -3.35 1.00
N GLU K 341 28.77 -4.64 1.19
CA GLU K 341 29.93 -5.09 1.94
C GLU K 341 31.25 -4.77 1.26
N TRP K 342 31.24 -4.73 -0.07
CA TRP K 342 32.44 -4.38 -0.82
C TRP K 342 32.79 -2.93 -0.53
N MET K 343 31.77 -2.07 -0.53
CA MET K 343 32.00 -0.67 -0.26
C MET K 343 32.51 -0.47 1.17
N ARG K 344 32.07 -1.35 2.07
CA ARG K 344 32.51 -1.28 3.44
C ARG K 344 34.01 -1.57 3.46
N LEU K 345 34.42 -2.53 2.62
CA LEU K 345 35.81 -2.93 2.50
C LEU K 345 36.70 -1.78 2.11
N CYS K 346 36.28 -1.02 1.12
CA CYS K 346 37.07 0.10 0.65
C CYS K 346 37.06 1.29 1.59
N THR K 347 35.96 1.47 2.33
CA THR K 347 35.85 2.66 3.16
C THR K 347 35.90 2.55 4.67
N SER K 348 35.51 1.41 5.23
CA SER K 348 35.49 1.36 6.68
C SER K 348 35.87 0.06 7.34
N THR K 349 36.92 -0.57 6.84
CA THR K 349 37.37 -1.82 7.44
C THR K 349 37.95 -1.53 8.81
N THR K 350 37.80 -2.45 9.74
CA THR K 350 38.27 -2.29 11.12
C THR K 350 39.43 -3.21 11.39
N GLU K 351 40.27 -2.84 12.35
CA GLU K 351 41.40 -3.69 12.70
C GLU K 351 40.87 -5.04 13.22
N SER K 352 39.75 -5.01 13.95
CA SER K 352 39.17 -6.23 14.49
C SER K 352 38.84 -7.17 13.35
N GLU K 353 38.26 -6.63 12.28
CA GLU K 353 37.88 -7.44 11.11
C GLU K 353 39.10 -8.06 10.44
N VAL K 354 40.10 -7.25 10.14
CA VAL K 354 41.30 -7.76 9.49
C VAL K 354 42.00 -8.73 10.43
N LYS K 355 42.07 -8.38 11.71
CA LYS K 355 42.71 -9.22 12.71
C LYS K 355 42.13 -10.64 12.58
N ARG K 356 40.80 -10.73 12.55
CA ARG K 356 40.14 -12.01 12.43
C ARG K 356 40.33 -12.59 11.03
N ALA K 357 40.17 -11.76 10.01
CA ALA K 357 40.33 -12.20 8.63
C ALA K 357 41.68 -12.89 8.43
N LYS K 358 42.70 -12.36 9.07
CA LYS K 358 44.05 -12.92 8.98
C LYS K 358 44.09 -14.32 9.58
N ASN K 359 43.59 -14.48 10.81
CA ASN K 359 43.60 -15.79 11.43
C ASN K 359 42.88 -16.81 10.56
N HIS K 360 41.77 -16.40 9.95
CA HIS K 360 41.02 -17.31 9.09
C HIS K 360 41.88 -17.67 7.89
N LEU K 361 42.57 -16.68 7.35
CA LEU K 361 43.43 -16.89 6.19
C LEU K 361 44.57 -17.84 6.52
N ARG K 362 45.22 -17.62 7.67
CA ARG K 362 46.32 -18.48 8.09
C ARG K 362 45.84 -19.93 8.14
N SER K 363 44.73 -20.15 8.82
CA SER K 363 44.18 -21.49 8.91
C SER K 363 43.90 -22.03 7.52
N ALA K 364 43.43 -21.17 6.63
CA ALA K 364 43.12 -21.59 5.27
C ALA K 364 44.36 -22.07 4.52
N MET K 365 45.45 -21.30 4.60
CA MET K 365 46.67 -21.69 3.90
C MET K 365 47.23 -22.99 4.46
N VAL K 366 47.23 -23.13 5.77
CA VAL K 366 47.72 -24.33 6.42
C VAL K 366 46.86 -25.51 5.94
N ALA K 367 45.56 -25.33 5.97
CA ALA K 367 44.64 -26.38 5.56
C ALA K 367 44.86 -26.79 4.10
N GLN K 368 45.55 -25.96 3.33
CA GLN K 368 45.81 -26.27 1.93
C GLN K 368 47.00 -27.21 1.76
N LEU K 369 47.63 -27.56 2.88
CA LEU K 369 48.78 -28.44 2.86
C LEU K 369 48.48 -29.58 3.82
N ASP K 370 47.27 -30.12 3.69
CA ASP K 370 46.82 -31.20 4.54
C ASP K 370 46.82 -32.50 3.77
N GLY K 371 47.99 -33.10 3.66
CA GLY K 371 48.13 -34.35 2.94
C GLY K 371 49.20 -34.22 1.87
N THR K 372 49.55 -35.32 1.23
CA THR K 372 50.58 -35.28 0.20
C THR K 372 50.04 -34.68 -1.09
N THR K 373 48.88 -35.15 -1.57
CA THR K 373 48.33 -34.59 -2.80
C THR K 373 48.23 -33.07 -2.70
N PRO K 374 47.64 -32.53 -1.63
CA PRO K 374 47.56 -31.07 -1.55
C PRO K 374 48.92 -30.36 -1.41
N VAL K 375 49.91 -31.00 -0.79
CA VAL K 375 51.21 -30.35 -0.66
C VAL K 375 51.88 -30.35 -2.03
N CYS K 376 51.65 -31.42 -2.77
CA CYS K 376 52.21 -31.56 -4.10
C CYS K 376 51.58 -30.54 -5.06
N GLU K 377 50.27 -30.37 -4.96
CA GLU K 377 49.53 -29.42 -5.80
C GLU K 377 50.11 -28.02 -5.62
N THR K 378 50.44 -27.69 -4.38
CA THR K 378 51.01 -26.39 -4.03
C THR K 378 52.36 -26.18 -4.67
N ILE K 379 53.23 -27.17 -4.52
CA ILE K 379 54.57 -27.08 -5.10
C ILE K 379 54.46 -26.96 -6.62
N GLY K 380 53.70 -27.85 -7.24
CA GLY K 380 53.52 -27.79 -8.68
C GLY K 380 53.07 -26.40 -9.13
N SER K 381 52.08 -25.88 -8.41
CA SER K 381 51.53 -24.56 -8.71
C SER K 381 52.48 -23.41 -8.41
N HIS K 382 53.02 -23.36 -7.19
CA HIS K 382 53.95 -22.30 -6.85
C HIS K 382 55.05 -22.13 -7.88
N LEU K 383 55.74 -23.22 -8.19
CA LEU K 383 56.82 -23.17 -9.17
C LEU K 383 56.33 -22.59 -10.48
N LEU K 384 55.33 -23.24 -11.05
CA LEU K 384 54.75 -22.83 -12.31
C LEU K 384 54.27 -21.35 -12.30
N ASN K 385 53.79 -20.85 -11.16
CA ASN K 385 53.30 -19.47 -11.09
C ASN K 385 54.21 -18.44 -10.46
N TYR K 386 54.94 -18.81 -9.42
CA TYR K 386 55.84 -17.87 -8.75
C TYR K 386 57.30 -18.18 -9.10
N GLY K 387 57.51 -19.30 -9.78
CA GLY K 387 58.84 -19.71 -10.16
C GLY K 387 59.63 -20.14 -8.95
N ARG K 388 58.93 -20.57 -7.90
CA ARG K 388 59.56 -21.00 -6.67
C ARG K 388 58.49 -21.37 -5.66
N ARG K 389 58.94 -21.79 -4.49
CA ARG K 389 58.02 -22.18 -3.44
C ARG K 389 58.00 -21.09 -2.39
N ILE K 390 56.79 -20.76 -1.95
CA ILE K 390 56.60 -19.78 -0.90
C ILE K 390 56.14 -20.60 0.30
N SER K 391 56.99 -20.61 1.33
CA SER K 391 56.71 -21.37 2.55
C SER K 391 55.65 -20.71 3.39
N LEU K 392 54.96 -21.51 4.19
CA LEU K 392 53.92 -20.96 5.05
C LEU K 392 54.57 -19.91 5.91
N GLU K 393 55.83 -20.13 6.28
CA GLU K 393 56.51 -19.14 7.10
C GLU K 393 56.55 -17.79 6.41
N GLU K 394 56.62 -17.79 5.09
CA GLU K 394 56.66 -16.55 4.34
C GLU K 394 55.24 -15.98 4.29
N TRP K 395 54.33 -16.77 3.74
CA TRP K 395 52.93 -16.38 3.63
C TRP K 395 52.49 -15.69 4.93
N ASP K 396 52.78 -16.33 6.05
CA ASP K 396 52.40 -15.79 7.37
C ASP K 396 53.00 -14.40 7.59
N SER K 397 54.26 -14.24 7.20
CA SER K 397 54.94 -12.96 7.36
C SER K 397 54.16 -11.89 6.59
N ARG K 398 53.80 -12.20 5.36
CA ARG K 398 53.04 -11.28 4.51
C ARG K 398 51.66 -11.00 5.08
N ILE K 399 50.96 -12.08 5.44
CA ILE K 399 49.62 -11.98 6.01
C ILE K 399 49.61 -11.14 7.29
N SER K 400 50.67 -11.23 8.08
CA SER K 400 50.74 -10.47 9.32
C SER K 400 51.01 -8.99 9.14
N ALA K 401 51.51 -8.60 7.97
CA ALA K 401 51.82 -7.21 7.70
C ALA K 401 50.57 -6.44 7.25
N VAL K 402 49.49 -7.16 7.00
CA VAL K 402 48.24 -6.55 6.57
C VAL K 402 47.51 -5.92 7.75
N ASP K 403 46.92 -4.75 7.50
CA ASP K 403 46.17 -4.02 8.51
C ASP K 403 44.96 -3.36 7.86
N ALA K 404 44.09 -2.78 8.66
CA ALA K 404 42.89 -2.12 8.15
C ALA K 404 43.24 -1.20 7.01
N ARG K 405 44.08 -0.23 7.32
CA ARG K 405 44.51 0.77 6.35
C ARG K 405 44.88 0.18 4.99
N MET K 406 45.58 -0.95 5.03
CA MET K 406 46.03 -1.62 3.82
C MET K 406 44.88 -2.28 3.04
N VAL K 407 43.96 -2.89 3.76
CA VAL K 407 42.86 -3.54 3.10
C VAL K 407 42.01 -2.50 2.39
N ARG K 408 41.87 -1.34 3.01
CA ARG K 408 41.08 -0.28 2.42
C ARG K 408 41.72 0.25 1.15
N ASP K 409 43.03 0.51 1.21
CA ASP K 409 43.70 1.03 0.02
C ASP K 409 43.69 0.01 -1.11
N VAL K 410 44.01 -1.25 -0.81
CA VAL K 410 44.03 -2.27 -1.85
C VAL K 410 42.65 -2.46 -2.47
N CYS K 411 41.62 -2.62 -1.64
CA CYS K 411 40.28 -2.82 -2.15
C CYS K 411 39.79 -1.64 -2.97
N SER K 412 40.09 -0.43 -2.48
CA SER K 412 39.66 0.76 -3.18
C SER K 412 40.30 0.70 -4.56
N LYS K 413 41.56 0.28 -4.56
CA LYS K 413 42.34 0.18 -5.78
C LYS K 413 41.78 -0.78 -6.82
N TYR K 414 41.11 -1.85 -6.39
CA TYR K 414 40.60 -2.79 -7.35
C TYR K 414 39.10 -2.80 -7.51
N ILE K 415 38.39 -2.31 -6.50
CA ILE K 415 36.93 -2.33 -6.57
C ILE K 415 36.22 -1.00 -6.76
N TYR K 416 36.60 -0.01 -5.99
CA TYR K 416 35.93 1.27 -6.06
C TYR K 416 35.78 1.91 -7.44
N ASP K 417 34.53 2.21 -7.78
CA ASP K 417 34.16 2.83 -9.05
C ASP K 417 34.68 2.10 -10.27
N LYS K 418 34.65 0.77 -10.24
CA LYS K 418 35.10 0.00 -11.39
C LYS K 418 33.92 -0.61 -12.10
N CYS K 419 34.04 -0.82 -13.41
CA CYS K 419 32.94 -1.43 -14.14
C CYS K 419 33.15 -2.92 -13.97
N PRO K 420 32.20 -3.59 -13.30
CA PRO K 420 32.32 -5.03 -13.08
C PRO K 420 31.79 -5.94 -14.20
N ALA K 421 32.08 -7.22 -14.03
CA ALA K 421 31.63 -8.23 -14.97
C ALA K 421 30.53 -8.93 -14.24
N LEU K 422 29.40 -9.10 -14.92
CA LEU K 422 28.27 -9.73 -14.31
C LEU K 422 27.70 -10.91 -15.09
N ALA K 423 27.48 -12.02 -14.39
CA ALA K 423 26.92 -13.20 -14.99
C ALA K 423 25.73 -13.63 -14.15
N ALA K 424 24.57 -13.78 -14.78
CA ALA K 424 23.37 -14.20 -14.07
C ALA K 424 22.64 -15.26 -14.87
N VAL K 425 22.28 -16.34 -14.18
CA VAL K 425 21.60 -17.48 -14.77
C VAL K 425 20.40 -17.88 -13.90
N GLY K 426 19.29 -18.25 -14.54
CA GLY K 426 18.10 -18.65 -13.83
C GLY K 426 16.97 -17.63 -13.88
N PRO K 427 16.04 -17.68 -12.92
CA PRO K 427 14.88 -16.78 -12.79
C PRO K 427 15.39 -15.44 -12.22
N ILE K 428 16.11 -14.70 -13.04
CA ILE K 428 16.74 -13.47 -12.65
C ILE K 428 16.03 -12.13 -12.88
N GLU K 429 14.73 -12.16 -13.18
CA GLU K 429 14.01 -10.91 -13.41
C GLU K 429 14.12 -9.85 -12.32
N GLN K 430 14.26 -10.24 -11.06
CA GLN K 430 14.33 -9.25 -9.99
C GLN K 430 15.70 -8.57 -9.87
N LEU K 431 16.74 -9.19 -10.41
CA LEU K 431 18.08 -8.59 -10.38
C LEU K 431 18.06 -7.72 -11.60
N LEU K 432 18.51 -6.48 -11.53
CA LEU K 432 18.44 -5.78 -12.79
C LEU K 432 19.22 -4.51 -12.99
N ASP K 433 19.41 -4.24 -14.27
CA ASP K 433 20.10 -3.09 -14.78
C ASP K 433 21.57 -2.97 -14.37
N TYR K 434 22.43 -3.09 -15.38
CA TYR K 434 23.87 -2.99 -15.19
C TYR K 434 24.15 -1.64 -14.54
N ASN K 435 23.47 -0.61 -15.05
CA ASN K 435 23.62 0.73 -14.53
C ASN K 435 23.44 0.79 -13.02
N ARG K 436 22.33 0.23 -12.55
CA ARG K 436 22.08 0.22 -11.11
C ARG K 436 23.22 -0.47 -10.38
N ILE K 437 23.67 -1.61 -10.90
CA ILE K 437 24.76 -2.34 -10.27
C ILE K 437 26.06 -1.52 -10.26
N ARG K 438 26.32 -0.84 -11.38
CA ARG K 438 27.51 -0.03 -11.53
C ARG K 438 27.53 1.04 -10.43
N SER K 439 26.36 1.56 -10.11
CA SER K 439 26.27 2.59 -9.07
C SER K 439 26.56 1.99 -7.70
N GLY K 440 26.33 0.70 -7.54
CA GLY K 440 26.62 0.08 -6.27
C GLY K 440 28.13 -0.02 -6.09
N MET K 441 28.86 0.42 -7.09
CA MET K 441 30.32 0.34 -7.04
C MET K 441 30.99 1.55 -6.40
N TYR K 442 30.20 2.47 -5.85
CA TYR K 442 30.79 3.63 -5.18
C TYR K 442 29.89 4.23 -4.11
N TRP K 443 30.54 4.92 -3.17
CA TRP K 443 29.91 5.56 -2.00
C TRP K 443 29.36 4.46 -1.08
N ILE K 444 30.06 4.18 0.03
CA ILE K 444 29.66 3.14 1.00
C ILE K 444 28.17 2.94 1.17
N CYS L 20 64.56 -27.57 15.35
CA CYS L 20 64.65 -28.26 16.67
C CYS L 20 63.73 -29.50 16.72
N PRO L 21 62.38 -29.30 16.70
CA PRO L 21 61.42 -30.41 16.75
C PRO L 21 61.81 -31.72 16.06
N GLY L 22 61.29 -32.84 16.57
CA GLY L 22 61.62 -34.14 16.00
C GLY L 22 60.55 -35.21 16.13
N ALA L 23 60.99 -36.43 16.43
CA ALA L 23 60.10 -37.60 16.58
C ALA L 23 59.52 -37.69 18.00
N GLU L 24 58.20 -37.60 18.08
CA GLU L 24 57.47 -37.67 19.35
C GLU L 24 56.75 -39.02 19.37
N ASP L 25 56.16 -39.38 20.51
CA ASP L 25 55.45 -40.64 20.59
C ASP L 25 54.03 -40.54 21.16
N LEU L 26 53.13 -41.23 20.47
CA LEU L 26 51.70 -41.26 20.74
C LEU L 26 51.26 -41.81 22.10
N GLU L 27 51.34 -40.97 23.13
CA GLU L 27 50.92 -41.37 24.49
C GLU L 27 49.41 -41.57 24.58
N ILE L 28 48.95 -42.15 25.68
CA ILE L 28 47.53 -42.41 25.82
C ILE L 28 47.11 -42.88 27.22
N THR L 29 46.84 -41.92 28.11
CA THR L 29 46.42 -42.19 29.48
C THR L 29 44.95 -42.67 29.54
N LYS L 30 44.46 -42.91 30.75
CA LYS L 30 43.08 -43.32 31.01
C LYS L 30 42.80 -42.99 32.45
N LEU L 31 41.97 -41.98 32.67
CA LEU L 31 41.63 -41.55 34.02
C LEU L 31 40.79 -42.60 34.75
N PRO L 32 40.73 -42.50 36.09
CA PRO L 32 39.97 -43.42 36.93
C PRO L 32 38.53 -43.63 36.50
N ASN L 33 37.88 -42.58 36.00
CA ASN L 33 36.49 -42.68 35.56
C ASN L 33 36.32 -43.36 34.21
N GLY L 34 37.43 -43.79 33.63
CA GLY L 34 37.38 -44.49 32.36
C GLY L 34 37.52 -43.60 31.13
N LEU L 35 37.78 -42.32 31.35
CA LEU L 35 37.93 -41.36 30.26
C LEU L 35 39.29 -41.51 29.58
N ILE L 36 39.30 -41.98 28.35
CA ILE L 36 40.55 -42.17 27.64
C ILE L 36 41.07 -40.93 26.93
N ILE L 37 42.36 -40.66 27.09
CA ILE L 37 43.01 -39.49 26.48
C ILE L 37 44.15 -39.91 25.54
N ALA L 38 43.96 -39.73 24.24
CA ALA L 38 44.98 -40.07 23.24
C ALA L 38 45.69 -38.76 22.88
N SER L 39 46.93 -38.83 22.42
CA SER L 39 47.68 -37.61 22.08
C SER L 39 48.90 -37.85 21.20
N LEU L 40 49.10 -36.97 20.22
CA LEU L 40 50.24 -37.07 19.32
C LEU L 40 50.68 -35.70 18.85
N GLU L 41 51.95 -35.38 19.11
CA GLU L 41 52.53 -34.12 18.71
C GLU L 41 53.30 -34.28 17.40
N ASN L 42 52.74 -33.79 16.29
CA ASN L 42 53.39 -33.87 14.99
C ASN L 42 53.90 -32.49 14.58
N PHE L 43 54.02 -31.63 15.58
CA PHE L 43 54.50 -30.27 15.39
C PHE L 43 53.90 -29.51 14.22
N SER L 44 52.70 -29.91 13.80
CA SER L 44 52.02 -29.22 12.71
C SER L 44 51.66 -27.81 13.19
N PRO L 45 51.65 -26.84 12.27
CA PRO L 45 51.32 -25.46 12.66
C PRO L 45 49.88 -25.34 13.22
N ALA L 46 49.07 -26.36 12.97
CA ALA L 46 47.69 -26.37 13.44
C ALA L 46 47.38 -27.58 14.29
N SER L 47 46.44 -27.40 15.21
CA SER L 47 46.02 -28.47 16.09
C SER L 47 44.62 -28.90 15.69
N ARG L 48 44.18 -30.02 16.24
CA ARG L 48 42.85 -30.55 16.00
C ARG L 48 42.49 -31.49 17.16
N ILE L 49 41.74 -30.97 18.11
CA ILE L 49 41.33 -31.72 19.29
C ILE L 49 39.93 -32.24 19.08
N GLY L 50 39.61 -33.38 19.66
CA GLY L 50 38.27 -33.92 19.49
C GLY L 50 37.73 -34.80 20.60
N VAL L 51 36.42 -34.80 20.75
CA VAL L 51 35.77 -35.63 21.76
C VAL L 51 34.99 -36.73 21.05
N PHE L 52 35.47 -37.97 21.14
CA PHE L 52 34.82 -39.11 20.53
C PHE L 52 33.90 -39.72 21.56
N ILE L 53 32.70 -40.10 21.13
CA ILE L 53 31.71 -40.64 22.04
C ILE L 53 30.91 -41.78 21.46
N LYS L 54 30.60 -42.75 22.31
CA LYS L 54 29.79 -43.90 21.90
C LYS L 54 28.34 -43.44 22.05
N ALA L 55 27.75 -42.95 20.95
CA ALA L 55 26.39 -42.47 20.97
C ALA L 55 25.89 -42.33 19.52
N GLY L 56 24.58 -42.35 19.33
CA GLY L 56 24.08 -42.22 17.98
C GLY L 56 22.67 -42.75 17.89
N SER L 57 22.06 -42.61 16.72
CA SER L 57 20.71 -43.10 16.49
C SER L 57 20.51 -44.55 16.94
N ARG L 58 21.61 -45.22 17.28
CA ARG L 58 21.57 -46.61 17.70
C ARG L 58 20.89 -46.77 19.06
N TYR L 59 21.10 -45.79 19.93
CA TYR L 59 20.54 -45.80 21.27
C TYR L 59 19.15 -45.18 21.34
N GLU L 60 18.63 -44.79 20.17
CA GLU L 60 17.32 -44.19 20.12
C GLU L 60 16.25 -45.26 20.21
N THR L 61 15.11 -44.86 20.73
CA THR L 61 13.95 -45.73 20.87
C THR L 61 12.86 -45.09 20.04
N THR L 62 11.84 -45.86 19.69
CA THR L 62 10.75 -45.35 18.90
C THR L 62 10.25 -44.04 19.52
N ALA L 63 10.45 -43.93 20.83
CA ALA L 63 10.03 -42.76 21.60
C ALA L 63 10.84 -41.48 21.36
N ASN L 64 12.17 -41.60 21.20
CA ASN L 64 12.99 -40.42 21.01
C ASN L 64 13.77 -40.34 19.69
N LEU L 65 13.26 -41.02 18.66
CA LEU L 65 13.89 -40.99 17.34
C LEU L 65 14.27 -39.58 16.90
N GLY L 66 15.40 -39.45 16.23
CA GLY L 66 15.81 -38.15 15.74
C GLY L 66 16.58 -37.30 16.73
N THR L 67 16.44 -37.59 18.01
CA THR L 67 17.13 -36.79 19.02
C THR L 67 18.65 -36.71 18.79
N ALA L 68 19.24 -37.80 18.33
CA ALA L 68 20.68 -37.79 18.08
C ALA L 68 21.00 -36.80 16.96
N HIS L 69 20.18 -36.83 15.92
CA HIS L 69 20.34 -35.94 14.78
C HIS L 69 20.24 -34.48 15.24
N LEU L 70 19.17 -34.15 15.95
CA LEU L 70 18.98 -32.79 16.43
C LEU L 70 20.14 -32.37 17.33
N LEU L 71 20.65 -33.31 18.12
CA LEU L 71 21.75 -33.00 19.02
C LEU L 71 22.95 -32.57 18.19
N ARG L 72 23.13 -33.24 17.06
CA ARG L 72 24.22 -32.97 16.14
C ARG L 72 24.14 -31.50 15.68
N LEU L 73 22.94 -31.08 15.30
CA LEU L 73 22.72 -29.72 14.82
C LEU L 73 22.72 -28.70 15.94
N ALA L 74 22.64 -29.20 17.17
CA ALA L 74 22.55 -28.30 18.32
C ALA L 74 23.88 -27.88 18.92
N SER L 75 24.98 -28.29 18.33
CA SER L 75 26.28 -27.93 18.86
C SER L 75 26.49 -26.45 19.14
N PRO L 76 25.92 -25.56 18.29
CA PRO L 76 26.07 -24.12 18.52
C PRO L 76 25.13 -23.44 19.52
N LEU L 77 24.22 -24.19 20.14
CA LEU L 77 23.27 -23.65 21.12
C LEU L 77 23.95 -23.25 22.44
N THR L 78 23.37 -22.31 23.17
CA THR L 78 23.99 -21.85 24.41
C THR L 78 24.28 -22.95 25.41
N THR L 79 25.40 -22.78 26.10
CA THR L 79 25.86 -23.72 27.10
C THR L 79 25.99 -22.99 28.44
N LYS L 80 26.24 -23.74 29.49
CA LYS L 80 26.34 -23.12 30.81
C LYS L 80 27.51 -22.15 30.95
N GLY L 81 28.57 -22.39 30.18
CA GLY L 81 29.74 -21.53 30.26
C GLY L 81 29.87 -20.50 29.16
N ALA L 82 29.32 -20.80 27.99
CA ALA L 82 29.40 -19.88 26.87
C ALA L 82 28.05 -19.77 26.18
N SER L 83 27.78 -18.61 25.60
CA SER L 83 26.53 -18.38 24.91
C SER L 83 26.64 -18.69 23.42
N SER L 84 25.49 -19.03 22.82
CA SER L 84 25.38 -19.33 21.40
C SER L 84 26.16 -18.29 20.59
N PHE L 85 26.07 -17.03 21.02
CA PHE L 85 26.76 -15.93 20.36
C PHE L 85 28.28 -16.00 20.57
N ARG L 86 28.72 -16.26 21.80
CA ARG L 86 30.16 -16.31 22.07
C ARG L 86 30.80 -17.57 21.47
N ILE L 87 30.07 -18.68 21.46
CA ILE L 87 30.61 -19.91 20.88
C ILE L 87 31.01 -19.67 19.43
N THR L 88 30.11 -19.08 18.63
CA THR L 88 30.46 -18.83 17.24
C THR L 88 31.47 -17.69 17.06
N ARG L 89 31.19 -16.52 17.62
CA ARG L 89 32.12 -15.40 17.49
C ARG L 89 33.48 -15.76 18.10
N GLY L 90 33.46 -16.41 19.24
CA GLY L 90 34.68 -16.80 19.90
C GLY L 90 35.60 -17.67 19.04
N ILE L 91 35.05 -18.76 18.53
CA ILE L 91 35.81 -19.67 17.68
C ILE L 91 36.30 -18.94 16.42
N GLU L 92 35.39 -18.26 15.74
CA GLU L 92 35.74 -17.52 14.52
C GLU L 92 36.78 -16.42 14.71
N ALA L 93 36.87 -15.87 15.93
CA ALA L 93 37.82 -14.81 16.22
C ALA L 93 39.26 -15.25 16.03
N VAL L 94 39.50 -16.55 16.22
CA VAL L 94 40.85 -17.09 16.07
C VAL L 94 40.93 -18.04 14.88
N GLY L 95 40.11 -17.78 13.87
CA GLY L 95 40.09 -18.57 12.66
C GLY L 95 39.94 -20.05 12.92
N GLY L 96 39.22 -20.42 13.97
CA GLY L 96 39.03 -21.82 14.25
C GLY L 96 37.78 -22.39 13.63
N SER L 97 37.51 -23.66 13.90
CA SER L 97 36.31 -24.31 13.39
C SER L 97 35.77 -25.25 14.46
N LEU L 98 34.50 -25.61 14.33
CA LEU L 98 33.85 -26.52 15.27
C LEU L 98 32.83 -27.34 14.49
N SER L 99 32.95 -28.65 14.57
CA SER L 99 32.02 -29.51 13.83
C SER L 99 31.72 -30.83 14.54
N VAL L 100 30.61 -31.46 14.15
CA VAL L 100 30.21 -32.72 14.75
C VAL L 100 29.94 -33.73 13.66
N TYR L 101 30.72 -34.82 13.65
CA TYR L 101 30.52 -35.86 12.64
C TYR L 101 29.99 -37.01 13.42
N SER L 102 29.16 -37.83 12.80
CA SER L 102 28.63 -38.97 13.53
C SER L 102 28.10 -40.10 12.65
N THR L 103 28.10 -41.30 13.21
CA THR L 103 27.63 -42.51 12.54
C THR L 103 26.47 -43.00 13.39
N ARG L 104 25.95 -44.18 13.11
CA ARG L 104 24.84 -44.66 13.91
C ARG L 104 25.28 -45.00 15.31
N GLU L 105 26.59 -45.03 15.57
CA GLU L 105 27.04 -45.38 16.91
C GLU L 105 28.22 -44.65 17.49
N LYS L 106 28.63 -43.56 16.86
CA LYS L 106 29.73 -42.78 17.39
C LYS L 106 29.53 -41.31 17.01
N MET L 107 29.80 -40.42 17.94
CA MET L 107 29.67 -39.01 17.65
C MET L 107 30.98 -38.32 17.99
N THR L 108 31.50 -37.56 17.03
CA THR L 108 32.74 -36.87 17.27
C THR L 108 32.55 -35.37 17.20
N TYR L 109 32.99 -34.67 18.24
CA TYR L 109 32.91 -33.23 18.31
C TYR L 109 34.34 -32.77 18.25
N CYS L 110 34.73 -32.09 17.18
CA CYS L 110 36.11 -31.62 17.10
C CYS L 110 36.26 -30.18 16.63
N VAL L 111 37.37 -29.58 17.03
CA VAL L 111 37.67 -28.21 16.70
C VAL L 111 39.08 -28.15 16.13
N GLU L 112 39.31 -27.22 15.21
CA GLU L 112 40.63 -27.04 14.61
C GLU L 112 41.03 -25.60 14.80
N CYS L 113 42.33 -25.33 14.79
CA CYS L 113 42.85 -23.97 14.93
C CYS L 113 44.37 -24.00 14.99
N LEU L 114 44.97 -22.82 14.89
CA LEU L 114 46.42 -22.74 14.96
C LEU L 114 46.83 -23.06 16.38
N ARG L 115 48.02 -23.65 16.52
CA ARG L 115 48.55 -24.07 17.82
C ARG L 115 48.36 -23.07 18.93
N ASP L 116 48.54 -21.80 18.63
CA ASP L 116 48.43 -20.77 19.66
C ASP L 116 47.04 -20.49 20.19
N HIS L 117 46.03 -21.13 19.62
CA HIS L 117 44.66 -20.86 20.05
C HIS L 117 43.95 -22.04 20.67
N VAL L 118 44.63 -23.16 20.75
CA VAL L 118 44.03 -24.36 21.31
C VAL L 118 43.29 -24.08 22.62
N ASP L 119 43.98 -23.47 23.57
CA ASP L 119 43.39 -23.16 24.86
C ASP L 119 42.06 -22.37 24.75
N THR L 120 41.97 -21.50 23.76
CA THR L 120 40.77 -20.69 23.54
C THR L 120 39.64 -21.52 22.96
N VAL L 121 39.95 -22.23 21.89
CA VAL L 121 38.98 -23.07 21.22
C VAL L 121 38.55 -24.23 22.09
N MET L 122 39.40 -24.59 23.04
CA MET L 122 39.09 -25.70 23.91
C MET L 122 37.89 -25.47 24.82
N GLU L 123 37.78 -24.24 25.32
CA GLU L 123 36.68 -23.88 26.20
C GLU L 123 35.34 -24.19 25.58
N TYR L 124 35.19 -23.85 24.30
CA TYR L 124 33.92 -24.09 23.65
C TYR L 124 33.68 -25.57 23.42
N LEU L 125 34.70 -26.32 23.04
CA LEU L 125 34.52 -27.75 22.83
C LEU L 125 34.08 -28.40 24.15
N LEU L 126 34.75 -28.00 25.22
CA LEU L 126 34.45 -28.51 26.55
C LEU L 126 33.00 -28.21 26.89
N ASN L 127 32.62 -26.94 26.75
CA ASN L 127 31.27 -26.47 27.04
C ASN L 127 30.19 -27.18 26.24
N VAL L 128 30.35 -27.23 24.92
CA VAL L 128 29.35 -27.86 24.07
C VAL L 128 29.01 -29.30 24.41
N THR L 129 30.04 -30.12 24.62
CA THR L 129 29.87 -31.55 24.92
C THR L 129 29.53 -31.93 26.38
N THR L 130 29.87 -31.06 27.32
CA THR L 130 29.60 -31.38 28.72
C THR L 130 28.66 -30.44 29.47
N ALA L 131 28.32 -29.28 28.89
CA ALA L 131 27.45 -28.34 29.59
C ALA L 131 26.34 -27.68 28.77
N PRO L 132 25.70 -28.44 27.84
CA PRO L 132 24.65 -27.80 27.06
C PRO L 132 23.47 -27.39 27.95
N GLU L 133 22.69 -26.39 27.50
CA GLU L 133 21.52 -25.94 28.26
C GLU L 133 20.21 -26.32 27.55
N PHE L 134 20.29 -26.55 26.24
CA PHE L 134 19.13 -26.90 25.43
C PHE L 134 17.90 -26.08 25.78
N ARG L 135 18.09 -24.77 25.87
CA ARG L 135 17.00 -23.85 26.18
C ARG L 135 15.89 -24.14 25.19
N PRO L 136 14.66 -24.32 25.70
CA PRO L 136 13.47 -24.62 24.90
C PRO L 136 13.33 -23.76 23.65
N TRP L 137 13.41 -22.44 23.79
CA TRP L 137 13.25 -21.59 22.63
C TRP L 137 14.33 -21.86 21.59
N GLU L 138 15.60 -21.85 22.00
CA GLU L 138 16.68 -22.12 21.07
C GLU L 138 16.38 -23.44 20.36
N VAL L 139 16.03 -24.44 21.14
CA VAL L 139 15.72 -25.75 20.61
C VAL L 139 14.53 -25.70 19.63
N THR L 140 13.54 -24.91 19.96
CA THR L 140 12.37 -24.81 19.10
C THR L 140 12.68 -24.19 17.76
N ASP L 141 13.52 -23.15 17.76
CA ASP L 141 13.85 -22.46 16.51
C ASP L 141 14.78 -23.31 15.65
N LEU L 142 15.51 -24.20 16.31
CA LEU L 142 16.46 -25.04 15.61
C LEU L 142 15.82 -26.19 14.83
N GLN L 143 14.83 -26.83 15.40
CA GLN L 143 14.20 -27.98 14.76
C GLN L 143 13.84 -27.89 13.30
N PRO L 144 13.31 -26.76 12.84
CA PRO L 144 12.99 -26.77 11.40
C PRO L 144 14.24 -26.99 10.52
N GLN L 145 15.41 -26.87 11.15
CA GLN L 145 16.67 -27.07 10.46
C GLN L 145 16.86 -28.53 10.09
N LEU L 146 16.25 -29.43 10.86
CA LEU L 146 16.34 -30.85 10.58
C LEU L 146 15.76 -31.09 9.20
N LYS L 147 14.75 -30.31 8.85
CA LYS L 147 14.11 -30.48 7.56
C LYS L 147 15.05 -30.10 6.43
N VAL L 148 15.82 -29.03 6.64
CA VAL L 148 16.77 -28.50 5.65
C VAL L 148 17.97 -29.44 5.54
N ASP L 149 18.65 -29.64 6.66
CA ASP L 149 19.82 -30.49 6.73
C ASP L 149 19.59 -31.80 6.00
N LYS L 150 18.46 -32.43 6.32
CA LYS L 150 18.08 -33.70 5.74
C LYS L 150 17.76 -33.57 4.25
N ALA L 151 17.26 -32.42 3.84
CA ALA L 151 16.93 -32.19 2.45
C ALA L 151 18.18 -32.19 1.56
N VAL L 152 19.27 -31.56 2.01
CA VAL L 152 20.45 -31.52 1.19
C VAL L 152 21.12 -32.89 1.18
N ALA L 153 21.16 -33.56 2.32
CA ALA L 153 21.78 -34.88 2.41
C ALA L 153 21.13 -35.87 1.43
N PHE L 154 19.81 -35.85 1.36
CA PHE L 154 19.08 -36.75 0.49
C PHE L 154 19.14 -36.41 -0.99
N GLN L 155 19.98 -35.46 -1.34
CA GLN L 155 20.11 -35.11 -2.74
C GLN L 155 20.93 -36.22 -3.41
N SER L 156 21.66 -36.96 -2.59
CA SER L 156 22.48 -38.08 -3.03
C SER L 156 21.62 -39.34 -2.87
N PRO L 157 21.18 -39.95 -3.98
CA PRO L 157 20.35 -41.16 -3.82
C PRO L 157 21.11 -42.09 -2.92
N GLN L 158 22.42 -42.05 -3.08
CA GLN L 158 23.35 -42.85 -2.30
C GLN L 158 22.85 -42.94 -0.84
N VAL L 159 22.42 -41.81 -0.25
CA VAL L 159 21.97 -41.77 1.15
C VAL L 159 20.60 -42.39 1.48
N GLY L 160 19.65 -42.25 0.57
CA GLY L 160 18.34 -42.82 0.79
C GLY L 160 18.35 -44.33 0.92
N VAL L 161 19.07 -45.02 0.03
CA VAL L 161 19.10 -46.48 0.09
C VAL L 161 19.81 -46.99 1.32
N LEU L 162 20.88 -46.33 1.74
CA LEU L 162 21.58 -46.79 2.94
C LEU L 162 20.68 -46.71 4.17
N GLU L 163 19.83 -45.70 4.22
CA GLU L 163 18.89 -45.57 5.33
C GLU L 163 17.97 -46.78 5.28
N ASN L 164 17.37 -47.02 4.12
CA ASN L 164 16.48 -48.15 3.96
C ASN L 164 17.18 -49.50 4.09
N LEU L 165 18.47 -49.52 3.78
CA LEU L 165 19.24 -50.76 3.89
C LEU L 165 19.28 -51.13 5.37
N HIS L 166 19.81 -50.24 6.20
CA HIS L 166 19.85 -50.49 7.64
C HIS L 166 18.48 -50.83 8.24
N ALA L 167 17.42 -50.33 7.59
CA ALA L 167 16.07 -50.58 8.07
C ALA L 167 15.58 -51.96 7.62
N ALA L 168 16.15 -52.45 6.54
CA ALA L 168 15.76 -53.76 6.05
C ALA L 168 16.67 -54.82 6.67
N ALA L 169 17.93 -54.46 6.92
CA ALA L 169 18.88 -55.40 7.49
C ALA L 169 18.66 -55.65 8.96
N TYR L 170 18.01 -54.72 9.64
CA TYR L 170 17.80 -54.90 11.06
C TYR L 170 16.38 -54.70 11.55
N LYS L 171 16.15 -55.09 12.79
CA LYS L 171 14.85 -54.97 13.44
C LYS L 171 14.97 -53.89 14.51
N THR L 172 16.19 -53.57 14.91
CA THR L 172 16.45 -52.56 15.94
C THR L 172 17.81 -51.86 15.88
N ALA L 173 18.13 -51.11 16.94
CA ALA L 173 19.39 -50.36 17.07
C ALA L 173 19.90 -49.76 15.77
N LEU L 174 20.60 -50.58 15.00
CA LEU L 174 21.17 -50.14 13.74
C LEU L 174 20.09 -49.82 12.71
N ALA L 175 18.91 -50.40 12.88
CA ALA L 175 17.83 -50.15 11.92
C ALA L 175 17.43 -48.67 11.97
N ASN L 176 17.76 -48.04 13.09
CA ASN L 176 17.43 -46.63 13.28
C ASN L 176 18.15 -45.72 12.31
N PRO L 177 17.39 -44.87 11.59
CA PRO L 177 17.89 -43.90 10.60
C PRO L 177 18.89 -42.92 11.18
N LEU L 178 19.77 -42.41 10.33
CA LEU L 178 20.79 -41.48 10.75
C LEU L 178 20.26 -40.04 10.70
N TYR L 179 19.14 -39.85 10.02
CA TYR L 179 18.52 -38.54 9.90
C TYR L 179 17.11 -38.57 10.47
N CYS L 180 16.84 -37.63 11.37
CA CYS L 180 15.55 -37.52 12.02
C CYS L 180 14.41 -37.76 11.07
N PRO L 181 13.53 -38.71 11.41
CA PRO L 181 12.40 -38.98 10.53
C PRO L 181 11.50 -37.76 10.49
N ASP L 182 10.79 -37.61 9.37
CA ASP L 182 9.91 -36.48 9.18
C ASP L 182 8.90 -36.24 10.30
N TYR L 183 8.02 -37.20 10.53
CA TYR L 183 7.01 -37.05 11.56
C TYR L 183 7.54 -36.52 12.89
N ARG L 184 8.83 -36.70 13.16
CA ARG L 184 9.37 -36.23 14.42
C ARG L 184 10.00 -34.83 14.45
N ILE L 185 10.08 -34.20 13.28
CA ILE L 185 10.65 -32.86 13.21
C ILE L 185 9.76 -31.94 14.03
N GLY L 186 10.38 -31.19 14.92
CA GLY L 186 9.62 -30.29 15.75
C GLY L 186 9.04 -30.94 16.99
N LYS L 187 9.11 -32.26 17.13
CA LYS L 187 8.57 -32.93 18.32
C LYS L 187 9.61 -33.37 19.35
N ILE L 188 10.88 -33.19 19.02
CA ILE L 188 11.93 -33.55 19.96
C ILE L 188 11.84 -32.52 21.07
N THR L 189 12.26 -32.87 22.27
CA THR L 189 12.18 -31.96 23.39
C THR L 189 13.51 -31.72 24.07
N SER L 190 13.59 -30.65 24.85
CA SER L 190 14.82 -30.35 25.56
C SER L 190 15.04 -31.46 26.56
N GLU L 191 13.95 -32.07 27.01
CA GLU L 191 14.09 -33.14 27.97
C GLU L 191 14.83 -34.30 27.33
N GLN L 192 14.39 -34.68 26.12
CA GLN L 192 15.01 -35.77 25.39
C GLN L 192 16.47 -35.48 25.05
N LEU L 193 16.77 -34.24 24.73
CA LEU L 193 18.15 -33.90 24.42
C LEU L 193 18.96 -34.07 25.69
N HIS L 194 18.48 -33.50 26.80
CA HIS L 194 19.22 -33.63 28.05
C HIS L 194 19.37 -35.07 28.45
N HIS L 195 18.27 -35.81 28.43
CA HIS L 195 18.31 -37.21 28.81
C HIS L 195 19.25 -38.00 27.91
N PHE L 196 19.23 -37.74 26.62
CA PHE L 196 20.11 -38.47 25.71
C PHE L 196 21.56 -38.20 26.08
N VAL L 197 21.89 -36.94 26.35
CA VAL L 197 23.24 -36.57 26.72
C VAL L 197 23.66 -37.10 28.09
N GLN L 198 22.76 -37.04 29.07
CA GLN L 198 23.08 -37.52 30.41
C GLN L 198 23.31 -39.05 30.46
N ASN L 199 22.61 -39.78 29.60
CA ASN L 199 22.71 -41.24 29.54
C ASN L 199 23.75 -41.81 28.57
N ASN L 200 24.41 -40.95 27.80
CA ASN L 200 25.38 -41.45 26.82
C ASN L 200 26.73 -40.78 26.84
N PHE L 201 26.76 -39.47 27.05
CA PHE L 201 28.03 -38.76 27.10
C PHE L 201 28.64 -38.92 28.49
N THR L 202 29.03 -40.14 28.83
CA THR L 202 29.63 -40.44 30.12
C THR L 202 31.10 -40.82 29.97
N SER L 203 31.93 -40.37 30.90
CA SER L 203 33.39 -40.60 30.86
C SER L 203 33.88 -41.97 30.39
N ALA L 204 33.10 -43.01 30.64
CA ALA L 204 33.50 -44.34 30.22
C ALA L 204 33.11 -44.61 28.76
N ARG L 205 32.45 -43.64 28.14
CA ARG L 205 32.04 -43.80 26.76
C ARG L 205 32.69 -42.75 25.88
N MET L 206 33.48 -41.88 26.51
CA MET L 206 34.16 -40.79 25.82
C MET L 206 35.68 -40.83 25.82
N ALA L 207 36.26 -40.32 24.73
CA ALA L 207 37.71 -40.24 24.57
C ALA L 207 38.06 -38.84 24.10
N LEU L 208 39.06 -38.23 24.73
CA LEU L 208 39.51 -36.90 24.36
C LEU L 208 40.81 -36.98 23.54
N VAL L 209 40.69 -37.25 22.25
CA VAL L 209 41.87 -37.35 21.39
C VAL L 209 42.40 -35.95 21.06
N GLY L 210 43.61 -35.86 20.50
CA GLY L 210 44.14 -34.54 20.19
C GLY L 210 45.48 -34.45 19.46
N ILE L 211 45.43 -34.29 18.14
CA ILE L 211 46.63 -34.15 17.33
C ILE L 211 47.19 -32.74 17.49
N GLY L 212 48.48 -32.57 17.30
CA GLY L 212 49.05 -31.23 17.42
C GLY L 212 49.16 -30.66 18.82
N VAL L 213 49.23 -31.53 19.83
CA VAL L 213 49.34 -31.07 21.23
C VAL L 213 50.16 -31.98 22.13
N LYS L 214 50.67 -31.40 23.21
CA LYS L 214 51.46 -32.15 24.19
C LYS L 214 50.52 -32.89 25.11
N HIS L 215 50.73 -34.19 25.25
CA HIS L 215 49.87 -35.02 26.08
C HIS L 215 49.56 -34.52 27.49
N SER L 216 50.54 -33.92 28.15
CA SER L 216 50.30 -33.43 29.51
C SER L 216 49.20 -32.36 29.51
N ASP L 217 49.25 -31.47 28.52
CA ASP L 217 48.28 -30.38 28.38
C ASP L 217 46.87 -30.90 28.10
N LEU L 218 46.74 -31.76 27.10
CA LEU L 218 45.45 -32.31 26.74
C LEU L 218 44.86 -33.10 27.90
N LYS L 219 45.73 -33.67 28.74
CA LYS L 219 45.29 -34.45 29.89
C LYS L 219 44.81 -33.57 31.04
N GLN L 220 45.58 -32.51 31.35
CA GLN L 220 45.22 -31.60 32.42
C GLN L 220 43.85 -30.98 32.14
N VAL L 221 43.52 -30.88 30.85
CA VAL L 221 42.25 -30.35 30.41
C VAL L 221 41.16 -31.37 30.75
N ALA L 222 41.28 -32.56 30.17
CA ALA L 222 40.34 -33.65 30.35
C ALA L 222 39.90 -33.90 31.77
N GLU L 223 40.85 -33.87 32.70
CA GLU L 223 40.53 -34.11 34.10
C GLU L 223 39.94 -32.90 34.82
N GLN L 224 40.80 -31.94 35.11
CA GLN L 224 40.41 -30.74 35.81
C GLN L 224 39.35 -29.91 35.09
N PHE L 225 38.59 -30.53 34.19
CA PHE L 225 37.55 -29.80 33.46
C PHE L 225 36.27 -30.59 33.15
N LEU L 226 36.40 -31.80 32.60
CA LEU L 226 35.20 -32.59 32.27
C LEU L 226 34.43 -33.05 33.53
N ASN L 227 33.11 -32.82 33.53
CA ASN L 227 32.26 -33.18 34.69
C ASN L 227 31.13 -34.20 34.52
N ILE L 228 30.32 -34.14 33.46
CA ILE L 228 29.27 -35.17 33.30
C ILE L 228 30.12 -36.43 33.30
N ARG L 229 29.85 -37.35 34.22
CA ARG L 229 30.70 -38.53 34.28
C ARG L 229 30.13 -39.88 34.59
N SER L 230 31.06 -40.72 35.07
CA SER L 230 30.88 -42.09 35.49
C SER L 230 29.87 -42.98 34.80
N GLY L 231 30.21 -44.26 34.74
CA GLY L 231 29.33 -45.25 34.15
C GLY L 231 29.28 -45.27 32.64
N ALA L 232 28.39 -46.11 32.13
CA ALA L 232 28.21 -46.26 30.71
C ALA L 232 26.76 -45.97 30.32
N GLY L 233 25.95 -45.58 31.29
CA GLY L 233 24.54 -45.28 31.03
C GLY L 233 23.82 -46.23 30.10
N THR L 234 22.78 -45.74 29.43
CA THR L 234 21.98 -46.52 28.48
C THR L 234 22.83 -47.44 27.62
N SER L 235 22.43 -48.71 27.54
CA SER L 235 23.13 -49.66 26.71
C SER L 235 22.25 -49.95 25.52
N SER L 236 22.83 -49.99 24.34
CA SER L 236 22.06 -50.25 23.15
C SER L 236 21.63 -51.70 23.07
N ALA L 237 20.41 -51.92 22.60
CA ALA L 237 19.89 -53.27 22.46
C ALA L 237 20.75 -53.99 21.42
N LYS L 238 20.86 -55.31 21.55
CA LYS L 238 21.63 -56.08 20.59
C LYS L 238 21.10 -55.80 19.18
N ALA L 239 21.96 -55.93 18.19
CA ALA L 239 21.56 -55.69 16.82
C ALA L 239 20.97 -56.97 16.23
N THR L 240 19.65 -57.10 16.29
CA THR L 240 18.98 -58.27 15.74
C THR L 240 19.02 -58.13 14.23
N TYR L 241 19.10 -59.25 13.52
CA TYR L 241 19.13 -59.17 12.06
C TYR L 241 17.77 -59.55 11.47
N TRP L 242 17.21 -58.68 10.65
CA TRP L 242 15.90 -58.97 10.05
C TRP L 242 16.02 -59.66 8.70
N GLY L 243 16.65 -59.00 7.73
CA GLY L 243 16.78 -59.57 6.41
C GLY L 243 15.56 -59.21 5.57
N GLY L 244 15.25 -57.93 5.53
CA GLY L 244 14.10 -57.45 4.79
C GLY L 244 14.47 -56.90 3.42
N GLU L 245 13.46 -56.40 2.74
CA GLU L 245 13.65 -55.85 1.42
C GLU L 245 12.72 -54.66 1.25
N ILE L 246 13.31 -53.47 1.28
CA ILE L 246 12.56 -52.22 1.14
C ILE L 246 12.79 -51.63 -0.24
N ARG L 247 11.72 -51.46 -1.01
CA ARG L 247 11.84 -50.90 -2.35
C ARG L 247 11.21 -49.52 -2.44
N GLU L 248 11.80 -48.62 -3.23
CA GLU L 248 11.25 -47.28 -3.38
C GLU L 248 11.06 -46.81 -4.81
N GLN L 249 9.83 -46.93 -5.31
CA GLN L 249 9.52 -46.51 -6.67
C GLN L 249 9.43 -44.98 -6.68
N ASN L 250 10.37 -44.34 -7.36
CA ASN L 250 10.36 -42.88 -7.40
C ASN L 250 10.62 -42.28 -8.79
N GLY L 251 10.67 -43.11 -9.82
CA GLY L 251 10.88 -42.61 -11.16
C GLY L 251 12.29 -42.41 -11.70
N HIS L 252 13.24 -42.06 -10.83
CA HIS L 252 14.64 -41.84 -11.25
C HIS L 252 15.13 -42.75 -12.38
N SER L 253 15.68 -42.15 -13.43
CA SER L 253 16.19 -42.93 -14.57
C SER L 253 17.26 -43.91 -14.10
N LEU L 254 17.89 -43.60 -12.96
CA LEU L 254 18.90 -44.45 -12.38
C LEU L 254 18.36 -45.17 -11.16
N VAL L 255 18.68 -46.47 -11.07
CA VAL L 255 18.27 -47.32 -9.97
C VAL L 255 19.49 -47.63 -9.11
N HIS L 256 19.40 -47.36 -7.81
CA HIS L 256 20.48 -47.66 -6.89
C HIS L 256 20.00 -48.86 -6.12
N ALA L 257 20.80 -49.92 -6.08
CA ALA L 257 20.42 -51.13 -5.36
C ALA L 257 21.58 -51.62 -4.52
N ALA L 258 21.25 -52.16 -3.34
CA ALA L 258 22.27 -52.69 -2.45
C ALA L 258 21.76 -53.97 -1.81
N VAL L 259 22.51 -55.05 -2.02
CA VAL L 259 22.17 -56.35 -1.48
C VAL L 259 23.29 -56.79 -0.54
N VAL L 260 22.92 -57.04 0.72
CA VAL L 260 23.91 -57.45 1.71
C VAL L 260 23.48 -58.62 2.57
N THR L 261 24.36 -58.95 3.50
CA THR L 261 24.16 -60.05 4.44
C THR L 261 24.91 -59.68 5.69
N GLU L 262 24.57 -60.32 6.79
CA GLU L 262 25.27 -60.05 8.02
C GLU L 262 26.76 -60.24 7.76
N GLY L 263 27.54 -59.19 7.97
CA GLY L 263 28.97 -59.24 7.75
C GLY L 263 29.72 -59.46 9.04
N ALA L 264 30.86 -58.80 9.19
CA ALA L 264 31.66 -58.97 10.40
C ALA L 264 31.63 -57.77 11.33
N ALA L 265 31.90 -58.02 12.61
CA ALA L 265 31.89 -56.97 13.61
C ALA L 265 33.26 -56.34 13.61
N VAL L 266 33.40 -55.26 14.37
CA VAL L 266 34.67 -54.56 14.48
C VAL L 266 35.50 -55.33 15.50
N GLY L 267 36.83 -55.26 15.37
CA GLY L 267 37.70 -55.97 16.30
C GLY L 267 37.71 -57.47 16.07
N SER L 268 36.80 -57.93 15.19
CA SER L 268 36.64 -59.33 14.82
C SER L 268 37.73 -59.74 13.83
N ALA L 269 38.24 -60.96 13.98
CA ALA L 269 39.27 -61.47 13.09
C ALA L 269 38.68 -61.63 11.68
N GLU L 270 37.41 -62.01 11.63
CA GLU L 270 36.70 -62.21 10.36
C GLU L 270 36.58 -60.90 9.57
N ALA L 271 36.92 -59.77 10.21
CA ALA L 271 36.86 -58.47 9.56
C ALA L 271 37.81 -58.45 8.37
N ASN L 272 39.10 -58.44 8.68
CA ASN L 272 40.17 -58.43 7.69
C ASN L 272 39.82 -59.24 6.46
N ALA L 273 39.23 -60.41 6.66
CA ALA L 273 38.85 -61.28 5.55
C ALA L 273 37.92 -60.55 4.58
N PHE L 274 36.86 -59.96 5.10
CA PHE L 274 35.88 -59.25 4.28
C PHE L 274 36.49 -58.02 3.62
N SER L 275 37.23 -57.25 4.40
CA SER L 275 37.87 -56.04 3.89
C SER L 275 38.65 -56.41 2.63
N VAL L 276 39.33 -57.56 2.67
CA VAL L 276 40.11 -58.04 1.53
C VAL L 276 39.19 -58.52 0.40
N LEU L 277 38.18 -59.33 0.73
CA LEU L 277 37.26 -59.79 -0.30
C LEU L 277 36.66 -58.56 -0.94
N GLN L 278 36.64 -57.46 -0.19
CA GLN L 278 36.10 -56.20 -0.68
C GLN L 278 36.94 -55.72 -1.86
N HIS L 279 38.23 -55.50 -1.60
CA HIS L 279 39.12 -55.04 -2.66
C HIS L 279 39.19 -56.02 -3.82
N VAL L 280 39.15 -57.32 -3.53
CA VAL L 280 39.17 -58.33 -4.58
C VAL L 280 37.98 -58.12 -5.52
N LEU L 281 36.80 -57.92 -4.94
CA LEU L 281 35.57 -57.70 -5.70
C LEU L 281 35.60 -56.30 -6.32
N GLY L 282 36.35 -55.41 -5.68
CA GLY L 282 36.47 -54.06 -6.17
C GLY L 282 35.68 -53.05 -5.37
N ALA L 283 36.37 -52.07 -4.79
CA ALA L 283 35.71 -51.04 -4.00
C ALA L 283 36.26 -49.65 -4.32
N GLY L 284 35.72 -49.02 -5.36
CA GLY L 284 36.17 -47.68 -5.73
C GLY L 284 37.28 -47.64 -6.77
N PRO L 285 37.15 -46.79 -7.81
CA PRO L 285 38.17 -46.67 -8.86
C PRO L 285 39.46 -45.96 -8.41
N LEU L 286 40.58 -46.35 -9.02
CA LEU L 286 41.87 -45.76 -8.69
C LEU L 286 42.42 -44.92 -9.84
N ILE L 287 41.77 -45.00 -11.00
CA ILE L 287 42.17 -44.26 -12.18
C ILE L 287 41.02 -43.42 -12.73
N LYS L 288 41.20 -42.10 -12.73
CA LYS L 288 40.18 -41.16 -13.21
C LYS L 288 39.57 -41.59 -14.55
N ARG L 289 38.24 -41.67 -14.60
CA ARG L 289 37.53 -42.07 -15.81
C ARG L 289 38.01 -43.41 -16.34
N GLY L 290 38.84 -44.07 -15.56
CA GLY L 290 39.36 -45.36 -15.99
C GLY L 290 38.46 -46.54 -15.67
N SER L 291 38.73 -47.66 -16.34
CA SER L 291 37.99 -48.88 -16.11
C SER L 291 38.74 -49.57 -14.99
N SER L 292 38.04 -50.39 -14.21
CA SER L 292 38.70 -51.08 -13.13
C SER L 292 38.82 -52.55 -13.49
N VAL L 293 40.02 -52.96 -13.88
CA VAL L 293 40.26 -54.35 -14.26
C VAL L 293 40.44 -55.21 -13.01
N THR L 294 41.17 -54.67 -12.03
CA THR L 294 41.43 -55.36 -10.77
C THR L 294 40.14 -55.54 -9.97
N SER L 295 39.03 -55.08 -10.53
CA SER L 295 37.75 -55.22 -9.88
C SER L 295 36.95 -56.31 -10.58
N LYS L 296 36.84 -57.45 -9.92
CA LYS L 296 36.10 -58.57 -10.50
C LYS L 296 34.65 -58.19 -10.68
N LEU L 297 34.11 -57.57 -9.65
CA LEU L 297 32.72 -57.15 -9.65
C LEU L 297 32.44 -56.17 -10.78
N TYR L 298 33.23 -55.11 -10.86
CA TYR L 298 33.06 -54.12 -11.90
C TYR L 298 33.15 -54.85 -13.25
N GLN L 299 34.29 -55.50 -13.47
CA GLN L 299 34.56 -56.25 -14.69
C GLN L 299 33.43 -57.21 -15.06
N GLY L 300 32.91 -57.91 -14.06
CA GLY L 300 31.83 -58.83 -14.32
C GLY L 300 30.61 -58.12 -14.89
N VAL L 301 30.17 -57.08 -14.18
CA VAL L 301 29.01 -56.30 -14.60
C VAL L 301 29.24 -55.68 -15.97
N ALA L 302 30.47 -55.23 -16.20
CA ALA L 302 30.82 -54.61 -17.46
C ALA L 302 30.48 -55.55 -18.62
N LYS L 303 30.84 -56.82 -18.47
CA LYS L 303 30.58 -57.80 -19.51
C LYS L 303 29.09 -58.05 -19.66
N ALA L 304 28.32 -57.76 -18.60
CA ALA L 304 26.87 -57.99 -18.61
C ALA L 304 26.02 -56.89 -19.26
N THR L 305 26.24 -55.65 -18.85
CA THR L 305 25.49 -54.52 -19.39
C THR L 305 26.32 -53.80 -20.45
N THR L 306 25.68 -52.88 -21.15
CA THR L 306 26.36 -52.12 -22.20
C THR L 306 26.40 -50.63 -21.89
N GLN L 307 25.37 -50.18 -21.18
CA GLN L 307 25.22 -48.78 -20.80
C GLN L 307 25.98 -48.42 -19.54
N PRO L 308 26.14 -47.13 -19.26
CA PRO L 308 26.84 -46.64 -18.07
C PRO L 308 26.25 -47.23 -16.80
N PHE L 309 27.11 -47.37 -15.79
CA PHE L 309 26.71 -47.95 -14.52
C PHE L 309 27.89 -47.87 -13.57
N ASP L 310 27.72 -48.48 -12.40
CA ASP L 310 28.76 -48.57 -11.41
C ASP L 310 28.39 -49.67 -10.45
N ALA L 311 29.39 -50.29 -9.83
CA ALA L 311 29.17 -51.38 -8.90
C ALA L 311 30.37 -51.47 -7.97
N SER L 312 30.13 -51.68 -6.68
CA SER L 312 31.21 -51.78 -5.70
C SER L 312 30.93 -52.76 -4.60
N ALA L 313 31.98 -53.06 -3.86
CA ALA L 313 31.87 -53.97 -2.73
C ALA L 313 31.48 -53.10 -1.55
N PHE L 314 30.34 -53.42 -0.96
CA PHE L 314 29.86 -52.68 0.20
C PHE L 314 30.31 -53.40 1.48
N ASN L 315 30.85 -52.66 2.44
CA ASN L 315 31.28 -53.29 3.67
C ASN L 315 31.28 -52.36 4.89
N VAL L 316 30.45 -52.69 5.87
CA VAL L 316 30.36 -51.90 7.10
C VAL L 316 30.59 -52.78 8.31
N ASN L 317 31.43 -52.30 9.22
CA ASN L 317 31.73 -53.04 10.44
C ASN L 317 31.30 -52.27 11.69
N TYR L 318 30.25 -52.77 12.35
CA TYR L 318 29.73 -52.14 13.57
C TYR L 318 30.14 -52.89 14.83
N SER L 319 29.99 -52.24 15.97
CA SER L 319 30.33 -52.82 17.25
C SER L 319 29.90 -54.27 17.40
N ASP L 320 28.61 -54.54 17.30
CA ASP L 320 28.10 -55.89 17.47
C ASP L 320 27.52 -56.52 16.21
N SER L 321 27.97 -56.05 15.05
CA SER L 321 27.48 -56.60 13.80
C SER L 321 28.15 -55.89 12.63
N GLY L 322 27.74 -56.27 11.42
CA GLY L 322 28.30 -55.65 10.24
C GLY L 322 27.49 -56.03 9.02
N LEU L 323 27.72 -55.33 7.91
CA LEU L 323 27.01 -55.62 6.68
C LEU L 323 28.01 -55.79 5.53
N PHE L 324 27.73 -56.72 4.64
CA PHE L 324 28.59 -56.94 3.49
C PHE L 324 27.77 -57.33 2.26
N GLY L 325 28.22 -56.86 1.11
CA GLY L 325 27.54 -57.13 -0.15
C GLY L 325 28.04 -56.18 -1.20
N PHE L 326 27.18 -55.86 -2.14
CA PHE L 326 27.53 -54.97 -3.21
C PHE L 326 26.48 -53.86 -3.37
N TYR L 327 26.87 -52.79 -4.04
CA TYR L 327 25.97 -51.66 -4.29
C TYR L 327 26.06 -51.36 -5.78
N THR L 328 24.92 -51.20 -6.43
CA THR L 328 24.96 -50.94 -7.87
C THR L 328 24.09 -49.80 -8.37
N ILE L 329 24.65 -48.98 -9.25
CA ILE L 329 23.91 -47.86 -9.83
C ILE L 329 23.82 -48.19 -11.31
N SER L 330 22.63 -48.16 -11.88
CA SER L 330 22.51 -48.48 -13.29
C SER L 330 21.24 -47.94 -13.89
N GLN L 331 21.18 -47.89 -15.22
CA GLN L 331 19.97 -47.40 -15.85
C GLN L 331 18.87 -48.36 -15.46
N ALA L 332 17.66 -47.84 -15.32
CA ALA L 332 16.54 -48.66 -14.92
C ALA L 332 16.47 -49.99 -15.69
N ALA L 333 16.11 -49.92 -16.95
CA ALA L 333 15.96 -51.11 -17.79
C ALA L 333 17.07 -52.16 -17.63
N HIS L 334 18.27 -51.74 -17.25
CA HIS L 334 19.39 -52.67 -17.11
C HIS L 334 19.75 -53.05 -15.67
N ALA L 335 18.90 -52.70 -14.72
CA ALA L 335 19.20 -53.06 -13.33
C ALA L 335 19.15 -54.57 -13.19
N GLY L 336 18.23 -55.20 -13.90
CA GLY L 336 18.12 -56.64 -13.85
C GLY L 336 19.46 -57.27 -14.16
N GLU L 337 19.90 -57.11 -15.40
CA GLU L 337 21.18 -57.68 -15.80
C GLU L 337 22.33 -57.24 -14.90
N VAL L 338 22.35 -55.97 -14.50
CA VAL L 338 23.45 -55.48 -13.66
C VAL L 338 23.53 -56.11 -12.27
N ILE L 339 22.40 -56.32 -11.61
CA ILE L 339 22.40 -56.91 -10.27
C ILE L 339 22.73 -58.40 -10.34
N ARG L 340 22.16 -59.10 -11.32
CA ARG L 340 22.44 -60.53 -11.51
C ARG L 340 23.94 -60.67 -11.60
N ALA L 341 24.52 -59.94 -12.55
CA ALA L 341 25.95 -59.96 -12.79
C ALA L 341 26.73 -59.83 -11.49
N ALA L 342 26.41 -58.81 -10.71
CA ALA L 342 27.10 -58.57 -9.44
C ALA L 342 27.00 -59.81 -8.53
N MET L 343 25.87 -60.50 -8.63
CA MET L 343 25.64 -61.71 -7.85
C MET L 343 26.51 -62.86 -8.34
N ASN L 344 26.36 -63.21 -9.62
CA ASN L 344 27.12 -64.29 -10.23
C ASN L 344 28.58 -64.11 -9.87
N GLN L 345 29.03 -62.87 -9.89
CA GLN L 345 30.41 -62.58 -9.57
C GLN L 345 30.75 -62.84 -8.11
N LEU L 346 29.73 -62.89 -7.27
CA LEU L 346 29.94 -63.15 -5.84
C LEU L 346 29.99 -64.65 -5.61
N LYS L 347 29.08 -65.36 -6.26
CA LYS L 347 29.01 -66.80 -6.14
C LYS L 347 30.30 -67.36 -6.75
N ALA L 348 30.60 -66.91 -7.96
CA ALA L 348 31.81 -67.34 -8.66
C ALA L 348 33.04 -67.20 -7.78
N ALA L 349 32.99 -66.27 -6.82
CA ALA L 349 34.11 -66.05 -5.93
C ALA L 349 34.05 -66.98 -4.73
N ALA L 350 32.83 -67.33 -4.32
CA ALA L 350 32.63 -68.20 -3.18
C ALA L 350 33.00 -69.64 -3.57
N GLN L 351 33.06 -69.89 -4.88
CA GLN L 351 33.40 -71.21 -5.39
C GLN L 351 34.87 -71.24 -5.83
N GLY L 352 35.75 -70.73 -4.99
CA GLY L 352 37.18 -70.71 -5.28
C GLY L 352 37.60 -69.89 -6.49
N GLY L 353 36.78 -68.94 -6.91
CA GLY L 353 37.13 -68.11 -8.05
C GLY L 353 38.02 -66.96 -7.67
N VAL L 354 38.96 -67.23 -6.78
CA VAL L 354 39.89 -66.22 -6.27
C VAL L 354 41.34 -66.67 -6.37
N THR L 355 42.10 -66.04 -7.27
CA THR L 355 43.52 -66.34 -7.47
C THR L 355 44.33 -65.98 -6.23
N GLU L 356 45.47 -66.63 -6.04
CA GLU L 356 46.32 -66.33 -4.90
C GLU L 356 46.89 -64.93 -5.11
N GLU L 357 46.88 -64.50 -6.37
CA GLU L 357 47.39 -63.18 -6.74
C GLU L 357 46.35 -62.11 -6.42
N ASP L 358 45.09 -62.40 -6.73
CA ASP L 358 44.02 -61.44 -6.45
C ASP L 358 44.13 -61.06 -4.98
N VAL L 359 44.34 -62.07 -4.15
CA VAL L 359 44.48 -61.87 -2.72
C VAL L 359 45.71 -61.02 -2.42
N THR L 360 46.72 -61.12 -3.28
CA THR L 360 47.95 -60.35 -3.07
C THR L 360 47.70 -58.89 -3.47
N LYS L 361 47.12 -58.67 -4.63
CA LYS L 361 46.82 -57.33 -5.12
C LYS L 361 45.99 -56.60 -4.06
N ALA L 362 44.83 -57.19 -3.75
CA ALA L 362 43.92 -56.64 -2.77
C ALA L 362 44.69 -56.18 -1.53
N LYS L 363 45.30 -57.13 -0.84
CA LYS L 363 46.08 -56.82 0.37
C LYS L 363 46.91 -55.54 0.26
N ASN L 364 47.39 -55.23 -0.94
CA ASN L 364 48.18 -54.03 -1.14
C ASN L 364 47.27 -52.82 -1.23
N GLN L 365 46.27 -52.91 -2.12
CA GLN L 365 45.33 -51.81 -2.29
C GLN L 365 44.78 -51.41 -0.93
N LEU L 366 44.53 -52.41 -0.09
CA LEU L 366 43.99 -52.18 1.24
C LEU L 366 45.01 -51.47 2.15
N LYS L 367 46.25 -51.95 2.15
CA LYS L 367 47.28 -51.33 2.97
C LYS L 367 47.56 -49.91 2.48
N ALA L 368 47.53 -49.72 1.17
CA ALA L 368 47.78 -48.41 0.57
C ALA L 368 46.64 -47.48 0.97
N THR L 369 45.41 -47.89 0.63
CA THR L 369 44.22 -47.12 0.96
C THR L 369 44.27 -46.74 2.43
N TYR L 370 44.57 -47.70 3.30
CA TYR L 370 44.66 -47.43 4.73
C TYR L 370 45.69 -46.32 5.01
N LEU L 371 46.91 -46.51 4.51
CA LEU L 371 47.99 -45.56 4.71
C LEU L 371 47.76 -44.15 4.16
N MET L 372 47.05 -44.06 3.05
CA MET L 372 46.77 -42.76 2.45
C MET L 372 45.70 -42.08 3.29
N SER L 373 44.75 -42.87 3.75
CA SER L 373 43.64 -42.40 4.57
C SER L 373 44.07 -41.99 5.95
N VAL L 374 45.20 -41.31 6.07
CA VAL L 374 45.70 -40.86 7.36
C VAL L 374 46.63 -39.67 7.18
N GLU L 375 46.76 -39.20 5.94
CA GLU L 375 47.61 -38.05 5.62
C GLU L 375 46.84 -36.79 6.08
N THR L 376 45.52 -36.91 6.07
CA THR L 376 44.56 -35.87 6.46
C THR L 376 44.58 -35.69 7.97
N ALA L 377 44.63 -34.45 8.42
CA ALA L 377 44.61 -34.17 9.86
C ALA L 377 43.37 -34.87 10.40
N GLN L 378 42.28 -34.73 9.66
CA GLN L 378 41.03 -35.33 10.01
C GLN L 378 41.16 -36.84 10.01
N GLY L 379 41.67 -37.38 8.91
CA GLY L 379 41.85 -38.83 8.81
C GLY L 379 42.66 -39.46 9.94
N LEU L 380 43.73 -38.79 10.34
CA LEU L 380 44.61 -39.26 11.41
C LEU L 380 43.91 -39.25 12.76
N LEU L 381 43.35 -38.09 13.14
CA LEU L 381 42.64 -37.97 14.41
C LEU L 381 41.54 -39.03 14.49
N ASN L 382 40.83 -39.22 13.39
CA ASN L 382 39.77 -40.20 13.37
C ASN L 382 40.34 -41.58 13.67
N GLU L 383 41.36 -41.99 12.92
CA GLU L 383 41.98 -43.29 13.14
C GLU L 383 42.37 -43.44 14.62
N ILE L 384 43.18 -42.51 15.13
CA ILE L 384 43.63 -42.54 16.52
C ILE L 384 42.45 -42.64 17.48
N GLY L 385 41.58 -41.65 17.46
CA GLY L 385 40.43 -41.63 18.34
C GLY L 385 39.53 -42.86 18.31
N SER L 386 39.32 -43.43 17.12
CA SER L 386 38.47 -44.60 17.00
C SER L 386 38.94 -45.75 17.87
N GLU L 387 40.26 -45.96 17.90
CA GLU L 387 40.83 -47.03 18.71
C GLU L 387 40.73 -46.69 20.18
N ALA L 388 41.29 -45.54 20.54
CA ALA L 388 41.26 -45.10 21.94
C ALA L 388 39.86 -45.14 22.58
N LEU L 389 38.82 -45.34 21.77
CA LEU L 389 37.46 -45.38 22.28
C LEU L 389 36.91 -46.80 22.33
N LEU L 390 37.02 -47.54 21.24
CA LEU L 390 36.55 -48.92 21.18
C LEU L 390 37.71 -49.87 21.47
N SER L 391 38.62 -49.45 22.33
CA SER L 391 39.79 -50.26 22.67
C SER L 391 40.56 -49.66 23.84
N GLY L 392 41.32 -48.61 23.57
CA GLY L 392 42.10 -47.97 24.62
C GLY L 392 43.57 -48.11 24.30
N THR L 393 43.85 -48.54 23.07
CA THR L 393 45.21 -48.76 22.60
C THR L 393 45.42 -48.34 21.16
N HIS L 394 46.67 -48.26 20.74
CA HIS L 394 46.99 -47.91 19.37
C HIS L 394 47.77 -49.00 18.63
N THR L 395 47.04 -49.80 17.85
CA THR L 395 47.64 -50.87 17.07
C THR L 395 48.62 -50.24 16.10
N ALA L 396 49.91 -50.54 16.27
CA ALA L 396 50.94 -49.99 15.39
C ALA L 396 50.62 -50.31 13.92
N PRO L 397 51.04 -49.44 12.99
CA PRO L 397 50.77 -49.66 11.57
C PRO L 397 51.34 -50.97 11.03
N SER L 398 52.49 -51.39 11.55
CA SER L 398 53.11 -52.64 11.12
C SER L 398 52.24 -53.82 11.54
N VAL L 399 51.60 -53.67 12.70
CA VAL L 399 50.72 -54.69 13.26
C VAL L 399 49.47 -54.84 12.40
N VAL L 400 48.85 -53.72 12.05
CA VAL L 400 47.64 -53.75 11.23
C VAL L 400 47.99 -54.37 9.87
N ALA L 401 49.24 -54.14 9.46
CA ALA L 401 49.74 -54.68 8.20
C ALA L 401 49.87 -56.20 8.38
N GLN L 402 50.54 -56.59 9.45
CA GLN L 402 50.74 -57.99 9.76
C GLN L 402 49.41 -58.73 9.77
N LYS L 403 48.38 -58.08 10.32
CA LYS L 403 47.04 -58.64 10.42
C LYS L 403 46.35 -58.76 9.06
N ILE L 404 46.59 -57.78 8.20
CA ILE L 404 45.95 -57.78 6.89
C ILE L 404 46.45 -58.88 5.96
N ASP L 405 47.75 -58.89 5.61
CA ASP L 405 48.25 -59.92 4.70
C ASP L 405 48.14 -61.33 5.28
N SER L 406 48.02 -61.43 6.60
CA SER L 406 47.89 -62.73 7.24
C SER L 406 46.47 -63.27 7.01
N VAL L 407 45.98 -63.11 5.78
CA VAL L 407 44.65 -63.57 5.43
C VAL L 407 44.77 -64.53 4.25
N THR L 408 44.47 -65.79 4.52
CA THR L 408 44.57 -66.82 3.50
C THR L 408 43.59 -66.59 2.34
N SER L 409 43.88 -67.27 1.24
CA SER L 409 43.06 -67.22 0.04
C SER L 409 41.77 -67.94 0.37
N ALA L 410 41.82 -68.80 1.38
CA ALA L 410 40.65 -69.54 1.79
C ALA L 410 39.70 -68.60 2.53
N ASP L 411 40.25 -67.85 3.50
CA ASP L 411 39.46 -66.91 4.27
C ASP L 411 38.55 -66.11 3.35
N VAL L 412 39.16 -65.59 2.28
CA VAL L 412 38.46 -64.81 1.30
C VAL L 412 37.33 -65.58 0.63
N VAL L 413 37.62 -66.80 0.21
CA VAL L 413 36.60 -67.61 -0.44
C VAL L 413 35.48 -67.95 0.53
N ASN L 414 35.83 -68.01 1.81
CA ASN L 414 34.86 -68.31 2.86
C ASN L 414 33.93 -67.12 3.05
N ALA L 415 34.53 -65.94 3.20
CA ALA L 415 33.76 -64.73 3.37
C ALA L 415 32.70 -64.73 2.27
N ALA L 416 33.14 -64.94 1.04
CA ALA L 416 32.23 -64.96 -0.11
C ALA L 416 31.13 -65.99 0.11
N LYS L 417 31.50 -67.15 0.65
CA LYS L 417 30.51 -68.21 0.91
C LYS L 417 29.45 -67.67 1.85
N LYS L 418 29.91 -67.13 2.98
CA LYS L 418 29.04 -66.58 4.00
C LYS L 418 27.96 -65.68 3.39
N PHE L 419 28.31 -64.98 2.32
CA PHE L 419 27.37 -64.10 1.66
C PHE L 419 26.34 -64.88 0.84
N VAL L 420 26.82 -65.78 -0.01
CA VAL L 420 25.93 -66.55 -0.86
C VAL L 420 24.95 -67.42 -0.06
N SER L 421 25.35 -67.77 1.15
CA SER L 421 24.51 -68.62 2.01
C SER L 421 23.61 -67.84 2.96
N GLY L 422 24.17 -66.81 3.60
CA GLY L 422 23.42 -66.01 4.55
C GLY L 422 22.10 -65.45 4.04
N LYS L 423 21.28 -64.97 4.97
CA LYS L 423 19.99 -64.39 4.61
C LYS L 423 20.28 -62.96 4.17
N LYS L 424 19.88 -62.62 2.96
CA LYS L 424 20.13 -61.29 2.43
C LYS L 424 19.00 -60.30 2.68
N SER L 425 19.37 -59.02 2.72
CA SER L 425 18.41 -57.93 2.89
C SER L 425 18.77 -57.00 1.73
N MET L 426 17.76 -56.46 1.06
CA MET L 426 18.01 -55.58 -0.08
C MET L 426 17.29 -54.24 0.00
N ALA L 427 17.96 -53.19 -0.47
CA ALA L 427 17.39 -51.85 -0.49
C ALA L 427 17.64 -51.22 -1.85
N ALA L 428 16.57 -50.89 -2.57
CA ALA L 428 16.69 -50.27 -3.89
C ALA L 428 15.75 -49.07 -4.06
N SER L 429 16.10 -48.15 -4.95
CA SER L 429 15.27 -46.96 -5.22
C SER L 429 15.48 -46.36 -6.61
N GLY L 430 14.38 -46.09 -7.29
CA GLY L 430 14.43 -45.54 -8.63
C GLY L 430 13.25 -46.09 -9.41
N ASP L 431 13.37 -46.18 -10.74
CA ASP L 431 12.27 -46.74 -11.52
C ASP L 431 12.54 -48.24 -11.51
N LEU L 432 12.20 -48.86 -10.38
CA LEU L 432 12.41 -50.29 -10.17
C LEU L 432 11.61 -51.24 -11.06
N GLY L 433 10.94 -50.68 -12.08
CA GLY L 433 10.12 -51.49 -12.98
C GLY L 433 10.78 -52.74 -13.52
N SER L 434 12.10 -52.75 -13.58
CA SER L 434 12.83 -53.91 -14.11
C SER L 434 13.86 -54.38 -13.10
N THR L 435 13.69 -53.98 -11.85
CA THR L 435 14.60 -54.37 -10.80
C THR L 435 14.09 -55.63 -10.13
N PRO L 436 14.94 -56.64 -9.97
CA PRO L 436 14.56 -57.90 -9.35
C PRO L 436 14.36 -57.85 -7.83
N PHE L 437 13.55 -58.79 -7.32
CA PHE L 437 13.29 -58.89 -5.89
C PHE L 437 14.31 -59.84 -5.26
N LEU L 438 14.59 -59.60 -3.99
CA LEU L 438 15.54 -60.42 -3.26
C LEU L 438 15.37 -61.92 -3.52
N ASP L 439 14.13 -62.38 -3.66
CA ASP L 439 13.88 -63.80 -3.89
C ASP L 439 14.11 -64.25 -5.33
N GLU L 440 14.51 -63.33 -6.20
CA GLU L 440 14.76 -63.66 -7.60
C GLU L 440 16.25 -63.69 -7.93
N LEU L 441 17.09 -63.55 -6.91
CA LEU L 441 18.53 -63.56 -7.12
C LEU L 441 19.14 -64.91 -6.74
N ALA M 2 13.59 -5.12 6.82
CA ALA M 2 14.05 -4.98 5.41
C ALA M 2 15.47 -4.39 5.32
N PRO M 3 16.35 -5.00 4.49
CA PRO M 3 17.72 -4.54 4.32
C PRO M 3 17.87 -3.03 4.08
N ASN M 4 17.54 -2.55 2.88
CA ASN M 4 17.66 -1.11 2.61
C ASN M 4 16.45 -0.29 3.06
N ILE M 5 16.76 0.87 3.66
CA ILE M 5 15.77 1.79 4.19
C ILE M 5 14.92 2.45 3.11
N ARG M 6 15.19 2.14 1.85
CA ARG M 6 14.43 2.71 0.75
C ARG M 6 13.12 1.97 0.56
N LYS M 7 13.08 0.73 1.04
CA LYS M 7 11.89 -0.10 0.92
C LYS M 7 11.05 -0.19 2.21
N SER M 8 11.72 -0.26 3.35
CA SER M 8 11.03 -0.36 4.64
C SER M 8 10.28 0.91 5.07
N HIS M 9 11.00 2.05 5.10
CA HIS M 9 10.43 3.35 5.48
C HIS M 9 9.06 3.60 4.83
N PRO M 10 8.05 3.99 5.62
CA PRO M 10 6.71 4.26 5.09
C PRO M 10 6.58 5.37 4.05
N LEU M 11 7.58 6.25 3.97
CA LEU M 11 7.56 7.34 2.99
C LEU M 11 8.52 7.12 1.82
N LEU M 12 9.80 6.87 2.12
CA LEU M 12 10.79 6.62 1.08
C LEU M 12 10.30 5.48 0.21
N LYS M 13 9.65 4.51 0.84
CA LYS M 13 9.08 3.37 0.15
C LYS M 13 8.17 3.88 -0.97
N MET M 14 7.38 4.92 -0.66
CA MET M 14 6.47 5.51 -1.64
C MET M 14 7.28 6.20 -2.75
N ILE M 15 8.33 6.92 -2.37
CA ILE M 15 9.18 7.62 -3.31
C ILE M 15 9.90 6.62 -4.20
N ASN M 16 10.26 5.49 -3.63
CA ASN M 16 10.95 4.44 -4.36
C ASN M 16 10.05 3.67 -5.32
N ASN M 17 8.81 3.37 -4.91
CA ASN M 17 7.90 2.62 -5.77
C ASN M 17 7.22 3.43 -6.86
N SER M 18 7.60 4.71 -6.99
CA SER M 18 7.01 5.55 -8.01
C SER M 18 8.02 6.43 -8.75
N LEU M 19 9.27 6.39 -8.32
CA LEU M 19 10.31 7.22 -8.95
C LEU M 19 11.70 6.63 -8.96
N ILE M 20 11.86 5.36 -8.59
CA ILE M 20 13.19 4.81 -8.57
C ILE M 20 13.24 3.35 -8.98
N ASP M 21 12.54 2.50 -8.25
CA ASP M 21 12.51 1.09 -8.58
C ASP M 21 11.25 0.77 -9.36
N LEU M 22 10.52 1.81 -9.74
CA LEU M 22 9.29 1.67 -10.51
C LEU M 22 9.54 1.06 -11.88
N PRO M 23 8.95 -0.11 -12.14
CA PRO M 23 9.13 -0.79 -13.44
C PRO M 23 8.51 -0.05 -14.61
N ALA M 24 9.37 0.34 -15.56
CA ALA M 24 8.92 1.06 -16.74
C ALA M 24 9.31 0.32 -18.02
N PRO M 25 8.45 0.38 -19.05
CA PRO M 25 8.76 -0.28 -20.31
C PRO M 25 10.10 0.24 -20.80
N SER M 26 10.85 -0.59 -21.50
CA SER M 26 12.15 -0.19 -22.01
C SER M 26 12.04 0.65 -23.29
N ASN M 27 10.90 0.56 -23.96
CA ASN M 27 10.74 1.28 -25.21
C ASN M 27 9.83 2.49 -25.27
N ILE M 28 9.47 3.08 -24.12
CA ILE M 28 8.60 4.24 -24.21
C ILE M 28 9.39 5.40 -24.80
N SER M 29 8.76 6.13 -25.71
CA SER M 29 9.41 7.24 -26.39
C SER M 29 9.30 8.60 -25.71
N ALA M 30 9.63 9.63 -26.46
CA ALA M 30 9.59 11.00 -25.99
C ALA M 30 8.15 11.42 -25.72
N TRP M 31 7.19 10.74 -26.32
CA TRP M 31 5.80 11.10 -26.09
C TRP M 31 5.36 10.83 -24.66
N TRP M 32 6.13 10.01 -23.94
CA TRP M 32 5.84 9.68 -22.55
C TRP M 32 6.51 10.68 -21.61
N ASN M 33 7.21 11.64 -22.18
CA ASN M 33 7.89 12.66 -21.39
C ASN M 33 6.96 13.76 -20.91
N PHE M 34 5.76 13.83 -21.46
CA PHE M 34 4.86 14.90 -21.10
C PHE M 34 4.19 14.81 -19.74
N GLY M 35 4.08 13.60 -19.20
CA GLY M 35 3.48 13.46 -17.88
C GLY M 35 4.33 14.21 -16.87
N SER M 36 5.62 13.93 -16.86
CA SER M 36 6.52 14.60 -15.94
C SER M 36 6.57 16.10 -16.21
N LEU M 37 6.51 16.52 -17.47
CA LEU M 37 6.57 17.94 -17.76
C LEU M 37 5.33 18.60 -17.20
N LEU M 38 4.19 17.92 -17.34
CA LEU M 38 2.95 18.45 -16.81
C LEU M 38 3.05 18.66 -15.31
N ALA M 39 3.66 17.70 -14.62
CA ALA M 39 3.85 17.79 -13.18
C ALA M 39 4.73 18.99 -12.83
N VAL M 40 5.91 19.05 -13.44
CA VAL M 40 6.84 20.13 -13.20
C VAL M 40 6.20 21.45 -13.56
N CYS M 41 5.44 21.42 -14.64
CA CYS M 41 4.77 22.62 -15.11
C CYS M 41 3.83 23.08 -13.99
N LEU M 42 3.11 22.13 -13.40
CA LEU M 42 2.19 22.44 -12.32
C LEU M 42 2.89 23.00 -11.11
N MET M 43 4.05 22.43 -10.76
CA MET M 43 4.77 22.92 -9.59
C MET M 43 5.19 24.35 -9.84
N THR M 44 5.59 24.62 -11.07
CA THR M 44 6.03 25.95 -11.44
C THR M 44 4.93 27.00 -11.46
N GLN M 45 3.76 26.64 -11.95
CA GLN M 45 2.66 27.60 -11.98
C GLN M 45 2.33 27.98 -10.56
N ILE M 46 2.21 26.97 -9.69
CA ILE M 46 1.87 27.22 -8.29
C ILE M 46 2.91 28.11 -7.64
N LEU M 47 4.18 27.85 -7.93
CA LEU M 47 5.23 28.65 -7.35
C LEU M 47 5.18 30.11 -7.82
N THR M 48 5.16 30.33 -9.13
CA THR M 48 5.11 31.69 -9.63
C THR M 48 3.77 32.31 -9.27
N GLY M 49 2.76 31.48 -9.13
CA GLY M 49 1.46 32.01 -8.78
C GLY M 49 1.46 32.65 -7.42
N LEU M 50 1.96 31.90 -6.45
CA LEU M 50 2.07 32.38 -5.07
C LEU M 50 2.85 33.69 -5.06
N LEU M 51 4.01 33.69 -5.72
CA LEU M 51 4.81 34.89 -5.76
C LEU M 51 4.03 36.09 -6.30
N LEU M 52 3.16 35.87 -7.28
CA LEU M 52 2.36 36.97 -7.80
C LEU M 52 1.26 37.35 -6.80
N ALA M 53 0.60 36.33 -6.27
CA ALA M 53 -0.47 36.54 -5.32
C ALA M 53 -0.04 37.42 -4.14
N MET M 54 1.23 37.38 -3.80
CA MET M 54 1.73 38.17 -2.69
C MET M 54 1.82 39.66 -2.97
N HIS M 55 1.46 40.06 -4.20
CA HIS M 55 1.51 41.45 -4.59
C HIS M 55 0.27 41.89 -5.32
N TYR M 56 -0.71 40.99 -5.42
CA TYR M 56 -1.94 41.28 -6.12
C TYR M 56 -3.03 41.77 -5.17
N THR M 57 -4.01 42.48 -5.71
CA THR M 57 -5.12 42.96 -4.90
C THR M 57 -6.40 42.71 -5.67
N ALA M 58 -7.21 41.80 -5.16
CA ALA M 58 -8.46 41.47 -5.81
C ALA M 58 -9.54 42.52 -5.56
N ASP M 59 -9.50 43.57 -6.39
CA ASP M 59 -10.49 44.64 -6.32
C ASP M 59 -10.50 45.28 -7.70
N THR M 60 -11.68 45.53 -8.23
CA THR M 60 -11.78 46.15 -9.55
C THR M 60 -11.02 47.45 -9.59
N SER M 61 -11.00 48.17 -8.47
CA SER M 61 -10.28 49.45 -8.45
C SER M 61 -8.76 49.34 -8.30
N LEU M 62 -8.23 48.16 -8.01
CA LEU M 62 -6.78 48.03 -7.84
C LEU M 62 -6.13 46.86 -8.56
N ALA M 63 -6.93 45.93 -9.07
CA ALA M 63 -6.40 44.76 -9.77
C ALA M 63 -5.41 45.13 -10.85
N PHE M 64 -5.89 45.86 -11.85
CA PHE M 64 -5.04 46.25 -12.97
C PHE M 64 -3.74 46.85 -12.49
N SER M 65 -3.82 47.90 -11.69
CA SER M 65 -2.59 48.53 -11.24
C SER M 65 -1.73 47.66 -10.32
N SER M 66 -2.33 46.72 -9.59
CA SER M 66 -1.52 45.89 -8.71
C SER M 66 -0.61 45.00 -9.58
N VAL M 67 -1.14 44.52 -10.69
CA VAL M 67 -0.37 43.69 -11.61
C VAL M 67 0.74 44.60 -12.20
N ALA M 68 0.38 45.84 -12.54
CA ALA M 68 1.34 46.80 -13.07
C ALA M 68 2.41 47.13 -12.01
N HIS M 69 1.98 47.34 -10.76
CA HIS M 69 2.92 47.62 -9.68
C HIS M 69 3.87 46.44 -9.55
N THR M 70 3.34 45.22 -9.70
CA THR M 70 4.20 44.03 -9.60
C THR M 70 5.28 44.02 -10.69
N CYS M 71 4.86 44.25 -11.94
CA CYS M 71 5.78 44.27 -13.08
C CYS M 71 6.76 45.44 -13.04
N ARG M 72 6.33 46.58 -12.51
CA ARG M 72 7.20 47.75 -12.45
C ARG M 72 8.03 47.92 -11.18
N ASN M 73 7.53 47.49 -10.03
CA ASN M 73 8.27 47.70 -8.78
C ASN M 73 8.86 46.50 -8.08
N VAL M 74 8.18 45.37 -8.16
CA VAL M 74 8.66 44.19 -7.49
C VAL M 74 9.94 43.67 -8.14
N GLN M 75 10.93 43.32 -7.33
CA GLN M 75 12.19 42.80 -7.85
C GLN M 75 11.83 41.58 -8.65
N TYR M 76 12.15 41.60 -9.94
CA TYR M 76 11.84 40.50 -10.85
C TYR M 76 10.37 40.16 -10.96
N GLY M 77 9.52 41.11 -10.57
CA GLY M 77 8.10 40.88 -10.67
C GLY M 77 7.76 40.69 -12.12
N TRP M 78 8.33 41.50 -13.00
CA TRP M 78 8.07 41.41 -14.43
C TRP M 78 8.42 40.01 -14.94
N LEU M 79 9.49 39.44 -14.42
CA LEU M 79 9.91 38.10 -14.84
C LEU M 79 8.93 37.05 -14.37
N ILE M 80 8.52 37.16 -13.11
CA ILE M 80 7.60 36.22 -12.53
C ILE M 80 6.27 36.28 -13.26
N ARG M 81 5.81 37.49 -13.54
CA ARG M 81 4.55 37.66 -14.25
C ARG M 81 4.66 36.96 -15.61
N ASN M 82 5.74 37.22 -16.34
CA ASN M 82 5.95 36.61 -17.65
C ASN M 82 5.90 35.08 -17.56
N LEU M 83 6.73 34.52 -16.68
CA LEU M 83 6.78 33.07 -16.51
C LEU M 83 5.42 32.47 -16.17
N HIS M 84 4.63 33.18 -15.36
CA HIS M 84 3.32 32.64 -14.98
C HIS M 84 2.40 32.66 -16.17
N ALA M 85 2.27 33.80 -16.82
CA ALA M 85 1.38 33.91 -17.97
C ALA M 85 1.75 32.94 -19.08
N ASN M 86 3.03 32.96 -19.48
CA ASN M 86 3.48 32.07 -20.53
C ASN M 86 3.50 30.61 -20.10
N GLY M 87 3.70 30.38 -18.79
CA GLY M 87 3.72 29.03 -18.26
C GLY M 87 2.37 28.37 -18.48
N ALA M 88 1.31 29.16 -18.44
CA ALA M 88 -0.01 28.61 -18.66
C ALA M 88 -0.07 27.96 -20.06
N SER M 89 0.57 28.59 -21.04
CA SER M 89 0.62 28.05 -22.40
C SER M 89 1.47 26.78 -22.47
N PHE M 90 2.64 26.80 -21.84
CA PHE M 90 3.51 25.62 -21.83
C PHE M 90 2.67 24.50 -21.24
N PHE M 91 1.90 24.84 -20.23
CA PHE M 91 1.07 23.84 -19.58
C PHE M 91 0.12 23.25 -20.61
N PHE M 92 -0.60 24.08 -21.36
CA PHE M 92 -1.54 23.52 -22.34
C PHE M 92 -0.90 22.79 -23.52
N ILE M 93 0.21 23.32 -24.02
CA ILE M 93 0.88 22.64 -25.11
C ILE M 93 1.16 21.24 -24.60
N CYS M 94 1.78 21.14 -23.44
CA CYS M 94 2.10 19.83 -22.87
C CYS M 94 0.89 18.99 -22.66
N ILE M 95 -0.19 19.57 -22.16
CA ILE M 95 -1.36 18.75 -21.90
C ILE M 95 -1.98 18.21 -23.17
N PHE M 96 -1.91 18.98 -24.25
CA PHE M 96 -2.48 18.53 -25.51
C PHE M 96 -1.65 17.41 -26.14
N LEU M 97 -0.33 17.50 -26.02
CA LEU M 97 0.53 16.44 -26.55
C LEU M 97 0.32 15.17 -25.69
N HIS M 98 0.15 15.36 -24.38
CA HIS M 98 -0.07 14.25 -23.43
C HIS M 98 -1.34 13.51 -23.87
N ILE M 99 -2.39 14.25 -24.16
CA ILE M 99 -3.64 13.67 -24.61
C ILE M 99 -3.49 12.99 -25.96
N GLY M 100 -2.86 13.70 -26.90
CA GLY M 100 -2.63 13.16 -28.22
C GLY M 100 -1.96 11.80 -28.13
N ARG M 101 -0.85 11.76 -27.40
CA ARG M 101 -0.12 10.54 -27.19
C ARG M 101 -1.07 9.44 -26.72
N GLY M 102 -1.98 9.80 -25.81
CA GLY M 102 -2.91 8.83 -25.28
C GLY M 102 -3.90 8.27 -26.27
N LEU M 103 -4.38 9.13 -27.16
CA LEU M 103 -5.34 8.69 -28.17
C LEU M 103 -4.64 7.79 -29.18
N TYR M 104 -3.46 8.22 -29.63
CA TYR M 104 -2.69 7.49 -30.61
C TYR M 104 -2.22 6.13 -30.10
N TYR M 105 -1.92 6.03 -28.81
CA TYR M 105 -1.42 4.76 -28.29
C TYR M 105 -2.39 3.96 -27.45
N GLY M 106 -3.65 4.38 -27.44
CA GLY M 106 -4.66 3.65 -26.69
C GLY M 106 -4.43 3.63 -25.20
N SER M 107 -3.80 4.69 -24.68
CA SER M 107 -3.55 4.79 -23.26
C SER M 107 -4.91 4.88 -22.56
N TYR M 108 -5.91 5.36 -23.29
CA TYR M 108 -7.25 5.49 -22.74
C TYR M 108 -7.85 4.15 -22.33
N LEU M 109 -7.20 3.06 -22.67
CA LEU M 109 -7.77 1.78 -22.29
C LEU M 109 -7.59 1.57 -20.80
N TYR M 110 -6.72 2.38 -20.20
CA TYR M 110 -6.52 2.38 -18.76
C TYR M 110 -7.61 3.36 -18.31
N LYS M 111 -8.86 2.92 -18.39
CA LYS M 111 -9.99 3.77 -18.09
C LYS M 111 -9.95 4.77 -16.96
N GLU M 112 -9.54 4.35 -15.76
CA GLU M 112 -9.51 5.28 -14.62
C GLU M 112 -8.42 6.32 -14.77
N THR M 113 -7.26 5.89 -15.25
CA THR M 113 -6.17 6.84 -15.43
C THR M 113 -6.67 7.89 -16.43
N TRP M 114 -7.42 7.41 -17.42
CA TRP M 114 -7.95 8.29 -18.46
C TRP M 114 -8.99 9.27 -17.93
N ASN M 115 -9.98 8.76 -17.20
CA ASN M 115 -11.01 9.64 -16.67
C ASN M 115 -10.49 10.68 -15.71
N THR M 116 -9.57 10.30 -14.81
CA THR M 116 -9.03 11.31 -13.92
C THR M 116 -8.34 12.33 -14.82
N GLY M 117 -7.65 11.83 -15.84
CA GLY M 117 -6.99 12.72 -16.77
C GLY M 117 -7.97 13.73 -17.35
N VAL M 118 -9.14 13.28 -17.79
CA VAL M 118 -10.11 14.21 -18.35
C VAL M 118 -10.42 15.25 -17.28
N ILE M 119 -10.59 14.78 -16.04
CA ILE M 119 -10.89 15.70 -14.95
C ILE M 119 -9.78 16.71 -14.74
N LEU M 120 -8.52 16.30 -14.86
CA LEU M 120 -7.42 17.24 -14.71
C LEU M 120 -7.53 18.37 -15.75
N LEU M 121 -7.83 18.00 -16.99
CA LEU M 121 -7.97 18.96 -18.08
C LEU M 121 -9.09 19.97 -17.81
N LEU M 122 -10.24 19.46 -17.39
CA LEU M 122 -11.36 20.34 -17.07
C LEU M 122 -10.98 21.32 -15.95
N THR M 123 -10.36 20.79 -14.89
CA THR M 123 -9.94 21.64 -13.78
C THR M 123 -8.92 22.66 -14.26
N LEU M 124 -7.95 22.23 -15.07
CA LEU M 124 -6.91 23.14 -15.62
C LEU M 124 -7.53 24.30 -16.41
N MET M 125 -8.58 24.00 -17.16
CA MET M 125 -9.25 25.03 -17.95
C MET M 125 -9.91 26.02 -17.00
N ALA M 126 -10.72 25.50 -16.08
CA ALA M 126 -11.38 26.38 -15.13
C ALA M 126 -10.33 27.28 -14.46
N THR M 127 -9.19 26.68 -14.08
CA THR M 127 -8.14 27.44 -13.45
C THR M 127 -7.69 28.60 -14.32
N ALA M 128 -7.36 28.31 -15.59
CA ALA M 128 -6.89 29.34 -16.50
C ALA M 128 -7.96 30.38 -16.83
N PHE M 129 -9.22 29.95 -16.81
CA PHE M 129 -10.28 30.90 -17.09
C PHE M 129 -10.35 31.95 -15.98
N VAL M 130 -10.46 31.51 -14.74
CA VAL M 130 -10.54 32.45 -13.62
C VAL M 130 -9.23 33.22 -13.48
N GLY M 131 -8.12 32.57 -13.79
CA GLY M 131 -6.86 33.28 -13.69
C GLY M 131 -6.82 34.49 -14.62
N TYR M 132 -7.20 34.26 -15.88
CA TYR M 132 -7.20 35.31 -16.90
C TYR M 132 -7.96 36.56 -16.49
N VAL M 133 -9.01 36.39 -15.71
CA VAL M 133 -9.81 37.54 -15.31
C VAL M 133 -9.09 38.46 -14.34
N LEU M 134 -8.23 37.90 -13.50
CA LEU M 134 -7.54 38.69 -12.48
C LEU M 134 -6.87 40.02 -12.85
N PRO M 135 -6.17 40.10 -13.98
CA PRO M 135 -5.56 41.40 -14.28
C PRO M 135 -6.57 42.48 -14.60
N TRP M 136 -7.81 42.07 -14.81
CA TRP M 136 -8.89 43.02 -15.03
C TRP M 136 -8.64 44.00 -16.16
N GLY M 137 -8.18 43.47 -17.28
CA GLY M 137 -7.96 44.28 -18.47
C GLY M 137 -9.23 44.12 -19.31
N GLN M 138 -9.26 44.71 -20.50
CA GLN M 138 -10.43 44.60 -21.36
C GLN M 138 -10.81 43.16 -21.75
N MET M 139 -9.85 42.35 -22.19
CA MET M 139 -10.20 41.00 -22.57
C MET M 139 -10.52 40.18 -21.33
N SER M 140 -9.96 40.60 -20.19
CA SER M 140 -10.22 39.92 -18.94
C SER M 140 -11.70 39.98 -18.65
N PHE M 141 -12.22 41.20 -18.66
CA PHE M 141 -13.62 41.46 -18.37
C PHE M 141 -14.60 40.92 -19.38
N TRP M 142 -14.35 41.20 -20.65
CA TRP M 142 -15.27 40.77 -21.70
C TRP M 142 -15.27 39.28 -21.92
N GLY M 143 -14.12 38.65 -21.74
CA GLY M 143 -14.07 37.22 -21.89
C GLY M 143 -14.91 36.62 -20.77
N ALA M 144 -14.78 37.19 -19.57
CA ALA M 144 -15.53 36.71 -18.42
C ALA M 144 -17.01 36.85 -18.72
N THR M 145 -17.38 38.03 -19.26
CA THR M 145 -18.76 38.33 -19.61
C THR M 145 -19.35 37.36 -20.65
N VAL M 146 -18.70 37.31 -21.80
CA VAL M 146 -19.13 36.46 -22.87
C VAL M 146 -19.41 35.02 -22.46
N ILE M 147 -18.44 34.40 -21.79
CA ILE M 147 -18.61 33.02 -21.36
C ILE M 147 -19.65 32.80 -20.28
N THR M 148 -19.62 33.61 -19.22
CA THR M 148 -20.59 33.43 -18.14
C THR M 148 -22.01 33.72 -18.58
N ASN M 149 -22.17 34.57 -19.58
CA ASN M 149 -23.52 34.87 -20.07
C ASN M 149 -24.12 33.67 -20.78
N LEU M 150 -23.27 32.75 -21.21
CA LEU M 150 -23.77 31.57 -21.90
C LEU M 150 -24.70 30.75 -21.05
N PHE M 151 -24.48 30.76 -19.75
CA PHE M 151 -25.30 29.96 -18.88
C PHE M 151 -26.68 30.48 -18.61
N SER M 152 -26.94 31.74 -18.93
CA SER M 152 -28.29 32.26 -18.72
C SER M 152 -29.20 31.61 -19.77
N ALA M 153 -28.56 30.93 -20.72
CA ALA M 153 -29.22 30.22 -21.80
C ALA M 153 -29.81 28.88 -21.38
N ILE M 154 -29.33 28.36 -20.26
CA ILE M 154 -29.86 27.11 -19.73
C ILE M 154 -31.26 27.46 -19.23
N PRO M 155 -32.31 26.86 -19.83
CA PRO M 155 -33.68 27.17 -19.39
C PRO M 155 -33.93 26.92 -17.91
N TYR M 156 -34.76 27.78 -17.31
CA TYR M 156 -35.11 27.71 -15.89
C TYR M 156 -33.99 28.21 -14.98
N ILE M 157 -33.10 27.30 -14.60
CA ILE M 157 -31.98 27.66 -13.72
C ILE M 157 -30.95 28.55 -14.45
N GLY M 158 -31.40 29.21 -15.51
CA GLY M 158 -30.49 30.05 -16.28
C GLY M 158 -30.05 31.32 -15.61
N HIS M 159 -30.92 32.33 -15.62
CA HIS M 159 -30.61 33.61 -15.01
C HIS M 159 -30.17 33.47 -13.56
N THR M 160 -30.63 32.41 -12.91
CA THR M 160 -30.28 32.16 -11.52
C THR M 160 -28.82 31.76 -11.37
N LEU M 161 -28.47 30.63 -11.97
CA LEU M 161 -27.11 30.12 -11.90
C LEU M 161 -26.08 31.22 -12.22
N VAL M 162 -26.40 32.06 -13.19
CA VAL M 162 -25.52 33.15 -13.60
C VAL M 162 -25.38 34.27 -12.58
N GLU M 163 -26.50 34.76 -12.08
CA GLU M 163 -26.47 35.84 -11.10
C GLU M 163 -25.91 35.34 -9.79
N TRP M 164 -25.90 34.02 -9.65
CA TRP M 164 -25.36 33.42 -8.46
C TRP M 164 -23.83 33.42 -8.64
N ALA M 165 -23.39 33.06 -9.83
CA ALA M 165 -21.96 33.03 -10.15
C ALA M 165 -21.28 34.39 -10.09
N TRP M 166 -21.96 35.42 -10.59
CA TRP M 166 -21.39 36.77 -10.59
C TRP M 166 -21.46 37.39 -9.22
N GLY M 167 -22.46 36.99 -8.44
CA GLY M 167 -22.62 37.57 -7.13
C GLY M 167 -23.26 38.94 -7.30
N GLY M 168 -23.98 39.10 -8.42
CA GLY M 168 -24.64 40.36 -8.73
C GLY M 168 -25.35 40.30 -10.07
N PHE M 169 -25.41 41.42 -10.77
CA PHE M 169 -26.08 41.48 -12.06
C PHE M 169 -25.17 41.53 -13.28
N SER M 170 -23.88 41.44 -13.04
CA SER M 170 -22.90 41.48 -14.12
C SER M 170 -21.57 41.12 -13.52
N VAL M 171 -20.57 40.98 -14.36
CA VAL M 171 -19.25 40.68 -13.86
C VAL M 171 -18.77 41.96 -13.19
N ASP M 172 -18.56 41.89 -11.88
CA ASP M 172 -18.12 43.06 -11.14
C ASP M 172 -17.23 42.62 -9.99
N ASN M 173 -16.91 43.55 -9.08
CA ASN M 173 -16.04 43.21 -7.98
C ASN M 173 -16.35 41.92 -7.24
N PRO M 174 -17.62 41.68 -6.93
CA PRO M 174 -17.87 40.42 -6.23
C PRO M 174 -17.44 39.21 -7.01
N THR M 175 -17.45 39.33 -8.34
CA THR M 175 -17.02 38.24 -9.22
C THR M 175 -15.50 38.10 -9.15
N LEU M 176 -14.83 39.23 -9.27
CA LEU M 176 -13.39 39.24 -9.22
C LEU M 176 -12.85 38.59 -7.95
N THR M 177 -13.39 38.95 -6.79
CA THR M 177 -12.88 38.38 -5.56
C THR M 177 -13.13 36.88 -5.45
N ARG M 178 -14.31 36.41 -5.87
CA ARG M 178 -14.53 34.95 -5.79
C ARG M 178 -13.67 34.23 -6.83
N PHE M 179 -13.39 34.90 -7.95
CA PHE M 179 -12.56 34.27 -8.97
C PHE M 179 -11.13 34.13 -8.46
N PHE M 180 -10.67 35.10 -7.67
CA PHE M 180 -9.31 35.02 -7.12
C PHE M 180 -9.22 33.84 -6.16
N ALA M 181 -10.23 33.67 -5.32
CA ALA M 181 -10.21 32.56 -4.40
C ALA M 181 -10.18 31.25 -5.21
N LEU M 182 -11.04 31.15 -6.23
CA LEU M 182 -11.07 29.95 -7.08
C LEU M 182 -9.76 29.69 -7.80
N HIS M 183 -9.12 30.75 -8.27
CA HIS M 183 -7.88 30.59 -8.97
C HIS M 183 -6.78 30.10 -8.04
N PHE M 184 -6.79 30.62 -6.81
CA PHE M 184 -5.80 30.25 -5.81
C PHE M 184 -6.03 28.80 -5.42
N LEU M 185 -7.30 28.43 -5.25
CA LEU M 185 -7.68 27.09 -4.85
C LEU M 185 -7.51 25.92 -5.84
N LEU M 186 -8.12 26.02 -7.03
CA LEU M 186 -8.08 24.94 -8.03
C LEU M 186 -6.73 24.24 -8.31
N PRO M 187 -5.65 25.02 -8.45
CA PRO M 187 -4.37 24.36 -8.70
C PRO M 187 -4.11 23.28 -7.66
N PHE M 188 -4.55 23.50 -6.43
CA PHE M 188 -4.32 22.51 -5.39
C PHE M 188 -5.15 21.30 -5.58
N ALA M 189 -6.32 21.45 -6.22
CA ALA M 189 -7.17 20.30 -6.55
C ALA M 189 -6.44 19.52 -7.67
N ILE M 190 -5.91 20.26 -8.64
CA ILE M 190 -5.17 19.63 -9.71
C ILE M 190 -4.05 18.77 -9.13
N ALA M 191 -3.26 19.33 -8.21
CA ALA M 191 -2.17 18.57 -7.60
C ALA M 191 -2.74 17.33 -6.92
N GLY M 192 -3.84 17.50 -6.20
CA GLY M 192 -4.44 16.36 -5.54
C GLY M 192 -4.82 15.28 -6.53
N ILE M 193 -5.67 15.64 -7.50
CA ILE M 193 -6.13 14.72 -8.52
C ILE M 193 -4.97 14.11 -9.29
N THR M 194 -3.91 14.87 -9.50
CA THR M 194 -2.75 14.31 -10.19
C THR M 194 -2.23 13.07 -9.43
N ILE M 195 -2.33 13.09 -8.11
CA ILE M 195 -1.86 11.95 -7.33
C ILE M 195 -2.75 10.75 -7.60
N ILE M 196 -4.05 10.98 -7.67
CA ILE M 196 -5.00 9.90 -7.93
C ILE M 196 -4.70 9.35 -9.34
N HIS M 197 -4.47 10.27 -10.27
CA HIS M 197 -4.13 9.95 -11.65
C HIS M 197 -2.99 8.92 -11.65
N LEU M 198 -1.88 9.29 -11.01
CA LEU M 198 -0.71 8.41 -10.93
C LEU M 198 -0.96 7.14 -10.11
N THR M 199 -1.94 7.19 -9.22
CA THR M 199 -2.23 6.02 -8.41
C THR M 199 -2.92 4.95 -9.24
N PHE M 200 -3.90 5.37 -10.03
CA PHE M 200 -4.57 4.42 -10.91
C PHE M 200 -3.53 3.92 -11.90
N LEU M 201 -2.76 4.85 -12.45
CA LEU M 201 -1.75 4.48 -13.41
C LEU M 201 -0.84 3.35 -12.91
N HIS M 202 -0.31 3.50 -11.69
CA HIS M 202 0.58 2.48 -11.16
C HIS M 202 -0.04 1.10 -10.99
N GLU M 203 -1.35 1.00 -11.11
CA GLU M 203 -2.01 -0.29 -10.99
C GLU M 203 -1.54 -1.17 -12.15
N SER M 204 -1.43 -0.56 -13.32
CA SER M 204 -1.03 -1.25 -14.55
C SER M 204 0.41 -0.99 -14.98
N GLY M 205 0.89 0.23 -14.74
CA GLY M 205 2.22 0.60 -15.17
C GLY M 205 2.01 1.26 -16.51
N SER M 206 3.07 1.77 -17.10
CA SER M 206 2.95 2.43 -18.40
C SER M 206 2.71 1.50 -19.58
N ASN M 207 2.03 2.05 -20.58
CA ASN M 207 1.74 1.36 -21.82
C ASN M 207 3.00 1.68 -22.63
N ASN M 208 3.12 1.17 -23.85
CA ASN M 208 4.30 1.50 -24.64
C ASN M 208 3.91 1.65 -26.09
N PRO M 209 4.79 2.24 -26.91
CA PRO M 209 4.44 2.42 -28.33
C PRO M 209 4.05 1.20 -29.19
N LEU M 210 4.48 -0.01 -28.85
CA LEU M 210 4.07 -1.15 -29.67
C LEU M 210 2.74 -1.73 -29.22
N GLY M 211 2.28 -1.31 -28.05
CA GLY M 211 1.01 -1.79 -27.54
C GLY M 211 0.96 -3.24 -27.07
N ILE M 212 2.12 -3.84 -26.83
CA ILE M 212 2.16 -5.23 -26.37
C ILE M 212 2.81 -5.27 -25.00
N SER M 213 2.57 -6.33 -24.25
CA SER M 213 3.13 -6.45 -22.90
C SER M 213 4.62 -6.23 -22.79
N SER M 214 5.03 -5.31 -21.92
CA SER M 214 6.44 -5.03 -21.74
C SER M 214 7.06 -5.69 -20.51
N ASP M 215 6.36 -6.69 -19.95
CA ASP M 215 6.83 -7.42 -18.76
C ASP M 215 8.13 -8.15 -19.05
N SER M 216 8.29 -8.51 -20.31
CA SER M 216 9.46 -9.22 -20.79
C SER M 216 10.69 -8.32 -20.80
N ASP M 217 10.49 -7.01 -20.71
CA ASP M 217 11.60 -6.08 -20.77
C ASP M 217 11.35 -4.77 -20.04
N LYS M 218 11.47 -4.78 -18.72
CA LYS M 218 11.26 -3.56 -17.95
C LYS M 218 12.58 -3.09 -17.33
N ILE M 219 12.70 -1.78 -17.18
CA ILE M 219 13.92 -1.19 -16.62
C ILE M 219 13.50 -0.23 -15.54
N PRO M 220 14.37 0.00 -14.55
CA PRO M 220 14.02 0.91 -13.46
C PRO M 220 13.89 2.35 -13.94
N PHE M 221 12.86 3.03 -13.47
CA PHE M 221 12.61 4.43 -13.81
C PHE M 221 13.91 5.25 -13.72
N HIS M 222 14.70 4.99 -12.68
CA HIS M 222 15.98 5.68 -12.49
C HIS M 222 17.10 4.69 -12.80
N PRO M 223 18.14 5.14 -13.56
CA PRO M 223 18.35 6.47 -14.13
C PRO M 223 17.79 6.70 -15.52
N TYR M 224 17.32 5.63 -16.16
CA TYR M 224 16.82 5.75 -17.52
C TYR M 224 15.85 6.88 -17.79
N TYR M 225 14.73 6.89 -17.10
CA TYR M 225 13.74 7.92 -17.33
C TYR M 225 13.95 9.21 -16.58
N SER M 226 14.61 9.16 -15.42
CA SER M 226 14.86 10.39 -14.69
C SER M 226 15.78 11.21 -15.60
N PHE M 227 16.73 10.56 -16.26
CA PHE M 227 17.61 11.28 -17.16
C PHE M 227 16.87 11.69 -18.42
N LYS M 228 16.14 10.75 -19.01
CA LYS M 228 15.39 11.04 -20.22
C LYS M 228 14.45 12.21 -19.96
N ASP M 229 13.78 12.19 -18.80
CA ASP M 229 12.85 13.24 -18.46
C ASP M 229 13.51 14.60 -18.18
N ILE M 230 14.66 14.58 -17.52
CA ILE M 230 15.39 15.82 -17.24
C ILE M 230 15.80 16.43 -18.57
N LEU M 231 16.20 15.58 -19.51
CA LEU M 231 16.60 16.04 -20.82
C LEU M 231 15.38 16.66 -21.50
N GLY M 232 14.27 15.93 -21.46
CA GLY M 232 13.05 16.41 -22.07
C GLY M 232 12.62 17.74 -21.48
N LEU M 233 12.91 17.93 -20.19
CA LEU M 233 12.57 19.18 -19.52
C LEU M 233 13.34 20.35 -20.15
N THR M 234 14.67 20.25 -20.21
CA THR M 234 15.48 21.31 -20.80
C THR M 234 15.16 21.52 -22.27
N LEU M 235 14.85 20.46 -22.99
CA LEU M 235 14.54 20.61 -24.40
C LEU M 235 13.30 21.48 -24.60
N MET M 236 12.27 21.26 -23.78
CA MET M 236 11.06 22.06 -23.91
C MET M 236 11.27 23.44 -23.29
N LEU M 237 11.83 23.45 -22.10
CA LEU M 237 12.08 24.69 -21.38
C LEU M 237 12.80 25.78 -22.18
N THR M 238 13.61 25.39 -23.17
CA THR M 238 14.34 26.36 -23.98
C THR M 238 13.40 27.23 -24.80
N PRO M 239 12.56 26.62 -25.65
CA PRO M 239 11.64 27.44 -26.44
C PRO M 239 10.74 28.29 -25.53
N PHE M 240 10.31 27.71 -24.42
CA PHE M 240 9.47 28.41 -23.44
C PHE M 240 10.16 29.72 -23.04
N LEU M 241 11.35 29.60 -22.46
CA LEU M 241 12.10 30.78 -22.05
C LEU M 241 12.40 31.73 -23.20
N THR M 242 12.73 31.18 -24.36
CA THR M 242 13.04 31.99 -25.54
C THR M 242 11.87 32.91 -25.86
N LEU M 243 10.67 32.34 -25.81
CA LEU M 243 9.45 33.08 -26.05
C LEU M 243 9.22 34.12 -24.93
N ALA M 244 9.25 33.68 -23.69
CA ALA M 244 9.02 34.58 -22.56
C ALA M 244 10.06 35.68 -22.39
N LEU M 245 11.27 35.45 -22.86
CA LEU M 245 12.31 36.45 -22.70
C LEU M 245 12.55 37.31 -23.93
N PHE M 246 12.26 36.77 -25.12
CA PHE M 246 12.47 37.54 -26.34
C PHE M 246 11.19 38.05 -26.99
N SER M 247 10.09 37.36 -26.78
CA SER M 247 8.82 37.78 -27.37
C SER M 247 7.69 37.59 -26.34
N PRO M 248 7.81 38.26 -25.18
CA PRO M 248 6.89 38.25 -24.04
C PRO M 248 5.41 38.34 -24.36
N ASN M 249 5.06 39.24 -25.27
CA ASN M 249 3.65 39.45 -25.63
C ASN M 249 3.20 38.79 -26.92
N LEU M 250 4.00 37.87 -27.44
CA LEU M 250 3.62 37.20 -28.66
C LEU M 250 2.23 36.59 -28.59
N LEU M 251 1.95 35.84 -27.54
CA LEU M 251 0.65 35.17 -27.40
C LEU M 251 -0.50 35.96 -26.79
N GLY M 252 -0.19 37.09 -26.17
CA GLY M 252 -1.24 37.86 -25.52
C GLY M 252 -1.97 38.91 -26.33
N ASP M 253 -3.15 39.28 -25.88
CA ASP M 253 -3.95 40.28 -26.55
C ASP M 253 -3.63 41.68 -26.03
N PRO M 254 -3.25 42.59 -26.93
CA PRO M 254 -2.92 43.97 -26.56
C PRO M 254 -4.11 44.66 -25.86
N GLU M 255 -5.31 44.17 -26.14
CA GLU M 255 -6.52 44.69 -25.57
C GLU M 255 -6.50 44.58 -24.01
N ASN M 256 -5.68 43.68 -23.48
CA ASN M 256 -5.61 43.50 -22.03
C ASN M 256 -4.64 44.47 -21.40
N PHE M 257 -4.07 45.37 -22.18
CA PHE M 257 -3.20 46.38 -21.62
C PHE M 257 -4.07 47.63 -21.44
N THR M 258 -5.37 47.41 -21.46
CA THR M 258 -6.32 48.49 -21.28
C THR M 258 -7.28 48.13 -20.14
N PRO M 259 -7.35 48.98 -19.12
CA PRO M 259 -8.25 48.68 -18.02
C PRO M 259 -9.67 48.33 -18.50
N ALA M 260 -10.22 47.28 -17.95
CA ALA M 260 -11.57 46.86 -18.29
C ALA M 260 -12.48 48.07 -18.25
N ASN M 261 -13.44 48.11 -19.16
CA ASN M 261 -14.41 49.19 -19.26
C ASN M 261 -15.68 48.51 -19.74
N PRO M 262 -16.73 48.48 -18.91
CA PRO M 262 -17.99 47.84 -19.31
C PRO M 262 -18.78 48.62 -20.35
N LEU M 263 -18.30 49.81 -20.70
CA LEU M 263 -18.97 50.65 -21.68
C LEU M 263 -18.22 50.69 -22.99
N VAL M 264 -17.46 49.64 -23.29
CA VAL M 264 -16.73 49.60 -24.52
C VAL M 264 -16.42 48.16 -24.86
N THR M 265 -17.16 47.62 -25.81
CA THR M 265 -16.94 46.24 -26.21
C THR M 265 -15.82 46.13 -27.19
N PRO M 266 -14.80 45.33 -26.88
CA PRO M 266 -13.72 45.24 -27.87
C PRO M 266 -14.31 44.65 -29.15
N PRO M 267 -13.72 44.98 -30.30
CA PRO M 267 -14.13 44.52 -31.63
C PRO M 267 -14.07 43.01 -31.76
N HIS M 268 -12.97 42.42 -31.31
CA HIS M 268 -12.80 40.99 -31.41
C HIS M 268 -12.49 40.32 -30.08
N ILE M 269 -13.54 39.84 -29.42
CA ILE M 269 -13.44 39.16 -28.15
C ILE M 269 -13.09 37.72 -28.46
N LYS M 270 -11.83 37.37 -28.23
CA LYS M 270 -11.41 36.00 -28.48
C LYS M 270 -10.44 35.57 -27.38
N PRO M 271 -10.46 34.29 -27.00
CA PRO M 271 -9.60 33.74 -25.95
C PRO M 271 -8.15 33.51 -26.31
N GLU M 272 -7.39 33.08 -25.30
CA GLU M 272 -6.00 32.74 -25.46
C GLU M 272 -6.04 31.58 -26.45
N TRP M 273 -4.91 31.33 -27.11
CA TRP M 273 -4.90 30.28 -28.11
C TRP M 273 -5.47 28.93 -27.69
N TYR M 274 -5.08 28.43 -26.52
CA TYR M 274 -5.52 27.12 -26.05
C TYR M 274 -7.02 26.90 -25.85
N PHE M 275 -7.83 27.94 -26.07
CA PHE M 275 -9.30 27.84 -25.92
C PHE M 275 -9.98 28.06 -27.28
N LEU M 276 -9.23 28.62 -28.22
CA LEU M 276 -9.74 28.92 -29.58
C LEU M 276 -10.51 27.78 -30.24
N PHE M 277 -9.97 26.57 -30.19
CA PHE M 277 -10.66 25.44 -30.80
C PHE M 277 -12.07 25.30 -30.27
N ALA M 278 -12.22 25.47 -28.97
CA ALA M 278 -13.53 25.34 -28.34
C ALA M 278 -14.40 26.55 -28.59
N TYR M 279 -13.76 27.69 -28.77
CA TYR M 279 -14.49 28.92 -29.02
C TYR M 279 -15.10 28.85 -30.41
N ALA M 280 -14.39 28.19 -31.31
CA ALA M 280 -14.84 28.00 -32.68
C ALA M 280 -16.08 27.10 -32.69
N ILE M 281 -15.99 25.99 -31.95
CA ILE M 281 -17.10 25.08 -31.88
C ILE M 281 -18.29 25.76 -31.24
N LEU M 282 -18.02 26.63 -30.27
CA LEU M 282 -19.08 27.35 -29.58
C LEU M 282 -19.90 28.13 -30.58
N ARG M 283 -19.22 28.95 -31.37
CA ARG M 283 -19.87 29.80 -32.35
C ARG M 283 -20.39 29.07 -33.58
N SER M 284 -19.99 27.81 -33.75
CA SER M 284 -20.46 27.03 -34.90
C SER M 284 -21.97 26.81 -34.87
N ILE M 285 -22.54 26.75 -33.67
CA ILE M 285 -23.97 26.54 -33.52
C ILE M 285 -24.68 27.84 -33.19
N PRO M 286 -25.24 28.51 -34.21
CA PRO M 286 -25.95 29.76 -33.94
C PRO M 286 -27.21 29.40 -33.17
N ASN M 287 -27.18 29.63 -31.86
CA ASN M 287 -28.30 29.32 -30.97
C ASN M 287 -27.66 29.17 -29.60
N LYS M 288 -27.77 30.22 -28.80
CA LYS M 288 -27.14 30.22 -27.49
C LYS M 288 -27.09 28.85 -26.81
N LEU M 289 -28.22 28.19 -26.63
CA LEU M 289 -28.21 26.88 -25.97
C LEU M 289 -27.45 25.78 -26.71
N GLY M 290 -27.68 25.66 -28.01
CA GLY M 290 -27.00 24.64 -28.78
C GLY M 290 -25.49 24.77 -28.76
N GLY M 291 -25.03 26.02 -28.86
CA GLY M 291 -23.59 26.30 -28.86
C GLY M 291 -22.97 25.91 -27.55
N VAL M 292 -23.65 26.21 -26.46
CA VAL M 292 -23.16 25.87 -25.14
C VAL M 292 -23.01 24.35 -25.02
N LEU M 293 -24.03 23.62 -25.47
CA LEU M 293 -23.92 22.17 -25.40
C LEU M 293 -22.74 21.71 -26.26
N ALA M 294 -22.61 22.30 -27.45
CA ALA M 294 -21.51 21.93 -28.34
C ALA M 294 -20.17 22.14 -27.65
N LEU M 295 -20.03 23.30 -27.00
CA LEU M 295 -18.80 23.63 -26.29
C LEU M 295 -18.52 22.56 -25.25
N ALA M 296 -19.51 22.30 -24.41
CA ALA M 296 -19.41 21.30 -23.37
C ALA M 296 -19.01 19.96 -23.99
N ALA M 297 -19.76 19.51 -24.98
CA ALA M 297 -19.47 18.25 -25.61
C ALA M 297 -18.06 18.19 -26.22
N SER M 298 -17.55 19.32 -26.70
CA SER M 298 -16.23 19.31 -27.31
C SER M 298 -15.15 18.80 -26.37
N VAL M 299 -15.38 18.90 -25.06
CA VAL M 299 -14.39 18.41 -24.10
C VAL M 299 -14.89 17.16 -23.40
N LEU M 300 -16.17 17.14 -23.06
CA LEU M 300 -16.73 15.98 -22.40
C LEU M 300 -16.63 14.75 -23.30
N ILE M 301 -16.53 14.97 -24.60
CA ILE M 301 -16.42 13.88 -25.56
C ILE M 301 -15.30 12.92 -25.15
N LEU M 302 -14.25 13.45 -24.52
CA LEU M 302 -13.11 12.64 -24.08
C LEU M 302 -13.47 11.46 -23.16
N PHE M 303 -14.58 11.60 -22.43
CA PHE M 303 -15.02 10.55 -21.54
C PHE M 303 -15.54 9.34 -22.32
N LEU M 304 -15.79 9.51 -23.63
CA LEU M 304 -16.32 8.43 -24.45
C LEU M 304 -15.26 7.62 -25.16
N ILE M 305 -14.10 8.24 -25.38
CA ILE M 305 -13.03 7.56 -26.07
C ILE M 305 -12.81 6.10 -25.66
N PRO M 306 -12.76 5.81 -24.35
CA PRO M 306 -12.55 4.40 -23.96
C PRO M 306 -13.59 3.45 -24.52
N PHE M 307 -14.80 3.93 -24.79
CA PHE M 307 -15.85 3.07 -25.31
C PHE M 307 -15.96 3.05 -26.82
N LEU M 308 -15.04 3.70 -27.52
CA LEU M 308 -15.13 3.71 -28.97
C LEU M 308 -13.93 3.02 -29.59
N HIS M 309 -13.30 2.14 -28.82
CA HIS M 309 -12.16 1.40 -29.31
C HIS M 309 -12.63 0.06 -29.87
N LYS M 310 -12.44 -0.12 -31.17
CA LYS M 310 -12.88 -1.34 -31.84
C LYS M 310 -11.72 -2.19 -32.30
N SER M 311 -10.57 -1.58 -32.49
CA SER M 311 -9.40 -2.31 -32.94
C SER M 311 -9.04 -3.49 -32.04
N LYS M 312 -8.37 -4.47 -32.62
CA LYS M 312 -7.95 -5.66 -31.87
C LYS M 312 -6.55 -5.39 -31.36
N GLN M 313 -6.00 -4.28 -31.80
CA GLN M 313 -4.67 -3.87 -31.39
C GLN M 313 -4.84 -2.58 -30.57
N ARG M 314 -3.91 -2.37 -29.63
CA ARG M 314 -4.01 -1.20 -28.77
C ARG M 314 -3.63 0.14 -29.37
N THR M 315 -2.41 0.23 -29.88
CA THR M 315 -1.95 1.49 -30.46
C THR M 315 -2.33 1.63 -31.92
N MET M 316 -1.82 2.69 -32.53
CA MET M 316 -2.08 2.95 -33.93
C MET M 316 -0.79 2.72 -34.69
N THR M 317 0.22 2.20 -34.00
CA THR M 317 1.49 1.95 -34.64
C THR M 317 1.37 1.10 -35.89
N PHE M 318 0.55 0.06 -35.84
CA PHE M 318 0.37 -0.84 -36.98
C PHE M 318 -0.99 -0.69 -37.67
N ARG M 319 -1.59 0.49 -37.55
CA ARG M 319 -2.88 0.78 -38.16
C ARG M 319 -2.77 2.06 -39.01
N PRO M 320 -2.26 1.93 -40.24
CA PRO M 320 -2.10 3.08 -41.14
C PRO M 320 -3.38 3.85 -41.47
N LEU M 321 -4.52 3.19 -41.58
CA LEU M 321 -5.75 3.91 -41.87
C LEU M 321 -6.10 4.82 -40.70
N SER M 322 -5.91 4.30 -39.49
CA SER M 322 -6.19 5.07 -38.29
C SER M 322 -5.19 6.21 -38.17
N GLN M 323 -3.94 5.93 -38.53
CA GLN M 323 -2.92 6.96 -38.46
C GLN M 323 -3.27 8.21 -39.24
N THR M 324 -3.76 8.06 -40.45
CA THR M 324 -4.09 9.24 -41.22
C THR M 324 -5.31 9.89 -40.60
N LEU M 325 -6.29 9.08 -40.21
CA LEU M 325 -7.46 9.64 -39.58
C LEU M 325 -6.99 10.48 -38.38
N PHE M 326 -6.01 9.95 -37.65
CA PHE M 326 -5.46 10.65 -36.50
C PHE M 326 -4.93 12.02 -36.88
N TRP M 327 -4.05 12.07 -37.88
CA TRP M 327 -3.50 13.35 -38.30
C TRP M 327 -4.52 14.25 -38.97
N LEU M 328 -5.56 13.65 -39.53
CA LEU M 328 -6.60 14.44 -40.13
C LEU M 328 -7.19 15.25 -38.99
N LEU M 329 -7.43 14.54 -37.89
CA LEU M 329 -7.99 15.12 -36.67
C LEU M 329 -7.13 16.24 -36.11
N VAL M 330 -5.83 16.00 -36.06
CA VAL M 330 -4.90 16.99 -35.56
C VAL M 330 -5.03 18.25 -36.40
N ALA M 331 -5.07 18.08 -37.73
CA ALA M 331 -5.21 19.23 -38.62
C ALA M 331 -6.57 19.87 -38.37
N ASN M 332 -7.56 19.02 -38.13
CA ASN M 332 -8.91 19.49 -37.87
C ASN M 332 -8.85 20.51 -36.73
N LEU M 333 -8.06 20.18 -35.71
CA LEU M 333 -7.88 21.04 -34.55
C LEU M 333 -7.16 22.36 -34.86
N LEU M 334 -6.10 22.33 -35.67
CA LEU M 334 -5.43 23.57 -36.03
C LEU M 334 -6.43 24.45 -36.78
N ILE M 335 -7.27 23.83 -37.61
CA ILE M 335 -8.25 24.60 -38.35
C ILE M 335 -9.22 25.28 -37.39
N LEU M 336 -9.77 24.52 -36.43
CA LEU M 336 -10.70 25.10 -35.45
C LEU M 336 -10.01 26.24 -34.66
N THR M 337 -8.76 26.01 -34.26
CA THR M 337 -7.98 27.01 -33.56
C THR M 337 -7.97 28.28 -34.39
N TRP M 338 -7.68 28.12 -35.68
CA TRP M 338 -7.63 29.24 -36.61
C TRP M 338 -9.01 29.92 -36.77
N ILE M 339 -10.04 29.12 -36.97
CA ILE M 339 -11.37 29.71 -37.11
C ILE M 339 -11.70 30.49 -35.84
N GLY M 340 -11.32 29.94 -34.70
CA GLY M 340 -11.60 30.59 -33.43
C GLY M 340 -11.06 32.00 -33.31
N SER M 341 -9.92 32.27 -33.94
CA SER M 341 -9.31 33.59 -33.88
C SER M 341 -9.85 34.55 -34.92
N GLN M 342 -10.76 34.06 -35.76
CA GLN M 342 -11.32 34.88 -36.83
C GLN M 342 -12.70 35.42 -36.56
N PRO M 343 -13.03 36.58 -37.14
CA PRO M 343 -14.35 37.15 -36.92
C PRO M 343 -15.38 36.19 -37.46
N VAL M 344 -16.62 36.35 -37.01
CA VAL M 344 -17.71 35.49 -37.46
C VAL M 344 -18.32 35.97 -38.76
N GLU M 345 -17.64 35.63 -39.86
CA GLU M 345 -18.06 36.04 -41.19
C GLU M 345 -17.70 35.00 -42.23
N HIS M 346 -18.22 35.19 -43.44
CA HIS M 346 -17.90 34.29 -44.52
C HIS M 346 -16.47 34.60 -44.90
N PRO M 347 -15.68 33.58 -45.24
CA PRO M 347 -15.98 32.14 -45.30
C PRO M 347 -15.72 31.39 -44.00
N PHE M 348 -15.22 32.11 -43.00
CA PHE M 348 -14.92 31.51 -41.71
C PHE M 348 -16.11 30.79 -41.09
N ILE M 349 -17.31 31.33 -41.27
CA ILE M 349 -18.49 30.69 -40.69
C ILE M 349 -18.73 29.29 -41.20
N ILE M 350 -18.82 29.15 -42.51
CA ILE M 350 -19.07 27.84 -43.07
C ILE M 350 -17.91 26.88 -42.77
N ILE M 351 -16.68 27.36 -42.91
CA ILE M 351 -15.49 26.55 -42.63
C ILE M 351 -15.59 26.06 -41.18
N GLY M 352 -15.99 26.97 -40.29
CA GLY M 352 -16.12 26.63 -38.88
C GLY M 352 -17.04 25.46 -38.60
N GLN M 353 -18.22 25.46 -39.22
CA GLN M 353 -19.16 24.37 -38.99
C GLN M 353 -18.64 23.08 -39.58
N MET M 354 -17.89 23.20 -40.67
CA MET M 354 -17.34 22.01 -41.31
C MET M 354 -16.37 21.39 -40.32
N ALA M 355 -15.47 22.22 -39.81
CA ALA M 355 -14.46 21.77 -38.85
C ALA M 355 -15.11 21.22 -37.58
N SER M 356 -16.13 21.89 -37.07
CA SER M 356 -16.81 21.41 -35.86
C SER M 356 -17.45 20.06 -36.14
N LEU M 357 -18.12 19.95 -37.27
CA LEU M 357 -18.79 18.73 -37.62
C LEU M 357 -17.82 17.56 -37.85
N SER M 358 -16.72 17.83 -38.54
CA SER M 358 -15.75 16.77 -38.79
C SER M 358 -15.11 16.31 -37.49
N TYR M 359 -14.91 17.25 -36.57
CA TYR M 359 -14.32 16.95 -35.27
C TYR M 359 -15.07 15.82 -34.58
N PHE M 360 -16.36 16.01 -34.37
CA PHE M 360 -17.19 15.02 -33.71
C PHE M 360 -17.35 13.74 -34.51
N THR M 361 -17.39 13.86 -35.83
CA THR M 361 -17.54 12.70 -36.72
C THR M 361 -16.35 11.76 -36.62
N ILE M 362 -15.16 12.33 -36.71
CA ILE M 362 -13.94 11.57 -36.63
C ILE M 362 -13.83 10.77 -35.33
N LEU M 363 -14.18 11.39 -34.20
CA LEU M 363 -14.09 10.71 -32.92
C LEU M 363 -15.25 9.79 -32.66
N LEU M 364 -16.46 10.23 -33.00
CA LEU M 364 -17.63 9.40 -32.78
C LEU M 364 -17.91 8.33 -33.83
N ILE M 365 -17.75 8.67 -35.10
CA ILE M 365 -18.06 7.71 -36.15
C ILE M 365 -16.91 7.07 -36.89
N LEU M 366 -16.00 7.88 -37.41
CA LEU M 366 -14.90 7.33 -38.17
C LEU M 366 -13.89 6.46 -37.43
N PHE M 367 -13.39 6.93 -36.29
CA PHE M 367 -12.41 6.11 -35.59
C PHE M 367 -12.90 4.73 -35.27
N PRO M 368 -14.08 4.62 -34.63
CA PRO M 368 -14.55 3.27 -34.32
C PRO M 368 -14.77 2.43 -35.58
N THR M 369 -15.33 3.05 -36.62
CA THR M 369 -15.60 2.38 -37.88
C THR M 369 -14.34 1.89 -38.59
N ILE M 370 -13.39 2.76 -38.80
CA ILE M 370 -12.14 2.38 -39.45
C ILE M 370 -11.46 1.27 -38.67
N GLY M 371 -11.57 1.34 -37.35
CA GLY M 371 -10.95 0.32 -36.51
C GLY M 371 -11.52 -1.04 -36.82
N THR M 372 -12.85 -1.11 -36.93
CA THR M 372 -13.53 -2.36 -37.25
C THR M 372 -13.08 -2.83 -38.62
N LEU M 373 -13.09 -1.91 -39.59
CA LEU M 373 -12.67 -2.20 -40.95
C LEU M 373 -11.28 -2.82 -40.97
N GLU M 374 -10.36 -2.23 -40.21
CA GLU M 374 -8.99 -2.72 -40.13
C GLU M 374 -8.91 -4.13 -39.53
N ASN M 375 -9.85 -4.45 -38.65
CA ASN M 375 -9.84 -5.76 -38.04
C ASN M 375 -10.08 -6.79 -39.12
N LYS M 376 -10.96 -6.49 -40.06
CA LYS M 376 -11.25 -7.40 -41.14
C LYS M 376 -10.06 -7.56 -42.05
N MET M 377 -9.40 -6.46 -42.37
CA MET M 377 -8.24 -6.51 -43.24
C MET M 377 -7.08 -7.31 -42.66
N LEU M 378 -7.21 -7.71 -41.41
CA LEU M 378 -6.20 -8.53 -40.74
C LEU M 378 -6.75 -9.93 -40.61
N ASN M 379 -7.93 -10.11 -41.20
CA ASN M 379 -8.63 -11.39 -41.17
C ASN M 379 -8.97 -11.77 -39.74
N TYR M 380 -9.58 -10.81 -39.06
CA TYR M 380 -10.00 -10.92 -37.65
C TYR M 380 -11.46 -10.57 -37.54
N GLY N 1 -15.19 51.72 -40.62
CA GLY N 1 -16.08 51.32 -41.75
C GLY N 1 -15.40 50.40 -42.75
N GLU N 2 -14.87 49.28 -42.27
CA GLU N 2 -14.17 48.30 -43.10
C GLU N 2 -12.82 48.81 -43.58
N LEU N 3 -12.03 47.90 -44.14
CA LEU N 3 -10.71 48.24 -44.65
C LEU N 3 -9.88 49.10 -43.69
N GLU N 4 -8.67 48.62 -43.43
CA GLU N 4 -7.77 49.31 -42.54
C GLU N 4 -6.36 49.22 -43.08
N LEU N 5 -5.59 50.28 -42.88
CA LEU N 5 -4.22 50.30 -43.36
C LEU N 5 -3.29 49.83 -42.24
N HIS N 6 -2.50 48.80 -42.51
CA HIS N 6 -1.59 48.28 -41.51
C HIS N 6 -0.22 48.93 -41.66
N PRO N 7 0.31 49.48 -40.57
CA PRO N 7 1.63 50.12 -40.65
C PRO N 7 2.74 49.20 -41.15
N PRO N 8 3.87 49.78 -41.55
CA PRO N 8 5.01 49.02 -42.04
C PRO N 8 5.96 48.74 -40.88
N ALA N 9 6.90 47.84 -41.09
CA ALA N 9 7.83 47.51 -40.02
C ALA N 9 9.11 48.32 -40.09
N PHE N 10 9.21 49.35 -39.25
CA PHE N 10 10.42 50.13 -39.25
C PHE N 10 11.50 49.36 -38.50
N PRO N 11 12.77 49.57 -38.87
CA PRO N 11 13.90 48.89 -38.24
C PRO N 11 14.39 49.60 -36.97
N TRP N 12 13.65 49.47 -35.87
CA TRP N 12 14.07 50.12 -34.64
C TRP N 12 15.40 49.58 -34.12
N SER N 13 16.20 50.44 -33.50
CA SER N 13 17.49 50.04 -32.96
C SER N 13 17.37 49.10 -31.76
N HIS N 14 16.14 48.95 -31.26
CA HIS N 14 15.86 48.09 -30.11
C HIS N 14 15.01 46.89 -30.53
N GLY N 15 14.97 46.61 -31.84
CA GLY N 15 14.18 45.49 -32.34
C GLY N 15 14.86 44.14 -32.24
N GLY N 16 16.17 44.10 -32.45
CA GLY N 16 16.89 42.85 -32.37
C GLY N 16 16.68 42.20 -31.01
N PRO N 17 16.59 40.87 -30.95
CA PRO N 17 16.38 40.21 -29.67
C PRO N 17 17.50 40.55 -28.70
N LEU N 18 18.68 40.88 -29.22
CA LEU N 18 19.77 41.22 -28.34
C LEU N 18 20.09 42.71 -28.31
N SER N 19 19.21 43.51 -28.92
CA SER N 19 19.47 44.93 -28.97
C SER N 19 18.63 45.81 -28.05
N ALA N 20 19.34 46.45 -27.12
CA ALA N 20 18.75 47.34 -26.14
C ALA N 20 18.15 48.58 -26.80
N LEU N 21 17.59 49.46 -25.96
CA LEU N 21 17.02 50.70 -26.43
C LEU N 21 18.18 51.68 -26.57
N ASP N 22 18.05 52.64 -27.49
CA ASP N 22 19.06 53.68 -27.65
C ASP N 22 18.63 54.71 -26.63
N HIS N 23 19.30 54.69 -25.48
CA HIS N 23 18.93 55.60 -24.41
C HIS N 23 18.98 57.06 -24.75
N SER N 24 19.84 57.44 -25.70
CA SER N 24 19.90 58.83 -26.11
C SER N 24 18.59 59.19 -26.80
N SER N 25 18.06 58.25 -27.56
CA SER N 25 16.79 58.46 -28.25
C SER N 25 15.65 58.47 -27.22
N VAL N 26 15.77 57.64 -26.19
CA VAL N 26 14.73 57.59 -25.17
C VAL N 26 14.70 58.93 -24.45
N ARG N 27 15.87 59.49 -24.14
CA ARG N 27 15.94 60.77 -23.44
C ARG N 27 15.22 61.87 -24.23
N ARG N 28 15.47 61.94 -25.53
CA ARG N 28 14.81 62.96 -26.34
C ARG N 28 13.31 62.69 -26.35
N GLY N 29 12.94 61.42 -26.48
CA GLY N 29 11.53 61.04 -26.50
C GLY N 29 10.79 61.52 -25.27
N PHE N 30 11.51 61.54 -24.14
CA PHE N 30 10.95 62.00 -22.87
C PHE N 30 10.63 63.47 -23.02
N GLN N 31 11.58 64.21 -23.57
CA GLN N 31 11.42 65.64 -23.79
C GLN N 31 10.18 65.90 -24.63
N VAL N 32 10.01 65.14 -25.71
CA VAL N 32 8.85 65.30 -26.56
C VAL N 32 7.62 65.14 -25.67
N TYR N 33 7.51 64.00 -25.00
CA TYR N 33 6.35 63.76 -24.13
C TYR N 33 6.13 64.89 -23.13
N LYS N 34 7.19 65.25 -22.41
CA LYS N 34 7.11 66.29 -21.42
C LYS N 34 6.67 67.64 -21.96
N GLN N 35 7.16 68.02 -23.13
CA GLN N 35 6.82 69.32 -23.74
C GLN N 35 5.67 69.36 -24.72
N VAL N 36 5.25 68.21 -25.20
CA VAL N 36 4.17 68.16 -26.19
C VAL N 36 2.97 67.30 -25.78
N CYS N 37 3.20 66.00 -25.67
CA CYS N 37 2.15 65.04 -25.34
C CYS N 37 1.56 65.17 -23.94
N SER N 38 2.42 65.45 -22.96
CA SER N 38 1.97 65.57 -21.57
C SER N 38 0.93 66.66 -21.39
N ALA N 39 0.67 67.42 -22.43
CA ALA N 39 -0.33 68.47 -22.35
C ALA N 39 -1.72 67.85 -22.29
N CYS N 40 -1.91 66.71 -22.95
CA CYS N 40 -3.21 66.06 -22.96
C CYS N 40 -3.13 64.59 -22.57
N HIS N 41 -1.92 64.03 -22.60
CA HIS N 41 -1.73 62.63 -22.28
C HIS N 41 -1.06 62.34 -20.96
N SER N 42 -1.74 61.55 -20.14
CA SER N 42 -1.22 61.16 -18.84
C SER N 42 -0.37 59.92 -19.01
N MET N 43 0.57 59.76 -18.09
CA MET N 43 1.45 58.59 -18.08
C MET N 43 1.55 58.20 -16.63
N ASP N 44 0.44 57.71 -16.10
CA ASP N 44 0.32 57.34 -14.71
C ASP N 44 1.31 56.39 -14.06
N TYR N 45 1.83 55.44 -14.82
CA TYR N 45 2.74 54.45 -14.24
C TYR N 45 4.23 54.77 -14.18
N VAL N 46 4.61 55.95 -14.65
CA VAL N 46 6.02 56.30 -14.59
C VAL N 46 6.26 57.44 -13.63
N ALA N 47 7.36 57.37 -12.90
CA ALA N 47 7.72 58.40 -11.93
C ALA N 47 9.07 58.97 -12.29
N PHE N 48 9.35 60.19 -11.83
CA PHE N 48 10.61 60.82 -12.14
C PHE N 48 11.83 59.99 -11.75
N ARG N 49 11.74 59.28 -10.62
CA ARG N 49 12.87 58.45 -10.20
C ARG N 49 13.20 57.38 -11.24
N ASN N 50 12.20 56.95 -12.01
CA ASN N 50 12.41 55.94 -13.04
C ASN N 50 13.41 56.37 -14.11
N LEU N 51 13.54 57.69 -14.30
CA LEU N 51 14.46 58.23 -15.29
C LEU N 51 15.91 58.08 -14.86
N ILE N 52 16.14 58.19 -13.57
CA ILE N 52 17.48 58.09 -13.02
C ILE N 52 18.22 56.82 -13.46
N GLY N 53 19.40 57.00 -14.02
CA GLY N 53 20.20 55.87 -14.47
C GLY N 53 19.73 55.28 -15.79
N VAL N 54 18.73 55.91 -16.40
CA VAL N 54 18.22 55.40 -17.67
C VAL N 54 18.41 56.45 -18.76
N THR N 55 17.93 57.66 -18.50
CA THR N 55 18.02 58.76 -19.44
C THR N 55 18.47 60.03 -18.75
N HIS N 56 18.36 60.07 -17.42
CA HIS N 56 18.76 61.25 -16.69
C HIS N 56 19.60 61.00 -15.47
N THR N 57 20.22 62.08 -15.02
CA THR N 57 21.06 62.10 -13.84
C THR N 57 20.14 62.24 -12.66
N GLU N 58 20.60 61.85 -11.48
CA GLU N 58 19.75 62.00 -10.33
C GLU N 58 19.44 63.48 -10.12
N ALA N 59 20.45 64.33 -10.28
CA ALA N 59 20.26 65.78 -10.11
C ALA N 59 19.26 66.29 -11.14
N GLU N 60 19.38 65.79 -12.38
CA GLU N 60 18.47 66.18 -13.44
C GLU N 60 17.04 65.80 -13.12
N ALA N 61 16.85 64.56 -12.68
CA ALA N 61 15.52 64.06 -12.35
C ALA N 61 14.89 64.85 -11.21
N LYS N 62 15.70 65.16 -10.20
CA LYS N 62 15.17 65.91 -9.07
C LYS N 62 14.67 67.29 -9.53
N ALA N 63 15.39 67.91 -10.47
CA ALA N 63 15.01 69.21 -11.00
C ALA N 63 13.71 69.09 -11.81
N LEU N 64 13.63 68.06 -12.63
CA LEU N 64 12.46 67.81 -13.46
C LEU N 64 11.19 67.66 -12.63
N ALA N 65 11.31 66.95 -11.51
CA ALA N 65 10.17 66.73 -10.64
C ALA N 65 9.76 68.00 -9.93
N GLU N 66 10.72 68.87 -9.61
CA GLU N 66 10.43 70.12 -8.92
C GLU N 66 9.76 71.18 -9.77
N GLU N 67 9.81 71.01 -11.08
CA GLU N 67 9.16 71.94 -12.00
C GLU N 67 7.66 71.75 -11.83
N VAL N 68 7.26 70.71 -11.12
CA VAL N 68 5.84 70.42 -10.93
C VAL N 68 5.32 70.65 -9.50
N GLU N 69 4.10 71.15 -9.42
CA GLU N 69 3.46 71.36 -8.13
C GLU N 69 2.51 70.19 -7.96
N VAL N 70 2.57 69.53 -6.80
CA VAL N 70 1.68 68.41 -6.58
C VAL N 70 0.78 68.72 -5.41
N GLN N 71 -0.38 68.08 -5.38
CA GLN N 71 -1.33 68.30 -4.32
C GLN N 71 -1.09 67.27 -3.22
N ASP N 72 -0.71 67.75 -2.05
CA ASP N 72 -0.48 66.88 -0.91
C ASP N 72 -1.52 67.20 0.14
N GLY N 73 -1.37 66.61 1.32
CA GLY N 73 -2.32 66.88 2.39
C GLY N 73 -3.07 65.64 2.84
N PRO N 74 -4.02 65.80 3.76
CA PRO N 74 -4.42 67.06 4.39
C PRO N 74 -3.39 67.55 5.39
N ASP N 75 -3.48 68.83 5.73
CA ASP N 75 -2.57 69.43 6.70
C ASP N 75 -3.21 69.35 8.08
N GLU N 76 -2.83 70.26 8.98
CA GLU N 76 -3.35 70.26 10.35
C GLU N 76 -4.86 70.45 10.37
N ASN N 77 -5.34 71.43 9.60
CA ASN N 77 -6.77 71.73 9.55
C ASN N 77 -7.52 70.88 8.54
N GLY N 78 -6.88 69.80 8.10
CA GLY N 78 -7.49 68.90 7.15
C GLY N 78 -7.66 69.53 5.79
N GLU N 79 -6.69 70.36 5.41
CA GLU N 79 -6.71 71.05 4.13
C GLU N 79 -5.72 70.47 3.13
N LEU N 80 -6.09 70.50 1.86
CA LEU N 80 -5.21 70.02 0.81
C LEU N 80 -4.29 71.22 0.54
N PHE N 81 -3.15 70.99 -0.08
CA PHE N 81 -2.22 72.08 -0.36
C PHE N 81 -1.22 71.68 -1.43
N MET N 82 -0.53 72.67 -1.99
CA MET N 82 0.45 72.40 -3.02
C MET N 82 1.83 72.25 -2.42
N ARG N 83 2.73 71.63 -3.17
CA ARG N 83 4.11 71.46 -2.75
C ARG N 83 4.93 71.13 -3.98
N PRO N 84 6.25 71.42 -3.93
CA PRO N 84 7.10 71.11 -5.08
C PRO N 84 7.28 69.60 -5.17
N GLY N 85 7.38 69.08 -6.39
CA GLY N 85 7.52 67.66 -6.60
C GLY N 85 8.84 66.99 -6.22
N LYS N 86 8.75 65.69 -5.91
CA LYS N 86 9.89 64.88 -5.54
C LYS N 86 10.00 63.81 -6.62
N ILE N 87 11.15 63.15 -6.72
CA ILE N 87 11.34 62.10 -7.71
C ILE N 87 10.45 60.88 -7.49
N SER N 88 9.76 60.85 -6.35
CA SER N 88 8.87 59.76 -6.01
C SER N 88 7.48 59.99 -6.58
N ASP N 89 7.25 61.20 -7.10
CA ASP N 89 5.97 61.52 -7.68
C ASP N 89 5.91 60.97 -9.07
N TYR N 90 4.70 60.72 -9.55
CA TYR N 90 4.52 60.21 -10.90
C TYR N 90 4.24 61.39 -11.82
N PHE N 91 4.48 61.20 -13.12
CA PHE N 91 4.23 62.26 -14.08
C PHE N 91 2.82 62.77 -13.84
N PRO N 92 2.66 64.10 -13.76
CA PRO N 92 1.38 64.75 -13.49
C PRO N 92 0.28 64.46 -14.49
N LYS N 93 -0.97 64.39 -14.01
CA LYS N 93 -2.11 64.14 -14.87
C LYS N 93 -2.57 65.47 -15.45
N PRO N 94 -2.88 65.50 -16.75
CA PRO N 94 -3.35 66.72 -17.42
C PRO N 94 -4.76 67.07 -16.97
N TYR N 95 -5.55 66.06 -16.64
CA TYR N 95 -6.93 66.28 -16.19
C TYR N 95 -7.29 65.45 -14.97
N PRO N 96 -8.16 66.00 -14.11
CA PRO N 96 -8.65 65.37 -12.88
C PRO N 96 -9.28 64.01 -13.12
N ASN N 97 -10.07 63.92 -14.19
CA ASN N 97 -10.77 62.70 -14.54
C ASN N 97 -11.05 62.68 -16.04
N PRO N 98 -11.50 61.53 -16.57
CA PRO N 98 -11.79 61.42 -18.00
C PRO N 98 -12.85 62.41 -18.50
N GLU N 99 -13.86 62.66 -17.69
CA GLU N 99 -14.92 63.59 -18.07
C GLU N 99 -14.33 64.97 -18.43
N ALA N 100 -13.42 65.45 -17.59
CA ALA N 100 -12.79 66.74 -17.80
C ALA N 100 -11.89 66.70 -19.02
N ALA N 101 -11.27 65.54 -19.22
CA ALA N 101 -10.37 65.35 -20.36
C ALA N 101 -11.15 65.45 -21.68
N ARG N 102 -12.28 64.76 -21.77
CA ARG N 102 -13.12 64.78 -22.97
C ARG N 102 -13.66 66.17 -23.15
N ALA N 103 -14.03 66.77 -22.02
CA ALA N 103 -14.56 68.12 -22.01
C ALA N 103 -13.61 69.10 -22.71
N ALA N 104 -12.32 68.83 -22.64
CA ALA N 104 -11.30 69.70 -23.25
C ALA N 104 -10.74 69.17 -24.57
N ASN N 105 -11.35 68.14 -25.13
CA ASN N 105 -10.86 67.57 -26.38
C ASN N 105 -12.02 67.18 -27.28
N ASN N 106 -13.12 67.90 -27.14
CA ASN N 106 -14.29 67.64 -27.96
C ASN N 106 -14.87 66.27 -27.72
N GLY N 107 -15.08 65.93 -26.45
CA GLY N 107 -15.65 64.63 -26.13
C GLY N 107 -14.75 63.46 -26.48
N ALA N 108 -13.52 63.76 -26.90
CA ALA N 108 -12.56 62.71 -27.22
C ALA N 108 -11.68 62.50 -25.97
N LEU N 109 -11.28 61.26 -25.71
CA LEU N 109 -10.46 60.99 -24.55
C LEU N 109 -9.04 60.56 -24.87
N PRO N 110 -8.07 61.45 -24.65
CA PRO N 110 -6.70 61.04 -24.93
C PRO N 110 -6.29 60.03 -23.85
N PRO N 111 -6.04 58.78 -24.25
CA PRO N 111 -5.65 57.69 -23.33
C PRO N 111 -4.27 57.84 -22.68
N ASP N 112 -4.12 57.22 -21.52
CA ASP N 112 -2.86 57.23 -20.80
C ASP N 112 -1.87 56.50 -21.71
N LEU N 113 -0.65 57.03 -21.81
CA LEU N 113 0.34 56.41 -22.68
C LEU N 113 1.31 55.41 -22.03
N SER N 114 1.15 55.16 -20.75
CA SER N 114 2.04 54.25 -20.06
C SER N 114 2.21 52.89 -20.76
N TYR N 115 1.14 52.37 -21.35
CA TYR N 115 1.24 51.08 -22.01
C TYR N 115 0.79 51.13 -23.45
N ILE N 116 0.64 52.34 -23.99
CA ILE N 116 0.13 52.48 -25.35
C ILE N 116 0.72 51.59 -26.45
N VAL N 117 2.06 51.46 -26.50
CA VAL N 117 2.67 50.65 -27.54
C VAL N 117 2.38 49.15 -27.39
N ASN N 118 1.73 48.75 -26.29
CA ASN N 118 1.40 47.33 -26.11
C ASN N 118 -0.11 47.18 -26.13
N ALA N 119 -0.81 48.31 -26.06
CA ALA N 119 -2.26 48.32 -26.05
C ALA N 119 -2.78 48.49 -27.47
N ARG N 120 -1.85 48.59 -28.42
CA ARG N 120 -2.18 48.75 -29.82
C ARG N 120 -1.42 47.75 -30.67
N HIS N 121 -2.10 47.15 -31.65
CA HIS N 121 -1.43 46.22 -32.54
C HIS N 121 -0.51 47.11 -33.35
N GLY N 122 0.71 46.65 -33.61
CA GLY N 122 1.62 47.47 -34.38
C GLY N 122 2.64 48.12 -33.47
N GLY N 123 2.26 48.36 -32.22
CA GLY N 123 3.19 48.96 -31.30
C GLY N 123 3.74 50.27 -31.80
N GLU N 124 5.04 50.48 -31.65
CA GLU N 124 5.67 51.72 -32.08
C GLU N 124 5.55 51.98 -33.57
N ASP N 125 5.50 50.92 -34.37
CA ASP N 125 5.32 51.07 -35.81
C ASP N 125 3.97 51.74 -36.03
N TYR N 126 2.98 51.35 -35.23
CA TYR N 126 1.65 51.93 -35.35
C TYR N 126 1.66 53.38 -34.91
N VAL N 127 2.08 53.62 -33.67
CA VAL N 127 2.13 54.98 -33.15
C VAL N 127 2.93 55.90 -34.09
N PHE N 128 4.04 55.40 -34.64
CA PHE N 128 4.85 56.20 -35.55
C PHE N 128 4.14 56.51 -36.86
N SER N 129 3.54 55.50 -37.48
CA SER N 129 2.81 55.71 -38.73
C SER N 129 1.68 56.71 -38.52
N LEU N 130 1.01 56.62 -37.37
CA LEU N 130 -0.11 57.52 -37.04
C LEU N 130 0.35 58.96 -36.93
N LEU N 131 1.34 59.21 -36.08
CA LEU N 131 1.84 60.56 -35.89
C LEU N 131 2.28 61.22 -37.19
N THR N 132 2.95 60.46 -38.05
CA THR N 132 3.44 61.00 -39.32
C THR N 132 2.54 60.67 -40.50
N GLY N 133 1.32 60.17 -40.25
CA GLY N 133 0.46 59.79 -41.35
C GLY N 133 -0.79 60.60 -41.66
N TYR N 134 -0.94 61.78 -41.05
CA TYR N 134 -2.10 62.61 -41.32
C TYR N 134 -2.12 63.08 -42.77
N CYS N 135 -3.31 63.10 -43.37
CA CYS N 135 -3.46 63.52 -44.75
C CYS N 135 -4.92 63.77 -45.07
N ASP N 136 -5.19 64.30 -46.25
CA ASP N 136 -6.55 64.59 -46.64
C ASP N 136 -7.36 63.34 -46.97
N PRO N 137 -8.64 63.34 -46.61
CA PRO N 137 -9.49 62.19 -46.88
C PRO N 137 -9.65 61.94 -48.37
N PRO N 138 -9.72 60.67 -48.78
CA PRO N 138 -9.89 60.37 -50.20
C PRO N 138 -11.30 60.74 -50.63
N ALA N 139 -11.53 60.76 -51.94
CA ALA N 139 -12.84 61.10 -52.47
C ALA N 139 -13.94 60.21 -51.90
N GLY N 140 -15.10 60.81 -51.66
CA GLY N 140 -16.24 60.07 -51.13
C GLY N 140 -16.27 60.00 -49.61
N VAL N 141 -15.18 60.41 -48.98
CA VAL N 141 -15.07 60.37 -47.54
C VAL N 141 -15.10 61.74 -46.88
N VAL N 142 -16.02 61.91 -45.95
CA VAL N 142 -16.17 63.17 -45.23
C VAL N 142 -15.92 62.98 -43.75
N VAL N 143 -14.98 63.76 -43.21
CA VAL N 143 -14.62 63.71 -41.80
C VAL N 143 -15.50 64.69 -41.02
N ARG N 144 -16.32 64.20 -40.08
CA ARG N 144 -17.19 65.12 -39.33
C ARG N 144 -16.38 66.13 -38.53
N GLU N 145 -16.92 67.34 -38.42
CA GLU N 145 -16.25 68.42 -37.70
C GLU N 145 -15.67 67.99 -36.37
N GLY N 146 -14.44 68.44 -36.10
CA GLY N 146 -13.79 68.11 -34.85
C GLY N 146 -12.79 66.98 -35.00
N LEU N 147 -13.04 66.09 -35.97
CA LEU N 147 -12.16 64.97 -36.22
C LEU N 147 -11.17 65.28 -37.33
N HIS N 148 -10.05 64.57 -37.35
CA HIS N 148 -9.03 64.76 -38.36
C HIS N 148 -8.78 63.46 -39.08
N TYR N 149 -8.53 63.52 -40.38
CA TYR N 149 -8.31 62.31 -41.11
C TYR N 149 -6.92 61.72 -40.92
N ASN N 150 -6.90 60.42 -40.66
CA ASN N 150 -5.66 59.69 -40.50
C ASN N 150 -5.98 58.31 -41.05
N PRO N 151 -5.26 57.89 -42.08
CA PRO N 151 -5.54 56.57 -42.65
C PRO N 151 -5.19 55.41 -41.72
N TYR N 152 -4.27 55.65 -40.80
CA TYR N 152 -3.81 54.63 -39.87
C TYR N 152 -4.70 54.39 -38.64
N PHE N 153 -5.62 55.31 -38.38
CA PHE N 153 -6.52 55.17 -37.26
C PHE N 153 -7.76 54.40 -37.73
N PRO N 154 -8.22 53.42 -36.94
CA PRO N 154 -9.42 52.72 -37.42
C PRO N 154 -10.58 53.70 -37.59
N GLY N 155 -11.29 53.57 -38.71
CA GLY N 155 -12.40 54.47 -38.99
C GLY N 155 -11.84 55.70 -39.71
N GLN N 156 -10.52 55.84 -39.63
CA GLN N 156 -9.76 56.92 -40.25
C GLN N 156 -10.04 58.34 -39.79
N ALA N 157 -10.96 58.52 -38.86
CA ALA N 157 -11.26 59.87 -38.34
C ALA N 157 -10.85 59.94 -36.87
N ILE N 158 -9.67 60.46 -36.61
CA ILE N 158 -9.17 60.55 -35.25
C ILE N 158 -9.53 61.88 -34.60
N GLY N 159 -9.63 61.87 -33.27
CA GLY N 159 -9.96 63.09 -32.55
C GLY N 159 -8.72 63.86 -32.12
N MET N 160 -7.55 63.38 -32.51
CA MET N 160 -6.31 64.07 -32.17
C MET N 160 -5.76 64.83 -33.37
N ALA N 161 -5.65 66.14 -33.24
CA ALA N 161 -5.11 66.95 -34.31
C ALA N 161 -3.64 66.62 -34.40
N PRO N 162 -3.06 66.63 -35.61
CA PRO N 162 -1.64 66.32 -35.73
C PRO N 162 -0.91 67.03 -34.61
N PRO N 163 -0.32 66.26 -33.68
CA PRO N 163 0.42 66.78 -32.53
C PRO N 163 1.80 67.32 -32.80
N ILE N 164 2.46 66.82 -33.83
CA ILE N 164 3.80 67.29 -34.09
C ILE N 164 4.11 67.76 -35.51
N TYR N 165 5.00 68.74 -35.58
CA TYR N 165 5.48 69.33 -36.83
C TYR N 165 6.93 69.75 -36.64
N ASN N 166 7.65 69.91 -37.73
CA ASN N 166 9.06 70.28 -37.69
C ASN N 166 9.33 71.46 -36.75
N GLU N 167 10.42 71.34 -36.00
CA GLU N 167 10.83 72.37 -35.06
C GLU N 167 9.79 72.74 -34.00
N ILE N 168 8.77 71.92 -33.81
CA ILE N 168 7.75 72.24 -32.80
C ILE N 168 8.43 72.35 -31.43
N LEU N 169 9.69 71.93 -31.38
CA LEU N 169 10.47 72.00 -30.15
C LEU N 169 11.94 71.94 -30.53
N GLU N 170 12.82 72.10 -29.55
CA GLU N 170 14.25 72.04 -29.81
C GLU N 170 14.90 71.01 -28.90
N TYR N 171 15.65 70.09 -29.48
CA TYR N 171 16.34 69.08 -28.67
C TYR N 171 17.57 69.77 -28.09
N ASP N 172 17.69 69.79 -26.77
CA ASP N 172 18.84 70.45 -26.17
C ASP N 172 20.13 69.66 -26.32
N ASP N 173 20.11 68.60 -27.13
CA ASP N 173 21.30 67.80 -27.37
C ASP N 173 21.79 68.15 -28.77
N GLY N 174 21.05 69.06 -29.41
CA GLY N 174 21.40 69.49 -30.74
C GLY N 174 20.98 68.62 -31.91
N THR N 175 19.95 67.80 -31.73
CA THR N 175 19.51 66.96 -32.83
C THR N 175 18.50 67.76 -33.64
N PRO N 176 18.54 67.62 -34.97
CA PRO N 176 17.61 68.34 -35.86
C PRO N 176 16.17 67.89 -35.67
N ALA N 177 15.38 68.71 -35.00
CA ALA N 177 13.98 68.40 -34.69
C ALA N 177 12.98 68.34 -35.86
N THR N 178 13.20 67.41 -36.77
CA THR N 178 12.29 67.26 -37.89
C THR N 178 11.09 66.52 -37.34
N MET N 179 9.98 66.49 -38.07
CA MET N 179 8.79 65.80 -37.58
C MET N 179 9.01 64.30 -37.38
N SER N 180 9.58 63.62 -38.36
CA SER N 180 9.81 62.19 -38.24
C SER N 180 10.86 61.88 -37.18
N GLN N 181 11.82 62.77 -36.98
CA GLN N 181 12.83 62.55 -35.95
C GLN N 181 12.17 62.55 -34.58
N ILE N 182 11.26 63.50 -34.38
CA ILE N 182 10.52 63.63 -33.13
C ILE N 182 9.70 62.38 -32.89
N ALA N 183 8.85 62.01 -33.85
CA ALA N 183 8.01 60.83 -33.71
C ALA N 183 8.86 59.60 -33.36
N LYS N 184 9.99 59.45 -34.05
CA LYS N 184 10.88 58.34 -33.81
C LYS N 184 11.33 58.34 -32.35
N ASP N 185 11.76 59.49 -31.83
CA ASP N 185 12.21 59.57 -30.43
C ASP N 185 11.09 59.29 -29.42
N VAL N 186 9.94 59.93 -29.57
CA VAL N 186 8.85 59.72 -28.64
C VAL N 186 8.36 58.27 -28.67
N CYS N 187 8.45 57.63 -29.83
CA CYS N 187 8.03 56.25 -29.92
C CYS N 187 9.01 55.36 -29.18
N THR N 188 10.31 55.66 -29.29
CA THR N 188 11.32 54.88 -28.59
C THR N 188 11.09 55.08 -27.10
N PHE N 189 10.73 56.30 -26.71
CA PHE N 189 10.45 56.59 -25.32
C PHE N 189 9.24 55.79 -24.83
N LEU N 190 8.20 55.73 -25.66
CA LEU N 190 7.00 55.00 -25.32
C LEU N 190 7.27 53.52 -25.10
N ARG N 191 8.21 52.98 -25.87
CA ARG N 191 8.55 51.58 -25.74
C ARG N 191 9.08 51.40 -24.32
N TRP N 192 10.04 52.24 -23.95
CA TRP N 192 10.61 52.18 -22.61
C TRP N 192 9.57 52.38 -21.50
N ALA N 193 8.62 53.29 -21.71
CA ALA N 193 7.61 53.52 -20.70
C ALA N 193 6.77 52.26 -20.51
N ALA N 194 6.53 51.54 -21.59
CA ALA N 194 5.73 50.33 -21.52
C ALA N 194 6.48 49.18 -20.81
N GLU N 195 7.80 49.12 -20.98
CA GLU N 195 8.56 48.05 -20.38
C GLU N 195 9.99 48.39 -20.05
N PRO N 196 10.19 49.06 -18.91
CA PRO N 196 11.50 49.49 -18.41
C PRO N 196 12.47 48.33 -18.31
N GLU N 197 11.94 47.12 -18.16
CA GLU N 197 12.77 45.94 -18.04
C GLU N 197 13.38 45.54 -19.38
N HIS N 198 12.90 46.14 -20.46
CA HIS N 198 13.38 45.83 -21.81
C HIS N 198 14.85 45.36 -21.93
N ASP N 199 15.80 46.23 -21.58
CA ASP N 199 17.21 45.88 -21.68
C ASP N 199 17.58 44.69 -20.80
N GLN N 200 17.25 44.76 -19.52
CA GLN N 200 17.56 43.65 -18.62
C GLN N 200 16.95 42.36 -19.16
N ARG N 201 15.73 42.46 -19.68
CA ARG N 201 15.07 41.28 -20.21
C ARG N 201 15.88 40.62 -21.31
N LYS N 202 16.46 41.43 -22.19
CA LYS N 202 17.24 40.88 -23.29
C LYS N 202 18.61 40.39 -22.82
N ARG N 203 19.22 41.11 -21.89
CA ARG N 203 20.51 40.71 -21.37
C ARG N 203 20.33 39.31 -20.75
N MET N 204 19.18 39.11 -20.10
CA MET N 204 18.87 37.81 -19.49
C MET N 204 18.65 36.78 -20.59
N GLY N 205 17.94 37.18 -21.65
CA GLY N 205 17.70 36.26 -22.75
C GLY N 205 19.00 35.68 -23.27
N LEU N 206 20.01 36.54 -23.41
CA LEU N 206 21.31 36.10 -23.88
C LEU N 206 21.86 35.01 -22.95
N LYS N 207 21.90 35.30 -21.66
CA LYS N 207 22.40 34.33 -20.69
C LYS N 207 21.58 33.02 -20.71
N MET N 208 20.27 33.14 -20.89
CA MET N 208 19.40 31.97 -20.93
C MET N 208 19.82 31.08 -22.09
N LEU N 209 20.05 31.67 -23.25
CA LEU N 209 20.45 30.91 -24.44
C LEU N 209 21.77 30.18 -24.29
N LEU N 210 22.81 30.90 -23.88
CA LEU N 210 24.10 30.25 -23.72
C LEU N 210 24.00 29.07 -22.76
N ILE N 211 23.51 29.32 -21.56
CA ILE N 211 23.37 28.26 -20.57
C ILE N 211 22.48 27.15 -21.11
N SER N 212 21.41 27.52 -21.79
CA SER N 212 20.51 26.52 -22.35
C SER N 212 21.24 25.65 -23.39
N ALA N 213 22.09 26.26 -24.21
CA ALA N 213 22.84 25.52 -25.20
C ALA N 213 23.80 24.58 -24.49
N LEU N 214 24.60 25.13 -23.59
CA LEU N 214 25.57 24.36 -22.85
C LEU N 214 24.92 23.18 -22.11
N LEU N 215 23.98 23.50 -21.23
CA LEU N 215 23.29 22.51 -20.42
C LEU N 215 22.54 21.44 -21.21
N THR N 216 21.87 21.82 -22.29
CA THR N 216 21.16 20.83 -23.09
C THR N 216 22.12 19.84 -23.72
N SER N 217 23.22 20.33 -24.26
CA SER N 217 24.21 19.45 -24.87
C SER N 217 24.69 18.48 -23.80
N LEU N 218 25.20 19.01 -22.69
CA LEU N 218 25.69 18.21 -21.58
C LEU N 218 24.69 17.12 -21.17
N LEU N 219 23.43 17.49 -20.99
CA LEU N 219 22.43 16.53 -20.58
C LEU N 219 22.14 15.53 -21.67
N TYR N 220 22.30 15.93 -22.93
CA TYR N 220 22.05 14.99 -24.00
C TYR N 220 23.08 13.88 -23.94
N TYR N 221 24.33 14.25 -23.73
CA TYR N 221 25.41 13.28 -23.63
C TYR N 221 25.16 12.30 -22.50
N MET N 222 24.73 12.82 -21.36
CA MET N 222 24.48 12.00 -20.19
C MET N 222 23.36 11.00 -20.38
N LYS N 223 22.29 11.44 -21.03
CA LYS N 223 21.16 10.59 -21.31
C LYS N 223 21.67 9.47 -22.21
N ARG N 224 22.38 9.86 -23.27
CA ARG N 224 22.93 8.91 -24.23
C ARG N 224 23.87 7.89 -23.58
N HIS N 225 24.74 8.41 -22.71
CA HIS N 225 25.70 7.61 -21.97
C HIS N 225 25.01 6.48 -21.23
N LYS N 226 24.03 6.84 -20.40
CA LYS N 226 23.29 5.86 -19.62
C LYS N 226 22.56 4.88 -20.52
N TRP N 227 21.85 5.40 -21.51
CA TRP N 227 21.11 4.53 -22.41
C TRP N 227 21.98 3.65 -23.35
N SER N 228 23.26 4.00 -23.50
CA SER N 228 24.13 3.21 -24.37
C SER N 228 24.02 1.72 -24.02
N VAL N 229 23.85 1.44 -22.73
CA VAL N 229 23.72 0.07 -22.26
C VAL N 229 22.57 -0.68 -22.93
N LEU N 230 21.45 -0.01 -23.12
CA LEU N 230 20.30 -0.62 -23.76
C LEU N 230 20.38 -0.50 -25.29
N LYS N 231 20.90 0.62 -25.76
CA LYS N 231 21.01 0.84 -27.19
C LYS N 231 21.87 -0.20 -27.89
N SER N 232 23.03 -0.52 -27.31
CA SER N 232 23.92 -1.49 -27.90
C SER N 232 23.65 -2.94 -27.49
N ARG N 233 22.75 -3.11 -26.53
CA ARG N 233 22.39 -4.43 -26.02
C ARG N 233 22.01 -5.41 -27.13
N LYS N 234 22.48 -6.65 -27.00
CA LYS N 234 22.19 -7.69 -27.97
C LYS N 234 21.58 -8.87 -27.23
N MET N 235 20.61 -9.53 -27.86
CA MET N 235 19.96 -10.68 -27.25
C MET N 235 19.80 -11.86 -28.23
N ALA N 236 19.60 -13.04 -27.67
CA ALA N 236 19.44 -14.25 -28.46
C ALA N 236 18.46 -15.24 -27.84
N TYR N 237 17.78 -15.99 -28.69
CA TYR N 237 16.83 -17.00 -28.22
C TYR N 237 17.51 -18.37 -28.38
N ARG N 238 17.78 -19.02 -27.25
CA ARG N 238 18.44 -20.32 -27.25
C ARG N 238 17.68 -21.46 -26.59
N PRO N 239 16.60 -21.94 -27.22
CA PRO N 239 15.81 -23.04 -26.66
C PRO N 239 16.59 -24.34 -26.65
N PRO N 240 16.30 -25.24 -25.68
CA PRO N 240 17.00 -26.53 -25.61
C PRO N 240 16.92 -27.17 -26.98
N LYS N 241 15.76 -26.96 -27.61
CA LYS N 241 15.44 -27.43 -28.96
C LYS N 241 16.48 -28.40 -29.54
N VAL O 1 24.49 -26.79 -25.33
CA VAL O 1 25.14 -26.53 -24.02
C VAL O 1 25.74 -25.11 -23.93
N HIS O 2 25.96 -24.63 -22.72
CA HIS O 2 26.49 -23.29 -22.50
C HIS O 2 27.89 -23.09 -23.07
N ASN O 3 28.65 -24.17 -23.24
CA ASN O 3 30.00 -24.07 -23.78
C ASN O 3 29.97 -23.45 -25.18
N ASP O 4 28.88 -23.68 -25.89
CA ASP O 4 28.65 -23.16 -27.24
C ASP O 4 28.24 -21.68 -27.29
N VAL O 5 28.08 -21.06 -26.12
CA VAL O 5 27.67 -19.66 -26.08
C VAL O 5 28.86 -18.72 -25.96
N THR O 6 28.82 -17.64 -26.72
CA THR O 6 29.86 -16.63 -26.68
C THR O 6 29.27 -15.23 -26.83
N VAL O 7 30.00 -14.25 -26.30
CA VAL O 7 29.55 -12.88 -26.35
C VAL O 7 29.76 -12.29 -27.73
N PRO O 8 28.70 -11.71 -28.32
CA PRO O 8 28.82 -11.11 -29.65
C PRO O 8 29.91 -10.04 -29.63
N ASP O 9 30.32 -9.62 -30.81
CA ASP O 9 31.37 -8.61 -30.92
C ASP O 9 30.81 -7.20 -30.78
N PHE O 10 31.41 -6.41 -29.89
CA PHE O 10 30.98 -5.04 -29.63
C PHE O 10 31.90 -3.96 -30.23
N SER O 11 32.68 -4.33 -31.24
CA SER O 11 33.59 -3.39 -31.89
C SER O 11 32.84 -2.19 -32.46
N ALA O 12 31.61 -2.42 -32.93
CA ALA O 12 30.84 -1.32 -33.50
C ALA O 12 30.47 -0.28 -32.45
N TYR O 13 30.71 -0.60 -31.16
CA TYR O 13 30.35 0.31 -30.07
C TYR O 13 31.45 0.63 -29.11
N ARG O 14 32.43 -0.24 -28.97
CA ARG O 14 33.50 0.02 -28.04
C ARG O 14 34.15 1.37 -28.26
N ARG O 15 34.66 1.96 -27.19
CA ARG O 15 35.35 3.22 -27.29
C ARG O 15 36.70 2.84 -27.90
N GLU O 16 37.36 3.82 -28.51
CA GLU O 16 38.67 3.61 -29.14
C GLU O 16 39.68 2.84 -28.26
N ASP O 17 39.93 3.28 -27.03
CA ASP O 17 40.93 2.63 -26.17
C ASP O 17 40.71 1.19 -25.73
N VAL O 18 39.50 0.68 -25.82
CA VAL O 18 39.28 -0.69 -25.40
C VAL O 18 38.88 -1.54 -26.59
N MET O 19 39.21 -1.03 -27.78
CA MET O 19 38.88 -1.70 -29.02
C MET O 19 39.76 -2.94 -29.24
N ASP O 20 41.00 -2.87 -28.77
CA ASP O 20 41.97 -3.96 -28.94
C ASP O 20 41.97 -5.00 -27.82
N ALA O 21 41.58 -6.22 -28.18
CA ALA O 21 41.47 -7.36 -27.27
C ALA O 21 42.76 -7.82 -26.62
N THR O 22 43.89 -7.24 -26.99
CA THR O 22 45.14 -7.69 -26.39
C THR O 22 45.79 -6.63 -25.53
N THR O 23 45.06 -5.54 -25.31
CA THR O 23 45.54 -4.44 -24.49
C THR O 23 44.75 -4.39 -23.20
N SER O 24 45.41 -4.06 -22.09
CA SER O 24 44.72 -3.94 -20.81
C SER O 24 43.75 -2.77 -20.93
N SER O 25 42.51 -2.95 -20.48
CA SER O 25 41.55 -1.86 -20.57
C SER O 25 41.65 -0.94 -19.35
N GLN O 26 42.37 -1.38 -18.32
CA GLN O 26 42.53 -0.58 -17.13
C GLN O 26 43.32 0.71 -17.36
N THR O 27 44.39 0.62 -18.13
CA THR O 27 45.22 1.80 -18.38
C THR O 27 44.45 3.01 -18.89
N SER O 28 43.36 2.78 -19.62
CA SER O 28 42.55 3.91 -20.14
C SER O 28 41.26 4.13 -19.34
N SER O 29 41.07 3.37 -18.26
CA SER O 29 39.86 3.50 -17.46
C SER O 29 39.70 4.85 -16.76
N GLU O 30 40.75 5.39 -16.19
CA GLU O 30 40.60 6.68 -15.53
C GLU O 30 40.29 7.74 -16.59
N ASP O 31 40.72 7.48 -17.81
CA ASP O 31 40.48 8.37 -18.94
C ASP O 31 39.02 8.35 -19.36
N ARG O 32 38.49 7.15 -19.55
CA ARG O 32 37.10 7.02 -19.95
C ARG O 32 36.11 7.51 -18.88
N LYS O 33 36.43 7.27 -17.60
CA LYS O 33 35.55 7.70 -16.51
C LYS O 33 35.74 9.18 -16.26
N GLY O 34 36.99 9.63 -16.34
CA GLY O 34 37.28 11.03 -16.14
C GLY O 34 36.52 11.91 -17.11
N PHE O 35 36.39 11.45 -18.35
CA PHE O 35 35.69 12.25 -19.35
C PHE O 35 34.21 12.35 -19.07
N SER O 36 33.55 11.20 -18.96
CA SER O 36 32.12 11.16 -18.68
C SER O 36 31.75 11.87 -17.39
N TYR O 37 32.57 11.67 -16.36
CA TYR O 37 32.33 12.33 -15.09
C TYR O 37 32.58 13.83 -15.24
N LEU O 38 33.49 14.21 -16.13
CA LEU O 38 33.74 15.63 -16.34
C LEU O 38 32.50 16.27 -16.95
N VAL O 39 31.82 15.55 -17.84
CA VAL O 39 30.62 16.07 -18.47
C VAL O 39 29.59 16.30 -17.39
N THR O 40 29.42 15.28 -16.58
CA THR O 40 28.48 15.32 -15.49
C THR O 40 28.76 16.46 -14.51
N ALA O 41 30.00 16.55 -14.03
CA ALA O 41 30.33 17.61 -13.09
C ALA O 41 30.03 18.96 -13.72
N THR O 42 30.21 19.08 -15.02
CA THR O 42 29.97 20.36 -15.67
C THR O 42 28.48 20.67 -15.70
N ALA O 43 27.66 19.64 -15.87
CA ALA O 43 26.21 19.85 -15.90
C ALA O 43 25.80 20.37 -14.52
N CYS O 44 26.38 19.79 -13.48
CA CYS O 44 26.07 20.23 -12.12
C CYS O 44 26.43 21.70 -11.94
N VAL O 45 27.58 22.10 -12.46
CA VAL O 45 28.00 23.49 -12.35
C VAL O 45 27.04 24.38 -13.15
N ALA O 46 26.65 23.95 -14.34
CA ALA O 46 25.72 24.71 -15.18
C ALA O 46 24.38 24.84 -14.48
N THR O 47 23.97 23.76 -13.84
CA THR O 47 22.70 23.74 -13.14
C THR O 47 22.77 24.56 -11.86
N ALA O 48 23.88 24.44 -11.14
CA ALA O 48 24.01 25.21 -9.91
C ALA O 48 24.00 26.70 -10.22
N TYR O 49 24.47 27.05 -11.41
CA TYR O 49 24.48 28.46 -11.78
C TYR O 49 23.06 28.91 -12.04
N ALA O 50 22.29 28.13 -12.80
CA ALA O 50 20.91 28.51 -13.10
C ALA O 50 20.02 28.53 -11.85
N ALA O 51 20.14 27.52 -10.99
CA ALA O 51 19.32 27.46 -9.79
C ALA O 51 19.63 28.62 -8.88
N LYS O 52 20.91 28.88 -8.66
CA LYS O 52 21.29 29.98 -7.78
C LYS O 52 20.64 31.30 -8.24
N ASN O 53 20.63 31.55 -9.54
CA ASN O 53 20.04 32.78 -10.05
C ASN O 53 18.53 32.84 -9.90
N VAL O 54 17.85 31.80 -10.36
CA VAL O 54 16.39 31.76 -10.25
C VAL O 54 15.95 31.90 -8.79
N VAL O 55 16.64 31.21 -7.88
CA VAL O 55 16.31 31.33 -6.48
C VAL O 55 16.59 32.75 -5.98
N THR O 56 17.71 33.32 -6.40
CA THR O 56 18.01 34.66 -5.97
C THR O 56 16.93 35.62 -6.41
N GLN O 57 16.49 35.47 -7.65
CA GLN O 57 15.46 36.35 -8.21
C GLN O 57 14.13 36.22 -7.47
N PHE O 58 13.66 34.99 -7.33
CA PHE O 58 12.41 34.77 -6.64
C PHE O 58 12.52 35.25 -5.18
N ILE O 59 13.61 34.91 -4.51
CA ILE O 59 13.77 35.36 -3.12
C ILE O 59 13.72 36.88 -3.04
N SER O 60 14.44 37.56 -3.92
CA SER O 60 14.45 39.01 -3.83
C SER O 60 13.15 39.65 -4.23
N SER O 61 12.26 38.91 -4.87
CA SER O 61 10.98 39.48 -5.25
C SER O 61 10.19 39.79 -3.98
N LEU O 62 10.64 39.24 -2.85
CA LEU O 62 9.95 39.45 -1.61
C LEU O 62 10.49 40.57 -0.77
N SER O 63 11.59 41.17 -1.19
CA SER O 63 12.10 42.28 -0.39
C SER O 63 11.50 43.55 -0.94
N ALA O 64 11.72 44.65 -0.24
CA ALA O 64 11.16 45.96 -0.64
C ALA O 64 11.20 46.26 -2.14
N SER O 65 10.04 46.63 -2.69
CA SER O 65 9.94 46.98 -4.10
C SER O 65 10.35 48.45 -4.28
N ALA O 66 10.73 48.81 -5.50
CA ALA O 66 11.18 50.15 -5.85
C ALA O 66 10.41 51.32 -5.25
N ASP O 67 9.10 51.24 -5.29
CA ASP O 67 8.31 52.32 -4.75
C ASP O 67 8.56 52.46 -3.24
N VAL O 68 8.76 51.33 -2.57
CA VAL O 68 9.01 51.32 -1.14
C VAL O 68 10.41 51.86 -0.85
N LEU O 69 11.40 51.35 -1.56
CA LEU O 69 12.76 51.82 -1.34
C LEU O 69 12.78 53.32 -1.59
N ALA O 70 11.91 53.76 -2.50
CA ALA O 70 11.83 55.16 -2.86
C ALA O 70 11.52 56.06 -1.66
N LEU O 71 10.88 55.50 -0.63
CA LEU O 71 10.55 56.27 0.55
C LEU O 71 11.43 55.86 1.72
N SER O 72 12.45 55.09 1.41
CA SER O 72 13.39 54.58 2.40
C SER O 72 14.02 55.70 3.22
N LYS O 73 14.58 56.70 2.54
CA LYS O 73 15.22 57.81 3.22
C LYS O 73 14.83 59.16 2.62
N ILE O 74 14.83 60.20 3.45
CA ILE O 74 14.45 61.55 3.03
C ILE O 74 15.60 62.54 3.25
N GLU O 75 15.75 63.51 2.35
CA GLU O 75 16.79 64.53 2.48
C GLU O 75 16.19 65.90 2.75
N ILE O 76 16.49 66.46 3.92
CA ILE O 76 15.95 67.76 4.32
C ILE O 76 16.98 68.88 4.24
N LYS O 77 16.56 70.04 3.74
CA LYS O 77 17.45 71.18 3.61
C LYS O 77 17.49 72.05 4.88
N LEU O 78 18.56 71.92 5.65
CA LEU O 78 18.75 72.67 6.90
C LEU O 78 18.52 74.15 6.69
N SER O 79 18.83 74.62 5.48
CA SER O 79 18.69 76.02 5.11
C SER O 79 17.25 76.52 5.26
N ASP O 80 16.31 75.60 5.12
CA ASP O 80 14.89 75.91 5.23
C ASP O 80 14.43 75.98 6.69
N ILE O 81 15.27 75.53 7.60
CA ILE O 81 14.92 75.56 9.03
C ILE O 81 15.77 76.55 9.81
N PRO O 82 15.14 77.65 10.27
CA PRO O 82 15.79 78.71 11.04
C PRO O 82 15.89 78.31 12.52
N GLU O 83 16.80 78.94 13.25
CA GLU O 83 16.96 78.64 14.67
C GLU O 83 15.72 79.04 15.48
N GLY O 84 15.48 78.33 16.58
CA GLY O 84 14.35 78.63 17.43
C GLY O 84 13.01 78.19 16.88
N LYS O 85 13.03 77.46 15.76
CA LYS O 85 11.80 76.97 15.14
C LYS O 85 11.89 75.51 14.70
N ASN O 86 11.00 74.69 15.24
CA ASN O 86 10.97 73.26 14.93
C ASN O 86 10.14 72.96 13.67
N VAL O 87 10.69 72.12 12.80
CA VAL O 87 10.00 71.74 11.56
C VAL O 87 9.84 70.22 11.51
N ALA O 88 8.66 69.76 11.11
CA ALA O 88 8.37 68.33 11.02
C ALA O 88 8.03 67.86 9.62
N PHE O 89 8.62 66.75 9.20
CA PHE O 89 8.40 66.20 7.87
C PHE O 89 7.87 64.78 7.98
N LYS O 90 7.34 64.25 6.88
CA LYS O 90 6.80 62.89 6.87
C LYS O 90 7.85 61.89 6.39
N TRP O 91 8.25 60.99 7.30
CA TRP O 91 9.24 59.97 6.97
C TRP O 91 8.78 58.60 7.44
N ARG O 92 8.54 57.69 6.49
CA ARG O 92 8.08 56.34 6.81
C ARG O 92 6.76 56.37 7.60
N GLY O 93 5.80 57.11 7.06
CA GLY O 93 4.48 57.22 7.65
C GLY O 93 4.38 57.90 9.01
N LYS O 94 5.52 58.09 9.65
CA LYS O 94 5.52 58.72 10.96
C LYS O 94 6.23 60.07 10.87
N PRO O 95 5.88 61.00 11.77
CA PRO O 95 6.50 62.33 11.81
C PRO O 95 8.01 62.31 12.07
N LEU O 96 8.75 63.22 11.43
CA LEU O 96 10.20 63.35 11.59
C LEU O 96 10.54 64.76 12.02
N PHE O 97 11.05 64.90 13.24
CA PHE O 97 11.39 66.20 13.77
C PHE O 97 12.82 66.65 13.49
N VAL O 98 12.95 67.89 13.01
CA VAL O 98 14.23 68.51 12.70
C VAL O 98 14.16 69.93 13.23
N ARG O 99 14.70 70.17 14.43
CA ARG O 99 14.68 71.50 15.01
C ARG O 99 16.04 72.17 14.98
N HIS O 100 16.05 73.48 14.70
CA HIS O 100 17.28 74.26 14.66
C HIS O 100 17.45 74.89 16.04
N ARG O 101 18.29 74.26 16.86
CA ARG O 101 18.55 74.75 18.20
C ARG O 101 19.47 75.96 18.19
N THR O 102 19.08 76.99 18.94
CA THR O 102 19.90 78.19 19.05
C THR O 102 21.05 77.87 20.01
N GLN O 103 22.13 78.65 19.91
CA GLN O 103 23.28 78.45 20.78
C GLN O 103 22.76 78.57 22.22
N ALA O 104 21.60 79.21 22.34
CA ALA O 104 20.92 79.42 23.61
C ALA O 104 20.31 78.13 24.15
N GLU O 105 19.56 77.43 23.31
CA GLU O 105 18.92 76.17 23.68
C GLU O 105 19.93 75.06 23.93
N ILE O 106 21.00 75.06 23.14
CA ILE O 106 22.04 74.05 23.28
C ILE O 106 22.67 74.15 24.66
N ASN O 107 22.51 75.33 25.28
CA ASN O 107 23.06 75.58 26.61
C ASN O 107 22.19 74.94 27.68
N GLN O 108 20.90 75.23 27.64
CA GLN O 108 19.95 74.67 28.58
C GLN O 108 20.17 73.17 28.62
N GLU O 109 20.70 72.66 27.50
CA GLU O 109 21.00 71.25 27.30
C GLU O 109 22.12 70.69 28.19
N ALA O 110 23.24 71.39 28.25
CA ALA O 110 24.37 70.94 29.07
C ALA O 110 23.94 70.89 30.53
N GLU O 111 23.06 71.80 30.90
CA GLU O 111 22.55 71.89 32.28
C GLU O 111 21.52 70.79 32.54
N VAL O 112 21.92 69.54 32.27
CA VAL O 112 21.05 68.39 32.45
C VAL O 112 21.78 67.25 33.17
N ASP O 113 21.26 66.88 34.33
CA ASP O 113 21.84 65.80 35.14
C ASP O 113 21.73 64.46 34.44
N VAL O 114 22.76 64.13 33.66
CA VAL O 114 22.78 62.86 32.91
C VAL O 114 22.27 61.67 33.72
N SER O 115 22.42 61.71 35.04
CA SER O 115 21.97 60.60 35.88
C SER O 115 20.71 60.93 36.70
N LYS O 116 19.80 61.67 36.09
CA LYS O 116 18.53 62.04 36.72
C LYS O 116 17.38 61.91 35.71
N LEU O 117 17.63 61.11 34.68
CA LEU O 117 16.64 60.87 33.62
C LEU O 117 16.54 59.39 33.28
N ARG O 118 15.30 58.89 33.22
CA ARG O 118 15.00 57.48 32.92
C ARG O 118 15.88 56.89 31.82
N ASP O 119 16.00 57.62 30.71
CA ASP O 119 16.82 57.19 29.58
C ASP O 119 18.03 58.13 29.62
N PRO O 120 19.02 57.82 30.47
CA PRO O 120 20.25 58.60 30.66
C PRO O 120 21.15 58.78 29.44
N GLN O 121 21.11 59.97 28.86
CA GLN O 121 21.94 60.31 27.70
C GLN O 121 22.06 61.82 27.61
N HIS O 122 23.28 62.30 27.42
CA HIS O 122 23.50 63.73 27.30
C HIS O 122 23.46 64.04 25.81
N ASP O 123 23.15 65.29 25.48
CA ASP O 123 23.09 65.74 24.10
C ASP O 123 24.20 65.10 23.28
N LEU O 124 25.33 64.90 23.93
CA LEU O 124 26.51 64.29 23.30
C LEU O 124 26.13 63.04 22.50
N ASP O 125 25.53 62.09 23.17
CA ASP O 125 25.13 60.80 22.58
C ASP O 125 23.99 60.86 21.55
N ARG O 126 23.24 61.96 21.55
CA ARG O 126 22.09 62.09 20.65
C ARG O 126 22.35 62.74 19.30
N VAL O 127 22.78 64.01 19.30
CA VAL O 127 23.04 64.71 18.04
C VAL O 127 24.44 64.53 17.49
N LYS O 128 24.80 65.43 16.57
CA LYS O 128 26.11 65.46 15.92
C LYS O 128 26.45 66.94 15.84
N LYS O 129 25.54 67.72 15.28
CA LYS O 129 25.72 69.15 15.18
C LYS O 129 24.75 69.76 16.18
N PRO O 130 25.28 70.35 17.25
CA PRO O 130 24.50 70.99 18.33
C PRO O 130 23.29 71.78 17.86
N GLU O 131 23.49 72.65 16.87
CA GLU O 131 22.40 73.46 16.34
C GLU O 131 21.34 72.61 15.63
N TRP O 132 21.57 71.29 15.60
CA TRP O 132 20.67 70.36 14.93
C TRP O 132 20.23 69.13 15.75
N VAL O 133 18.92 69.00 15.93
CA VAL O 133 18.34 67.88 16.66
C VAL O 133 17.31 67.20 15.75
N ILE O 134 17.54 65.92 15.45
CA ILE O 134 16.64 65.18 14.58
C ILE O 134 16.07 63.96 15.29
N LEU O 135 14.76 64.00 15.52
CA LEU O 135 14.07 62.92 16.23
C LEU O 135 12.91 62.31 15.45
N VAL O 136 12.47 61.14 15.91
CA VAL O 136 11.33 60.45 15.32
C VAL O 136 10.16 60.94 16.16
N GLY O 137 9.30 61.74 15.55
CA GLY O 137 8.16 62.31 16.26
C GLY O 137 7.09 61.40 16.82
N VAL O 138 7.48 60.44 17.65
CA VAL O 138 6.52 59.51 18.25
C VAL O 138 6.83 59.33 19.75
N CYS O 139 5.82 59.57 20.58
CA CYS O 139 5.99 59.43 22.03
C CYS O 139 6.37 58.00 22.34
N THR O 140 7.34 57.81 23.24
CA THR O 140 7.80 56.47 23.59
C THR O 140 6.83 55.71 24.48
N HIS O 141 5.74 56.38 24.86
CA HIS O 141 4.73 55.75 25.71
C HIS O 141 3.79 54.85 24.90
N LEU O 142 2.83 55.46 24.22
CA LEU O 142 1.86 54.72 23.44
C LEU O 142 1.58 55.25 22.03
N GLY O 143 2.66 55.55 21.32
CA GLY O 143 2.57 56.01 19.92
C GLY O 143 1.99 57.34 19.48
N CYS O 144 1.82 58.31 20.37
CA CYS O 144 1.28 59.61 19.96
C CYS O 144 2.36 60.52 19.39
N VAL O 145 1.91 61.55 18.67
CA VAL O 145 2.81 62.52 18.07
C VAL O 145 2.84 63.79 18.93
N PRO O 146 4.01 64.13 19.50
CA PRO O 146 4.23 65.31 20.36
C PRO O 146 3.91 66.68 19.76
N ILE O 147 3.95 67.70 20.63
CA ILE O 147 3.70 69.09 20.26
C ILE O 147 4.94 69.88 20.67
N ALA O 148 5.58 70.54 19.71
CA ALA O 148 6.80 71.29 19.97
C ALA O 148 6.61 72.64 20.63
N ASN O 149 7.71 73.14 21.22
CA ASN O 149 7.75 74.43 21.89
C ASN O 149 7.04 74.46 23.25
N SER O 150 5.92 73.76 23.37
CA SER O 150 5.18 73.73 24.63
C SER O 150 5.70 72.64 25.57
N GLY O 151 5.17 72.63 26.79
CA GLY O 151 5.60 71.66 27.77
C GLY O 151 6.45 72.30 28.84
N ASP O 152 6.58 71.63 29.97
CA ASP O 152 7.36 72.11 31.11
C ASP O 152 8.86 72.27 30.85
N PHE O 153 9.39 71.62 29.81
CA PHE O 153 10.81 71.74 29.55
C PHE O 153 11.12 72.33 28.18
N GLY O 154 10.24 73.22 27.73
CA GLY O 154 10.40 73.91 26.45
C GLY O 154 10.56 73.05 25.20
N GLY O 155 10.64 71.74 25.38
CA GLY O 155 10.80 70.85 24.25
C GLY O 155 9.49 70.48 23.58
N TYR O 156 9.04 69.25 23.83
CA TYR O 156 7.79 68.77 23.23
C TYR O 156 6.87 68.19 24.30
N TYR O 157 5.57 68.24 24.04
CA TYR O 157 4.57 67.73 24.96
C TYR O 157 3.61 66.76 24.26
N CYS O 158 3.48 65.55 24.79
CA CYS O 158 2.56 64.55 24.23
C CYS O 158 1.21 64.73 24.92
N PRO O 159 0.22 65.31 24.22
CA PRO O 159 -1.12 65.53 24.77
C PRO O 159 -1.95 64.28 25.05
N CYS O 160 -1.30 63.12 25.08
CA CYS O 160 -1.99 61.87 25.33
C CYS O 160 -1.98 61.51 26.81
N HIS O 161 -0.80 61.46 27.43
CA HIS O 161 -0.71 61.15 28.86
C HIS O 161 0.36 61.98 29.56
N GLY O 162 0.60 63.19 29.06
CA GLY O 162 1.59 64.07 29.66
C GLY O 162 2.95 64.04 28.99
N SER O 163 3.74 63.00 29.26
CA SER O 163 5.07 62.85 28.69
C SER O 163 5.69 64.15 28.17
N HIS O 164 6.52 64.77 29.00
CA HIS O 164 7.20 66.00 28.66
C HIS O 164 8.60 65.68 28.19
N TYR O 165 9.01 66.27 27.07
CA TYR O 165 10.33 66.03 26.52
C TYR O 165 11.06 67.37 26.41
N ASP O 166 12.32 67.39 26.83
CA ASP O 166 13.09 68.62 26.78
C ASP O 166 13.40 69.05 25.36
N ALA O 167 14.32 70.00 25.21
CA ALA O 167 14.71 70.52 23.91
C ALA O 167 15.54 69.50 23.12
N SER O 168 16.09 68.52 23.83
CA SER O 168 16.88 67.47 23.19
C SER O 168 15.97 66.29 22.92
N GLY O 169 14.72 66.41 23.37
CA GLY O 169 13.75 65.35 23.18
C GLY O 169 13.95 64.19 24.12
N ARG O 170 14.05 64.48 25.41
CA ARG O 170 14.24 63.45 26.41
C ARG O 170 13.08 63.44 27.37
N ILE O 171 12.63 62.24 27.73
CA ILE O 171 11.52 62.11 28.63
C ILE O 171 11.86 62.72 29.97
N ARG O 172 11.03 63.66 30.41
CA ARG O 172 11.22 64.32 31.69
C ARG O 172 10.05 63.89 32.57
N LYS O 173 9.02 64.74 32.62
CA LYS O 173 7.84 64.46 33.41
C LYS O 173 6.81 63.74 32.52
N GLY O 174 6.31 62.60 33.02
CA GLY O 174 5.32 61.86 32.27
C GLY O 174 5.50 60.35 32.28
N PRO O 175 4.56 59.59 31.71
CA PRO O 175 4.59 58.13 31.64
C PRO O 175 5.51 57.51 30.60
N ALA O 176 6.05 58.31 29.68
CA ALA O 176 6.93 57.76 28.65
C ALA O 176 8.19 57.14 29.25
N PRO O 177 8.51 55.89 28.85
CA PRO O 177 9.72 55.25 29.39
C PRO O 177 11.03 55.83 28.85
N TYR O 178 11.14 55.90 27.52
CA TYR O 178 12.36 56.41 26.86
C TYR O 178 12.24 57.85 26.34
N ASN O 179 13.26 58.28 25.61
CA ASN O 179 13.27 59.62 25.01
C ASN O 179 12.97 59.44 23.51
N LEU O 180 12.35 60.44 22.90
CA LEU O 180 12.04 60.39 21.48
C LEU O 180 13.24 59.81 20.76
N GLU O 181 13.01 58.78 19.94
CA GLU O 181 14.09 58.11 19.22
C GLU O 181 14.83 58.99 18.22
N VAL O 182 16.13 58.76 18.11
CA VAL O 182 17.00 59.49 17.17
C VAL O 182 17.37 58.49 16.08
N PRO O 183 16.86 58.70 14.86
CA PRO O 183 17.11 57.85 13.70
C PRO O 183 18.45 58.09 13.01
N THR O 184 18.88 57.12 12.22
CA THR O 184 20.14 57.20 11.49
C THR O 184 20.10 58.42 10.56
N TYR O 185 21.26 58.91 10.17
CA TYR O 185 21.35 60.06 9.27
C TYR O 185 22.77 60.59 9.15
N GLN O 186 22.86 61.82 8.68
CA GLN O 186 24.13 62.51 8.50
C GLN O 186 23.89 63.81 7.74
N PHE O 187 24.97 64.42 7.27
CA PHE O 187 24.86 65.66 6.54
C PHE O 187 25.62 65.60 5.21
N VAL O 188 25.27 66.51 4.32
CA VAL O 188 25.91 66.58 3.00
C VAL O 188 25.84 68.04 2.54
N GLY O 189 26.91 68.78 2.79
CA GLY O 189 26.93 70.18 2.42
C GLY O 189 26.29 70.95 3.56
N ASP O 190 26.65 72.22 3.72
CA ASP O 190 26.08 73.02 4.81
C ASP O 190 24.63 73.46 4.54
N ASP O 191 23.78 72.49 4.23
CA ASP O 191 22.37 72.79 3.96
C ASP O 191 21.48 71.54 3.75
N LEU O 192 22.10 70.36 3.61
CA LEU O 192 21.32 69.14 3.40
C LEU O 192 21.63 68.04 4.42
N VAL O 193 20.56 67.37 4.85
CA VAL O 193 20.66 66.26 5.80
C VAL O 193 19.89 65.08 5.22
N VAL O 194 20.41 63.87 5.39
CA VAL O 194 19.75 62.69 4.86
C VAL O 194 19.40 61.66 5.92
N VAL O 195 18.18 61.75 6.42
CA VAL O 195 17.68 60.84 7.44
C VAL O 195 17.35 59.52 6.76
N GLY O 196 17.65 58.42 7.44
CA GLY O 196 17.37 57.11 6.89
C GLY O 196 18.60 56.50 6.24
N GLY P 10 -14.03 -13.78 -51.68
CA GLY P 10 -13.33 -13.96 -52.98
C GLY P 10 -11.88 -13.50 -52.95
N ARG P 11 -11.12 -13.88 -53.97
CA ARG P 11 -9.70 -13.52 -54.07
C ARG P 11 -9.48 -12.04 -54.41
N LEU P 12 -10.44 -11.18 -54.07
CA LEU P 12 -10.32 -9.75 -54.32
C LEU P 12 -9.60 -9.08 -53.16
N MET P 13 -10.25 -9.05 -51.99
CA MET P 13 -9.64 -8.45 -50.82
C MET P 13 -8.53 -9.36 -50.33
N ASP P 14 -8.45 -10.55 -50.92
CA ASP P 14 -7.42 -11.51 -50.56
C ASP P 14 -6.09 -10.88 -50.91
N ARG P 15 -6.16 -9.82 -51.71
CA ARG P 15 -4.98 -9.06 -52.13
C ARG P 15 -4.88 -7.88 -51.18
N ILE P 16 -6.00 -7.18 -51.02
CA ILE P 16 -6.09 -6.06 -50.11
C ILE P 16 -5.40 -6.42 -48.79
N ARG P 17 -5.70 -7.61 -48.27
CA ARG P 17 -5.11 -8.10 -47.03
C ARG P 17 -3.60 -8.05 -47.10
N LYS P 18 -3.04 -8.67 -48.13
CA LYS P 18 -1.60 -8.70 -48.31
C LYS P 18 -1.10 -7.25 -48.36
N TRP P 19 -1.92 -6.36 -48.89
CA TRP P 19 -1.54 -4.95 -48.95
C TRP P 19 -1.51 -4.36 -47.56
N TYR P 20 -2.63 -4.51 -46.86
CA TYR P 20 -2.74 -4.01 -45.50
C TYR P 20 -1.62 -4.59 -44.65
N TYR P 21 -1.46 -5.90 -44.73
CA TYR P 21 -0.44 -6.60 -43.98
C TYR P 21 0.90 -5.88 -44.10
N ASN P 22 1.24 -5.44 -45.30
CA ASN P 22 2.51 -4.75 -45.49
C ASN P 22 2.43 -3.29 -45.06
N ALA P 23 1.23 -2.72 -45.11
CA ALA P 23 1.07 -1.34 -44.69
C ALA P 23 1.26 -1.28 -43.18
N ALA P 24 0.65 -2.22 -42.46
CA ALA P 24 0.75 -2.29 -41.00
C ALA P 24 2.21 -2.23 -40.57
N GLY P 25 3.03 -3.10 -41.13
CA GLY P 25 4.43 -3.07 -40.81
C GLY P 25 4.96 -3.77 -39.57
N PHE P 26 4.14 -4.54 -38.87
CA PHE P 26 4.66 -5.22 -37.70
C PHE P 26 5.63 -6.31 -38.09
N ASN P 27 5.53 -6.75 -39.34
CA ASN P 27 6.42 -7.79 -39.84
C ASN P 27 7.86 -7.25 -39.89
N LYS P 28 8.02 -5.93 -39.89
CA LYS P 28 9.36 -5.34 -39.90
C LYS P 28 10.03 -5.53 -38.53
N TYR P 29 9.23 -5.85 -37.52
CA TYR P 29 9.76 -6.07 -36.18
C TYR P 29 9.92 -7.57 -35.94
N GLY P 30 9.56 -8.35 -36.94
CA GLY P 30 9.68 -9.79 -36.82
C GLY P 30 8.54 -10.34 -36.00
N LEU P 31 7.43 -9.61 -35.97
CA LEU P 31 6.25 -10.03 -35.21
C LEU P 31 5.18 -10.69 -36.07
N MET P 32 4.46 -11.64 -35.47
CA MET P 32 3.38 -12.30 -36.17
C MET P 32 2.16 -11.45 -35.91
N ARG P 33 1.15 -11.60 -36.74
CA ARG P 33 -0.07 -10.85 -36.55
C ARG P 33 -0.57 -11.05 -35.12
N ASP P 34 -0.68 -12.30 -34.70
CA ASP P 34 -1.14 -12.63 -33.35
C ASP P 34 -0.27 -12.08 -32.21
N ASP P 35 0.97 -11.73 -32.52
CA ASP P 35 1.89 -11.16 -31.54
C ASP P 35 1.45 -9.74 -31.18
N THR P 36 0.78 -9.08 -32.12
CA THR P 36 0.35 -7.71 -31.92
C THR P 36 -0.99 -7.52 -31.26
N LEU P 37 -1.68 -8.60 -30.92
CA LEU P 37 -3.00 -8.49 -30.28
C LEU P 37 -3.03 -7.83 -28.90
N TYR P 38 -3.99 -6.92 -28.69
CA TYR P 38 -4.13 -6.29 -27.38
C TYR P 38 -4.62 -7.39 -26.44
N GLU P 39 -3.88 -7.60 -25.35
CA GLU P 39 -4.20 -8.64 -24.39
C GLU P 39 -5.39 -8.43 -23.47
N ASP P 40 -6.60 -8.50 -24.01
CA ASP P 40 -7.78 -8.34 -23.17
C ASP P 40 -7.95 -9.66 -22.45
N ASP P 41 -9.14 -9.91 -21.90
CA ASP P 41 -9.37 -11.14 -21.15
C ASP P 41 -9.28 -12.42 -21.96
N ASP P 42 -10.01 -12.48 -23.07
CA ASP P 42 -10.00 -13.64 -23.95
C ASP P 42 -8.57 -13.97 -24.36
N VAL P 43 -7.87 -12.97 -24.90
CA VAL P 43 -6.51 -13.18 -25.34
C VAL P 43 -5.62 -13.69 -24.22
N LYS P 44 -5.83 -13.20 -23.01
CA LYS P 44 -5.03 -13.61 -21.88
C LYS P 44 -5.24 -15.09 -21.60
N GLU P 45 -6.50 -15.54 -21.68
CA GLU P 45 -6.80 -16.94 -21.44
C GLU P 45 -6.16 -17.80 -22.52
N ALA P 46 -6.32 -17.38 -23.77
CA ALA P 46 -5.74 -18.11 -24.89
C ALA P 46 -4.25 -18.31 -24.68
N LEU P 47 -3.55 -17.24 -24.36
CA LEU P 47 -2.11 -17.34 -24.14
C LEU P 47 -1.73 -18.39 -23.10
N LYS P 48 -2.55 -18.57 -22.08
CA LYS P 48 -2.26 -19.56 -21.03
C LYS P 48 -2.35 -20.99 -21.58
N ARG P 49 -3.07 -21.14 -22.68
CA ARG P 49 -3.25 -22.44 -23.30
C ARG P 49 -2.18 -22.82 -24.33
N LEU P 50 -1.42 -21.85 -24.80
CA LEU P 50 -0.38 -22.14 -25.78
C LEU P 50 0.63 -23.14 -25.27
N PRO P 51 1.13 -24.01 -26.16
CA PRO P 51 2.13 -24.99 -25.72
C PRO P 51 3.38 -24.20 -25.34
N GLU P 52 4.21 -24.79 -24.49
CA GLU P 52 5.43 -24.14 -24.04
C GLU P 52 6.25 -23.52 -25.18
N ASP P 53 6.63 -24.33 -26.16
CA ASP P 53 7.44 -23.83 -27.27
C ASP P 53 6.85 -22.61 -28.00
N LEU P 54 5.55 -22.64 -28.31
CA LEU P 54 4.93 -21.52 -29.01
C LEU P 54 5.01 -20.28 -28.15
N TYR P 55 4.74 -20.47 -26.86
CA TYR P 55 4.76 -19.41 -25.89
C TYR P 55 6.13 -18.77 -25.76
N ASN P 56 7.19 -19.56 -25.67
CA ASN P 56 8.50 -18.96 -25.56
C ASN P 56 8.94 -18.24 -26.81
N GLU P 57 8.51 -18.73 -27.98
CA GLU P 57 8.84 -18.13 -29.27
C GLU P 57 8.17 -16.76 -29.39
N ARG P 58 6.93 -16.69 -28.90
CA ARG P 58 6.17 -15.45 -28.92
C ARG P 58 6.87 -14.45 -28.01
N MET P 59 7.29 -14.94 -26.86
CA MET P 59 7.98 -14.13 -25.88
C MET P 59 9.26 -13.50 -26.46
N PHE P 60 10.09 -14.32 -27.08
CA PHE P 60 11.32 -13.79 -27.66
C PHE P 60 11.02 -12.79 -28.75
N ARG P 61 10.05 -13.11 -29.60
CA ARG P 61 9.69 -12.22 -30.68
C ARG P 61 9.30 -10.87 -30.12
N ILE P 62 8.42 -10.89 -29.12
CA ILE P 62 7.97 -9.66 -28.50
C ILE P 62 9.10 -8.91 -27.80
N LYS P 63 9.89 -9.59 -26.98
CA LYS P 63 10.99 -8.90 -26.32
C LYS P 63 11.91 -8.27 -27.37
N ARG P 64 12.16 -9.02 -28.46
CA ARG P 64 13.03 -8.59 -29.57
C ARG P 64 12.49 -7.31 -30.19
N ALA P 65 11.18 -7.27 -30.39
CA ALA P 65 10.52 -6.10 -30.96
C ALA P 65 10.66 -4.89 -30.04
N LEU P 66 10.47 -5.10 -28.74
CA LEU P 66 10.58 -4.01 -27.78
C LEU P 66 11.98 -3.44 -27.82
N ASP P 67 12.97 -4.31 -27.98
CA ASP P 67 14.35 -3.86 -28.02
C ASP P 67 14.60 -3.04 -29.28
N LEU P 68 14.01 -3.45 -30.41
CA LEU P 68 14.16 -2.71 -31.65
C LEU P 68 13.49 -1.35 -31.45
N SER P 69 12.28 -1.38 -30.91
CA SER P 69 11.52 -0.15 -30.66
C SER P 69 12.26 0.87 -29.79
N LEU P 70 13.01 0.42 -28.79
CA LEU P 70 13.73 1.35 -27.95
C LEU P 70 14.93 1.89 -28.73
N LYS P 71 15.54 1.03 -29.54
CA LYS P 71 16.68 1.40 -30.35
C LYS P 71 16.31 2.27 -31.56
N HIS P 72 15.04 2.26 -31.94
CA HIS P 72 14.54 3.01 -33.09
C HIS P 72 15.10 2.41 -34.38
N ARG P 73 15.07 1.09 -34.45
CA ARG P 73 15.56 0.33 -35.60
C ARG P 73 14.48 -0.68 -35.93
N ILE P 74 14.73 -1.46 -36.98
CA ILE P 74 13.81 -2.53 -37.38
C ILE P 74 14.71 -3.64 -37.87
N LEU P 75 14.11 -4.75 -38.24
CA LEU P 75 14.90 -5.86 -38.73
C LEU P 75 15.33 -5.65 -40.18
N PRO P 76 16.45 -6.26 -40.60
CA PRO P 76 16.88 -6.09 -41.98
C PRO P 76 15.75 -6.66 -42.85
N LYS P 77 15.59 -6.11 -44.04
CA LYS P 77 14.52 -6.55 -44.93
C LYS P 77 14.44 -8.07 -45.08
N GLU P 78 15.57 -8.75 -45.03
CA GLU P 78 15.59 -10.21 -45.18
C GLU P 78 14.82 -10.92 -44.08
N GLN P 79 14.88 -10.40 -42.86
CA GLN P 79 14.21 -11.00 -41.72
C GLN P 79 12.75 -10.66 -41.50
N TRP P 80 12.16 -9.86 -42.37
CA TRP P 80 10.75 -9.52 -42.20
C TRP P 80 9.85 -10.74 -42.46
N VAL P 81 8.81 -10.85 -41.67
CA VAL P 81 7.86 -11.94 -41.81
C VAL P 81 7.14 -11.67 -43.12
N LYS P 82 6.95 -12.71 -43.92
CA LYS P 82 6.27 -12.56 -45.21
C LYS P 82 4.80 -12.87 -45.05
N TYR P 83 3.94 -12.07 -45.67
CA TYR P 83 2.51 -12.27 -45.55
C TYR P 83 2.08 -13.73 -45.47
N GLU P 84 2.44 -14.51 -46.47
CA GLU P 84 2.05 -15.91 -46.50
C GLU P 84 2.76 -16.85 -45.52
N GLU P 85 3.79 -16.37 -44.82
CA GLU P 85 4.48 -17.23 -43.85
C GLU P 85 4.14 -16.85 -42.39
N ASP P 86 3.15 -15.97 -42.22
CA ASP P 86 2.75 -15.53 -40.90
C ASP P 86 1.91 -16.58 -40.23
N LYS P 87 2.36 -17.02 -39.07
CA LYS P 87 1.66 -18.04 -38.32
C LYS P 87 0.55 -17.52 -37.42
N PRO P 88 -0.70 -17.94 -37.68
CA PRO P 88 -1.82 -17.50 -36.84
C PRO P 88 -1.91 -18.49 -35.67
N TYR P 89 -0.81 -18.59 -34.94
CA TYR P 89 -0.67 -19.52 -33.82
C TYR P 89 -1.71 -19.43 -32.70
N LEU P 90 -2.26 -18.24 -32.46
CA LEU P 90 -3.23 -18.10 -31.38
C LEU P 90 -4.69 -18.14 -31.80
N GLU P 91 -4.98 -17.59 -32.98
CA GLU P 91 -6.36 -17.54 -33.50
C GLU P 91 -7.20 -18.78 -33.19
N PRO P 92 -6.61 -19.99 -33.26
CA PRO P 92 -7.36 -21.21 -32.97
C PRO P 92 -7.83 -21.27 -31.51
N TYR P 93 -6.90 -21.04 -30.58
CA TYR P 93 -7.22 -21.07 -29.15
C TYR P 93 -8.20 -19.98 -28.79
N LEU P 94 -7.91 -18.77 -29.26
CA LEU P 94 -8.76 -17.62 -29.00
C LEU P 94 -10.20 -17.84 -29.47
N LYS P 95 -10.36 -18.52 -30.61
CA LYS P 95 -11.70 -18.78 -31.14
C LYS P 95 -12.47 -19.69 -30.19
N GLU P 96 -11.76 -20.63 -29.60
CA GLU P 96 -12.34 -21.59 -28.67
C GLU P 96 -12.73 -20.89 -27.37
N VAL P 97 -11.79 -20.12 -26.81
CA VAL P 97 -12.01 -19.38 -25.58
C VAL P 97 -13.29 -18.55 -25.70
N ILE P 98 -13.46 -17.88 -26.82
CA ILE P 98 -14.65 -17.06 -27.01
C ILE P 98 -15.96 -17.85 -27.09
N ARG P 99 -15.94 -19.02 -27.73
CA ARG P 99 -17.17 -19.82 -27.83
C ARG P 99 -17.58 -20.25 -26.43
N GLU P 100 -16.62 -20.78 -25.68
CA GLU P 100 -16.88 -21.22 -24.32
C GLU P 100 -17.56 -20.07 -23.56
N ARG P 101 -16.98 -18.89 -23.65
CA ARG P 101 -17.51 -17.72 -22.98
C ARG P 101 -18.93 -17.48 -23.43
N LEU P 102 -19.14 -17.38 -24.74
CA LEU P 102 -20.48 -17.16 -25.24
C LEU P 102 -21.44 -18.28 -24.81
N GLU P 103 -20.94 -19.50 -24.67
CA GLU P 103 -21.80 -20.59 -24.24
C GLU P 103 -22.29 -20.27 -22.83
N ARG P 104 -21.34 -20.02 -21.92
CA ARG P 104 -21.67 -19.69 -20.54
C ARG P 104 -22.56 -18.46 -20.46
N GLU P 105 -22.22 -17.41 -21.18
CA GLU P 105 -23.02 -16.21 -21.15
C GLU P 105 -24.46 -16.56 -21.51
N ALA P 106 -24.63 -17.26 -22.63
CA ALA P 106 -25.96 -17.64 -23.09
C ALA P 106 -26.68 -18.50 -22.06
N TRP P 107 -25.96 -19.47 -21.51
CA TRP P 107 -26.53 -20.37 -20.53
C TRP P 107 -26.96 -19.70 -19.22
N ASN P 108 -26.18 -18.72 -18.77
CA ASN P 108 -26.50 -18.02 -17.53
C ASN P 108 -27.71 -17.09 -17.61
N LYS P 109 -28.18 -16.81 -18.83
CA LYS P 109 -29.37 -15.96 -19.00
C LYS P 109 -30.56 -16.90 -18.92
N LYS P 110 -30.42 -18.02 -19.63
CA LYS P 110 -31.43 -19.07 -19.69
C LYS P 110 -31.91 -19.43 -18.28
N ILE Q 2 6.35 -3.70 -4.73
CA ILE Q 2 6.86 -4.97 -5.33
C ILE Q 2 6.31 -5.19 -6.74
N HIS Q 3 7.18 -5.05 -7.75
CA HIS Q 3 6.76 -5.24 -9.14
C HIS Q 3 7.84 -5.91 -10.01
N PHE Q 4 8.99 -6.19 -9.41
CA PHE Q 4 10.09 -6.84 -10.12
C PHE Q 4 10.27 -8.27 -9.64
N GLY Q 5 9.85 -9.22 -10.47
CA GLY Q 5 9.94 -10.61 -10.13
C GLY Q 5 8.62 -11.34 -10.29
N ASN Q 6 7.55 -10.59 -10.51
CA ASN Q 6 6.21 -11.17 -10.68
C ASN Q 6 5.62 -10.82 -12.05
N LEU Q 7 6.44 -10.25 -12.92
CA LEU Q 7 6.00 -9.80 -14.25
C LEU Q 7 5.69 -10.84 -15.33
N ALA Q 8 6.69 -11.57 -15.80
CA ALA Q 8 6.42 -12.55 -16.86
C ALA Q 8 7.23 -13.83 -16.80
N ARG Q 9 6.63 -14.92 -17.26
CA ARG Q 9 7.31 -16.21 -17.32
C ARG Q 9 8.19 -16.07 -18.56
N VAL Q 10 9.51 -16.17 -18.38
CA VAL Q 10 10.42 -16.01 -19.51
C VAL Q 10 11.48 -17.08 -19.55
N ARG Q 11 11.66 -17.70 -20.71
CA ARG Q 11 12.67 -18.73 -20.81
C ARG Q 11 13.57 -18.68 -22.02
N HIS Q 12 14.82 -19.08 -21.81
CA HIS Q 12 15.82 -19.18 -22.86
C HIS Q 12 16.25 -17.92 -23.61
N ILE Q 13 16.28 -16.78 -22.94
CA ILE Q 13 16.71 -15.58 -23.62
C ILE Q 13 18.00 -15.09 -22.97
N ILE Q 14 19.02 -14.86 -23.79
CA ILE Q 14 20.29 -14.38 -23.30
C ILE Q 14 20.47 -12.96 -23.79
N THR Q 15 21.06 -12.11 -22.97
CA THR Q 15 21.29 -10.73 -23.38
C THR Q 15 22.72 -10.36 -23.00
N TYR Q 16 23.33 -9.51 -23.81
CA TYR Q 16 24.69 -9.07 -23.57
C TYR Q 16 24.70 -7.57 -23.60
N SER Q 17 25.37 -6.97 -22.63
CA SER Q 17 25.44 -5.52 -22.55
C SER Q 17 26.81 -5.11 -22.03
N LEU Q 18 27.23 -3.89 -22.38
CA LEU Q 18 28.52 -3.39 -21.92
C LEU Q 18 28.33 -2.21 -20.98
N SER Q 19 29.30 -2.02 -20.09
CA SER Q 19 29.25 -0.88 -19.20
C SER Q 19 29.17 0.36 -20.09
N PRO Q 20 28.71 1.48 -19.54
CA PRO Q 20 28.62 2.70 -20.37
C PRO Q 20 30.03 3.30 -20.58
N PHE Q 21 30.96 2.92 -19.72
CA PHE Q 21 32.31 3.45 -19.82
C PHE Q 21 33.19 2.70 -20.82
N GLU Q 22 32.70 1.57 -21.34
CA GLU Q 22 33.45 0.79 -22.31
C GLU Q 22 32.99 1.18 -23.71
N GLN Q 23 31.81 1.77 -23.84
CA GLN Q 23 31.27 2.15 -25.13
C GLN Q 23 31.08 3.64 -25.39
N ARG Q 24 30.70 3.94 -26.63
CA ARG Q 24 30.49 5.31 -27.09
C ARG Q 24 29.05 5.76 -26.91
N ALA Q 25 28.88 6.98 -26.39
CA ALA Q 25 27.55 7.55 -26.16
C ALA Q 25 26.69 7.74 -27.42
N ILE Q 26 27.30 8.27 -28.48
CA ILE Q 26 26.58 8.49 -29.73
C ILE Q 26 27.40 7.84 -30.86
N PRO Q 27 27.34 6.51 -30.98
CA PRO Q 27 28.08 5.79 -32.01
C PRO Q 27 27.47 5.78 -33.41
N ASN Q 28 28.36 5.63 -34.39
CA ASN Q 28 28.01 5.53 -35.80
C ASN Q 28 26.94 6.52 -36.29
N ILE Q 29 27.17 7.80 -36.08
CA ILE Q 29 26.20 8.80 -36.49
C ILE Q 29 25.86 8.75 -37.99
N PHE Q 30 26.89 8.58 -38.81
CA PHE Q 30 26.68 8.55 -40.25
C PHE Q 30 26.37 7.19 -40.83
N SER Q 31 26.95 6.13 -40.27
CA SER Q 31 26.70 4.80 -40.78
C SER Q 31 25.37 4.18 -40.33
N ASP Q 32 24.87 4.63 -39.17
CA ASP Q 32 23.64 4.05 -38.63
C ASP Q 32 22.56 5.07 -38.26
N ALA Q 33 22.93 6.05 -37.44
CA ALA Q 33 21.99 7.06 -36.98
C ALA Q 33 21.19 7.73 -38.09
N LEU Q 34 21.83 8.66 -38.79
CA LEU Q 34 21.20 9.41 -39.87
C LEU Q 34 20.39 8.56 -40.86
N PRO Q 35 21.01 7.50 -41.41
CA PRO Q 35 20.25 6.68 -42.36
C PRO Q 35 18.87 6.37 -41.77
N ASN Q 36 18.86 5.92 -40.52
CA ASN Q 36 17.62 5.57 -39.83
C ASN Q 36 16.72 6.79 -39.63
N VAL Q 37 17.30 7.94 -39.31
CA VAL Q 37 16.50 9.14 -39.13
C VAL Q 37 15.76 9.36 -40.43
N TRP Q 38 16.49 9.27 -41.54
CA TRP Q 38 15.89 9.45 -42.84
C TRP Q 38 14.83 8.37 -43.06
N ARG Q 39 15.19 7.13 -42.77
CA ARG Q 39 14.26 6.01 -42.90
C ARG Q 39 12.92 6.30 -42.20
N ARG Q 40 13.02 6.76 -40.96
CA ARG Q 40 11.86 7.07 -40.15
C ARG Q 40 11.02 8.20 -40.74
N PHE Q 41 11.69 9.26 -41.17
CA PHE Q 41 11.02 10.40 -41.76
C PHE Q 41 10.26 9.94 -42.99
N SER Q 42 10.96 9.22 -43.85
CA SER Q 42 10.38 8.71 -45.07
C SER Q 42 9.09 7.92 -44.83
N SER Q 43 9.17 6.92 -43.98
CA SER Q 43 8.03 6.07 -43.67
C SER Q 43 6.80 6.80 -43.14
N GLN Q 44 6.97 8.01 -42.61
CA GLN Q 44 5.84 8.75 -42.04
C GLN Q 44 5.32 9.96 -42.82
N VAL Q 45 6.20 10.66 -43.53
CA VAL Q 45 5.82 11.85 -44.28
C VAL Q 45 4.50 11.82 -45.04
N PHE Q 46 4.20 10.70 -45.69
CA PHE Q 46 2.97 10.63 -46.46
C PHE Q 46 1.71 10.36 -45.64
N LYS Q 47 1.88 10.13 -44.35
CA LYS Q 47 0.75 9.90 -43.45
C LYS Q 47 0.47 11.20 -42.72
N VAL Q 48 1.53 11.85 -42.29
CA VAL Q 48 1.41 13.10 -41.56
C VAL Q 48 1.19 14.32 -42.44
N ALA Q 49 2.15 14.60 -43.32
CA ALA Q 49 2.11 15.78 -44.19
C ALA Q 49 0.79 16.12 -44.87
N PRO Q 50 0.24 15.19 -45.65
CA PRO Q 50 -1.02 15.40 -46.37
C PRO Q 50 -2.07 16.29 -45.69
N PRO Q 51 -2.65 15.86 -44.56
CA PRO Q 51 -3.66 16.69 -43.92
C PRO Q 51 -3.17 18.07 -43.48
N PHE Q 52 -1.91 18.17 -43.09
CA PHE Q 52 -1.36 19.44 -42.68
C PHE Q 52 -1.29 20.34 -43.90
N LEU Q 53 -0.96 19.73 -45.03
CA LEU Q 53 -0.89 20.47 -46.29
C LEU Q 53 -2.28 20.95 -46.66
N GLY Q 54 -3.25 20.05 -46.54
CA GLY Q 54 -4.64 20.40 -46.83
C GLY Q 54 -5.07 21.56 -45.93
N ALA Q 55 -4.72 21.47 -44.65
CA ALA Q 55 -5.06 22.51 -43.70
C ALA Q 55 -4.54 23.86 -44.22
N TYR Q 56 -3.27 23.88 -44.58
CA TYR Q 56 -2.63 25.09 -45.08
C TYR Q 56 -3.40 25.71 -46.23
N LEU Q 57 -3.79 24.87 -47.18
CA LEU Q 57 -4.52 25.34 -48.34
C LEU Q 57 -5.82 25.98 -47.88
N LEU Q 58 -6.64 25.22 -47.18
CA LEU Q 58 -7.91 25.76 -46.69
C LEU Q 58 -7.66 27.09 -46.00
N TYR Q 59 -6.56 27.18 -45.27
CA TYR Q 59 -6.18 28.40 -44.57
C TYR Q 59 -5.96 29.54 -45.55
N SER Q 60 -5.06 29.33 -46.50
CA SER Q 60 -4.74 30.32 -47.52
C SER Q 60 -5.99 30.75 -48.26
N TRP Q 61 -6.77 29.79 -48.72
CA TRP Q 61 -7.98 30.15 -49.42
C TRP Q 61 -8.79 31.11 -48.56
N GLY Q 62 -9.34 30.59 -47.47
CA GLY Q 62 -10.15 31.39 -46.56
C GLY Q 62 -9.59 32.74 -46.19
N THR Q 63 -8.28 32.86 -46.05
CA THR Q 63 -7.71 34.17 -45.70
C THR Q 63 -7.81 35.11 -46.90
N GLN Q 64 -7.39 34.63 -48.06
CA GLN Q 64 -7.45 35.45 -49.28
C GLN Q 64 -8.89 35.77 -49.67
N GLU Q 65 -9.76 34.78 -49.57
CA GLU Q 65 -11.16 34.96 -49.93
C GLU Q 65 -11.81 36.03 -49.05
N PHE Q 66 -11.35 36.10 -47.81
CA PHE Q 66 -11.88 37.05 -46.84
C PHE Q 66 -11.47 38.49 -47.17
N GLU Q 67 -10.26 38.63 -47.68
CA GLU Q 67 -9.71 39.93 -48.05
C GLU Q 67 -10.30 40.40 -49.36
N ARG Q 68 -10.53 39.45 -50.26
CA ARG Q 68 -11.10 39.75 -51.57
C ARG Q 68 -12.49 40.31 -51.40
N LEU Q 69 -13.21 39.83 -50.39
CA LEU Q 69 -14.57 40.29 -50.13
C LEU Q 69 -14.60 41.68 -49.51
N LYS Q 70 -13.43 42.18 -49.10
CA LYS Q 70 -13.32 43.51 -48.51
C LYS Q 70 -13.10 44.55 -49.60
N ARG Q 71 -12.50 44.11 -50.71
CA ARG Q 71 -12.21 44.97 -51.85
C ARG Q 71 -13.54 45.36 -52.49
N LYS Q 72 -13.52 46.39 -53.33
CA LYS Q 72 -14.76 46.82 -53.97
C LYS Q 72 -14.86 46.32 -55.40
N ASN Q 73 -16.10 46.07 -55.83
CA ASN Q 73 -16.38 45.59 -57.17
C ASN Q 73 -16.81 46.79 -58.01
N PRO Q 74 -15.93 47.24 -58.93
CA PRO Q 74 -16.24 48.38 -59.78
C PRO Q 74 -17.61 48.27 -60.45
N ALA Q 75 -18.13 47.04 -60.53
CA ALA Q 75 -19.41 46.76 -61.14
C ALA Q 75 -20.62 47.24 -60.34
N ASP Q 76 -20.37 48.08 -59.34
CA ASP Q 76 -21.45 48.60 -58.52
C ASP Q 76 -21.52 50.11 -58.69
N TYR Q 77 -20.53 50.65 -59.40
CA TYR Q 77 -20.45 52.09 -59.64
C TYR Q 77 -20.37 52.47 -61.12
N GLU Q 78 -20.47 51.48 -62.01
CA GLU Q 78 -20.41 51.75 -63.45
C GLU Q 78 -21.66 52.49 -63.90
N ASN Q 79 -22.66 52.52 -63.02
CA ASN Q 79 -23.95 53.17 -63.27
C ASN Q 79 -24.16 54.47 -62.50
N ASP Q 80 -23.81 55.58 -63.14
CA ASP Q 80 -23.95 56.93 -62.58
C ASP Q 80 -23.04 57.90 -63.31
N GLU R 11 15.98 77.48 -42.42
CA GLU R 11 14.92 76.44 -42.51
C GLU R 11 15.53 75.03 -42.38
N LEU R 12 14.68 74.04 -42.10
CA LEU R 12 15.12 72.64 -41.95
C LEU R 12 14.31 71.72 -42.87
N VAL R 13 14.87 70.55 -43.18
CA VAL R 13 14.14 69.62 -44.04
C VAL R 13 14.00 68.25 -43.42
N ASP R 14 12.76 67.77 -43.38
CA ASP R 14 12.44 66.47 -42.80
C ASP R 14 12.72 65.37 -43.81
N PRO R 15 13.74 64.55 -43.54
CA PRO R 15 14.07 63.47 -44.47
C PRO R 15 12.85 62.65 -44.87
N LEU R 16 11.82 62.69 -44.04
CA LEU R 16 10.60 61.95 -44.33
C LEU R 16 9.99 62.44 -45.65
N THR R 17 9.72 63.74 -45.72
CA THR R 17 9.13 64.34 -46.92
C THR R 17 9.98 64.06 -48.16
N THR R 18 11.29 64.10 -48.00
CA THR R 18 12.22 63.84 -49.11
C THR R 18 12.07 62.42 -49.65
N ILE R 19 12.11 61.45 -48.73
CA ILE R 19 11.99 60.06 -49.14
C ILE R 19 10.60 59.71 -49.63
N ARG R 20 9.60 60.44 -49.14
CA ARG R 20 8.22 60.22 -49.57
C ARG R 20 8.16 60.48 -51.07
N GLU R 21 8.83 61.54 -51.50
CA GLU R 21 8.86 61.94 -52.91
C GLU R 21 9.59 60.89 -53.74
N HIS R 22 10.84 60.61 -53.38
CA HIS R 22 11.63 59.62 -54.09
C HIS R 22 10.84 58.31 -54.27
N CYS R 23 10.07 57.94 -53.26
CA CYS R 23 9.29 56.71 -53.30
C CYS R 23 8.05 56.80 -54.17
N GLU R 24 7.41 57.96 -54.19
CA GLU R 24 6.23 58.12 -55.02
C GLU R 24 6.62 58.03 -56.49
N GLN R 25 7.92 58.13 -56.75
CA GLN R 25 8.46 58.04 -58.10
C GLN R 25 8.84 56.59 -58.34
N THR R 26 8.01 55.68 -57.88
CA THR R 26 8.25 54.24 -58.02
C THR R 26 7.15 53.61 -58.86
N GLU R 27 7.52 52.63 -59.67
CA GLU R 27 6.57 51.96 -60.52
C GLU R 27 5.32 51.57 -59.71
N LYS R 28 5.56 51.01 -58.53
CA LYS R 28 4.50 50.57 -57.64
C LYS R 28 3.54 51.69 -57.23
N CYS R 29 4.11 52.79 -56.72
CA CYS R 29 3.34 53.94 -56.29
C CYS R 29 2.67 54.59 -57.49
N VAL R 30 3.48 54.94 -58.48
CA VAL R 30 3.00 55.57 -59.70
C VAL R 30 1.72 54.89 -60.20
N LYS R 31 1.68 53.57 -60.13
CA LYS R 31 0.51 52.82 -60.58
C LYS R 31 -0.66 52.96 -59.62
N ALA R 32 -0.38 52.81 -58.33
CA ALA R 32 -1.41 52.93 -57.29
C ALA R 32 -1.95 54.36 -57.30
N ARG R 33 -1.03 55.32 -57.35
CA ARG R 33 -1.35 56.74 -57.37
C ARG R 33 -2.25 57.07 -58.55
N GLU R 34 -2.03 56.35 -59.65
CA GLU R 34 -2.79 56.54 -60.89
C GLU R 34 -4.23 56.10 -60.72
N ARG R 35 -4.42 54.93 -60.12
CA ARG R 35 -5.76 54.40 -59.92
C ARG R 35 -6.55 55.31 -58.99
N LEU R 36 -5.86 55.85 -58.00
CA LEU R 36 -6.47 56.75 -57.03
C LEU R 36 -7.05 57.99 -57.70
N GLU R 37 -6.20 58.68 -58.46
CA GLU R 37 -6.62 59.87 -59.16
C GLU R 37 -7.83 59.60 -60.05
N LEU R 38 -7.90 58.39 -60.62
CA LEU R 38 -9.04 58.04 -61.46
C LEU R 38 -10.27 57.95 -60.59
N CYS R 39 -10.16 57.23 -59.47
CA CYS R 39 -11.28 57.09 -58.57
C CYS R 39 -11.70 58.48 -58.11
N ASP R 40 -10.74 59.25 -57.61
CA ASP R 40 -11.01 60.60 -57.14
C ASP R 40 -11.79 61.40 -58.17
N ALA R 41 -11.32 61.32 -59.42
CA ALA R 41 -11.97 62.03 -60.51
C ALA R 41 -13.45 61.69 -60.63
N ARG R 42 -13.77 60.42 -60.86
CA ARG R 42 -15.18 60.03 -61.03
C ARG R 42 -16.04 60.19 -59.78
N VAL R 43 -15.45 60.02 -58.61
CA VAL R 43 -16.22 60.17 -57.38
C VAL R 43 -16.57 61.63 -57.20
N SER R 44 -15.62 62.50 -57.49
CA SER R 44 -15.81 63.95 -57.36
C SER R 44 -16.79 64.51 -58.39
N SER R 45 -16.91 63.83 -59.52
CA SER R 45 -17.78 64.29 -60.59
C SER R 45 -19.20 63.72 -60.63
N ARG R 46 -19.73 63.27 -59.50
CA ARG R 46 -21.10 62.73 -59.49
C ARG R 46 -21.92 63.32 -58.36
N SER R 47 -23.20 62.94 -58.26
CA SER R 47 -24.05 63.48 -57.20
C SER R 47 -25.07 62.55 -56.58
N HIS R 48 -24.74 61.26 -56.46
CA HIS R 48 -25.65 60.30 -55.85
C HIS R 48 -24.98 58.93 -55.73
N THR R 49 -23.65 58.93 -55.70
CA THR R 49 -22.88 57.69 -55.59
C THR R 49 -22.46 57.42 -54.15
N GLU R 50 -22.25 56.15 -53.85
CA GLU R 50 -21.83 55.73 -52.52
C GLU R 50 -20.30 55.72 -52.46
N GLU R 51 -19.71 55.11 -53.49
CA GLU R 51 -18.26 54.95 -53.62
C GLU R 51 -17.37 55.97 -52.92
N GLN R 52 -16.21 55.48 -52.49
CA GLN R 52 -15.21 56.28 -51.81
C GLN R 52 -13.90 55.78 -52.39
N CYS R 53 -12.82 56.51 -52.18
CA CYS R 53 -11.53 56.09 -52.72
C CYS R 53 -10.55 55.59 -51.67
N THR R 54 -11.07 55.19 -50.52
CA THR R 54 -10.26 54.68 -49.43
C THR R 54 -9.35 53.56 -49.92
N GLU R 55 -9.97 52.52 -50.47
CA GLU R 55 -9.24 51.38 -50.98
C GLU R 55 -8.05 51.79 -51.83
N GLU R 56 -8.29 52.70 -52.77
CA GLU R 56 -7.24 53.18 -53.66
C GLU R 56 -6.19 53.97 -52.92
N LEU R 57 -6.62 54.81 -51.99
CA LEU R 57 -5.70 55.61 -51.19
C LEU R 57 -4.84 54.68 -50.32
N PHE R 58 -5.47 53.63 -49.79
CA PHE R 58 -4.75 52.68 -48.96
C PHE R 58 -3.68 51.95 -49.77
N ASP R 59 -4.04 51.44 -50.96
CA ASP R 59 -3.08 50.74 -51.79
C ASP R 59 -1.87 51.63 -52.05
N PHE R 60 -2.12 52.92 -52.24
CA PHE R 60 -1.06 53.86 -52.49
C PHE R 60 -0.18 54.06 -51.26
N LEU R 61 -0.82 54.41 -50.14
CA LEU R 61 -0.11 54.65 -48.88
C LEU R 61 0.65 53.41 -48.44
N HIS R 62 0.07 52.24 -48.69
CA HIS R 62 0.73 51.00 -48.30
C HIS R 62 2.03 50.83 -49.07
N ALA R 63 1.94 51.00 -50.38
CA ALA R 63 3.11 50.87 -51.24
C ALA R 63 4.15 51.96 -50.93
N ARG R 64 3.68 53.20 -50.80
CA ARG R 64 4.59 54.30 -50.51
C ARG R 64 5.29 54.14 -49.18
N ASP R 65 4.48 54.01 -48.13
CA ASP R 65 4.99 53.87 -46.78
C ASP R 65 5.87 52.64 -46.58
N HIS R 66 5.57 51.55 -47.27
CA HIS R 66 6.41 50.36 -47.15
C HIS R 66 7.81 50.72 -47.65
N CYS R 67 7.83 51.53 -48.71
CA CYS R 67 9.08 51.98 -49.32
C CYS R 67 9.83 52.91 -48.35
N VAL R 68 9.10 53.85 -47.75
CA VAL R 68 9.69 54.80 -46.83
C VAL R 68 10.39 54.16 -45.65
N ALA R 69 9.81 53.07 -45.15
CA ALA R 69 10.36 52.34 -44.02
C ALA R 69 11.78 51.88 -44.28
N HIS R 70 11.99 51.28 -45.44
CA HIS R 70 13.30 50.78 -45.84
C HIS R 70 14.43 51.81 -45.76
N LYS R 71 14.10 53.08 -46.00
CA LYS R 71 15.14 54.11 -46.03
C LYS R 71 15.11 55.19 -44.95
N LEU R 72 13.92 55.52 -44.46
CA LEU R 72 13.79 56.59 -43.47
C LEU R 72 14.72 56.60 -42.27
N PHE R 73 14.76 55.52 -41.51
CA PHE R 73 15.61 55.50 -40.32
C PHE R 73 17.09 55.68 -40.58
N ASN R 74 17.50 55.58 -41.84
CA ASN R 74 18.91 55.77 -42.17
C ASN R 74 19.28 57.23 -42.00
N LYS R 75 18.35 58.11 -42.33
CA LYS R 75 18.57 59.55 -42.25
C LYS R 75 18.09 60.18 -40.96
N LEU R 76 17.88 59.37 -39.93
CA LEU R 76 17.45 59.89 -38.63
C LEU R 76 18.48 59.55 -37.57
N LYS R 77 18.50 60.33 -36.51
CA LYS R 77 19.47 60.12 -35.43
C LYS R 77 18.91 59.33 -34.25
N UNK S 4 37.21 -26.14 9.07
CA UNK S 4 36.03 -25.83 8.20
C UNK S 4 36.30 -24.67 7.24
N UNK S 5 37.58 -24.36 7.04
CA UNK S 5 38.02 -23.26 6.15
C UNK S 5 37.66 -23.54 4.69
N UNK S 6 37.24 -24.76 4.42
CA UNK S 6 36.83 -25.17 3.07
C UNK S 6 35.63 -26.12 3.19
N UNK S 7 34.78 -26.13 2.18
CA UNK S 7 33.61 -27.00 2.20
C UNK S 7 32.92 -26.92 0.85
N UNK S 8 31.86 -27.71 0.67
CA UNK S 8 31.14 -27.68 -0.60
C UNK S 8 29.67 -27.39 -0.45
N UNK S 9 29.36 -26.22 0.12
CA UNK S 9 28.00 -25.73 0.38
C UNK S 9 26.96 -26.05 -0.72
N UNK S 10 25.69 -26.27 -0.34
CA UNK S 10 24.66 -26.55 -1.35
C UNK S 10 23.30 -25.89 -1.11
N UNK S 11 22.31 -26.20 -1.96
CA UNK S 11 20.94 -25.64 -1.87
C UNK S 11 19.80 -26.56 -2.34
N UNK S 12 18.84 -26.82 -1.46
CA UNK S 12 17.72 -27.68 -1.79
C UNK S 12 16.38 -26.99 -1.86
N UNK S 13 15.31 -27.80 -1.86
CA UNK S 13 13.94 -27.28 -1.92
C UNK S 13 13.14 -27.48 -0.61
N UNK S 14 11.82 -27.45 -0.73
CA UNK S 14 10.91 -27.60 0.42
C UNK S 14 9.58 -28.28 0.07
N UNK S 15 8.69 -28.35 1.06
CA UNK S 15 7.38 -28.98 0.91
C UNK S 15 6.28 -27.96 0.66
CA ARG S 16 23.99 -32.42 -13.30
C ARG S 16 23.69 -33.91 -13.20
N PRO S 17 23.10 -34.49 -14.25
CA PRO S 17 22.76 -35.92 -14.30
C PRO S 17 23.98 -36.81 -14.50
N LEU S 18 23.78 -38.12 -14.38
CA LEU S 18 24.85 -39.09 -14.62
C LEU S 18 24.55 -39.72 -15.98
N LEU S 19 25.47 -39.57 -16.92
CA LEU S 19 25.27 -40.08 -18.28
C LEU S 19 26.30 -41.09 -18.76
N CYS S 20 27.40 -41.24 -18.00
CA CYS S 20 28.47 -42.17 -18.35
C CYS S 20 29.06 -42.84 -17.11
N ARG S 21 29.74 -43.97 -17.30
CA ARG S 21 30.36 -44.70 -16.18
C ARG S 21 31.39 -43.84 -15.45
N GLU S 22 31.97 -42.89 -16.17
CA GLU S 22 32.98 -41.98 -15.61
C GLU S 22 32.44 -41.11 -14.47
N SER S 23 31.20 -40.66 -14.62
CA SER S 23 30.56 -39.82 -13.63
C SER S 23 29.81 -40.64 -12.58
N MET S 24 29.70 -41.94 -12.81
CA MET S 24 29.02 -42.85 -11.89
C MET S 24 29.98 -43.73 -11.09
N SER S 25 31.25 -43.74 -11.48
CA SER S 25 32.24 -44.55 -10.78
C SER S 25 32.65 -43.91 -9.46
N GLY S 26 32.59 -44.70 -8.38
CA GLY S 26 32.93 -44.19 -7.07
C GLY S 26 31.68 -43.62 -6.40
N ARG S 27 30.57 -43.68 -7.12
CA ARG S 27 29.28 -43.19 -6.64
C ARG S 27 28.53 -44.27 -5.85
N SER S 28 29.07 -45.48 -5.82
CA SER S 28 28.45 -46.59 -5.09
C SER S 28 28.92 -46.61 -3.65
N ALA S 29 28.03 -47.00 -2.73
CA ALA S 29 28.36 -47.04 -1.32
C ALA S 29 29.57 -47.92 -1.09
N ARG S 30 30.62 -47.35 -0.50
CA ARG S 30 31.83 -48.11 -0.23
C ARG S 30 31.71 -48.80 1.12
N ARG S 31 31.42 -48.00 2.15
CA ARG S 31 31.29 -48.50 3.51
C ARG S 31 30.09 -47.83 4.22
N ASP S 32 30.21 -47.63 5.54
CA ASP S 32 29.13 -47.01 6.32
C ASP S 32 28.82 -45.56 5.93
N LEU S 33 27.67 -45.07 6.35
CA LEU S 33 27.26 -43.71 6.04
C LEU S 33 27.48 -42.78 7.23
N VAL S 34 28.30 -41.75 7.03
CA VAL S 34 28.57 -40.79 8.09
C VAL S 34 27.76 -39.54 7.79
N ALA S 35 27.58 -38.70 8.80
CA ALA S 35 26.85 -37.45 8.65
C ALA S 35 27.61 -36.43 9.45
N GLY S 36 27.85 -35.28 8.85
CA GLY S 36 28.57 -34.26 9.58
C GLY S 36 27.90 -32.90 9.49
N ILE S 37 28.25 -32.05 10.44
CA ILE S 37 27.72 -30.71 10.46
C ILE S 37 28.72 -29.81 11.15
N SER S 38 28.84 -28.59 10.66
CA SER S 38 29.81 -27.68 11.23
C SER S 38 29.09 -26.40 11.64
N LEU S 39 29.81 -25.52 12.32
CA LEU S 39 29.23 -24.25 12.75
C LEU S 39 29.63 -23.24 11.69
N ASN S 40 30.64 -23.57 10.90
CA ASN S 40 31.15 -22.67 9.86
C ASN S 40 31.43 -23.31 8.49
N ALA S 41 31.08 -24.56 8.30
CA ALA S 41 31.34 -25.19 7.02
C ALA S 41 30.14 -25.99 6.51
N PRO S 42 30.11 -26.29 5.20
CA PRO S 42 29.05 -27.06 4.53
C PRO S 42 28.81 -28.43 5.14
N ALA S 43 27.55 -28.75 5.40
CA ALA S 43 27.20 -30.05 5.97
C ALA S 43 27.74 -31.15 5.04
N SER S 44 28.42 -32.13 5.62
CA SER S 44 28.98 -33.23 4.84
C SER S 44 28.24 -34.57 5.00
N VAL S 45 28.50 -35.49 4.07
CA VAL S 45 27.88 -36.81 4.05
C VAL S 45 28.74 -37.79 3.24
N ARG S 46 28.73 -39.07 3.63
CA ARG S 46 29.48 -40.12 2.93
C ARG S 46 28.58 -41.31 2.59
N ALA T 1 48.20 13.57 -18.36
CA ALA T 1 46.79 13.27 -18.77
C ALA T 1 45.85 13.93 -17.77
N LEU T 2 45.19 15.00 -18.22
CA LEU T 2 44.25 15.73 -17.37
C LEU T 2 43.03 14.91 -17.00
N LEU T 3 42.53 14.12 -17.93
CA LEU T 3 41.33 13.35 -17.66
C LEU T 3 41.60 12.39 -16.53
N ARG T 4 42.78 11.78 -16.50
CA ARG T 4 43.09 10.87 -15.42
C ARG T 4 43.31 11.64 -14.13
N GLN T 5 44.07 12.72 -14.20
CA GLN T 5 44.32 13.52 -13.02
C GLN T 5 43.01 14.00 -12.44
N ALA T 6 42.16 14.50 -13.33
CA ALA T 6 40.86 14.99 -12.92
C ALA T 6 40.14 13.87 -12.19
N TYR T 7 39.99 12.74 -12.86
CA TYR T 7 39.31 11.62 -12.27
C TYR T 7 39.87 11.28 -10.89
N SER T 8 41.17 11.10 -10.79
CA SER T 8 41.74 10.77 -9.50
C SER T 8 41.52 11.81 -8.42
N ALA T 9 41.88 13.05 -8.73
CA ALA T 9 41.76 14.14 -7.78
C ALA T 9 40.35 14.66 -7.53
N LEU T 10 39.57 14.82 -8.58
CA LEU T 10 38.24 15.39 -8.44
C LEU T 10 37.00 14.50 -8.45
N PHE T 11 36.88 13.65 -9.47
CA PHE T 11 35.70 12.83 -9.63
C PHE T 11 35.60 11.49 -8.90
N ARG T 12 36.71 11.00 -8.36
CA ARG T 12 36.67 9.71 -7.69
C ARG T 12 35.90 9.73 -6.36
N ARG T 13 36.42 10.42 -5.36
CA ARG T 13 35.70 10.48 -4.09
C ARG T 13 34.53 11.48 -4.16
N THR T 14 33.32 10.98 -3.93
CA THR T 14 32.10 11.80 -3.98
C THR T 14 32.22 13.15 -3.25
N SER T 15 33.03 13.20 -2.21
CA SER T 15 33.22 14.44 -1.47
C SER T 15 33.92 15.47 -2.33
N THR T 16 35.00 15.07 -2.96
CA THR T 16 35.74 15.98 -3.81
C THR T 16 34.94 16.34 -5.05
N PHE T 17 34.06 15.44 -5.48
CA PHE T 17 33.26 15.73 -6.66
C PHE T 17 32.32 16.90 -6.37
N ALA T 18 31.73 16.91 -5.18
CA ALA T 18 30.84 17.99 -4.77
C ALA T 18 31.64 19.28 -4.58
N LEU T 19 32.84 19.13 -4.04
CA LEU T 19 33.68 20.29 -3.82
C LEU T 19 34.00 20.92 -5.16
N THR T 20 34.20 20.08 -6.18
CA THR T 20 34.52 20.54 -7.53
C THR T 20 33.34 21.25 -8.18
N VAL T 21 32.13 20.80 -7.85
CA VAL T 21 30.94 21.42 -8.41
C VAL T 21 30.75 22.81 -7.82
N VAL T 22 30.89 22.91 -6.50
CA VAL T 22 30.76 24.18 -5.79
C VAL T 22 31.87 25.16 -6.24
N LEU T 23 33.12 24.77 -6.04
CA LEU T 23 34.20 25.64 -6.45
C LEU T 23 34.09 25.91 -7.95
N GLY T 24 33.57 24.94 -8.69
CA GLY T 24 33.42 25.11 -10.13
C GLY T 24 32.36 26.13 -10.48
N ALA T 25 31.26 26.10 -9.73
CA ALA T 25 30.18 27.03 -9.97
C ALA T 25 30.59 28.45 -9.60
N VAL T 26 31.29 28.61 -8.48
CA VAL T 26 31.73 29.94 -8.09
C VAL T 26 32.55 30.58 -9.21
N LEU T 27 33.48 29.82 -9.76
CA LEU T 27 34.32 30.34 -10.83
C LEU T 27 33.57 30.51 -12.13
N PHE T 28 32.64 29.59 -12.40
CA PHE T 28 31.86 29.69 -13.62
C PHE T 28 31.00 30.94 -13.63
N GLU T 29 30.40 31.25 -12.48
CA GLU T 29 29.53 32.43 -12.40
C GLU T 29 30.29 33.71 -12.72
N ARG T 30 31.34 33.96 -11.96
CA ARG T 30 32.18 35.13 -12.14
C ARG T 30 32.55 35.30 -13.61
N ALA T 31 33.05 34.22 -14.22
CA ALA T 31 33.46 34.26 -15.63
C ALA T 31 32.30 34.42 -16.60
N PHE T 32 31.31 33.54 -16.49
CA PHE T 32 30.16 33.59 -17.38
C PHE T 32 29.42 34.91 -17.38
N ASP T 33 29.28 35.55 -16.23
CA ASP T 33 28.56 36.82 -16.20
C ASP T 33 29.37 37.92 -16.87
N GLN T 34 30.65 38.01 -16.52
CA GLN T 34 31.51 39.01 -17.13
C GLN T 34 31.43 38.92 -18.65
N GLY T 35 31.53 37.69 -19.16
CA GLY T 35 31.48 37.50 -20.59
C GLY T 35 30.16 37.87 -21.21
N ALA T 36 29.07 37.44 -20.58
CA ALA T 36 27.73 37.73 -21.09
C ALA T 36 27.52 39.23 -21.16
N ASP T 37 27.79 39.91 -20.05
CA ASP T 37 27.62 41.37 -20.00
C ASP T 37 28.51 42.03 -21.06
N ALA T 38 29.74 41.55 -21.15
CA ALA T 38 30.68 42.06 -22.12
C ALA T 38 30.08 41.94 -23.52
N ILE T 39 29.56 40.76 -23.84
CA ILE T 39 28.95 40.54 -25.14
C ILE T 39 27.77 41.45 -25.38
N PHE T 40 26.90 41.52 -24.39
CA PHE T 40 25.70 42.35 -24.52
C PHE T 40 25.99 43.82 -24.77
N GLU T 41 26.94 44.37 -24.02
CA GLU T 41 27.28 45.78 -24.19
C GLU T 41 27.94 46.04 -25.52
N HIS T 42 28.84 45.16 -25.94
CA HIS T 42 29.50 45.35 -27.22
C HIS T 42 28.46 45.36 -28.33
N LEU T 43 27.47 44.47 -28.23
CA LEU T 43 26.43 44.42 -29.24
C LEU T 43 25.52 45.64 -29.19
N ASN T 44 25.73 46.49 -28.19
CA ASN T 44 24.90 47.69 -28.02
C ASN T 44 25.73 48.92 -27.67
N GLU T 45 26.78 49.13 -28.45
CA GLU T 45 27.68 50.26 -28.25
C GLU T 45 27.00 51.61 -28.32
N GLY T 46 27.29 52.44 -27.32
CA GLY T 46 26.73 53.78 -27.29
C GLY T 46 25.22 53.92 -27.14
N LYS T 47 24.54 52.83 -26.77
CA LYS T 47 23.08 52.90 -26.59
C LYS T 47 22.71 52.90 -25.12
N LEU T 48 23.56 52.29 -24.30
CA LEU T 48 23.30 52.20 -22.87
C LEU T 48 23.68 53.45 -22.10
N TRP T 49 22.97 53.68 -21.00
CA TRP T 49 23.25 54.83 -20.15
C TRP T 49 24.72 54.82 -19.72
N LYS T 50 25.25 53.61 -19.57
CA LYS T 50 26.65 53.43 -19.18
C LYS T 50 27.53 54.17 -20.19
N HIS T 51 27.07 54.19 -21.44
CA HIS T 51 27.77 54.81 -22.55
C HIS T 51 27.57 56.33 -22.67
N ILE T 52 26.32 56.79 -22.60
CA ILE T 52 26.06 58.22 -22.74
C ILE T 52 26.15 59.01 -21.45
N LYS T 53 26.18 58.30 -20.34
CA LYS T 53 26.23 58.92 -19.02
C LYS T 53 27.16 60.12 -18.83
N HIS T 54 28.36 60.08 -19.40
CA HIS T 54 29.31 61.18 -19.23
C HIS T 54 28.83 62.56 -19.69
N LYS T 55 27.94 62.59 -20.68
CA LYS T 55 27.42 63.85 -21.22
C LYS T 55 26.71 64.74 -20.21
N TYR T 56 26.10 64.13 -19.19
CA TYR T 56 25.36 64.90 -18.18
C TYR T 56 25.97 64.70 -16.82
N GLU T 57 26.90 63.77 -16.77
CA GLU T 57 27.63 63.47 -15.56
C GLU T 57 28.72 64.55 -15.47
N ALA T 58 28.48 65.55 -14.63
CA ALA T 58 29.42 66.67 -14.44
C ALA T 58 28.86 67.74 -13.49
N SER T 59 28.96 67.47 -12.19
CA SER T 59 28.47 68.38 -11.14
C SER T 59 29.17 69.75 -11.20
N GLU T 60 30.48 69.76 -10.91
#